data_7XO4
#
_entry.id   7XO4
#
_cell.length_a   1.00
_cell.length_b   1.00
_cell.length_c   1.00
_cell.angle_alpha   90.00
_cell.angle_beta   90.00
_cell.angle_gamma   90.00
#
_symmetry.space_group_name_H-M   'P 1'
#
loop_
_entity.id
_entity.type
_entity.pdbx_description
1 polymer 'Spike glycoprotein'
2 polymer 'Angiotensin-converting enzyme 2'
3 non-polymer 2-acetamido-2-deoxy-beta-D-glucopyranose
4 non-polymer 'ZINC ION'
#
loop_
_entity_poly.entity_id
_entity_poly.type
_entity_poly.pdbx_seq_one_letter_code
_entity_poly.pdbx_strand_id
1 'polypeptide(L)'
;MFVFLVLLPLVSSQCVNLTTRTQLPPAYTNSFTRGVYYPDKVFRSSVLHSTQDLFLPFFSNVTWFHVISGTNGTKRFDNP
VLPFNDGVYFASIEKSNIIRGWIFGTTLDSKTQSLLIVNNATNVVIKVCEFQFCNDPFLDHKNNKSWMESEFRVYSSANN
CTFEYVSQPFLMDLEGKQGNFKNLREFVFKNIDGYFKIYSKHTPIIVREPEDLPQGFSALEPLVDLPIGINITRFQTLLA
LHRSYLTPGDSSSGWTAGAAAYYVGYLQPRTFLLKYNENGTITDAVDCALDPLSETKCTLKSFTVEKGIYQTSNFRVQPT
ESIVRFPNITNLCPFDEVFNATRFASVYAWNRKRISNCVADYSVLYNLAPFFTFKCYGVSPTKLNDLCFTNVYADSFVIR
GDEVRQIAPGQTGNIADYNYKLPDDFTGCVIAWNSNKLDSKVSGNYNYLYRLFRKSNLKPFERDISTEIYQAGNKPCNGV
AGFNCYFPLRSYSFRPTYGVGHQPYRVVVLSFELLHAPATVCGPKKSTNLVKNKCVNFNFNGLKGTGVLTESNKKFLPFQ
QFGRDIADTTDAVRDPQTLEILDITPCSFGGVSVITPGTNTSNQVAVLYQGVNCTEVPVAIHADQLTPTWRVYSTGSNVF
QTRAGCLIGAEYVNNSYECDIPIGAGICASYQTQTKSHGSASSVASQSIIAYTMSLGAENSVAYSNNSIAIPTNFTISVT
TEILPVSMTKTSVDCTMYICGDSTECSNLLLQYGSFCTQLKRALTGIAVEQDKNTQEVFAQVKQIYKTPPIKYFGGFNFS
QILPDPSKPSKRSFIEDLLFNKVTLADAGFIKQYGDCLGDIAARDLICAQKFKGLTVLPPLLTDEMIAQYTSALLAGTIT
SGWTFGAGAALQIPFAMQMAYRFNGIGVTQNVLYENQKLIANQFNSAIGKIQDSLSSTASALGKLQDVVNHNAQALNTLV
KQLSSKFGAISSVLNDIFSRLDPPEAEVQIDRLITGRLQSLQTYVTQQLIRAAEIRASANLAATKMSECVLGQSKRVDFC
GKGYHLMSFPQSAPHGVVFLHVTYVPAQEKNFTTAPAICHDGKAHFPREGVFVSNGTHWFVTQRNFYEPQIITTDNTFVS
GNCDVVIGIVNNTVYDPLQPELDSFKEELDKYFKNHTSPDVDLGDISGINASVVNIQKEIDRLNEVAKNLNESLIDLQEL
GKYEQ
;
A,B,C
2 'polypeptide(L)'
;MSSSSWLLLSLVAVTTAQSLTEENAKTFLNNFNQEAEDLSYQSSLASWNYNTNITEENAQKMSEAAAKWSAFYEEQSKTA
QSFSLQEIQTPIIKRQLQALQQSGSSALSADKNKQLNTILNTMSTIYSTGKVCNPKNPQECLLLEPGLDEIMATSTDYNS
RLWAWEGWRAEVGKQLRPLYEEYVVLKNEMARANNYNDYGDYWRGDYEAEGADGYNYNRNQLIEDVERTFAEIKPLYEHL
HAYVRRKLMDTYPSYISPTGCLPAHLLGDMWGRFWTNLYPLTVPFAQKPNIDVTDAMMNQGWDAERIFQEAEKFFVSVGL
PHMTQGFWANSMLTEPADGRKVVCHPTAWDLGHGDFRIKMCTKVTMDNFLTAHHEMGHIQYDMAYARQPFLLRNGANEGF
HEAVGEIMSLSAATPKHLKSIGLLPSDFQEDSETEINFLLKQALTIVGTLPFTYMLEKWRWMVFRGEIPKEQWMKKWWEM
KREIVGVVEPLPHDETYCDPASLFHVSNDYSFIRYYTRTIYQFQFQEALCQAAKYNGSLHKCDISNSTEAGQKLLKMLSL
GNSEPWTKALENVVGARNMDVKPLLNYFQPLFDWLKEQNRNSFVGWNTEWSPYADQSIKVRISLKSALGANAYEWTNNEM
FLFRSSVAYAMRKYFSIIKNQTVPFLEEDVRVSDLKPRVSFYFFVTSPQNVSDVIPRSEVEDAIRMSRGRINDVFGLNDN
SLEFLGIHPTLEPPYQPPVTIWLIIFGVVMALVVVGIIILIVTGIKGRKKKNETKREENPYDSMDIGKGESNAGFQNSDD
AQTSF
;
D,E
#
loop_
_chem_comp.id
_chem_comp.type
_chem_comp.name
_chem_comp.formula
NAG D-saccharide, beta linking 2-acetamido-2-deoxy-beta-D-glucopyranose 'C8 H15 N O6'
ZN non-polymer 'ZINC ION' 'Zn 2'
#
# COMPACT_ATOMS: atom_id res chain seq x y z
N ALA A 27 -43.79 -0.12 -43.20
CA ALA A 27 -44.36 -1.24 -42.45
C ALA A 27 -43.37 -1.75 -41.41
N TYR A 28 -43.90 -2.37 -40.35
CA TYR A 28 -43.08 -2.92 -39.28
C TYR A 28 -43.61 -4.30 -38.89
N THR A 29 -42.72 -5.11 -38.32
CA THR A 29 -43.08 -6.44 -37.85
C THR A 29 -42.24 -6.76 -36.62
N ASN A 30 -42.65 -7.81 -35.92
CA ASN A 30 -42.01 -8.23 -34.68
C ASN A 30 -41.24 -9.53 -34.89
N SER A 31 -40.20 -9.72 -34.08
CA SER A 31 -39.40 -10.93 -34.08
C SER A 31 -39.77 -11.77 -32.87
N PHE A 32 -40.24 -13.00 -33.12
CA PHE A 32 -40.72 -13.84 -32.03
C PHE A 32 -39.55 -14.38 -31.19
N THR A 33 -38.67 -15.17 -31.81
CA THR A 33 -37.56 -15.79 -31.10
C THR A 33 -36.25 -15.71 -31.87
N ARG A 34 -36.10 -14.76 -32.77
CA ARG A 34 -34.87 -14.64 -33.56
C ARG A 34 -33.83 -13.84 -32.78
N GLY A 35 -32.58 -13.98 -33.20
CA GLY A 35 -31.48 -13.25 -32.62
C GLY A 35 -30.68 -13.97 -31.56
N VAL A 36 -30.77 -15.30 -31.49
CA VAL A 36 -30.04 -16.09 -30.52
C VAL A 36 -28.90 -16.83 -31.24
N TYR A 37 -27.72 -16.83 -30.63
CA TYR A 37 -26.55 -17.48 -31.20
C TYR A 37 -25.70 -18.05 -30.07
N TYR A 38 -24.58 -18.66 -30.44
CA TYR A 38 -23.67 -19.23 -29.47
C TYR A 38 -22.75 -18.13 -28.93
N PRO A 39 -22.68 -17.93 -27.61
CA PRO A 39 -21.87 -16.83 -27.09
C PRO A 39 -20.37 -17.07 -27.18
N ASP A 40 -19.92 -18.29 -26.85
CA ASP A 40 -18.50 -18.59 -26.84
C ASP A 40 -18.16 -19.86 -27.60
N LYS A 41 -19.14 -20.45 -28.31
CA LYS A 41 -18.92 -21.66 -29.10
C LYS A 41 -18.41 -22.82 -28.24
N VAL A 42 -18.97 -22.93 -27.03
CA VAL A 42 -18.61 -24.01 -26.11
C VAL A 42 -19.69 -25.07 -26.16
N PHE A 43 -19.27 -26.34 -26.25
CA PHE A 43 -20.22 -27.44 -26.38
C PHE A 43 -20.77 -27.79 -25.00
N ARG A 44 -22.10 -27.72 -24.87
CA ARG A 44 -22.78 -28.08 -23.63
C ARG A 44 -24.00 -28.93 -23.98
N SER A 45 -24.21 -29.98 -23.20
CA SER A 45 -25.34 -30.89 -23.40
C SER A 45 -26.18 -30.91 -22.13
N SER A 46 -27.47 -30.56 -22.27
CA SER A 46 -28.42 -30.59 -21.16
C SER A 46 -27.96 -29.71 -20.00
N VAL A 47 -27.33 -28.58 -20.33
CA VAL A 47 -26.83 -27.63 -19.34
C VAL A 47 -27.52 -26.29 -19.59
N LEU A 48 -28.31 -25.84 -18.62
CA LEU A 48 -28.99 -24.55 -18.71
C LEU A 48 -28.04 -23.47 -18.22
N HIS A 49 -27.30 -22.86 -19.14
CA HIS A 49 -26.30 -21.85 -18.82
C HIS A 49 -26.86 -20.46 -19.14
N SER A 50 -26.74 -19.55 -18.18
CA SER A 50 -27.18 -18.17 -18.36
C SER A 50 -26.00 -17.33 -18.81
N THR A 51 -26.16 -16.63 -19.93
CA THR A 51 -25.11 -15.80 -20.50
C THR A 51 -25.61 -14.37 -20.66
N GLN A 52 -24.71 -13.42 -20.45
CA GLN A 52 -25.02 -12.00 -20.57
C GLN A 52 -24.18 -11.42 -21.70
N ASP A 53 -24.81 -11.18 -22.84
CA ASP A 53 -24.12 -10.63 -24.00
C ASP A 53 -25.14 -9.93 -24.89
N LEU A 54 -24.65 -9.34 -25.97
CA LEU A 54 -25.51 -8.63 -26.91
C LEU A 54 -26.39 -9.62 -27.66
N PHE A 55 -27.71 -9.49 -27.50
CA PHE A 55 -28.66 -10.35 -28.17
C PHE A 55 -29.89 -9.54 -28.57
N LEU A 56 -30.65 -10.09 -29.52
CA LEU A 56 -31.88 -9.44 -29.95
C LEU A 56 -33.01 -9.74 -28.96
N PRO A 57 -33.69 -8.71 -28.45
CA PRO A 57 -34.78 -8.94 -27.50
C PRO A 57 -35.96 -9.63 -28.16
N PHE A 58 -36.67 -10.43 -27.36
CA PHE A 58 -37.85 -11.11 -27.85
C PHE A 58 -39.01 -10.13 -28.02
N PHE A 59 -39.86 -10.40 -29.02
CA PHE A 59 -41.04 -9.59 -29.30
C PHE A 59 -40.68 -8.13 -29.58
N SER A 60 -39.52 -7.91 -30.20
CA SER A 60 -39.07 -6.57 -30.54
C SER A 60 -39.45 -6.23 -31.97
N ASN A 61 -39.72 -4.95 -32.21
CA ASN A 61 -40.12 -4.49 -33.54
C ASN A 61 -38.90 -4.23 -34.40
N VAL A 62 -38.97 -4.70 -35.65
CA VAL A 62 -37.89 -4.53 -36.61
C VAL A 62 -38.45 -3.81 -37.84
N THR A 63 -37.53 -3.32 -38.67
CA THR A 63 -37.90 -2.59 -39.87
C THR A 63 -38.15 -3.56 -41.03
N TRP A 64 -38.98 -3.11 -41.97
CA TRP A 64 -39.33 -3.90 -43.14
C TRP A 64 -39.22 -3.03 -44.39
N PHE A 65 -38.43 -3.49 -45.35
CA PHE A 65 -38.22 -2.76 -46.59
C PHE A 65 -38.51 -3.67 -47.78
N HIS A 66 -38.66 -3.05 -48.95
CA HIS A 66 -38.91 -3.76 -50.20
C HIS A 66 -37.88 -3.31 -51.24
N VAL A 67 -37.51 -4.25 -52.13
CA VAL A 67 -36.53 -3.94 -53.17
C VAL A 67 -37.14 -3.23 -54.37
N ILE A 68 -38.47 -3.18 -54.45
CA ILE A 68 -39.13 -2.53 -55.58
C ILE A 68 -39.33 -1.05 -55.28
N ASP A 78 -36.66 0.35 -51.62
CA ASP A 78 -35.31 0.90 -51.73
C ASP A 78 -34.41 0.37 -50.62
N ASN A 79 -33.31 1.07 -50.37
CA ASN A 79 -32.34 0.69 -49.35
C ASN A 79 -31.83 1.96 -48.66
N PRO A 80 -32.56 2.47 -47.68
CA PRO A 80 -32.14 3.68 -46.98
C PRO A 80 -30.99 3.40 -46.01
N VAL A 81 -30.48 4.47 -45.43
CA VAL A 81 -29.36 4.38 -44.50
C VAL A 81 -29.88 4.08 -43.10
N LEU A 82 -29.20 3.16 -42.41
CA LEU A 82 -29.57 2.77 -41.06
C LEU A 82 -28.34 2.79 -40.16
N PRO A 83 -28.49 3.20 -38.91
CA PRO A 83 -27.34 3.29 -38.00
C PRO A 83 -26.93 1.91 -37.49
N PHE A 84 -25.74 1.88 -36.87
CA PHE A 84 -25.15 0.68 -36.28
C PHE A 84 -24.76 1.03 -34.85
N ASN A 85 -25.69 0.86 -33.91
CA ASN A 85 -25.48 1.27 -32.53
C ASN A 85 -24.70 0.23 -31.74
N ASP A 86 -25.21 -1.00 -31.67
CA ASP A 86 -24.57 -2.07 -30.91
C ASP A 86 -24.78 -3.41 -31.61
N GLY A 87 -24.69 -3.41 -32.93
CA GLY A 87 -24.92 -4.63 -33.67
C GLY A 87 -26.26 -4.60 -34.38
N VAL A 88 -26.31 -5.19 -35.57
CA VAL A 88 -27.51 -5.21 -36.39
C VAL A 88 -27.82 -6.65 -36.76
N TYR A 89 -29.01 -7.10 -36.41
CA TYR A 89 -29.51 -8.41 -36.83
C TYR A 89 -30.19 -8.25 -38.18
N PHE A 90 -29.63 -8.91 -39.20
CA PHE A 90 -30.13 -8.80 -40.56
C PHE A 90 -30.82 -10.11 -40.97
N ALA A 91 -31.97 -9.98 -41.62
CA ALA A 91 -32.74 -11.13 -42.09
C ALA A 91 -33.09 -10.93 -43.55
N SER A 92 -33.37 -12.03 -44.25
CA SER A 92 -33.71 -11.98 -45.66
C SER A 92 -34.56 -13.19 -46.02
N ILE A 93 -35.70 -12.93 -46.67
CA ILE A 93 -36.60 -13.98 -47.13
C ILE A 93 -36.85 -13.74 -48.61
N GLU A 94 -36.16 -14.49 -49.47
CA GLU A 94 -36.31 -14.34 -50.91
C GLU A 94 -36.33 -15.72 -51.56
N LYS A 95 -36.87 -15.76 -52.77
CA LYS A 95 -36.84 -16.99 -53.56
C LYS A 95 -35.45 -17.25 -54.11
N SER A 96 -34.77 -16.21 -54.60
CA SER A 96 -33.42 -16.30 -55.11
C SER A 96 -32.55 -15.25 -54.43
N ASN A 97 -31.25 -15.52 -54.35
CA ASN A 97 -30.33 -14.58 -53.71
C ASN A 97 -30.27 -13.28 -54.50
N ILE A 98 -30.74 -12.20 -53.88
CA ILE A 98 -30.76 -10.88 -54.50
C ILE A 98 -29.66 -9.98 -53.94
N ILE A 99 -29.56 -9.90 -52.61
CA ILE A 99 -28.54 -9.07 -51.99
C ILE A 99 -27.18 -9.72 -52.16
N ARG A 100 -26.15 -8.90 -52.35
CA ARG A 100 -24.78 -9.41 -52.52
C ARG A 100 -23.99 -9.32 -51.23
N GLY A 101 -23.99 -8.16 -50.58
CA GLY A 101 -23.24 -8.01 -49.35
C GLY A 101 -23.64 -6.75 -48.62
N TRP A 102 -22.75 -6.31 -47.72
CA TRP A 102 -22.98 -5.12 -46.92
C TRP A 102 -21.69 -4.32 -46.81
N ILE A 103 -21.84 -3.02 -46.62
CA ILE A 103 -20.72 -2.10 -46.47
C ILE A 103 -20.84 -1.41 -45.11
N PHE A 104 -19.77 -1.50 -44.32
CA PHE A 104 -19.74 -0.93 -42.98
C PHE A 104 -18.73 0.20 -42.93
N GLY A 105 -19.05 1.24 -42.16
CA GLY A 105 -18.16 2.38 -42.03
C GLY A 105 -18.78 3.41 -41.12
N THR A 106 -17.92 4.34 -40.67
CA THR A 106 -18.38 5.40 -39.78
C THR A 106 -19.14 6.49 -40.53
N THR A 107 -18.78 6.74 -41.80
CA THR A 107 -19.45 7.75 -42.58
C THR A 107 -19.77 7.31 -44.00
N LEU A 108 -19.41 6.08 -44.40
CA LEU A 108 -19.67 5.56 -45.74
C LEU A 108 -19.06 6.46 -46.81
N ASP A 109 -17.84 6.92 -46.57
CA ASP A 109 -17.15 7.80 -47.50
C ASP A 109 -15.64 7.61 -47.32
N SER A 110 -14.86 8.47 -47.96
CA SER A 110 -13.40 8.39 -47.88
C SER A 110 -12.82 9.16 -46.70
N LYS A 111 -13.66 9.81 -45.89
CA LYS A 111 -13.16 10.58 -44.76
C LYS A 111 -12.76 9.71 -43.58
N THR A 112 -13.41 8.55 -43.40
CA THR A 112 -13.11 7.65 -42.31
C THR A 112 -12.90 6.24 -42.86
N GLN A 113 -12.32 5.38 -42.02
CA GLN A 113 -12.09 4.00 -42.41
C GLN A 113 -13.40 3.24 -42.50
N SER A 114 -13.53 2.40 -43.51
CA SER A 114 -14.76 1.64 -43.75
C SER A 114 -14.42 0.19 -44.04
N LEU A 115 -15.46 -0.63 -44.17
CA LEU A 115 -15.33 -2.05 -44.43
C LEU A 115 -16.24 -2.44 -45.58
N LEU A 116 -15.79 -3.39 -46.39
CA LEU A 116 -16.52 -3.81 -47.58
C LEU A 116 -16.66 -5.32 -47.57
N ILE A 117 -17.87 -5.81 -47.85
CA ILE A 117 -18.16 -7.23 -47.95
C ILE A 117 -19.03 -7.45 -49.18
N VAL A 118 -18.55 -8.26 -50.11
CA VAL A 118 -19.30 -8.63 -51.31
C VAL A 118 -19.15 -10.13 -51.53
N ASN A 119 -20.23 -10.75 -52.00
CA ASN A 119 -20.25 -12.19 -52.26
C ASN A 119 -20.22 -12.40 -53.77
N ASN A 120 -19.14 -12.99 -54.27
CA ASN A 120 -19.01 -13.29 -55.68
C ASN A 120 -19.61 -14.67 -55.96
N ALA A 121 -19.39 -15.20 -57.16
CA ALA A 121 -19.97 -16.49 -57.52
C ALA A 121 -19.27 -17.64 -56.80
N THR A 122 -17.95 -17.54 -56.64
CA THR A 122 -17.17 -18.63 -56.05
C THR A 122 -16.47 -18.24 -54.75
N ASN A 123 -16.58 -17.00 -54.31
CA ASN A 123 -15.91 -16.57 -53.09
C ASN A 123 -16.56 -15.30 -52.57
N VAL A 124 -16.19 -14.94 -51.34
CA VAL A 124 -16.64 -13.69 -50.71
C VAL A 124 -15.41 -12.83 -50.46
N VAL A 125 -15.39 -11.64 -51.05
CA VAL A 125 -14.25 -10.75 -50.97
C VAL A 125 -14.51 -9.71 -49.89
N ILE A 126 -13.71 -9.72 -48.83
CA ILE A 126 -13.79 -8.76 -47.75
C ILE A 126 -12.65 -7.77 -47.90
N LYS A 127 -12.98 -6.49 -48.04
CA LYS A 127 -12.00 -5.45 -48.29
C LYS A 127 -12.14 -4.34 -47.27
N VAL A 128 -11.00 -3.87 -46.75
CA VAL A 128 -10.97 -2.71 -45.86
C VAL A 128 -10.11 -1.64 -46.52
N CYS A 129 -10.75 -0.74 -47.26
CA CYS A 129 -10.03 0.24 -48.07
C CYS A 129 -10.41 1.69 -47.80
N GLU A 130 -11.51 1.95 -47.09
CA GLU A 130 -11.96 3.32 -46.81
C GLU A 130 -12.17 4.10 -48.10
N PHE A 131 -12.74 3.43 -49.10
CA PHE A 131 -12.97 4.04 -50.40
C PHE A 131 -14.19 4.96 -50.35
N GLN A 132 -14.30 5.81 -51.36
CA GLN A 132 -15.42 6.74 -51.47
C GLN A 132 -16.58 6.00 -52.11
N PHE A 133 -17.48 5.48 -51.27
CA PHE A 133 -18.62 4.74 -51.76
C PHE A 133 -19.69 5.69 -52.31
N CYS A 134 -20.41 5.23 -53.31
CA CYS A 134 -21.48 6.01 -53.90
C CYS A 134 -22.72 5.97 -53.01
N ASN A 135 -23.59 6.97 -53.19
CA ASN A 135 -24.83 7.03 -52.41
C ASN A 135 -25.82 5.94 -52.81
N ASP A 136 -25.65 5.35 -54.00
CA ASP A 136 -26.53 4.29 -54.50
C ASP A 136 -25.71 3.05 -54.75
N PRO A 137 -25.48 2.21 -53.73
CA PRO A 137 -24.70 0.98 -53.94
C PRO A 137 -25.49 -0.02 -54.77
N PHE A 138 -24.85 -0.53 -55.82
CA PHE A 138 -25.49 -1.49 -56.72
C PHE A 138 -24.41 -2.29 -57.43
N LEU A 139 -24.72 -3.54 -57.71
CA LEU A 139 -23.81 -4.43 -58.41
C LEU A 139 -24.57 -5.20 -59.47
N ASP A 140 -24.03 -5.21 -60.69
CA ASP A 140 -24.68 -5.90 -61.81
C ASP A 140 -23.88 -7.13 -62.22
N PHE A 152 -20.20 -4.49 -61.84
CA PHE A 152 -18.84 -4.44 -62.36
C PHE A 152 -17.94 -3.60 -61.46
N ARG A 153 -17.97 -3.89 -60.15
CA ARG A 153 -17.18 -3.17 -59.16
C ARG A 153 -17.48 -1.67 -59.19
N VAL A 154 -18.77 -1.32 -59.25
CA VAL A 154 -19.17 0.08 -59.30
C VAL A 154 -19.23 0.73 -57.93
N TYR A 155 -19.29 -0.08 -56.86
CA TYR A 155 -19.39 0.49 -55.52
C TYR A 155 -18.11 1.16 -55.07
N SER A 156 -16.97 0.82 -55.68
CA SER A 156 -15.69 1.40 -55.32
C SER A 156 -14.98 1.92 -56.56
N SER A 157 -14.36 3.09 -56.45
CA SER A 157 -13.61 3.69 -57.53
C SER A 157 -12.10 3.62 -57.32
N ALA A 158 -11.62 4.10 -56.17
CA ALA A 158 -10.21 4.05 -55.81
C ALA A 158 -10.07 3.42 -54.44
N ASN A 159 -9.20 2.42 -54.33
CA ASN A 159 -9.05 1.65 -53.10
C ASN A 159 -7.62 1.71 -52.60
N ASN A 160 -7.47 1.79 -51.27
CA ASN A 160 -6.17 1.73 -50.61
C ASN A 160 -6.20 0.63 -49.55
N CYS A 161 -6.72 -0.53 -49.92
CA CYS A 161 -6.97 -1.60 -48.97
C CYS A 161 -5.69 -2.10 -48.33
N THR A 162 -5.79 -2.50 -47.06
CA THR A 162 -4.68 -3.06 -46.31
C THR A 162 -5.18 -4.27 -45.53
N PHE A 163 -4.35 -5.30 -45.44
CA PHE A 163 -4.64 -6.56 -44.75
C PHE A 163 -6.05 -7.06 -45.05
N GLU A 164 -6.28 -7.33 -46.33
CA GLU A 164 -7.58 -7.85 -46.76
C GLU A 164 -7.76 -9.30 -46.32
N TYR A 165 -8.93 -9.84 -46.61
CA TYR A 165 -9.26 -11.21 -46.20
C TYR A 165 -10.28 -11.78 -47.18
N VAL A 166 -10.21 -13.09 -47.37
CA VAL A 166 -11.09 -13.81 -48.28
C VAL A 166 -11.24 -15.24 -47.80
N SER A 167 -12.43 -15.81 -48.00
CA SER A 167 -12.71 -17.18 -47.58
C SER A 167 -13.73 -17.79 -48.55
N GLN A 168 -14.32 -18.91 -48.13
CA GLN A 168 -15.30 -19.60 -48.95
C GLN A 168 -16.57 -18.77 -49.08
N PRO A 169 -17.35 -18.99 -50.15
CA PRO A 169 -18.60 -18.24 -50.31
C PRO A 169 -19.61 -18.59 -49.22
N PHE A 170 -20.45 -17.61 -48.87
CA PHE A 170 -21.43 -17.81 -47.81
C PHE A 170 -22.61 -18.65 -48.28
N LEU A 171 -23.17 -18.31 -49.44
CA LEU A 171 -24.31 -19.04 -49.97
C LEU A 171 -23.88 -20.38 -50.57
N LYS A 182 -38.25 -18.81 -50.99
CA LYS A 182 -38.40 -19.93 -50.06
C LYS A 182 -37.08 -20.24 -49.35
N ASN A 183 -36.30 -19.19 -49.09
CA ASN A 183 -35.01 -19.31 -48.42
C ASN A 183 -34.88 -18.17 -47.41
N LEU A 184 -34.86 -18.51 -46.12
CA LEU A 184 -34.73 -17.52 -45.06
C LEU A 184 -33.25 -17.39 -44.72
N ARG A 185 -32.68 -16.22 -45.01
CA ARG A 185 -31.27 -15.94 -44.78
C ARG A 185 -31.15 -14.88 -43.69
N GLU A 186 -30.69 -15.28 -42.51
CA GLU A 186 -30.56 -14.39 -41.36
C GLU A 186 -29.09 -14.24 -41.00
N PHE A 187 -28.70 -13.02 -40.64
CA PHE A 187 -27.32 -12.70 -40.31
C PHE A 187 -27.26 -11.95 -38.99
N VAL A 188 -26.15 -12.10 -38.28
CA VAL A 188 -25.90 -11.39 -37.03
C VAL A 188 -24.55 -10.71 -37.13
N PHE A 189 -24.53 -9.39 -36.95
CA PHE A 189 -23.32 -8.60 -37.03
C PHE A 189 -23.01 -8.01 -35.65
N LYS A 190 -21.76 -8.13 -35.22
CA LYS A 190 -21.36 -7.66 -33.91
C LYS A 190 -19.85 -7.42 -33.92
N ASN A 191 -19.42 -6.39 -33.19
CA ASN A 191 -18.02 -5.98 -33.13
C ASN A 191 -17.67 -5.66 -31.67
N ILE A 192 -17.12 -6.64 -30.96
CA ILE A 192 -16.66 -6.46 -29.59
C ILE A 192 -15.18 -6.79 -29.54
N ASP A 193 -14.50 -6.25 -28.53
CA ASP A 193 -13.08 -6.45 -28.25
C ASP A 193 -12.21 -6.40 -29.50
N GLY A 194 -12.52 -5.49 -30.42
CA GLY A 194 -11.73 -5.32 -31.62
C GLY A 194 -11.83 -6.43 -32.63
N TYR A 195 -12.84 -7.31 -32.51
CA TYR A 195 -13.00 -8.43 -33.44
C TYR A 195 -14.42 -8.39 -33.99
N PHE A 196 -14.54 -8.33 -35.31
CA PHE A 196 -15.84 -8.32 -35.96
C PHE A 196 -16.31 -9.75 -36.16
N LYS A 197 -17.54 -10.03 -35.70
CA LYS A 197 -18.10 -11.38 -35.75
C LYS A 197 -19.21 -11.42 -36.79
N ILE A 198 -19.21 -12.47 -37.61
CA ILE A 198 -20.20 -12.67 -38.66
C ILE A 198 -20.89 -13.99 -38.38
N TYR A 199 -22.12 -13.93 -37.88
CA TYR A 199 -22.91 -15.11 -37.58
C TYR A 199 -24.06 -15.22 -38.58
N SER A 200 -24.28 -16.42 -39.09
CA SER A 200 -25.32 -16.64 -40.10
C SER A 200 -25.83 -18.07 -40.00
N LYS A 201 -27.04 -18.28 -40.52
CA LYS A 201 -27.65 -19.59 -40.56
C LYS A 201 -28.73 -19.59 -41.63
N HIS A 202 -28.74 -20.63 -42.47
CA HIS A 202 -29.69 -20.75 -43.57
C HIS A 202 -30.76 -21.77 -43.20
N THR A 203 -32.02 -21.40 -43.42
CA THR A 203 -33.15 -22.26 -43.12
C THR A 203 -34.18 -22.10 -44.24
N PRO A 204 -34.64 -23.19 -44.85
CA PRO A 204 -35.62 -23.07 -45.92
C PRO A 204 -36.99 -22.70 -45.39
N ILE A 205 -37.75 -21.97 -46.20
CA ILE A 205 -39.08 -21.52 -45.82
C ILE A 205 -40.02 -21.60 -47.02
N ASP A 212 -43.85 -13.25 -43.34
CA ASP A 212 -42.88 -12.73 -42.38
C ASP A 212 -42.10 -13.87 -41.73
N LEU A 213 -41.50 -13.57 -40.57
CA LEU A 213 -40.72 -14.58 -39.86
C LEU A 213 -41.66 -15.57 -39.16
N PRO A 214 -41.47 -16.87 -39.37
CA PRO A 214 -42.34 -17.86 -38.73
C PRO A 214 -42.12 -17.90 -37.22
N GLN A 215 -42.97 -18.67 -36.56
CA GLN A 215 -42.91 -18.82 -35.11
C GLN A 215 -41.92 -19.90 -34.67
N GLY A 216 -41.17 -20.49 -35.60
CA GLY A 216 -40.21 -21.50 -35.24
C GLY A 216 -38.98 -20.93 -34.57
N PHE A 217 -38.17 -21.83 -34.02
CA PHE A 217 -36.94 -21.48 -33.32
C PHE A 217 -35.75 -22.02 -34.09
N SER A 218 -34.70 -21.19 -34.20
CA SER A 218 -33.49 -21.59 -34.89
C SER A 218 -32.34 -20.73 -34.38
N ALA A 219 -31.22 -21.38 -34.07
CA ALA A 219 -30.05 -20.70 -33.56
C ALA A 219 -29.13 -20.28 -34.70
N LEU A 220 -28.28 -19.29 -34.43
CA LEU A 220 -27.32 -18.77 -35.39
C LEU A 220 -25.96 -19.40 -35.13
N GLU A 221 -25.38 -20.03 -36.15
CA GLU A 221 -24.09 -20.67 -35.96
C GLU A 221 -22.96 -19.78 -36.47
N PRO A 222 -21.85 -19.71 -35.75
CA PRO A 222 -20.72 -18.90 -36.20
C PRO A 222 -20.14 -19.44 -37.50
N LEU A 223 -19.78 -18.51 -38.40
CA LEU A 223 -19.21 -18.86 -39.69
C LEU A 223 -17.77 -18.39 -39.82
N VAL A 224 -17.49 -17.11 -39.55
CA VAL A 224 -16.14 -16.57 -39.63
C VAL A 224 -15.99 -15.52 -38.53
N ASP A 225 -14.82 -15.51 -37.90
CA ASP A 225 -14.51 -14.59 -36.80
C ASP A 225 -13.33 -13.72 -37.24
N LEU A 226 -13.63 -12.52 -37.71
CA LEU A 226 -12.59 -11.60 -38.15
C LEU A 226 -11.87 -11.02 -36.95
N PRO A 227 -10.54 -11.14 -36.86
CA PRO A 227 -9.84 -10.70 -35.65
C PRO A 227 -9.52 -9.21 -35.64
N ILE A 228 -10.07 -8.45 -36.59
CA ILE A 228 -9.85 -7.01 -36.67
C ILE A 228 -11.19 -6.31 -36.65
N GLY A 229 -11.26 -5.19 -35.95
CA GLY A 229 -12.47 -4.39 -35.85
C GLY A 229 -12.17 -2.92 -36.03
N ILE A 230 -13.10 -2.20 -36.64
CA ILE A 230 -12.94 -0.77 -36.89
C ILE A 230 -14.09 0.00 -36.27
N ASN A 231 -14.08 1.33 -36.41
CA ASN A 231 -15.12 2.18 -35.86
C ASN A 231 -16.28 2.22 -36.85
N ILE A 232 -17.36 1.51 -36.52
CA ILE A 232 -18.53 1.39 -37.39
C ILE A 232 -19.69 2.15 -36.76
N THR A 233 -20.32 3.00 -37.55
CA THR A 233 -21.48 3.77 -37.08
C THR A 233 -22.68 3.55 -37.99
N ARG A 234 -22.43 3.43 -39.29
CA ARG A 234 -23.47 3.20 -40.28
C ARG A 234 -23.17 1.95 -41.09
N PHE A 235 -24.19 1.50 -41.82
CA PHE A 235 -24.04 0.37 -42.73
C PHE A 235 -25.03 0.53 -43.87
N GLN A 236 -24.80 -0.25 -44.94
CA GLN A 236 -25.65 -0.15 -46.12
C GLN A 236 -25.60 -1.47 -46.87
N THR A 237 -26.74 -1.88 -47.41
CA THR A 237 -26.84 -3.12 -48.17
C THR A 237 -26.70 -2.84 -49.66
N LEU A 238 -26.53 -3.92 -50.44
CA LEU A 238 -26.37 -3.84 -51.87
C LEU A 238 -27.36 -4.77 -52.56
N LEU A 239 -27.79 -4.37 -53.76
CA LEU A 239 -28.73 -5.16 -54.56
C LEU A 239 -28.08 -5.60 -55.86
N ALA A 240 -28.72 -6.58 -56.51
CA ALA A 240 -28.24 -7.16 -57.76
C ALA A 240 -29.38 -7.27 -58.76
N LEU A 241 -30.16 -6.19 -58.88
CA LEU A 241 -31.29 -6.18 -59.79
C LEU A 241 -30.82 -6.23 -61.25
N HIS A 242 -31.78 -6.23 -62.17
CA HIS A 242 -31.45 -6.40 -63.58
C HIS A 242 -30.69 -5.20 -64.13
N ARG A 243 -31.20 -3.99 -63.91
CA ARG A 243 -30.58 -2.79 -64.43
C ARG A 243 -30.86 -1.62 -63.49
N SER A 244 -29.83 -0.82 -63.25
CA SER A 244 -29.95 0.36 -62.40
C SER A 244 -28.97 1.41 -62.88
N TYR A 245 -28.95 2.55 -62.17
CA TYR A 245 -28.06 3.64 -62.53
C TYR A 245 -26.64 3.35 -62.05
N LEU A 246 -25.67 3.47 -62.95
CA LEU A 246 -24.28 3.24 -62.65
C LEU A 246 -23.53 4.51 -62.27
N THR A 247 -24.25 5.61 -62.02
CA THR A 247 -23.66 6.88 -61.64
C THR A 247 -24.20 7.35 -60.30
N PRO A 248 -23.37 7.96 -59.47
CA PRO A 248 -23.84 8.44 -58.15
C PRO A 248 -24.66 9.72 -58.19
N GLY A 249 -25.07 10.18 -59.37
CA GLY A 249 -25.86 11.39 -59.49
C GLY A 249 -27.35 11.21 -59.36
N ASP A 250 -27.83 9.97 -59.24
CA ASP A 250 -29.25 9.70 -59.11
C ASP A 250 -29.45 8.60 -58.08
N SER A 251 -30.62 8.61 -57.44
CA SER A 251 -30.95 7.65 -56.40
C SER A 251 -32.44 7.36 -56.45
N SER A 252 -32.84 6.31 -55.73
CA SER A 252 -34.23 5.87 -55.64
C SER A 252 -34.79 5.56 -57.02
N SER A 253 -34.07 4.71 -57.74
CA SER A 253 -34.47 4.30 -59.08
C SER A 253 -33.80 2.98 -59.41
N GLY A 254 -34.52 2.13 -60.13
CA GLY A 254 -33.97 0.84 -60.51
C GLY A 254 -34.99 0.02 -61.26
N TRP A 255 -34.62 -1.23 -61.53
CA TRP A 255 -35.50 -2.14 -62.26
C TRP A 255 -36.57 -2.71 -61.34
N THR A 256 -37.76 -2.92 -61.91
CA THR A 256 -38.89 -3.48 -61.17
C THR A 256 -38.77 -5.00 -61.18
N ALA A 257 -37.92 -5.51 -60.29
CA ALA A 257 -37.67 -6.94 -60.19
C ALA A 257 -38.76 -7.60 -59.35
N GLY A 258 -38.56 -8.87 -59.01
CA GLY A 258 -39.55 -9.59 -58.21
C GLY A 258 -39.60 -9.11 -56.78
N ALA A 259 -40.61 -9.62 -56.06
CA ALA A 259 -40.80 -9.23 -54.67
C ALA A 259 -39.72 -9.85 -53.79
N ALA A 260 -39.20 -9.04 -52.86
CA ALA A 260 -38.17 -9.49 -51.94
C ALA A 260 -38.29 -8.72 -50.65
N ALA A 261 -38.13 -9.42 -49.52
CA ALA A 261 -38.26 -8.83 -48.20
C ALA A 261 -37.01 -9.09 -47.38
N TYR A 262 -36.56 -8.07 -46.65
CA TYR A 262 -35.42 -8.19 -45.76
C TYR A 262 -35.67 -7.30 -44.54
N TYR A 263 -35.29 -7.80 -43.37
CA TYR A 263 -35.54 -7.11 -42.11
C TYR A 263 -34.22 -6.73 -41.45
N VAL A 264 -34.30 -5.72 -40.59
CA VAL A 264 -33.14 -5.18 -39.87
C VAL A 264 -33.52 -5.03 -38.42
N GLY A 265 -32.75 -5.65 -37.52
CA GLY A 265 -33.00 -5.55 -36.10
C GLY A 265 -31.77 -5.10 -35.35
N TYR A 266 -31.99 -4.37 -34.27
CA TYR A 266 -30.93 -3.81 -33.45
C TYR A 266 -30.82 -4.58 -32.14
N LEU A 267 -29.59 -4.84 -31.72
CA LEU A 267 -29.32 -5.59 -30.50
C LEU A 267 -29.04 -4.66 -29.33
N GLN A 268 -29.09 -5.23 -28.13
CA GLN A 268 -28.82 -4.51 -26.90
C GLN A 268 -28.41 -5.51 -25.84
N PRO A 269 -27.63 -5.10 -24.82
CA PRO A 269 -27.17 -6.06 -23.82
C PRO A 269 -28.31 -6.61 -22.97
N ARG A 270 -28.60 -7.90 -23.15
CA ARG A 270 -29.65 -8.58 -22.40
C ARG A 270 -29.10 -9.91 -21.88
N THR A 271 -29.80 -10.45 -20.89
CA THR A 271 -29.43 -11.73 -20.28
C THR A 271 -30.40 -12.81 -20.72
N PHE A 272 -29.88 -13.87 -21.33
CA PHE A 272 -30.69 -14.97 -21.81
C PHE A 272 -30.31 -16.26 -21.09
N LEU A 273 -31.23 -17.21 -21.08
CA LEU A 273 -31.02 -18.54 -20.53
C LEU A 273 -31.15 -19.54 -21.66
N LEU A 274 -30.01 -20.08 -22.10
CA LEU A 274 -29.97 -20.97 -23.25
C LEU A 274 -30.26 -22.41 -22.84
N LYS A 275 -31.03 -23.10 -23.69
CA LYS A 275 -31.35 -24.51 -23.50
C LYS A 275 -30.65 -25.33 -24.57
N TYR A 276 -29.79 -26.24 -24.16
CA TYR A 276 -29.04 -27.08 -25.08
C TYR A 276 -29.65 -28.47 -25.14
N ASN A 277 -29.65 -29.06 -26.34
CA ASN A 277 -30.20 -30.38 -26.56
C ASN A 277 -29.10 -31.43 -26.36
N GLU A 278 -29.38 -32.67 -26.75
CA GLU A 278 -28.38 -33.73 -26.60
C GLU A 278 -27.22 -33.55 -27.58
N ASN A 279 -27.46 -32.90 -28.72
CA ASN A 279 -26.44 -32.69 -29.72
C ASN A 279 -25.69 -31.38 -29.53
N GLY A 280 -25.92 -30.69 -28.43
CA GLY A 280 -25.26 -29.41 -28.19
C GLY A 280 -25.84 -28.25 -28.96
N THR A 281 -27.04 -28.39 -29.50
CA THR A 281 -27.68 -27.33 -30.26
C THR A 281 -28.72 -26.62 -29.40
N ILE A 282 -28.87 -25.32 -29.63
CA ILE A 282 -29.83 -24.51 -28.87
C ILE A 282 -31.24 -24.84 -29.34
N THR A 283 -32.11 -25.21 -28.41
CA THR A 283 -33.48 -25.56 -28.73
C THR A 283 -34.50 -24.50 -28.33
N ASP A 284 -34.25 -23.76 -27.25
CA ASP A 284 -35.16 -22.72 -26.81
C ASP A 284 -34.39 -21.71 -25.98
N ALA A 285 -34.92 -20.50 -25.91
CA ALA A 285 -34.29 -19.43 -25.15
C ALA A 285 -35.37 -18.59 -24.47
N VAL A 286 -35.05 -18.09 -23.28
CA VAL A 286 -35.96 -17.29 -22.48
C VAL A 286 -35.20 -16.09 -21.94
N ASP A 287 -35.75 -14.89 -22.15
CA ASP A 287 -35.13 -13.67 -21.66
C ASP A 287 -35.25 -13.62 -20.14
N CYS A 288 -34.30 -12.92 -19.50
CA CYS A 288 -34.28 -12.83 -18.05
C CYS A 288 -35.02 -11.61 -17.52
N ALA A 289 -35.19 -10.57 -18.34
CA ALA A 289 -35.81 -9.33 -17.91
C ALA A 289 -36.83 -8.81 -18.93
N LEU A 290 -37.64 -9.70 -19.48
CA LEU A 290 -38.68 -9.31 -20.44
C LEU A 290 -40.06 -9.25 -19.78
N ASP A 291 -40.51 -10.35 -19.20
CA ASP A 291 -41.78 -10.45 -18.52
C ASP A 291 -41.59 -11.16 -17.19
N PRO A 292 -42.50 -10.97 -16.23
CA PRO A 292 -42.34 -11.62 -14.93
C PRO A 292 -42.25 -13.14 -15.00
N LEU A 293 -42.97 -13.78 -15.91
CA LEU A 293 -42.85 -15.23 -16.05
C LEU A 293 -41.46 -15.62 -16.53
N SER A 294 -40.93 -14.90 -17.50
CA SER A 294 -39.57 -15.13 -17.97
C SER A 294 -38.53 -14.82 -16.89
N GLU A 295 -38.75 -13.79 -16.09
CA GLU A 295 -37.82 -13.50 -14.99
C GLU A 295 -37.86 -14.60 -13.94
N THR A 296 -39.04 -15.15 -13.66
CA THR A 296 -39.13 -16.28 -12.74
C THR A 296 -38.43 -17.51 -13.29
N LYS A 297 -38.63 -17.80 -14.58
CA LYS A 297 -37.94 -18.93 -15.21
C LYS A 297 -36.43 -18.72 -15.20
N CYS A 298 -35.97 -17.46 -15.29
CA CYS A 298 -34.55 -17.17 -15.25
C CYS A 298 -33.97 -17.35 -13.86
N THR A 299 -34.66 -16.84 -12.83
CA THR A 299 -34.14 -16.93 -11.48
C THR A 299 -34.31 -18.33 -10.88
N LEU A 300 -35.20 -19.13 -11.45
CA LEU A 300 -35.37 -20.51 -11.00
C LEU A 300 -34.47 -21.49 -11.76
N LYS A 301 -33.82 -21.03 -12.83
CA LYS A 301 -32.94 -21.87 -13.65
C LYS A 301 -33.71 -23.08 -14.22
N SER A 302 -34.98 -22.86 -14.54
CA SER A 302 -35.82 -23.92 -15.09
C SER A 302 -36.83 -23.30 -16.04
N PHE A 303 -37.15 -24.04 -17.11
CA PHE A 303 -38.11 -23.60 -18.10
C PHE A 303 -39.56 -23.92 -17.73
N THR A 304 -39.78 -24.72 -16.69
CA THR A 304 -41.11 -25.06 -16.23
C THR A 304 -41.25 -24.63 -14.78
N VAL A 305 -42.30 -23.85 -14.49
CA VAL A 305 -42.57 -23.35 -13.15
C VAL A 305 -43.92 -23.89 -12.69
N GLU A 306 -44.01 -24.22 -11.40
CA GLU A 306 -45.23 -24.75 -10.83
C GLU A 306 -46.04 -23.63 -10.18
N LYS A 307 -47.14 -24.02 -9.53
CA LYS A 307 -48.00 -23.06 -8.86
C LYS A 307 -47.38 -22.62 -7.55
N GLY A 308 -47.26 -21.31 -7.37
CA GLY A 308 -46.68 -20.78 -6.14
C GLY A 308 -46.13 -19.40 -6.37
N ILE A 309 -45.76 -18.76 -5.26
CA ILE A 309 -45.20 -17.41 -5.26
C ILE A 309 -43.69 -17.51 -5.18
N TYR A 310 -43.01 -16.87 -6.12
CA TYR A 310 -41.55 -16.91 -6.21
C TYR A 310 -41.02 -15.49 -6.29
N GLN A 311 -40.11 -15.15 -5.39
CA GLN A 311 -39.46 -13.84 -5.41
C GLN A 311 -38.30 -13.86 -6.39
N THR A 312 -38.34 -12.95 -7.37
CA THR A 312 -37.33 -12.91 -8.42
C THR A 312 -36.18 -11.97 -8.09
N SER A 313 -36.49 -10.68 -7.89
CA SER A 313 -35.47 -9.68 -7.63
C SER A 313 -36.08 -8.56 -6.81
N ASN A 314 -35.38 -7.42 -6.75
CA ASN A 314 -35.82 -6.25 -6.01
C ASN A 314 -35.73 -5.04 -6.91
N PHE A 315 -36.80 -4.26 -6.98
CA PHE A 315 -36.82 -3.06 -7.81
C PHE A 315 -36.25 -1.87 -7.05
N ARG A 316 -35.72 -0.91 -7.80
CA ARG A 316 -35.14 0.29 -7.22
C ARG A 316 -35.27 1.43 -8.22
N VAL A 317 -35.65 2.60 -7.72
CA VAL A 317 -35.83 3.78 -8.57
C VAL A 317 -34.45 4.35 -8.91
N GLN A 318 -34.19 4.50 -10.20
CA GLN A 318 -32.91 5.04 -10.63
C GLN A 318 -32.86 6.55 -10.40
N PRO A 319 -31.70 7.12 -10.08
CA PRO A 319 -31.62 8.56 -9.87
C PRO A 319 -31.74 9.33 -11.18
N THR A 320 -32.22 10.56 -11.07
CA THR A 320 -32.41 11.42 -12.22
C THR A 320 -31.22 12.34 -12.48
N GLU A 321 -30.80 13.10 -11.46
CA GLU A 321 -29.69 14.02 -11.58
C GLU A 321 -28.89 14.01 -10.29
N SER A 322 -27.88 14.87 -10.22
CA SER A 322 -26.99 14.95 -9.06
C SER A 322 -26.97 16.38 -8.53
N ILE A 323 -26.72 16.50 -7.23
CA ILE A 323 -26.66 17.79 -6.54
C ILE A 323 -25.31 17.90 -5.84
N VAL A 324 -24.59 18.98 -6.10
CA VAL A 324 -23.33 19.28 -5.44
C VAL A 324 -23.42 20.70 -4.89
N ARG A 325 -23.23 20.83 -3.57
CA ARG A 325 -23.32 22.12 -2.91
C ARG A 325 -22.16 22.29 -1.94
N PHE A 326 -21.79 23.55 -1.73
CA PHE A 326 -20.66 23.90 -0.87
C PHE A 326 -20.95 25.25 -0.22
N PRO A 327 -20.30 25.56 0.90
CA PRO A 327 -20.51 26.87 1.53
C PRO A 327 -20.06 28.00 0.62
N ASN A 328 -20.38 29.23 1.06
CA ASN A 328 -20.06 30.41 0.29
C ASN A 328 -18.55 30.63 0.20
N ILE A 329 -18.14 31.38 -0.81
CA ILE A 329 -16.73 31.57 -1.12
C ILE A 329 -16.32 33.03 -0.90
N THR A 330 -16.98 33.70 0.03
CA THR A 330 -16.69 35.10 0.33
C THR A 330 -15.46 35.24 1.25
N ASN A 331 -14.36 34.62 0.84
CA ASN A 331 -13.07 34.74 1.52
C ASN A 331 -11.99 34.99 0.48
N LEU A 332 -12.27 35.92 -0.43
CA LEU A 332 -11.50 36.08 -1.65
C LEU A 332 -10.02 36.32 -1.36
N CYS A 333 -9.19 36.00 -2.35
CA CYS A 333 -7.74 36.01 -2.21
C CYS A 333 -7.20 37.44 -2.24
N PRO A 334 -5.99 37.64 -1.71
CA PRO A 334 -5.39 38.99 -1.73
C PRO A 334 -4.73 39.33 -3.05
N PHE A 335 -5.07 38.57 -4.10
CA PHE A 335 -4.52 38.83 -5.43
C PHE A 335 -4.73 40.28 -5.87
N ASP A 336 -5.78 40.94 -5.36
CA ASP A 336 -6.00 42.34 -5.68
C ASP A 336 -4.90 43.23 -5.15
N GLU A 337 -4.20 42.82 -4.09
CA GLU A 337 -3.08 43.60 -3.57
C GLU A 337 -1.86 43.53 -4.48
N VAL A 338 -1.70 42.45 -5.23
CA VAL A 338 -0.56 42.28 -6.12
C VAL A 338 -0.88 42.70 -7.54
N PHE A 339 -2.09 42.39 -8.02
CA PHE A 339 -2.46 42.74 -9.39
C PHE A 339 -2.68 44.24 -9.56
N ASN A 340 -3.19 44.91 -8.53
CA ASN A 340 -3.44 46.35 -8.56
C ASN A 340 -2.32 47.14 -7.88
N ALA A 341 -1.09 46.66 -7.97
CA ALA A 341 0.03 47.36 -7.36
C ALA A 341 0.36 48.61 -8.17
N THR A 342 0.46 49.74 -7.47
CA THR A 342 0.76 51.00 -8.15
C THR A 342 2.21 51.04 -8.64
N ARG A 343 3.13 50.42 -7.90
CA ARG A 343 4.53 50.39 -8.29
C ARG A 343 5.08 49.00 -8.04
N PHE A 344 5.86 48.50 -8.99
CA PHE A 344 6.46 47.18 -8.89
C PHE A 344 7.92 47.29 -8.46
N ALA A 345 8.45 46.17 -7.98
CA ALA A 345 9.83 46.11 -7.49
C ALA A 345 10.78 45.88 -8.66
N SER A 346 12.05 45.62 -8.35
CA SER A 346 13.06 45.37 -9.37
C SER A 346 12.96 43.92 -9.84
N VAL A 347 13.96 43.47 -10.60
CA VAL A 347 13.91 42.13 -11.17
C VAL A 347 14.37 41.08 -10.17
N TYR A 348 15.37 41.40 -9.35
CA TYR A 348 15.93 40.45 -8.39
C TYR A 348 15.48 40.68 -6.96
N ALA A 349 14.85 41.81 -6.66
CA ALA A 349 14.34 42.11 -5.32
C ALA A 349 12.83 41.98 -5.25
N TRP A 350 12.27 40.97 -5.93
CA TRP A 350 10.83 40.76 -5.92
C TRP A 350 10.32 40.48 -4.51
N ASN A 351 9.08 40.89 -4.25
CA ASN A 351 8.46 40.75 -2.94
C ASN A 351 7.63 39.47 -2.93
N ARG A 352 8.09 38.47 -2.17
CA ARG A 352 7.40 37.20 -2.07
C ARG A 352 6.24 37.33 -1.08
N LYS A 353 5.01 37.09 -1.57
CA LYS A 353 3.81 37.14 -0.75
C LYS A 353 3.19 35.75 -0.69
N ARG A 354 2.83 35.31 0.51
CA ARG A 354 2.25 34.00 0.74
C ARG A 354 0.77 34.11 1.10
N ILE A 355 0.01 33.08 0.74
CA ILE A 355 -1.40 32.98 1.07
C ILE A 355 -1.60 31.75 1.96
N SER A 356 -2.27 31.94 3.09
CA SER A 356 -2.46 30.87 4.06
C SER A 356 -3.91 30.47 4.28
N ASN A 357 -4.81 31.44 4.47
CA ASN A 357 -6.19 31.13 4.81
C ASN A 357 -7.20 31.70 3.82
N CYS A 358 -6.76 32.32 2.73
CA CYS A 358 -7.66 32.89 1.75
C CYS A 358 -8.06 31.84 0.72
N VAL A 359 -9.21 32.07 0.09
CA VAL A 359 -9.75 31.17 -0.93
C VAL A 359 -9.23 31.61 -2.28
N ALA A 360 -8.73 30.65 -3.06
CA ALA A 360 -8.16 30.95 -4.38
C ALA A 360 -9.26 31.36 -5.36
N ASP A 361 -8.95 32.36 -6.17
CA ASP A 361 -9.88 32.90 -7.15
C ASP A 361 -9.18 33.08 -8.50
N TYR A 362 -8.48 32.03 -8.95
CA TYR A 362 -7.70 32.11 -10.17
C TYR A 362 -8.54 32.44 -11.39
N SER A 363 -9.87 32.35 -11.31
CA SER A 363 -10.73 32.62 -12.45
C SER A 363 -10.83 34.12 -12.78
N VAL A 364 -10.32 34.99 -11.91
CA VAL A 364 -10.36 36.43 -12.15
C VAL A 364 -8.94 36.95 -12.23
N LEU A 365 -8.01 36.12 -12.72
CA LEU A 365 -6.61 36.51 -12.82
C LEU A 365 -6.39 37.64 -13.82
N TYR A 366 -7.22 37.72 -14.87
CA TYR A 366 -7.05 38.75 -15.88
C TYR A 366 -7.58 40.09 -15.37
N ASN A 367 -6.90 41.18 -15.72
CA ASN A 367 -7.35 42.52 -15.40
C ASN A 367 -7.69 43.30 -16.67
N LEU A 368 -6.74 43.40 -17.61
CA LEU A 368 -6.97 43.90 -18.96
C LEU A 368 -6.10 43.04 -19.87
N ALA A 369 -6.60 41.85 -20.19
CA ALA A 369 -5.82 40.69 -20.62
C ALA A 369 -5.06 40.90 -21.92
N PRO A 370 -3.73 41.05 -21.86
CA PRO A 370 -2.91 40.90 -23.08
C PRO A 370 -2.30 39.52 -23.14
N PHE A 371 -2.80 38.61 -22.30
CA PHE A 371 -2.11 37.38 -21.91
C PHE A 371 -2.09 36.33 -23.01
N PHE A 372 -1.29 36.53 -24.05
CA PHE A 372 -1.00 35.45 -24.99
C PHE A 372 0.11 34.58 -24.41
N THR A 373 0.66 35.00 -23.28
CA THR A 373 1.75 34.30 -22.60
C THR A 373 1.23 33.81 -21.25
N PHE A 374 0.72 32.58 -21.23
CA PHE A 374 0.21 31.95 -20.01
C PHE A 374 0.75 30.53 -19.93
N LYS A 375 2.06 30.39 -20.14
CA LYS A 375 2.72 29.09 -20.21
C LYS A 375 2.79 28.50 -18.81
N CYS A 376 1.95 27.51 -18.54
CA CYS A 376 1.99 26.77 -17.28
C CYS A 376 2.73 25.46 -17.50
N TYR A 377 3.62 25.12 -16.58
CA TYR A 377 4.44 23.92 -16.67
C TYR A 377 4.07 22.95 -15.56
N GLY A 378 3.99 21.67 -15.89
CA GLY A 378 3.68 20.62 -14.93
C GLY A 378 2.22 20.29 -14.76
N VAL A 379 1.39 21.30 -14.49
CA VAL A 379 -0.04 21.10 -14.28
C VAL A 379 -0.80 21.83 -15.37
N SER A 380 -1.89 21.22 -15.84
CA SER A 380 -2.70 21.83 -16.88
C SER A 380 -3.49 23.01 -16.31
N PRO A 381 -3.63 24.10 -17.08
CA PRO A 381 -4.38 25.26 -16.58
C PRO A 381 -5.87 25.01 -16.38
N THR A 382 -6.40 23.92 -16.93
CA THR A 382 -7.83 23.63 -16.82
C THR A 382 -8.21 22.91 -15.54
N LYS A 383 -7.23 22.37 -14.80
CA LYS A 383 -7.49 21.66 -13.56
C LYS A 383 -6.88 22.39 -12.36
N LEU A 384 -6.99 23.72 -12.35
CA LEU A 384 -6.48 24.52 -11.25
C LEU A 384 -7.53 24.84 -10.20
N ASN A 385 -8.79 24.47 -10.44
CA ASN A 385 -9.85 24.77 -9.49
C ASN A 385 -10.00 23.67 -8.45
N ASP A 386 -9.79 22.41 -8.85
CA ASP A 386 -9.96 21.27 -7.95
C ASP A 386 -8.71 20.96 -7.15
N LEU A 387 -7.65 21.73 -7.31
CA LEU A 387 -6.40 21.52 -6.58
C LEU A 387 -6.30 22.50 -5.43
N CYS A 388 -5.89 22.00 -4.26
CA CYS A 388 -5.74 22.81 -3.06
C CYS A 388 -4.37 22.55 -2.44
N PHE A 389 -3.72 23.61 -2.00
CA PHE A 389 -2.40 23.55 -1.38
C PHE A 389 -2.43 24.31 -0.06
N THR A 390 -1.28 24.32 0.63
CA THR A 390 -1.16 24.99 1.91
C THR A 390 -0.46 26.34 1.83
N ASN A 391 0.49 26.51 0.92
CA ASN A 391 1.22 27.76 0.78
C ASN A 391 1.61 27.96 -0.67
N VAL A 392 1.38 29.17 -1.17
CA VAL A 392 1.73 29.54 -2.53
C VAL A 392 2.39 30.92 -2.51
N TYR A 393 3.38 31.10 -3.36
CA TYR A 393 4.12 32.35 -3.45
C TYR A 393 3.99 32.95 -4.84
N ALA A 394 4.00 34.27 -4.90
CA ALA A 394 3.88 35.01 -6.16
C ALA A 394 5.06 35.97 -6.27
N ASP A 395 5.95 35.70 -7.21
CA ASP A 395 7.11 36.54 -7.48
C ASP A 395 6.71 37.64 -8.45
N SER A 396 7.02 38.88 -8.09
CA SER A 396 6.61 40.05 -8.86
C SER A 396 7.83 40.83 -9.29
N PHE A 397 8.15 40.77 -10.59
CA PHE A 397 9.31 41.47 -11.12
C PHE A 397 8.99 41.93 -12.55
N VAL A 398 9.76 42.91 -13.02
CA VAL A 398 9.57 43.51 -14.33
C VAL A 398 10.84 43.30 -15.15
N ILE A 399 10.66 42.81 -16.38
CA ILE A 399 11.76 42.59 -17.31
C ILE A 399 11.38 43.17 -18.66
N ARG A 400 12.33 43.16 -19.59
CA ARG A 400 12.12 43.70 -20.92
C ARG A 400 11.21 42.77 -21.73
N GLY A 401 10.96 43.13 -22.99
CA GLY A 401 10.14 42.32 -23.86
C GLY A 401 10.87 41.12 -24.41
N ASP A 402 12.14 41.31 -24.77
CA ASP A 402 12.96 40.20 -25.24
C ASP A 402 13.45 39.30 -24.10
N GLU A 403 13.31 39.74 -22.85
CA GLU A 403 13.72 38.97 -21.70
C GLU A 403 12.61 38.11 -21.12
N VAL A 404 11.40 38.17 -21.69
CA VAL A 404 10.30 37.36 -21.18
C VAL A 404 10.50 35.88 -21.46
N ARG A 405 11.33 35.53 -22.43
CA ARG A 405 11.67 34.13 -22.69
C ARG A 405 12.73 33.60 -21.74
N GLN A 406 13.33 34.46 -20.91
CA GLN A 406 14.36 34.00 -19.97
C GLN A 406 13.77 33.20 -18.82
N ILE A 407 12.48 33.35 -18.54
CA ILE A 407 11.83 32.62 -17.45
C ILE A 407 11.33 31.32 -18.04
N ALA A 408 12.19 30.31 -18.06
CA ALA A 408 11.84 29.00 -18.60
C ALA A 408 12.80 27.97 -18.01
N PRO A 409 12.30 26.78 -17.66
CA PRO A 409 13.19 25.75 -17.11
C PRO A 409 14.17 25.25 -18.16
N GLY A 410 15.46 25.32 -17.83
CA GLY A 410 16.50 24.88 -18.74
C GLY A 410 17.04 25.94 -19.67
N GLN A 411 16.63 27.19 -19.51
CA GLN A 411 17.07 28.29 -20.35
C GLN A 411 18.05 29.17 -19.59
N THR A 412 19.02 29.73 -20.32
CA THR A 412 20.04 30.58 -19.73
C THR A 412 20.13 31.88 -20.53
N GLY A 413 20.74 32.89 -19.90
CA GLY A 413 20.90 34.19 -20.53
C GLY A 413 21.29 35.28 -19.55
N ASN A 414 20.60 36.42 -19.62
CA ASN A 414 20.88 37.53 -18.73
C ASN A 414 20.09 37.44 -17.43
N ILE A 415 18.76 37.30 -17.54
CA ILE A 415 17.92 37.24 -16.35
C ILE A 415 18.02 35.87 -15.69
N ALA A 416 18.21 34.81 -16.48
CA ALA A 416 18.21 33.45 -15.97
C ALA A 416 19.53 33.04 -15.32
N ASP A 417 20.49 33.95 -15.20
CA ASP A 417 21.76 33.60 -14.59
C ASP A 417 22.12 34.48 -13.39
N TYR A 418 21.86 35.79 -13.46
CA TYR A 418 22.24 36.69 -12.39
C TYR A 418 21.07 37.44 -11.78
N ASN A 419 19.85 37.21 -12.27
CA ASN A 419 18.66 37.88 -11.74
C ASN A 419 17.69 36.92 -11.07
N TYR A 420 17.28 35.86 -11.77
CA TYR A 420 16.36 34.89 -11.22
C TYR A 420 16.49 33.59 -12.00
N LYS A 421 16.61 32.48 -11.29
CA LYS A 421 16.77 31.16 -11.90
C LYS A 421 15.57 30.30 -11.54
N LEU A 422 14.94 29.72 -12.56
CA LEU A 422 13.77 28.88 -12.33
C LEU A 422 14.19 27.41 -12.31
N PRO A 423 13.72 26.64 -11.33
CA PRO A 423 14.10 25.22 -11.25
C PRO A 423 13.50 24.44 -12.40
N ASP A 424 14.06 23.23 -12.62
CA ASP A 424 13.57 22.37 -13.67
C ASP A 424 12.22 21.76 -13.32
N ASP A 425 12.00 21.45 -12.04
CA ASP A 425 10.73 20.89 -11.58
C ASP A 425 9.78 22.00 -11.13
N PHE A 426 9.54 22.96 -12.01
CA PHE A 426 8.69 24.10 -11.70
C PHE A 426 7.22 23.68 -11.75
N THR A 427 6.51 23.90 -10.64
CA THR A 427 5.09 23.59 -10.52
C THR A 427 4.34 24.90 -10.36
N GLY A 428 3.77 25.40 -11.45
CA GLY A 428 3.05 26.66 -11.41
C GLY A 428 2.80 27.18 -12.81
N CYS A 429 2.70 28.51 -12.91
CA CYS A 429 2.49 29.16 -14.19
C CYS A 429 3.16 30.53 -14.17
N VAL A 430 3.53 31.00 -15.36
CA VAL A 430 4.17 32.30 -15.53
C VAL A 430 3.18 33.24 -16.22
N ILE A 431 3.01 34.42 -15.63
CA ILE A 431 2.08 35.43 -16.14
C ILE A 431 2.86 36.71 -16.40
N ALA A 432 2.72 37.27 -17.60
CA ALA A 432 3.39 38.50 -17.98
C ALA A 432 2.46 39.34 -18.85
N TRP A 433 2.55 40.66 -18.68
CA TRP A 433 1.72 41.57 -19.46
C TRP A 433 2.45 42.91 -19.60
N ASN A 434 2.12 43.63 -20.68
CA ASN A 434 2.75 44.91 -20.95
C ASN A 434 2.05 46.00 -20.17
N SER A 435 2.84 46.86 -19.51
CA SER A 435 2.31 47.95 -18.70
C SER A 435 3.05 49.26 -19.00
N ASN A 436 3.24 49.53 -20.29
CA ASN A 436 3.89 50.78 -20.70
C ASN A 436 3.00 52.00 -20.52
N LYS A 437 1.73 51.82 -20.15
CA LYS A 437 0.84 52.96 -19.94
C LYS A 437 0.99 53.54 -18.53
N LEU A 438 1.56 52.79 -17.59
CA LEU A 438 1.67 53.23 -16.21
C LEU A 438 3.10 53.27 -15.68
N ASP A 439 4.06 52.67 -16.37
CA ASP A 439 5.45 52.62 -15.91
C ASP A 439 6.38 53.15 -16.99
N SER A 440 6.02 54.31 -17.55
CA SER A 440 6.81 54.94 -18.59
C SER A 440 7.15 56.37 -18.21
N LYS A 441 8.26 56.86 -18.76
CA LYS A 441 8.70 58.23 -18.51
C LYS A 441 9.45 58.73 -19.73
N VAL A 442 9.18 59.98 -20.13
CA VAL A 442 9.81 60.53 -21.31
C VAL A 442 11.23 61.00 -20.99
N SER A 443 11.49 61.38 -19.74
CA SER A 443 12.82 61.84 -19.36
C SER A 443 13.73 60.68 -18.99
N GLY A 444 13.20 59.70 -18.25
CA GLY A 444 14.00 58.55 -17.84
C GLY A 444 13.65 58.06 -16.45
N ASN A 445 13.50 56.75 -16.31
CA ASN A 445 13.15 56.13 -15.04
C ASN A 445 14.40 55.49 -14.45
N TYR A 446 14.74 55.88 -13.21
CA TYR A 446 15.93 55.38 -12.53
C TYR A 446 15.59 54.44 -11.37
N ASN A 447 14.35 53.96 -11.30
CA ASN A 447 13.93 53.11 -10.19
C ASN A 447 14.23 51.63 -10.44
N TYR A 448 14.16 51.18 -11.69
CA TYR A 448 14.37 49.79 -12.03
C TYR A 448 15.84 49.56 -12.36
N LEU A 449 16.47 48.65 -11.63
CA LEU A 449 17.87 48.29 -11.86
C LEU A 449 18.00 46.77 -11.92
N TYR A 450 19.08 46.31 -12.53
CA TYR A 450 19.29 44.88 -12.73
C TYR A 450 20.77 44.55 -12.64
N ARG A 451 21.05 43.28 -12.43
CA ARG A 451 22.41 42.79 -12.31
C ARG A 451 22.97 42.45 -13.69
N LEU A 452 24.28 42.62 -13.84
CA LEU A 452 24.96 42.29 -15.10
C LEU A 452 26.11 41.32 -14.92
N PHE A 453 26.83 41.40 -13.81
CA PHE A 453 28.00 40.54 -13.58
C PHE A 453 27.97 40.05 -12.14
N ARG A 454 28.51 38.85 -11.93
CA ARG A 454 28.56 38.25 -10.60
C ARG A 454 29.67 37.21 -10.59
N LYS A 455 29.96 36.69 -9.39
CA LYS A 455 30.96 35.64 -9.26
C LYS A 455 30.47 34.34 -9.91
N SER A 456 29.29 33.88 -9.51
CA SER A 456 28.73 32.64 -10.04
C SER A 456 27.24 32.84 -10.29
N ASN A 457 26.65 31.88 -10.99
CA ASN A 457 25.23 31.94 -11.32
C ASN A 457 24.38 31.75 -10.07
N LEU A 458 23.14 32.21 -10.15
CA LEU A 458 22.21 32.13 -9.04
C LEU A 458 21.58 30.74 -8.97
N LYS A 459 21.59 30.14 -7.79
CA LYS A 459 20.90 28.88 -7.56
C LYS A 459 19.42 29.14 -7.33
N PRO A 460 18.57 28.13 -7.54
CA PRO A 460 17.13 28.34 -7.34
C PRO A 460 16.80 28.77 -5.92
N PHE A 461 15.91 29.75 -5.81
CA PHE A 461 15.47 30.30 -4.53
C PHE A 461 16.63 30.92 -3.75
N GLU A 462 17.29 31.90 -4.39
CA GLU A 462 18.38 32.64 -3.79
C GLU A 462 18.06 34.12 -3.84
N ARG A 463 18.34 34.82 -2.73
CA ARG A 463 18.06 36.25 -2.62
C ARG A 463 19.31 36.95 -2.09
N ASP A 464 19.87 37.84 -2.90
CA ASP A 464 21.03 38.64 -2.51
C ASP A 464 20.84 40.06 -3.02
N ILE A 465 20.78 41.02 -2.09
CA ILE A 465 20.60 42.42 -2.40
C ILE A 465 21.76 43.27 -1.93
N SER A 466 22.94 42.68 -1.75
CA SER A 466 24.10 43.42 -1.29
C SER A 466 24.59 44.39 -2.37
N THR A 467 25.45 45.32 -1.93
CA THR A 467 26.04 46.32 -2.81
C THR A 467 27.53 46.06 -3.03
N GLU A 468 27.91 44.79 -3.11
CA GLU A 468 29.31 44.43 -3.28
C GLU A 468 29.77 44.74 -4.71
N ILE A 469 31.09 44.85 -4.85
CA ILE A 469 31.72 45.15 -6.14
C ILE A 469 32.48 43.91 -6.59
N TYR A 470 32.28 43.52 -7.85
CA TYR A 470 32.91 42.33 -8.39
C TYR A 470 34.32 42.65 -8.88
N GLN A 471 35.23 41.68 -8.74
CA GLN A 471 36.60 41.81 -9.17
C GLN A 471 36.84 40.87 -10.36
N ALA A 472 37.38 41.42 -11.45
CA ALA A 472 37.69 40.65 -12.64
C ALA A 472 39.18 40.50 -12.90
N GLY A 473 39.97 41.54 -12.65
CA GLY A 473 41.40 41.50 -12.87
C GLY A 473 42.13 40.80 -11.75
N ASN A 474 43.40 41.19 -11.57
CA ASN A 474 44.27 40.63 -10.54
C ASN A 474 44.78 41.70 -9.58
N LYS A 475 43.95 42.72 -9.32
CA LYS A 475 44.31 43.81 -8.44
C LYS A 475 43.08 44.16 -7.61
N PRO A 476 43.18 44.19 -6.28
CA PRO A 476 42.01 44.47 -5.46
C PRO A 476 41.50 45.89 -5.65
N CYS A 477 40.26 46.10 -5.22
CA CYS A 477 39.58 47.37 -5.36
C CYS A 477 39.53 48.09 -4.01
N ASN A 478 39.94 49.36 -4.01
CA ASN A 478 39.94 50.16 -2.78
C ASN A 478 38.63 50.94 -2.64
N GLY A 479 37.51 50.23 -2.74
CA GLY A 479 36.20 50.85 -2.60
C GLY A 479 35.91 51.94 -3.61
N VAL A 480 36.57 51.91 -4.76
CA VAL A 480 36.38 52.91 -5.80
C VAL A 480 36.22 52.22 -7.15
N ALA A 481 35.79 53.00 -8.13
CA ALA A 481 35.62 52.52 -9.49
C ALA A 481 36.87 52.84 -10.30
N GLY A 482 37.31 51.89 -11.12
CA GLY A 482 38.52 52.08 -11.90
C GLY A 482 38.98 50.82 -12.63
N PHE A 483 40.26 50.50 -12.47
CA PHE A 483 40.87 49.36 -13.15
C PHE A 483 40.24 48.07 -12.61
N ASN A 484 39.40 47.43 -13.42
CA ASN A 484 38.75 46.18 -13.06
C ASN A 484 37.93 46.32 -11.78
N CYS A 485 37.30 47.48 -11.61
CA CYS A 485 36.47 47.77 -10.43
C CYS A 485 35.26 48.56 -10.90
N TYR A 486 34.10 47.90 -10.97
CA TYR A 486 32.88 48.51 -11.46
C TYR A 486 31.69 48.01 -10.66
N PHE A 487 30.63 48.82 -10.64
CA PHE A 487 29.41 48.47 -9.94
C PHE A 487 28.47 47.76 -10.89
N PRO A 488 28.12 46.49 -10.64
CA PRO A 488 27.35 45.72 -11.63
C PRO A 488 25.87 46.08 -11.70
N LEU A 489 25.37 46.97 -10.84
CA LEU A 489 23.96 47.32 -10.82
C LEU A 489 23.75 48.58 -11.65
N ARG A 490 22.98 48.47 -12.74
CA ARG A 490 22.70 49.58 -13.61
C ARG A 490 21.20 49.67 -13.86
N SER A 491 20.74 50.87 -14.22
CA SER A 491 19.32 51.14 -14.35
C SER A 491 18.81 50.80 -15.75
N TYR A 492 17.50 50.63 -15.86
CA TYR A 492 16.84 50.36 -17.13
C TYR A 492 16.41 51.65 -17.81
N SER A 493 16.19 51.57 -19.11
CA SER A 493 15.67 52.71 -19.89
C SER A 493 14.18 52.53 -20.14
N PHE A 494 13.40 52.80 -19.10
CA PHE A 494 11.94 52.71 -19.20
C PHE A 494 11.40 53.89 -20.01
N ARG A 495 10.80 53.59 -21.15
CA ARG A 495 10.21 54.60 -22.03
C ARG A 495 8.99 54.02 -22.73
N PRO A 496 7.99 54.85 -23.04
CA PRO A 496 6.78 54.33 -23.71
C PRO A 496 6.98 54.03 -25.19
N THR A 497 8.03 54.57 -25.81
CA THR A 497 8.29 54.38 -27.24
C THR A 497 9.59 53.60 -27.45
N TYR A 498 9.77 52.52 -26.69
CA TYR A 498 10.99 51.71 -26.73
C TYR A 498 10.86 50.50 -27.64
N GLY A 499 10.04 50.62 -28.70
CA GLY A 499 9.88 49.53 -29.64
C GLY A 499 8.68 48.65 -29.34
N VAL A 500 8.71 47.41 -29.85
CA VAL A 500 7.62 46.47 -29.63
C VAL A 500 8.19 45.19 -29.04
N GLY A 501 9.48 44.95 -29.26
CA GLY A 501 10.16 43.80 -28.74
C GLY A 501 11.10 44.08 -27.58
N HIS A 502 11.12 45.31 -27.06
CA HIS A 502 12.01 45.67 -25.97
C HIS A 502 11.31 46.40 -24.84
N GLN A 503 9.99 46.59 -24.91
CA GLN A 503 9.27 47.28 -23.85
C GLN A 503 9.22 46.43 -22.59
N PRO A 504 9.09 47.06 -21.42
CA PRO A 504 9.03 46.28 -20.18
C PRO A 504 7.69 45.55 -20.03
N TYR A 505 7.74 44.41 -19.33
CA TYR A 505 6.56 43.59 -19.07
C TYR A 505 6.51 43.25 -17.60
N ARG A 506 5.37 43.49 -16.97
CA ARG A 506 5.16 43.09 -15.58
C ARG A 506 4.96 41.57 -15.52
N VAL A 507 5.89 40.88 -14.87
CA VAL A 507 5.87 39.43 -14.79
C VAL A 507 5.55 39.03 -13.35
N VAL A 508 4.45 38.31 -13.17
CA VAL A 508 4.05 37.77 -11.87
C VAL A 508 3.88 36.26 -12.04
N VAL A 509 4.84 35.50 -11.54
CA VAL A 509 4.86 34.05 -11.66
C VAL A 509 4.42 33.45 -10.33
N LEU A 510 3.49 32.50 -10.39
CA LEU A 510 2.97 31.82 -9.22
C LEU A 510 3.51 30.41 -9.16
N SER A 511 3.96 30.00 -7.98
CA SER A 511 4.50 28.66 -7.76
C SER A 511 3.61 27.87 -6.82
N PHE A 512 3.64 26.55 -6.96
CA PHE A 512 2.87 25.64 -6.13
C PHE A 512 3.83 24.88 -5.23
N GLU A 513 3.69 25.08 -3.92
CA GLU A 513 4.56 24.46 -2.92
C GLU A 513 3.75 23.43 -2.14
N LEU A 514 4.16 22.16 -2.26
CA LEU A 514 3.51 21.06 -1.56
C LEU A 514 4.56 20.31 -0.74
N LEU A 515 4.30 20.17 0.56
CA LEU A 515 5.22 19.51 1.47
C LEU A 515 4.50 18.42 2.27
N HIS A 516 3.56 17.72 1.62
CA HIS A 516 2.78 16.66 2.25
C HIS A 516 2.00 17.16 3.46
N ALA A 517 1.64 18.44 3.44
CA ALA A 517 0.89 19.07 4.52
C ALA A 517 -0.60 19.11 4.17
N PRO A 518 -1.47 19.16 5.18
CA PRO A 518 -2.91 19.28 4.90
C PRO A 518 -3.23 20.59 4.21
N ALA A 519 -3.97 20.52 3.12
CA ALA A 519 -4.27 21.70 2.33
C ALA A 519 -5.23 22.62 3.08
N THR A 520 -4.96 23.92 2.99
CA THR A 520 -5.79 24.93 3.62
C THR A 520 -6.22 26.07 2.70
N VAL A 521 -5.52 26.28 1.58
CA VAL A 521 -5.89 27.31 0.61
C VAL A 521 -6.83 26.65 -0.39
N CYS A 522 -8.13 26.73 -0.11
CA CYS A 522 -9.13 26.10 -0.97
C CYS A 522 -9.34 26.92 -2.23
N GLY A 523 -9.48 26.22 -3.35
CA GLY A 523 -9.71 26.87 -4.63
C GLY A 523 -11.18 27.11 -4.89
N PRO A 524 -11.47 27.62 -6.08
CA PRO A 524 -12.87 27.88 -6.46
C PRO A 524 -13.64 26.58 -6.60
N LYS A 525 -14.67 26.41 -5.78
CA LYS A 525 -15.47 25.19 -5.79
C LYS A 525 -16.52 25.25 -6.90
N LYS A 526 -17.29 24.18 -7.02
CA LYS A 526 -18.31 24.08 -8.07
C LYS A 526 -19.53 24.92 -7.73
N SER A 527 -20.42 25.02 -8.70
CA SER A 527 -21.65 25.79 -8.54
C SER A 527 -22.63 25.06 -7.61
N THR A 528 -23.67 25.79 -7.22
CA THR A 528 -24.69 25.27 -6.32
C THR A 528 -26.04 25.17 -7.03
N ASN A 529 -26.75 24.07 -6.79
CA ASN A 529 -28.08 23.86 -7.34
C ASN A 529 -28.82 22.91 -6.43
N LEU A 530 -30.09 23.21 -6.16
CA LEU A 530 -30.89 22.47 -5.19
C LEU A 530 -32.27 22.17 -5.76
N VAL A 531 -32.77 20.98 -5.46
CA VAL A 531 -34.13 20.58 -5.80
C VAL A 531 -34.58 19.53 -4.78
N LYS A 532 -35.83 19.65 -4.35
CA LYS A 532 -36.38 18.79 -3.30
C LYS A 532 -37.42 17.84 -3.89
N ASN A 533 -37.80 16.87 -3.07
CA ASN A 533 -38.87 15.91 -3.40
C ASN A 533 -38.56 15.13 -4.67
N LYS A 534 -37.29 14.87 -4.94
CA LYS A 534 -36.88 14.11 -6.12
C LYS A 534 -35.73 13.19 -5.74
N CYS A 535 -35.66 12.06 -6.44
CA CYS A 535 -34.57 11.10 -6.24
C CYS A 535 -33.30 11.60 -6.91
N VAL A 536 -32.49 12.36 -6.17
CA VAL A 536 -31.29 12.97 -6.72
C VAL A 536 -30.11 12.60 -5.83
N ASN A 537 -28.91 12.59 -6.43
CA ASN A 537 -27.70 12.34 -5.67
C ASN A 537 -27.27 13.61 -4.94
N PHE A 538 -27.19 13.53 -3.61
CA PHE A 538 -26.84 14.67 -2.78
C PHE A 538 -25.36 14.60 -2.41
N ASN A 539 -24.71 15.76 -2.39
CA ASN A 539 -23.29 15.85 -2.04
C ASN A 539 -23.09 17.18 -1.31
N PHE A 540 -23.13 17.12 0.01
CA PHE A 540 -22.93 18.29 0.87
C PHE A 540 -21.60 18.11 1.61
N ASN A 541 -20.55 18.74 1.08
CA ASN A 541 -19.18 18.62 1.59
C ASN A 541 -18.86 17.17 1.98
N GLY A 542 -19.14 16.26 1.05
CA GLY A 542 -18.98 14.84 1.29
C GLY A 542 -20.31 14.13 1.46
N LEU A 543 -20.22 12.92 2.01
CA LEU A 543 -21.38 12.07 2.26
C LEU A 543 -22.16 11.81 0.96
N LYS A 544 -21.49 11.16 0.02
CA LYS A 544 -22.10 10.85 -1.27
C LYS A 544 -23.10 9.72 -1.13
N GLY A 545 -24.30 9.93 -1.65
CA GLY A 545 -25.33 8.92 -1.57
C GLY A 545 -26.50 9.26 -2.46
N THR A 546 -27.55 8.44 -2.35
CA THR A 546 -28.76 8.61 -3.13
C THR A 546 -29.96 8.67 -2.20
N GLY A 547 -30.88 9.58 -2.47
CA GLY A 547 -32.07 9.70 -1.66
C GLY A 547 -32.81 10.97 -1.99
N VAL A 548 -33.95 11.16 -1.32
CA VAL A 548 -34.78 12.33 -1.50
C VAL A 548 -34.44 13.33 -0.39
N LEU A 549 -34.82 14.59 -0.62
CA LEU A 549 -34.54 15.68 0.31
C LEU A 549 -35.87 16.29 0.75
N THR A 550 -36.22 16.08 2.02
CA THR A 550 -37.43 16.64 2.60
C THR A 550 -37.08 17.40 3.88
N GLU A 551 -37.90 18.40 4.21
CA GLU A 551 -37.66 19.22 5.38
C GLU A 551 -38.03 18.45 6.65
N SER A 552 -37.21 18.59 7.68
CA SER A 552 -37.40 17.91 8.95
C SER A 552 -38.03 18.85 9.96
N ASN A 553 -38.43 18.27 11.09
CA ASN A 553 -39.03 19.02 12.19
C ASN A 553 -38.17 19.05 13.44
N LYS A 554 -37.00 18.40 13.42
CA LYS A 554 -36.13 18.36 14.58
C LYS A 554 -35.35 19.66 14.72
N LYS A 555 -35.02 20.00 15.96
CA LYS A 555 -34.27 21.22 16.28
C LYS A 555 -32.80 20.84 16.43
N PHE A 556 -32.01 21.06 15.37
CA PHE A 556 -30.59 20.74 15.40
C PHE A 556 -29.80 21.85 16.06
N LEU A 557 -28.63 21.49 16.59
CA LEU A 557 -27.75 22.44 17.23
C LEU A 557 -26.97 23.24 16.19
N PRO A 558 -26.57 24.47 16.52
CA PRO A 558 -25.88 25.31 15.52
C PRO A 558 -24.55 24.74 15.04
N PHE A 559 -23.85 23.94 15.84
CA PHE A 559 -22.57 23.39 15.42
C PHE A 559 -22.70 22.03 14.75
N GLN A 560 -23.91 21.47 14.66
CA GLN A 560 -24.12 20.19 14.00
C GLN A 560 -24.25 20.39 12.49
N GLN A 561 -23.71 19.43 11.74
CA GLN A 561 -23.75 19.47 10.29
C GLN A 561 -24.65 18.40 9.70
N PHE A 562 -24.44 17.13 10.08
CA PHE A 562 -25.26 16.03 9.58
C PHE A 562 -25.66 15.14 10.74
N GLY A 563 -26.92 14.71 10.73
CA GLY A 563 -27.46 13.84 11.76
C GLY A 563 -27.65 12.43 11.23
N ARG A 564 -27.23 11.45 12.03
CA ARG A 564 -27.33 10.04 11.67
C ARG A 564 -28.19 9.32 12.70
N ASP A 565 -29.00 8.38 12.23
CA ASP A 565 -29.87 7.59 13.10
C ASP A 565 -29.10 6.41 13.66
N ILE A 566 -29.81 5.48 14.31
CA ILE A 566 -29.16 4.32 14.90
C ILE A 566 -28.63 3.39 13.80
N ALA A 567 -27.75 2.48 14.20
CA ALA A 567 -27.13 1.50 13.30
C ALA A 567 -26.33 2.19 12.20
N ASP A 568 -25.81 3.39 12.48
CA ASP A 568 -24.96 4.15 11.57
C ASP A 568 -25.68 4.37 10.23
N THR A 569 -26.80 5.08 10.32
CA THR A 569 -27.62 5.41 9.16
C THR A 569 -27.87 6.91 9.16
N THR A 570 -27.46 7.58 8.09
CA THR A 570 -27.64 9.04 7.99
C THR A 570 -29.13 9.36 7.85
N ASP A 571 -29.62 10.21 8.74
CA ASP A 571 -31.04 10.55 8.77
C ASP A 571 -31.33 11.94 8.22
N ALA A 572 -30.53 12.94 8.57
CA ALA A 572 -30.77 14.31 8.12
C ALA A 572 -29.44 15.04 8.00
N VAL A 573 -29.48 16.14 7.24
CA VAL A 573 -28.30 16.96 7.02
C VAL A 573 -28.77 18.35 6.62
N ARG A 574 -28.05 19.38 7.09
CA ARG A 574 -28.38 20.76 6.80
C ARG A 574 -27.59 21.25 5.60
N ASP A 575 -28.16 22.23 4.90
CA ASP A 575 -27.49 22.78 3.73
C ASP A 575 -26.41 23.78 4.15
N PRO A 576 -25.29 23.81 3.42
CA PRO A 576 -24.22 24.76 3.79
C PRO A 576 -24.58 26.21 3.55
N GLN A 577 -25.59 26.51 2.74
CA GLN A 577 -25.96 27.89 2.41
C GLN A 577 -27.15 28.36 3.24
N THR A 578 -28.27 27.65 3.17
CA THR A 578 -29.48 28.05 3.87
C THR A 578 -29.50 27.65 5.34
N LEU A 579 -28.58 26.76 5.75
CA LEU A 579 -28.49 26.29 7.13
C LEU A 579 -29.78 25.65 7.62
N GLU A 580 -30.59 25.11 6.71
CA GLU A 580 -31.84 24.43 7.07
C GLU A 580 -31.64 22.92 6.97
N ILE A 581 -32.11 22.21 7.98
CA ILE A 581 -31.92 20.76 8.06
C ILE A 581 -32.92 20.08 7.14
N LEU A 582 -32.42 19.21 6.26
CA LEU A 582 -33.24 18.45 5.33
C LEU A 582 -33.14 16.97 5.67
N ASP A 583 -34.28 16.36 6.02
CA ASP A 583 -34.32 14.95 6.34
C ASP A 583 -34.29 14.12 5.06
N ILE A 584 -33.38 13.16 4.99
CA ILE A 584 -33.25 12.30 3.82
C ILE A 584 -34.00 11.00 4.07
N THR A 585 -34.40 10.34 2.98
CA THR A 585 -35.14 9.08 3.04
C THR A 585 -34.62 8.20 1.92
N PRO A 586 -34.32 6.94 2.19
CA PRO A 586 -33.84 6.05 1.12
C PRO A 586 -34.88 5.88 0.02
N CYS A 587 -34.43 5.41 -1.13
CA CYS A 587 -35.30 5.22 -2.28
C CYS A 587 -36.30 4.10 -2.02
N SER A 588 -37.31 4.04 -2.87
CA SER A 588 -38.35 3.02 -2.75
C SER A 588 -37.83 1.69 -3.29
N PHE A 589 -37.71 0.70 -2.41
CA PHE A 589 -37.25 -0.62 -2.80
C PHE A 589 -37.96 -1.67 -1.96
N GLY A 590 -38.05 -2.88 -2.50
CA GLY A 590 -38.70 -3.96 -1.79
C GLY A 590 -38.63 -5.24 -2.59
N GLY A 591 -39.22 -6.29 -2.03
CA GLY A 591 -39.21 -7.58 -2.68
C GLY A 591 -40.26 -7.66 -3.77
N VAL A 592 -39.86 -8.24 -4.90
CA VAL A 592 -40.74 -8.44 -6.05
C VAL A 592 -40.96 -9.93 -6.21
N SER A 593 -42.21 -10.36 -6.06
CA SER A 593 -42.58 -11.76 -6.17
C SER A 593 -43.62 -11.93 -7.27
N VAL A 594 -43.45 -12.95 -8.09
CA VAL A 594 -44.34 -13.24 -9.21
C VAL A 594 -45.28 -14.36 -8.80
N ILE A 595 -46.58 -14.07 -8.77
CA ILE A 595 -47.60 -15.05 -8.40
C ILE A 595 -48.05 -15.74 -9.68
N THR A 596 -47.47 -16.92 -9.95
CA THR A 596 -47.80 -17.68 -11.15
C THR A 596 -48.50 -18.98 -10.77
N PRO A 597 -49.60 -19.32 -11.43
CA PRO A 597 -50.32 -20.57 -11.13
C PRO A 597 -49.76 -21.80 -11.84
N GLY A 598 -48.57 -21.73 -12.42
CA GLY A 598 -48.00 -22.85 -13.14
C GLY A 598 -48.09 -22.69 -14.64
N THR A 599 -47.00 -22.97 -15.34
CA THR A 599 -46.95 -22.82 -16.79
C THR A 599 -47.78 -23.86 -17.52
N ASN A 600 -48.19 -24.94 -16.85
CA ASN A 600 -49.00 -25.96 -17.51
C ASN A 600 -50.44 -25.49 -17.70
N THR A 601 -50.96 -24.70 -16.77
CA THR A 601 -52.34 -24.23 -16.84
C THR A 601 -52.46 -22.99 -17.72
N SER A 602 -51.72 -21.93 -17.39
CA SER A 602 -51.77 -20.68 -18.15
C SER A 602 -50.46 -19.94 -17.95
N ASN A 603 -50.25 -18.94 -18.82
CA ASN A 603 -49.04 -18.11 -18.77
C ASN A 603 -49.28 -16.77 -18.10
N GLN A 604 -50.49 -16.51 -17.59
CA GLN A 604 -50.78 -15.25 -16.94
C GLN A 604 -50.15 -15.21 -15.56
N VAL A 605 -49.47 -14.11 -15.25
CA VAL A 605 -48.78 -13.93 -13.97
C VAL A 605 -49.23 -12.64 -13.33
N ALA A 606 -48.89 -12.48 -12.06
CA ALA A 606 -49.23 -11.28 -11.29
C ALA A 606 -48.05 -10.89 -10.44
N VAL A 607 -47.71 -9.60 -10.45
CA VAL A 607 -46.58 -9.08 -9.71
C VAL A 607 -47.05 -8.66 -8.32
N LEU A 608 -46.13 -8.70 -7.35
CA LEU A 608 -46.42 -8.32 -5.98
C LEU A 608 -45.21 -7.56 -5.43
N TYR A 609 -45.35 -6.25 -5.28
CA TYR A 609 -44.29 -5.40 -4.74
C TYR A 609 -44.45 -5.35 -3.22
N GLN A 610 -43.49 -5.93 -2.51
CA GLN A 610 -43.59 -6.05 -1.06
C GLN A 610 -43.08 -4.80 -0.36
N GLY A 611 -43.84 -4.31 0.62
CA GLY A 611 -43.38 -3.23 1.47
C GLY A 611 -43.47 -1.84 0.87
N VAL A 612 -44.28 -1.66 -0.18
CA VAL A 612 -44.45 -0.35 -0.79
C VAL A 612 -45.94 -0.07 -0.96
N ASN A 613 -46.27 1.22 -1.04
CA ASN A 613 -47.64 1.63 -1.24
C ASN A 613 -47.99 1.60 -2.73
N CYS A 614 -49.28 1.49 -3.03
CA CYS A 614 -49.73 1.46 -4.41
C CYS A 614 -49.58 2.80 -5.12
N THR A 615 -49.44 3.90 -4.38
CA THR A 615 -49.21 5.20 -5.01
C THR A 615 -47.83 5.30 -5.62
N GLU A 616 -46.88 4.49 -5.16
CA GLU A 616 -45.52 4.45 -5.70
C GLU A 616 -45.36 3.22 -6.59
N VAL A 617 -44.57 3.37 -7.64
CA VAL A 617 -44.32 2.28 -8.57
C VAL A 617 -43.44 1.22 -7.93
N SER A 637 -54.00 -5.69 -14.87
CA SER A 637 -54.38 -4.29 -15.05
C SER A 637 -54.96 -3.72 -13.77
N ASN A 638 -55.69 -4.55 -13.03
CA ASN A 638 -56.29 -4.11 -11.77
C ASN A 638 -55.23 -3.99 -10.68
N VAL A 639 -55.41 -3.01 -9.81
CA VAL A 639 -54.48 -2.73 -8.72
C VAL A 639 -55.23 -2.86 -7.40
N PHE A 640 -54.69 -3.66 -6.49
CA PHE A 640 -55.27 -3.85 -5.17
C PHE A 640 -54.16 -3.78 -4.13
N GLN A 641 -54.46 -3.11 -3.02
CA GLN A 641 -53.48 -2.88 -1.96
C GLN A 641 -53.73 -3.86 -0.82
N THR A 642 -52.67 -4.53 -0.39
CA THR A 642 -52.71 -5.45 0.74
C THR A 642 -51.81 -4.95 1.85
N ARG A 643 -51.80 -5.69 2.96
CA ARG A 643 -50.94 -5.31 4.08
C ARG A 643 -49.48 -5.62 3.82
N ALA A 644 -49.21 -6.64 2.98
CA ALA A 644 -47.83 -6.98 2.65
C ALA A 644 -47.26 -6.05 1.59
N GLY A 645 -48.11 -5.47 0.75
CA GLY A 645 -47.64 -4.58 -0.29
C GLY A 645 -48.75 -4.25 -1.27
N CYS A 646 -48.35 -3.89 -2.48
CA CYS A 646 -49.27 -3.56 -3.56
C CYS A 646 -49.32 -4.72 -4.55
N LEU A 647 -50.53 -5.20 -4.84
CA LEU A 647 -50.73 -6.32 -5.74
C LEU A 647 -51.28 -5.79 -7.06
N ILE A 648 -50.59 -6.08 -8.15
CA ILE A 648 -50.97 -5.64 -9.49
C ILE A 648 -51.12 -6.88 -10.37
N GLY A 649 -52.28 -7.04 -10.98
CA GLY A 649 -52.54 -8.15 -11.86
C GLY A 649 -53.52 -9.20 -11.35
N ALA A 650 -54.34 -8.86 -10.35
CA ALA A 650 -55.29 -9.81 -9.80
C ALA A 650 -56.52 -9.04 -9.30
N GLU A 651 -57.70 -9.56 -9.63
CA GLU A 651 -58.95 -8.94 -9.21
C GLU A 651 -59.37 -9.49 -7.85
N TYR A 652 -59.70 -8.58 -6.93
CA TYR A 652 -60.10 -8.96 -5.58
C TYR A 652 -61.62 -9.13 -5.53
N VAL A 653 -62.06 -10.30 -5.07
CA VAL A 653 -63.47 -10.61 -4.96
C VAL A 653 -63.81 -10.85 -3.49
N ASN A 654 -65.11 -10.93 -3.21
CA ASN A 654 -65.60 -11.18 -1.87
C ASN A 654 -65.89 -12.65 -1.60
N ASN A 655 -65.85 -13.51 -2.61
CA ASN A 655 -66.10 -14.93 -2.43
C ASN A 655 -64.87 -15.58 -1.81
N SER A 656 -65.01 -16.10 -0.60
CA SER A 656 -63.90 -16.71 0.13
C SER A 656 -63.78 -18.18 -0.22
N TYR A 657 -62.56 -18.60 -0.56
CA TYR A 657 -62.27 -20.00 -0.88
C TYR A 657 -61.03 -20.42 -0.11
N GLU A 658 -60.54 -21.63 -0.40
CA GLU A 658 -59.35 -22.15 0.24
C GLU A 658 -58.11 -21.44 -0.28
N CYS A 659 -57.08 -21.38 0.56
CA CYS A 659 -55.84 -20.68 0.22
C CYS A 659 -54.99 -21.59 -0.65
N ASP A 660 -54.78 -21.19 -1.91
CA ASP A 660 -53.95 -21.93 -2.84
C ASP A 660 -52.51 -21.42 -2.90
N ILE A 661 -52.33 -20.12 -3.11
CA ILE A 661 -51.01 -19.50 -3.16
C ILE A 661 -50.92 -18.53 -1.98
N PRO A 662 -50.06 -18.80 -0.99
CA PRO A 662 -49.98 -17.90 0.17
C PRO A 662 -49.34 -16.57 -0.16
N ILE A 663 -50.12 -15.49 -0.05
CA ILE A 663 -49.61 -14.14 -0.30
C ILE A 663 -49.23 -13.51 1.04
N GLY A 664 -50.18 -13.41 1.94
CA GLY A 664 -49.96 -12.84 3.27
C GLY A 664 -51.16 -12.04 3.73
N ALA A 665 -51.21 -11.81 5.04
CA ALA A 665 -52.28 -11.03 5.68
C ALA A 665 -53.65 -11.64 5.41
N GLY A 666 -53.72 -12.97 5.45
CA GLY A 666 -54.99 -13.64 5.27
C GLY A 666 -55.57 -13.57 3.87
N ILE A 667 -54.77 -13.18 2.88
CA ILE A 667 -55.21 -13.08 1.49
C ILE A 667 -54.37 -14.04 0.66
N CYS A 668 -55.05 -14.81 -0.20
CA CYS A 668 -54.38 -15.75 -1.09
C CYS A 668 -54.94 -15.61 -2.49
N ALA A 669 -54.23 -16.21 -3.44
CA ALA A 669 -54.62 -16.16 -4.85
C ALA A 669 -54.75 -17.57 -5.41
N SER A 670 -55.53 -17.70 -6.47
CA SER A 670 -55.76 -18.99 -7.12
C SER A 670 -56.18 -18.73 -8.55
N TYR A 671 -56.54 -19.80 -9.25
CA TYR A 671 -57.00 -19.72 -10.63
C TYR A 671 -58.52 -19.80 -10.66
N GLN A 672 -59.15 -18.88 -11.39
CA GLN A 672 -60.60 -18.80 -11.42
C GLN A 672 -61.20 -19.90 -12.29
N THR A 673 -60.83 -19.93 -13.56
CA THR A 673 -61.36 -20.90 -14.52
C THR A 673 -62.88 -20.86 -14.59
N GLN A 687 -59.59 -18.33 -16.49
CA GLN A 687 -59.79 -17.07 -17.19
C GLN A 687 -58.75 -16.04 -16.79
N SER A 688 -58.68 -15.76 -15.48
CA SER A 688 -57.74 -14.77 -14.98
C SER A 688 -57.43 -15.10 -13.51
N ILE A 689 -56.36 -14.50 -13.01
CA ILE A 689 -55.95 -14.68 -11.63
C ILE A 689 -56.96 -13.99 -10.72
N ILE A 690 -57.43 -14.72 -9.71
CA ILE A 690 -58.43 -14.23 -8.78
C ILE A 690 -57.79 -14.02 -7.42
N ALA A 691 -58.22 -12.97 -6.72
CA ALA A 691 -57.73 -12.64 -5.39
C ALA A 691 -58.89 -12.66 -4.41
N TYR A 692 -58.65 -13.24 -3.25
CA TYR A 692 -59.69 -13.40 -2.25
C TYR A 692 -59.06 -13.64 -0.88
N THR A 693 -59.83 -13.37 0.16
CA THR A 693 -59.38 -13.62 1.52
C THR A 693 -59.51 -15.10 1.86
N MET A 694 -58.71 -15.55 2.82
CA MET A 694 -58.69 -16.95 3.20
C MET A 694 -59.95 -17.31 3.97
N SER A 695 -60.62 -18.37 3.54
CA SER A 695 -61.82 -18.86 4.22
C SER A 695 -61.42 -19.77 5.37
N LEU A 696 -61.85 -19.43 6.59
CA LEU A 696 -61.51 -20.22 7.75
C LEU A 696 -62.27 -21.54 7.81
N GLY A 697 -63.40 -21.64 7.13
CA GLY A 697 -64.17 -22.87 7.13
C GLY A 697 -65.65 -22.57 7.09
N ALA A 698 -66.43 -23.63 6.98
CA ALA A 698 -67.88 -23.52 6.94
C ALA A 698 -68.44 -23.23 8.33
N GLU A 699 -69.36 -22.27 8.40
CA GLU A 699 -69.96 -21.91 9.67
C GLU A 699 -70.92 -23.00 10.13
N ASN A 700 -70.73 -23.47 11.36
CA ASN A 700 -71.57 -24.53 11.94
C ASN A 700 -71.87 -24.16 13.38
N SER A 701 -73.01 -23.52 13.61
CA SER A 701 -73.44 -23.13 14.94
C SER A 701 -74.20 -24.28 15.57
N VAL A 702 -73.61 -24.91 16.59
CA VAL A 702 -74.24 -26.04 17.27
C VAL A 702 -75.36 -25.52 18.16
N ALA A 703 -76.54 -26.10 18.01
CA ALA A 703 -77.69 -25.70 18.82
C ALA A 703 -77.56 -26.23 20.23
N TYR A 704 -76.86 -25.50 21.09
CA TYR A 704 -76.63 -25.94 22.46
C TYR A 704 -77.89 -25.76 23.30
N SER A 705 -78.18 -26.77 24.12
CA SER A 705 -79.32 -26.73 25.02
C SER A 705 -78.89 -27.28 26.37
N ASN A 706 -79.83 -27.28 27.32
CA ASN A 706 -79.54 -27.65 28.69
C ASN A 706 -79.84 -29.12 29.00
N ASN A 707 -80.71 -29.79 28.24
CA ASN A 707 -81.10 -31.15 28.57
C ASN A 707 -81.14 -32.06 27.35
N SER A 708 -80.31 -31.81 26.34
CA SER A 708 -80.26 -32.65 25.16
C SER A 708 -78.84 -33.13 24.93
N ILE A 709 -78.73 -34.23 24.19
CA ILE A 709 -77.44 -34.85 23.89
C ILE A 709 -77.55 -35.54 22.54
N ALA A 710 -76.40 -35.74 21.89
CA ALA A 710 -76.33 -36.36 20.57
C ALA A 710 -75.44 -37.60 20.68
N ILE A 711 -75.96 -38.73 20.22
CA ILE A 711 -75.24 -40.01 20.23
C ILE A 711 -75.34 -40.61 18.83
N PRO A 712 -74.23 -41.01 18.23
CA PRO A 712 -74.30 -41.54 16.86
C PRO A 712 -74.87 -42.95 16.82
N THR A 713 -75.56 -43.25 15.72
CA THR A 713 -76.14 -44.58 15.52
C THR A 713 -75.24 -45.49 14.70
N ASN A 714 -74.54 -44.95 13.71
CA ASN A 714 -73.65 -45.70 12.84
C ASN A 714 -72.24 -45.11 12.95
N PHE A 715 -71.32 -45.65 12.14
CA PHE A 715 -69.94 -45.18 12.16
C PHE A 715 -69.30 -45.46 10.82
N THR A 716 -68.25 -44.69 10.52
CA THR A 716 -67.49 -44.84 9.28
C THR A 716 -66.02 -44.98 9.63
N ILE A 717 -65.36 -45.95 9.01
CA ILE A 717 -63.94 -46.23 9.26
C ILE A 717 -63.13 -45.63 8.12
N SER A 718 -62.20 -44.75 8.46
CA SER A 718 -61.33 -44.10 7.50
C SER A 718 -59.87 -44.37 7.84
N VAL A 719 -59.03 -44.39 6.82
CA VAL A 719 -57.60 -44.63 6.96
C VAL A 719 -56.84 -43.40 6.49
N THR A 720 -56.00 -42.86 7.37
CA THR A 720 -55.21 -41.67 7.07
C THR A 720 -53.76 -42.07 6.79
N THR A 721 -53.19 -41.51 5.74
CA THR A 721 -51.80 -41.78 5.36
C THR A 721 -50.88 -40.76 6.00
N GLU A 722 -49.82 -41.24 6.64
CA GLU A 722 -48.84 -40.40 7.31
C GLU A 722 -47.49 -40.56 6.67
N ILE A 723 -46.85 -39.44 6.35
CA ILE A 723 -45.55 -39.42 5.68
C ILE A 723 -44.53 -38.83 6.64
N LEU A 724 -43.49 -39.61 6.97
CA LEU A 724 -42.45 -39.19 7.88
C LEU A 724 -41.10 -39.72 7.39
N PRO A 725 -40.16 -38.84 7.05
CA PRO A 725 -38.83 -39.30 6.64
C PRO A 725 -37.99 -39.71 7.84
N VAL A 726 -37.22 -40.78 7.67
CA VAL A 726 -36.40 -41.32 8.75
C VAL A 726 -34.94 -41.35 8.37
N SER A 727 -34.65 -41.36 7.07
CA SER A 727 -33.29 -41.48 6.58
C SER A 727 -33.05 -40.51 5.42
N MET A 728 -31.78 -40.28 5.14
CA MET A 728 -31.33 -39.43 4.04
C MET A 728 -30.28 -40.16 3.21
N THR A 729 -29.67 -39.42 2.29
CA THR A 729 -28.58 -39.95 1.47
C THR A 729 -27.25 -39.66 2.16
N LYS A 730 -26.51 -40.72 2.50
CA LYS A 730 -25.21 -40.57 3.14
C LYS A 730 -24.20 -40.11 2.11
N THR A 731 -23.66 -38.90 2.28
CA THR A 731 -22.75 -38.30 1.33
C THR A 731 -21.37 -38.12 1.97
N SER A 732 -20.34 -38.55 1.25
CA SER A 732 -18.96 -38.39 1.69
C SER A 732 -18.23 -37.49 0.70
N VAL A 733 -17.64 -36.41 1.20
CA VAL A 733 -16.94 -35.43 0.38
C VAL A 733 -15.45 -35.56 0.64
N ASP A 734 -14.68 -35.68 -0.43
CA ASP A 734 -13.22 -35.75 -0.33
C ASP A 734 -12.63 -34.34 -0.34
N CYS A 735 -11.54 -34.17 0.41
CA CYS A 735 -10.92 -32.85 0.51
C CYS A 735 -10.03 -32.55 -0.69
N THR A 736 -9.18 -33.51 -1.08
CA THR A 736 -8.22 -33.26 -2.15
C THR A 736 -8.90 -33.12 -3.50
N MET A 737 -9.87 -33.99 -3.79
CA MET A 737 -10.55 -33.95 -5.09
C MET A 737 -11.45 -32.74 -5.23
N TYR A 738 -11.92 -32.18 -4.12
CA TYR A 738 -12.81 -31.02 -4.18
C TYR A 738 -12.03 -29.71 -4.15
N ILE A 739 -11.20 -29.52 -3.12
CA ILE A 739 -10.48 -28.26 -2.96
C ILE A 739 -9.34 -28.15 -3.97
N CYS A 740 -8.55 -29.21 -4.09
CA CYS A 740 -7.41 -29.21 -4.99
C CYS A 740 -7.69 -29.87 -6.34
N GLY A 741 -8.51 -30.91 -6.37
CA GLY A 741 -8.76 -31.63 -7.61
C GLY A 741 -7.62 -32.55 -7.98
N ASP A 742 -6.96 -32.27 -9.12
CA ASP A 742 -5.84 -33.07 -9.59
C ASP A 742 -4.52 -32.32 -9.53
N SER A 743 -4.42 -31.30 -8.68
CA SER A 743 -3.20 -30.52 -8.54
C SER A 743 -2.35 -31.08 -7.41
N THR A 744 -1.05 -31.28 -7.69
CA THR A 744 -0.14 -31.81 -6.67
C THR A 744 0.47 -30.73 -5.80
N GLU A 745 0.66 -29.53 -6.32
CA GLU A 745 1.21 -28.45 -5.50
C GLU A 745 0.18 -27.93 -4.50
N CYS A 746 -1.10 -28.14 -4.77
CA CYS A 746 -2.15 -27.70 -3.87
C CYS A 746 -2.27 -28.58 -2.64
N SER A 747 -1.98 -29.89 -2.77
CA SER A 747 -2.10 -30.79 -1.64
C SER A 747 -1.06 -30.49 -0.57
N ASN A 748 0.06 -29.89 -0.94
CA ASN A 748 1.09 -29.54 0.03
C ASN A 748 0.71 -28.33 0.87
N LEU A 749 -0.27 -27.54 0.43
CA LEU A 749 -0.68 -26.36 1.18
C LEU A 749 -1.85 -26.62 2.12
N LEU A 750 -2.64 -27.66 1.86
CA LEU A 750 -3.74 -28.00 2.77
C LEU A 750 -3.24 -28.55 4.09
N LEU A 751 -2.01 -29.07 4.14
CA LEU A 751 -1.46 -29.61 5.37
C LEU A 751 -1.12 -28.50 6.37
N GLN A 752 -0.99 -27.26 5.90
CA GLN A 752 -0.64 -26.15 6.79
C GLN A 752 -1.86 -25.55 7.49
N TYR A 753 -3.07 -25.86 7.04
CA TYR A 753 -4.28 -25.29 7.62
C TYR A 753 -4.73 -26.02 8.87
N GLY A 754 -4.25 -27.24 9.12
CA GLY A 754 -4.66 -27.98 10.29
C GLY A 754 -5.46 -29.22 9.98
N SER A 755 -6.53 -29.44 10.73
CA SER A 755 -7.33 -30.66 10.59
C SER A 755 -8.78 -30.36 10.25
N PHE A 756 -9.01 -29.43 9.32
CA PHE A 756 -10.37 -29.14 8.87
C PHE A 756 -11.01 -30.37 8.23
N CYS A 757 -10.29 -31.00 7.29
CA CYS A 757 -10.77 -32.21 6.65
C CYS A 757 -11.04 -33.33 7.65
N THR A 758 -10.26 -33.42 8.73
CA THR A 758 -10.54 -34.39 9.77
C THR A 758 -11.87 -34.12 10.44
N GLN A 759 -12.22 -32.85 10.61
CA GLN A 759 -13.53 -32.50 11.16
C GLN A 759 -14.65 -32.82 10.19
N LEU A 760 -14.45 -32.50 8.91
CA LEU A 760 -15.50 -32.74 7.91
C LEU A 760 -15.77 -34.23 7.73
N LYS A 761 -14.72 -35.04 7.58
CA LYS A 761 -14.90 -36.47 7.42
C LYS A 761 -15.54 -37.11 8.66
N ARG A 762 -15.14 -36.66 9.85
CA ARG A 762 -15.75 -37.16 11.08
C ARG A 762 -17.22 -36.78 11.17
N ALA A 763 -17.59 -35.56 10.78
CA ALA A 763 -18.99 -35.17 10.81
C ALA A 763 -19.81 -35.96 9.81
N LEU A 764 -19.26 -36.19 8.61
CA LEU A 764 -19.96 -37.00 7.62
C LEU A 764 -20.13 -38.44 8.08
N THR A 765 -19.09 -39.02 8.69
CA THR A 765 -19.23 -40.36 9.23
C THR A 765 -20.25 -40.42 10.36
N GLY A 766 -20.27 -39.40 11.21
CA GLY A 766 -21.28 -39.34 12.25
C GLY A 766 -22.68 -39.26 11.71
N ILE A 767 -22.89 -38.45 10.67
CA ILE A 767 -24.21 -38.38 10.05
C ILE A 767 -24.59 -39.71 9.41
N ALA A 768 -23.63 -40.37 8.76
CA ALA A 768 -23.89 -41.67 8.15
C ALA A 768 -24.27 -42.72 9.19
N VAL A 769 -23.61 -42.71 10.34
CA VAL A 769 -23.96 -43.66 11.40
C VAL A 769 -25.29 -43.28 12.03
N GLU A 770 -25.58 -41.99 12.12
CA GLU A 770 -26.83 -41.53 12.73
C GLU A 770 -28.03 -41.93 11.88
N GLN A 771 -27.92 -41.84 10.56
CA GLN A 771 -29.02 -42.26 9.70
C GLN A 771 -29.29 -43.75 9.84
N ASP A 772 -28.24 -44.57 9.89
CA ASP A 772 -28.42 -46.01 10.08
C ASP A 772 -29.02 -46.32 11.44
N LYS A 773 -28.57 -45.63 12.48
CA LYS A 773 -29.16 -45.82 13.81
C LYS A 773 -30.63 -45.44 13.84
N ASN A 774 -31.01 -44.35 13.16
CA ASN A 774 -32.40 -43.94 13.12
C ASN A 774 -33.25 -44.96 12.37
N THR A 775 -32.81 -45.39 11.19
CA THR A 775 -33.60 -46.37 10.44
C THR A 775 -33.65 -47.73 11.13
N GLN A 776 -32.63 -48.07 11.93
CA GLN A 776 -32.69 -49.32 12.69
C GLN A 776 -33.61 -49.21 13.89
N GLU A 777 -33.61 -48.06 14.57
CA GLU A 777 -34.56 -47.85 15.66
C GLU A 777 -36.00 -47.74 15.17
N VAL A 778 -36.19 -47.37 13.90
CA VAL A 778 -37.54 -47.26 13.34
C VAL A 778 -38.03 -48.63 12.85
N PHE A 779 -37.26 -49.26 11.95
CA PHE A 779 -37.75 -50.46 11.27
C PHE A 779 -37.45 -51.75 12.02
N ALA A 780 -36.39 -51.80 12.83
CA ALA A 780 -35.99 -53.02 13.51
C ALA A 780 -36.46 -53.05 14.96
N GLN A 781 -37.66 -52.53 15.23
CA GLN A 781 -38.19 -52.57 16.60
C GLN A 781 -38.43 -54.00 17.08
N VAL A 782 -38.74 -54.91 16.18
CA VAL A 782 -38.99 -56.31 16.53
C VAL A 782 -37.69 -57.08 16.45
N LYS A 783 -37.58 -58.14 17.25
CA LYS A 783 -36.39 -58.98 17.28
C LYS A 783 -36.52 -60.24 16.46
N GLN A 784 -37.73 -60.78 16.31
CA GLN A 784 -37.97 -62.00 15.56
C GLN A 784 -38.84 -61.70 14.35
N ILE A 785 -38.55 -62.38 13.25
CA ILE A 785 -39.30 -62.21 12.01
C ILE A 785 -40.49 -63.16 12.02
N TYR A 786 -41.68 -62.61 11.79
CA TYR A 786 -42.91 -63.39 11.75
C TYR A 786 -43.39 -63.53 10.32
N LYS A 787 -43.83 -64.74 9.96
CA LYS A 787 -44.29 -65.05 8.63
C LYS A 787 -45.81 -65.15 8.61
N THR A 788 -46.43 -64.67 7.54
CA THR A 788 -47.87 -64.73 7.40
C THR A 788 -48.32 -66.14 7.05
N PRO A 789 -49.47 -66.57 7.59
CA PRO A 789 -49.95 -67.91 7.28
C PRO A 789 -50.44 -67.99 5.84
N PRO A 790 -50.45 -69.18 5.23
CA PRO A 790 -50.90 -69.29 3.84
C PRO A 790 -52.39 -69.03 3.68
N ILE A 791 -53.20 -69.32 4.70
CA ILE A 791 -54.64 -69.07 4.64
C ILE A 791 -54.85 -67.57 4.84
N LYS A 792 -55.13 -66.86 3.75
CA LYS A 792 -55.33 -65.41 3.79
C LYS A 792 -56.79 -65.07 4.08
N TYR A 793 -57.28 -65.61 5.20
CA TYR A 793 -58.64 -65.37 5.66
C TYR A 793 -58.59 -64.95 7.13
N PHE A 794 -59.15 -63.79 7.44
CA PHE A 794 -59.16 -63.24 8.78
C PHE A 794 -60.54 -62.75 9.16
N GLY A 795 -61.56 -63.56 8.89
CA GLY A 795 -62.93 -63.19 9.22
C GLY A 795 -63.54 -62.15 8.32
N GLY A 796 -63.35 -62.29 7.01
CA GLY A 796 -63.91 -61.36 6.04
C GLY A 796 -63.02 -60.18 5.69
N PHE A 797 -62.02 -59.88 6.52
CA PHE A 797 -61.12 -58.78 6.23
C PHE A 797 -60.14 -59.16 5.14
N ASN A 798 -59.67 -58.16 4.41
CA ASN A 798 -58.77 -58.34 3.28
C ASN A 798 -57.49 -57.55 3.53
N PHE A 799 -56.35 -58.25 3.49
CA PHE A 799 -55.05 -57.64 3.72
C PHE A 799 -54.10 -57.83 2.54
N SER A 800 -54.63 -58.11 1.36
CA SER A 800 -53.79 -58.33 0.19
C SER A 800 -53.15 -57.06 -0.31
N GLN A 801 -53.70 -55.88 0.01
CA GLN A 801 -53.14 -54.63 -0.44
C GLN A 801 -51.94 -54.19 0.39
N ILE A 802 -51.74 -54.77 1.57
CA ILE A 802 -50.62 -54.40 2.42
C ILE A 802 -49.58 -55.52 2.55
N LEU A 803 -49.96 -56.77 2.31
CA LEU A 803 -49.02 -57.89 2.40
C LEU A 803 -48.32 -58.08 1.05
N PRO A 804 -47.05 -58.48 1.07
CA PRO A 804 -46.33 -58.64 -0.20
C PRO A 804 -46.60 -59.98 -0.85
N ASP A 805 -46.54 -59.98 -2.19
CA ASP A 805 -46.79 -61.17 -2.99
C ASP A 805 -45.48 -61.73 -3.55
N PRO A 806 -45.32 -63.06 -3.58
CA PRO A 806 -44.09 -63.64 -4.10
C PRO A 806 -43.94 -63.55 -5.62
N SER A 807 -44.90 -62.95 -6.33
CA SER A 807 -44.80 -62.85 -7.77
C SER A 807 -43.74 -61.85 -8.20
N LYS A 808 -43.61 -60.74 -7.48
CA LYS A 808 -42.61 -59.74 -7.84
C LYS A 808 -41.21 -60.22 -7.43
N PRO A 809 -40.18 -59.80 -8.17
CA PRO A 809 -38.80 -60.16 -7.79
C PRO A 809 -38.44 -59.63 -6.40
N SER A 810 -38.86 -58.40 -6.11
CA SER A 810 -38.68 -57.81 -4.80
C SER A 810 -39.95 -58.03 -3.97
N LYS A 811 -39.77 -58.53 -2.76
CA LYS A 811 -40.92 -58.84 -1.91
C LYS A 811 -41.54 -57.58 -1.33
N ARG A 812 -42.41 -56.95 -2.11
CA ARG A 812 -43.14 -55.77 -1.67
C ARG A 812 -44.61 -55.89 -2.06
N SER A 813 -45.45 -55.11 -1.40
CA SER A 813 -46.88 -55.13 -1.65
C SER A 813 -47.22 -54.15 -2.77
N PHE A 814 -48.52 -53.99 -3.04
CA PHE A 814 -48.94 -53.06 -4.08
C PHE A 814 -48.73 -51.62 -3.65
N ILE A 815 -49.02 -51.31 -2.38
CA ILE A 815 -48.81 -49.95 -1.87
C ILE A 815 -47.32 -49.62 -1.88
N GLU A 816 -46.47 -50.58 -1.50
CA GLU A 816 -45.03 -50.35 -1.54
C GLU A 816 -44.54 -50.12 -2.96
N ASP A 817 -45.05 -50.90 -3.93
CA ASP A 817 -44.67 -50.68 -5.32
C ASP A 817 -45.12 -49.31 -5.81
N LEU A 818 -46.33 -48.87 -5.44
CA LEU A 818 -46.79 -47.54 -5.81
C LEU A 818 -45.93 -46.45 -5.19
N LEU A 819 -45.54 -46.62 -3.92
CA LEU A 819 -44.69 -45.63 -3.27
C LEU A 819 -43.30 -45.58 -3.90
N PHE A 820 -42.78 -46.73 -4.33
CA PHE A 820 -41.48 -46.75 -4.97
C PHE A 820 -41.51 -46.19 -6.38
N ASN A 821 -42.62 -46.38 -7.11
CA ASN A 821 -42.73 -45.85 -8.45
C ASN A 821 -43.08 -44.37 -8.45
N LYS A 822 -43.73 -43.88 -7.40
CA LYS A 822 -44.10 -42.46 -7.34
C LYS A 822 -42.91 -41.59 -6.95
N VAL A 823 -42.13 -42.02 -5.97
CA VAL A 823 -40.98 -41.25 -5.50
C VAL A 823 -39.78 -41.63 -6.38
N THR A 824 -39.37 -40.70 -7.24
CA THR A 824 -38.23 -40.91 -8.12
C THR A 824 -36.95 -40.35 -7.50
N LEU A 825 -35.82 -40.85 -7.98
CA LEU A 825 -34.52 -40.41 -7.50
C LEU A 825 -33.68 -39.84 -8.64
N LYS A 851 -20.79 -35.52 -10.98
CA LYS A 851 -19.99 -36.09 -9.90
C LYS A 851 -18.51 -36.12 -10.26
N PHE A 852 -17.81 -37.14 -9.77
CA PHE A 852 -16.38 -37.32 -10.03
C PHE A 852 -15.57 -36.10 -9.58
N LYS A 853 -15.96 -35.52 -8.44
CA LYS A 853 -15.26 -34.37 -7.88
C LYS A 853 -15.07 -34.52 -6.38
N GLY A 854 -15.04 -35.75 -5.89
CA GLY A 854 -14.85 -36.03 -4.47
C GLY A 854 -16.14 -36.31 -3.71
N LEU A 855 -17.28 -35.91 -4.25
CA LEU A 855 -18.57 -36.11 -3.59
C LEU A 855 -19.17 -37.42 -4.06
N THR A 856 -19.37 -38.35 -3.13
CA THR A 856 -19.94 -39.66 -3.42
C THR A 856 -21.15 -39.90 -2.51
N VAL A 857 -21.98 -40.85 -2.90
CA VAL A 857 -23.18 -41.21 -2.15
C VAL A 857 -23.04 -42.66 -1.71
N LEU A 858 -22.94 -42.86 -0.39
CA LEU A 858 -22.81 -44.21 0.14
C LEU A 858 -24.19 -44.86 0.28
N PRO A 859 -24.33 -46.12 -0.09
CA PRO A 859 -25.61 -46.81 0.05
C PRO A 859 -25.90 -47.12 1.51
N PRO A 860 -27.18 -47.16 1.90
CA PRO A 860 -27.51 -47.41 3.31
C PRO A 860 -27.17 -48.84 3.71
N LEU A 861 -27.09 -49.05 5.03
CA LEU A 861 -26.80 -50.37 5.56
C LEU A 861 -27.96 -51.32 5.34
N LEU A 862 -29.17 -50.91 5.73
CA LEU A 862 -30.35 -51.74 5.58
C LEU A 862 -30.87 -51.62 4.14
N THR A 863 -30.87 -52.74 3.43
CA THR A 863 -31.37 -52.77 2.07
C THR A 863 -32.89 -52.62 2.06
N ASP A 864 -33.43 -52.12 0.94
CA ASP A 864 -34.87 -51.95 0.80
C ASP A 864 -35.62 -53.26 0.94
N GLU A 865 -35.06 -54.37 0.44
CA GLU A 865 -35.72 -55.65 0.63
C GLU A 865 -35.75 -56.05 2.11
N MET A 866 -34.68 -55.76 2.85
CA MET A 866 -34.66 -56.11 4.27
C MET A 866 -35.66 -55.29 5.07
N ILE A 867 -35.78 -53.99 4.82
CA ILE A 867 -36.78 -53.20 5.52
C ILE A 867 -38.20 -53.55 5.07
N ALA A 868 -38.37 -53.94 3.80
CA ALA A 868 -39.68 -54.44 3.37
C ALA A 868 -40.06 -55.73 4.09
N GLN A 869 -39.09 -56.63 4.27
CA GLN A 869 -39.33 -57.85 5.05
C GLN A 869 -39.60 -57.53 6.51
N TYR A 870 -38.92 -56.53 7.06
CA TYR A 870 -39.21 -56.10 8.44
C TYR A 870 -40.63 -55.58 8.57
N THR A 871 -41.08 -54.77 7.60
CA THR A 871 -42.46 -54.27 7.64
C THR A 871 -43.46 -55.39 7.47
N SER A 872 -43.17 -56.36 6.58
CA SER A 872 -44.05 -57.52 6.45
C SER A 872 -44.13 -58.34 7.72
N ALA A 873 -43.00 -58.54 8.41
CA ALA A 873 -43.01 -59.26 9.68
C ALA A 873 -43.76 -58.47 10.75
N LEU A 874 -43.62 -57.15 10.78
CA LEU A 874 -44.38 -56.33 11.72
C LEU A 874 -45.88 -56.42 11.46
N LEU A 875 -46.30 -56.41 10.18
CA LEU A 875 -47.70 -56.57 9.87
C LEU A 875 -48.21 -57.96 10.25
N ALA A 876 -47.45 -59.00 9.95
CA ALA A 876 -47.87 -60.36 10.29
C ALA A 876 -47.95 -60.56 11.79
N GLY A 877 -47.08 -59.88 12.55
CA GLY A 877 -47.17 -59.92 14.00
C GLY A 877 -48.31 -59.11 14.58
N THR A 878 -48.60 -57.95 14.00
CA THR A 878 -49.71 -57.13 14.47
C THR A 878 -51.05 -57.80 14.18
N ILE A 879 -51.16 -58.48 13.04
CA ILE A 879 -52.41 -59.15 12.70
C ILE A 879 -52.64 -60.41 13.54
N THR A 880 -51.59 -61.18 13.82
CA THR A 880 -51.75 -62.47 14.48
C THR A 880 -51.56 -62.42 16.00
N SER A 881 -50.95 -61.36 16.52
CA SER A 881 -50.68 -61.24 17.95
C SER A 881 -51.26 -59.99 18.59
N GLY A 882 -51.31 -58.88 17.87
CA GLY A 882 -51.86 -57.66 18.43
C GLY A 882 -50.91 -56.96 19.39
N TRP A 883 -51.23 -56.98 20.67
CA TRP A 883 -50.43 -56.30 21.68
C TRP A 883 -49.35 -57.18 22.30
N THR A 884 -49.36 -58.49 22.02
CA THR A 884 -48.46 -59.39 22.72
C THR A 884 -47.08 -59.47 22.08
N PHE A 885 -46.97 -59.30 20.76
CA PHE A 885 -45.68 -59.41 20.11
C PHE A 885 -44.78 -58.22 20.39
N GLY A 886 -45.36 -57.06 20.74
CA GLY A 886 -44.54 -55.90 21.03
C GLY A 886 -44.07 -55.83 22.47
N ALA A 887 -44.85 -56.37 23.40
CA ALA A 887 -44.50 -56.35 24.80
C ALA A 887 -43.75 -57.59 25.27
N GLY A 888 -43.76 -58.66 24.47
CA GLY A 888 -43.09 -59.88 24.85
C GLY A 888 -43.28 -61.01 23.85
N ALA A 889 -43.60 -62.20 24.35
CA ALA A 889 -43.81 -63.34 23.47
C ALA A 889 -45.10 -63.17 22.68
N ALA A 890 -45.07 -63.65 21.43
CA ALA A 890 -46.22 -63.54 20.55
C ALA A 890 -47.29 -64.55 20.95
N LEU A 891 -48.52 -64.07 21.11
CA LEU A 891 -49.65 -64.89 21.47
C LEU A 891 -50.66 -64.88 20.34
N GLN A 892 -51.05 -66.06 19.87
CA GLN A 892 -51.97 -66.16 18.74
C GLN A 892 -53.35 -65.63 19.11
N ILE A 893 -53.92 -64.82 18.22
CA ILE A 893 -55.25 -64.25 18.41
C ILE A 893 -55.82 -63.85 17.05
N PRO A 894 -57.04 -64.24 16.73
CA PRO A 894 -57.62 -63.86 15.43
C PRO A 894 -57.94 -62.38 15.38
N PHE A 895 -58.05 -61.86 14.15
CA PHE A 895 -58.32 -60.45 13.94
C PHE A 895 -59.73 -60.06 14.35
N ALA A 896 -60.72 -60.92 14.09
CA ALA A 896 -62.09 -60.62 14.49
C ALA A 896 -62.20 -60.48 16.00
N MET A 897 -61.47 -61.31 16.74
CA MET A 897 -61.44 -61.19 18.19
C MET A 897 -60.54 -60.06 18.67
N GLN A 898 -59.48 -59.73 17.92
CA GLN A 898 -58.65 -58.60 18.27
C GLN A 898 -59.41 -57.28 18.16
N MET A 899 -60.32 -57.18 17.18
CA MET A 899 -61.15 -55.98 17.05
C MET A 899 -62.02 -55.74 18.27
N ALA A 900 -62.33 -56.78 19.04
CA ALA A 900 -63.12 -56.60 20.26
C ALA A 900 -62.35 -55.76 21.27
N TYR A 901 -61.09 -56.08 21.51
CA TYR A 901 -60.25 -55.25 22.38
C TYR A 901 -59.87 -53.93 21.70
N ARG A 902 -59.84 -53.89 20.37
CA ARG A 902 -59.57 -52.63 19.68
C ARG A 902 -60.71 -51.63 19.89
N PHE A 903 -61.95 -52.11 19.96
CA PHE A 903 -63.07 -51.21 20.19
C PHE A 903 -63.25 -50.87 21.66
N ASN A 904 -62.82 -51.76 22.57
CA ASN A 904 -62.95 -51.50 24.00
C ASN A 904 -62.01 -50.41 24.49
N GLY A 905 -61.01 -50.03 23.69
CA GLY A 905 -60.10 -48.97 24.09
C GLY A 905 -60.70 -47.58 24.05
N ILE A 906 -61.78 -47.39 23.29
CA ILE A 906 -62.43 -46.10 23.16
C ILE A 906 -63.79 -46.09 23.85
N GLY A 907 -64.08 -47.12 24.66
CA GLY A 907 -65.32 -47.20 25.39
C GLY A 907 -66.44 -47.96 24.71
N VAL A 908 -66.23 -48.41 23.47
CA VAL A 908 -67.26 -49.14 22.75
C VAL A 908 -67.25 -50.60 23.16
N THR A 909 -68.44 -51.15 23.38
CA THR A 909 -68.55 -52.54 23.82
C THR A 909 -68.28 -53.51 22.67
N GLN A 910 -68.36 -54.79 22.98
CA GLN A 910 -68.07 -55.84 22.01
C GLN A 910 -69.30 -56.32 21.25
N ASN A 911 -70.49 -55.86 21.63
CA ASN A 911 -71.72 -56.34 20.99
C ASN A 911 -71.94 -55.75 19.60
N VAL A 912 -71.38 -54.57 19.32
CA VAL A 912 -71.57 -53.94 18.00
C VAL A 912 -70.60 -54.47 16.97
N LEU A 913 -69.61 -55.25 17.37
CA LEU A 913 -68.63 -55.78 16.42
C LEU A 913 -69.14 -57.03 15.72
N TYR A 914 -69.47 -58.06 16.50
CA TYR A 914 -69.92 -59.32 15.91
C TYR A 914 -71.28 -59.21 15.26
N GLU A 915 -72.11 -58.25 15.68
CA GLU A 915 -73.42 -58.07 15.06
C GLU A 915 -73.32 -57.36 13.72
N ASN A 916 -72.23 -56.64 13.47
CA ASN A 916 -72.01 -55.93 12.23
C ASN A 916 -70.60 -56.18 11.70
N GLN A 917 -70.18 -57.45 11.72
CA GLN A 917 -68.83 -57.79 11.27
C GLN A 917 -68.68 -57.62 9.76
N LYS A 918 -69.69 -58.04 9.00
CA LYS A 918 -69.61 -57.92 7.55
C LYS A 918 -69.55 -56.47 7.09
N LEU A 919 -70.32 -55.59 7.74
CA LEU A 919 -70.29 -54.17 7.38
C LEU A 919 -68.94 -53.55 7.68
N ILE A 920 -68.36 -53.87 8.85
CA ILE A 920 -67.04 -53.35 9.19
C ILE A 920 -65.99 -53.86 8.21
N ALA A 921 -66.08 -55.14 7.84
CA ALA A 921 -65.12 -55.71 6.90
C ALA A 921 -65.25 -55.05 5.52
N ASN A 922 -66.47 -54.82 5.06
CA ASN A 922 -66.66 -54.13 3.78
C ASN A 922 -66.15 -52.70 3.81
N GLN A 923 -66.42 -51.98 4.91
CA GLN A 923 -65.91 -50.61 5.02
C GLN A 923 -64.38 -50.58 5.06
N PHE A 924 -63.76 -51.53 5.76
CA PHE A 924 -62.31 -51.59 5.79
C PHE A 924 -61.72 -51.93 4.42
N ASN A 925 -62.35 -52.87 3.70
CA ASN A 925 -61.88 -53.21 2.37
C ASN A 925 -62.05 -52.05 1.39
N SER A 926 -63.12 -51.27 1.55
CA SER A 926 -63.32 -50.10 0.70
C SER A 926 -62.39 -48.95 1.05
N ALA A 927 -62.00 -48.84 2.32
CA ALA A 927 -61.08 -47.77 2.73
C ALA A 927 -59.64 -48.09 2.34
N ILE A 928 -59.24 -49.35 2.49
CA ILE A 928 -57.88 -49.74 2.12
C ILE A 928 -57.70 -49.70 0.60
N GLY A 929 -58.71 -50.15 -0.14
CA GLY A 929 -58.63 -50.14 -1.59
C GLY A 929 -58.66 -48.76 -2.20
N LYS A 930 -59.16 -47.76 -1.45
CA LYS A 930 -59.20 -46.39 -1.95
C LYS A 930 -57.89 -45.65 -1.75
N ILE A 931 -56.87 -46.30 -1.16
CA ILE A 931 -55.60 -45.62 -0.93
C ILE A 931 -54.85 -45.45 -2.26
N GLN A 932 -54.84 -46.48 -3.09
CA GLN A 932 -54.14 -46.38 -4.37
C GLN A 932 -54.83 -45.40 -5.32
N ASP A 933 -56.16 -45.33 -5.27
CA ASP A 933 -56.87 -44.39 -6.13
C ASP A 933 -56.61 -42.94 -5.75
N SER A 934 -56.30 -42.68 -4.49
CA SER A 934 -55.97 -41.32 -4.07
C SER A 934 -54.52 -40.97 -4.38
N LEU A 935 -53.61 -41.94 -4.25
CA LEU A 935 -52.20 -41.68 -4.54
C LEU A 935 -51.90 -41.65 -6.03
N SER A 936 -52.70 -42.32 -6.86
CA SER A 936 -52.47 -42.31 -8.29
C SER A 936 -52.88 -40.99 -8.93
N SER A 937 -53.97 -40.39 -8.44
CA SER A 937 -54.43 -39.12 -8.98
C SER A 937 -53.62 -37.95 -8.44
N THR A 938 -53.35 -37.95 -7.12
CA THR A 938 -52.58 -36.89 -6.48
C THR A 938 -51.10 -37.24 -6.58
N ALA A 939 -50.41 -36.66 -7.57
CA ALA A 939 -48.99 -36.93 -7.74
C ALA A 939 -48.13 -36.21 -6.71
N SER A 940 -48.61 -35.09 -6.17
CA SER A 940 -47.87 -34.32 -5.18
C SER A 940 -48.27 -34.69 -3.75
N ALA A 941 -48.85 -35.86 -3.55
CA ALA A 941 -49.25 -36.28 -2.20
C ALA A 941 -48.06 -36.76 -1.38
N LEU A 942 -46.98 -37.18 -2.03
CA LEU A 942 -45.78 -37.66 -1.35
C LEU A 942 -44.68 -36.59 -1.35
N GLY A 943 -45.06 -35.31 -1.27
CA GLY A 943 -44.09 -34.25 -1.29
C GLY A 943 -43.25 -34.15 -0.03
N LYS A 944 -43.81 -34.54 1.12
CA LYS A 944 -43.07 -34.43 2.38
C LYS A 944 -41.87 -35.37 2.44
N LEU A 945 -41.91 -36.47 1.70
CA LEU A 945 -40.79 -37.41 1.66
C LEU A 945 -39.80 -37.07 0.56
N GLN A 946 -40.28 -36.63 -0.60
CA GLN A 946 -39.39 -36.31 -1.70
C GLN A 946 -38.71 -34.95 -1.50
N ASP A 947 -39.25 -34.13 -0.60
CA ASP A 947 -38.67 -32.80 -0.37
C ASP A 947 -37.26 -32.89 0.21
N VAL A 948 -37.02 -33.85 1.10
CA VAL A 948 -35.68 -33.99 1.68
C VAL A 948 -34.68 -34.41 0.61
N VAL A 949 -35.07 -35.36 -0.26
CA VAL A 949 -34.17 -35.79 -1.32
C VAL A 949 -33.91 -34.65 -2.30
N ASN A 950 -34.95 -33.88 -2.63
CA ASN A 950 -34.77 -32.76 -3.54
C ASN A 950 -33.86 -31.69 -2.94
N HIS A 951 -34.03 -31.39 -1.65
CA HIS A 951 -33.16 -30.42 -0.99
C HIS A 951 -31.72 -30.90 -0.92
N ASN A 952 -31.51 -32.19 -0.65
CA ASN A 952 -30.16 -32.73 -0.63
C ASN A 952 -29.51 -32.68 -2.01
N ALA A 953 -30.26 -33.02 -3.06
CA ALA A 953 -29.73 -32.94 -4.41
C ALA A 953 -29.42 -31.50 -4.81
N GLN A 954 -30.28 -30.56 -4.43
CA GLN A 954 -30.03 -29.15 -4.73
C GLN A 954 -28.82 -28.63 -3.96
N ALA A 955 -28.64 -29.06 -2.72
CA ALA A 955 -27.46 -28.67 -1.96
C ALA A 955 -26.19 -29.22 -2.59
N LEU A 956 -26.20 -30.48 -3.00
CA LEU A 956 -25.06 -31.04 -3.71
C LEU A 956 -24.77 -30.30 -5.01
N ASN A 957 -25.81 -29.94 -5.76
CA ASN A 957 -25.62 -29.25 -7.03
C ASN A 957 -25.06 -27.85 -6.81
N THR A 958 -25.56 -27.12 -5.82
CA THR A 958 -25.06 -25.78 -5.55
C THR A 958 -23.72 -25.78 -4.84
N LEU A 959 -23.31 -26.92 -4.25
CA LEU A 959 -21.97 -27.06 -3.73
C LEU A 959 -20.95 -27.41 -4.80
N VAL A 960 -21.34 -28.23 -5.78
CA VAL A 960 -20.44 -28.55 -6.87
C VAL A 960 -20.31 -27.38 -7.83
N LYS A 961 -21.40 -26.64 -8.05
CA LYS A 961 -21.42 -25.56 -9.02
C LYS A 961 -20.62 -24.34 -8.58
N GLN A 962 -20.24 -24.25 -7.30
CA GLN A 962 -19.45 -23.11 -6.84
C GLN A 962 -17.98 -23.23 -7.17
N LEU A 963 -17.55 -24.33 -7.79
CA LEU A 963 -16.16 -24.46 -8.21
C LEU A 963 -15.81 -23.53 -9.37
N SER A 964 -16.79 -23.18 -10.20
CA SER A 964 -16.55 -22.26 -11.29
C SER A 964 -16.44 -20.82 -10.82
N SER A 965 -16.72 -20.55 -9.55
CA SER A 965 -16.60 -19.21 -9.02
C SER A 965 -15.14 -18.80 -8.89
N LYS A 966 -14.89 -17.50 -9.08
CA LYS A 966 -13.53 -16.98 -8.98
C LYS A 966 -13.10 -16.78 -7.53
N PHE A 967 -14.05 -16.52 -6.63
CA PHE A 967 -13.77 -16.28 -5.22
C PHE A 967 -12.77 -15.13 -5.05
N GLY A 968 -12.93 -14.09 -5.87
CA GLY A 968 -12.09 -12.92 -5.80
C GLY A 968 -10.77 -13.01 -6.55
N ALA A 969 -10.42 -14.18 -7.08
CA ALA A 969 -9.18 -14.35 -7.80
C ALA A 969 -9.38 -14.00 -9.27
N ILE A 970 -8.30 -14.15 -10.06
CA ILE A 970 -8.37 -13.85 -11.48
C ILE A 970 -8.90 -15.04 -12.29
N SER A 971 -8.85 -16.25 -11.75
CA SER A 971 -9.33 -17.42 -12.46
C SER A 971 -9.95 -18.38 -11.45
N SER A 972 -10.83 -19.25 -11.96
CA SER A 972 -11.51 -20.23 -11.12
C SER A 972 -10.76 -21.55 -11.00
N VAL A 973 -10.02 -21.95 -12.04
CA VAL A 973 -9.24 -23.18 -12.01
C VAL A 973 -7.83 -22.84 -11.54
N LEU A 974 -7.33 -23.60 -10.58
CA LEU A 974 -6.01 -23.35 -10.02
C LEU A 974 -4.88 -23.97 -10.84
N ASN A 975 -5.21 -24.89 -11.76
CA ASN A 975 -4.17 -25.53 -12.56
C ASN A 975 -3.48 -24.52 -13.48
N ASP A 976 -4.23 -23.58 -14.04
CA ASP A 976 -3.61 -22.51 -14.82
C ASP A 976 -3.08 -21.38 -13.94
N ILE A 977 -3.60 -21.25 -12.71
CA ILE A 977 -3.03 -20.28 -11.77
C ILE A 977 -1.60 -20.68 -11.41
N PHE A 978 -1.36 -21.97 -11.20
CA PHE A 978 0.00 -22.44 -10.94
C PHE A 978 0.86 -22.44 -12.20
N SER A 979 0.26 -22.29 -13.38
CA SER A 979 1.01 -22.35 -14.63
C SER A 979 1.34 -20.97 -15.20
N ARG A 980 0.55 -19.95 -14.88
CA ARG A 980 0.77 -18.60 -15.40
C ARG A 980 1.50 -17.70 -14.42
N LEU A 981 1.24 -17.84 -13.13
CA LEU A 981 1.86 -17.00 -12.11
C LEU A 981 2.98 -17.75 -11.41
N ASP A 982 3.96 -16.99 -10.94
CA ASP A 982 5.09 -17.56 -10.23
C ASP A 982 4.65 -18.03 -8.85
N PRO A 983 5.33 -19.03 -8.28
CA PRO A 983 4.95 -19.55 -6.96
C PRO A 983 4.92 -18.47 -5.88
N PRO A 984 5.88 -17.52 -5.86
CA PRO A 984 5.78 -16.45 -4.85
C PRO A 984 4.51 -15.60 -4.98
N GLU A 985 3.93 -15.50 -6.18
CA GLU A 985 2.75 -14.67 -6.36
C GLU A 985 1.45 -15.45 -6.32
N ALA A 986 1.42 -16.66 -6.88
CA ALA A 986 0.19 -17.43 -6.95
C ALA A 986 -0.29 -17.92 -5.60
N GLU A 987 0.54 -17.85 -4.56
CA GLU A 987 0.13 -18.32 -3.24
C GLU A 987 -1.05 -17.54 -2.68
N VAL A 988 -1.13 -16.23 -2.96
CA VAL A 988 -2.25 -15.43 -2.46
C VAL A 988 -3.56 -15.92 -3.07
N GLN A 989 -3.59 -16.10 -4.39
CA GLN A 989 -4.80 -16.60 -5.04
C GLN A 989 -5.14 -18.01 -4.60
N ILE A 990 -4.13 -18.87 -4.42
CA ILE A 990 -4.40 -20.24 -4.00
C ILE A 990 -4.99 -20.26 -2.58
N ASP A 991 -4.44 -19.44 -1.68
CA ASP A 991 -5.00 -19.38 -0.33
C ASP A 991 -6.39 -18.77 -0.33
N ARG A 992 -6.65 -17.80 -1.20
CA ARG A 992 -8.00 -17.24 -1.32
C ARG A 992 -9.00 -18.30 -1.77
N LEU A 993 -8.66 -19.06 -2.81
CA LEU A 993 -9.52 -20.15 -3.25
C LEU A 993 -9.71 -21.21 -2.18
N ILE A 994 -8.65 -21.56 -1.46
CA ILE A 994 -8.75 -22.57 -0.41
C ILE A 994 -9.67 -22.08 0.71
N THR A 995 -9.52 -20.82 1.11
CA THR A 995 -10.40 -20.28 2.15
C THR A 995 -11.86 -20.23 1.69
N GLY A 996 -12.10 -19.81 0.45
CA GLY A 996 -13.47 -19.79 -0.05
C GLY A 996 -14.09 -21.17 -0.11
N ARG A 997 -13.36 -22.16 -0.63
CA ARG A 997 -13.89 -23.50 -0.70
C ARG A 997 -14.06 -24.15 0.67
N LEU A 998 -13.17 -23.85 1.61
CA LEU A 998 -13.34 -24.34 2.98
C LEU A 998 -14.57 -23.73 3.64
N GLN A 999 -14.80 -22.43 3.44
CA GLN A 999 -16.01 -21.80 3.97
C GLN A 999 -17.26 -22.39 3.35
N SER A 1000 -17.25 -22.63 2.04
CA SER A 1000 -18.40 -23.24 1.39
C SER A 1000 -18.65 -24.65 1.91
N LEU A 1001 -17.59 -25.45 2.06
CA LEU A 1001 -17.74 -26.80 2.58
C LEU A 1001 -18.23 -26.79 4.03
N GLN A 1002 -17.75 -25.85 4.84
CA GLN A 1002 -18.21 -25.78 6.22
C GLN A 1002 -19.67 -25.36 6.32
N THR A 1003 -20.10 -24.43 5.46
CA THR A 1003 -21.52 -24.08 5.42
C THR A 1003 -22.36 -25.26 4.98
N TYR A 1004 -21.88 -26.02 3.99
CA TYR A 1004 -22.59 -27.22 3.57
C TYR A 1004 -22.69 -28.24 4.70
N VAL A 1005 -21.60 -28.42 5.47
CA VAL A 1005 -21.63 -29.37 6.58
C VAL A 1005 -22.56 -28.90 7.68
N THR A 1006 -22.60 -27.59 7.96
CA THR A 1006 -23.54 -27.08 8.95
C THR A 1006 -24.99 -27.29 8.52
N GLN A 1007 -25.29 -27.01 7.25
CA GLN A 1007 -26.64 -27.25 6.76
C GLN A 1007 -27.00 -28.73 6.80
N GLN A 1008 -26.05 -29.60 6.47
CA GLN A 1008 -26.29 -31.05 6.56
C GLN A 1008 -26.48 -31.50 8.00
N LEU A 1009 -25.78 -30.88 8.96
CA LEU A 1009 -25.99 -31.22 10.36
C LEU A 1009 -27.36 -30.79 10.84
N ILE A 1010 -27.82 -29.60 10.44
CA ILE A 1010 -29.17 -29.17 10.79
C ILE A 1010 -30.21 -30.10 10.17
N ARG A 1011 -30.01 -30.47 8.90
CA ARG A 1011 -30.92 -31.41 8.25
C ARG A 1011 -30.92 -32.76 8.96
N ALA A 1012 -29.75 -33.23 9.39
CA ALA A 1012 -29.66 -34.50 10.09
C ALA A 1012 -30.34 -34.45 11.45
N ALA A 1013 -30.24 -33.31 12.15
CA ALA A 1013 -30.97 -33.15 13.40
C ALA A 1013 -32.48 -33.15 13.19
N GLU A 1014 -32.97 -32.44 12.16
CA GLU A 1014 -34.40 -32.49 11.86
C GLU A 1014 -34.85 -33.89 11.50
N ILE A 1015 -34.03 -34.61 10.72
CA ILE A 1015 -34.40 -35.97 10.31
C ILE A 1015 -34.36 -36.91 11.50
N ARG A 1016 -33.44 -36.69 12.45
CA ARG A 1016 -33.41 -37.51 13.65
C ARG A 1016 -34.64 -37.26 14.51
N ALA A 1017 -35.06 -35.99 14.63
CA ALA A 1017 -36.30 -35.71 15.34
C ALA A 1017 -37.50 -36.38 14.67
N SER A 1018 -37.58 -36.31 13.34
CA SER A 1018 -38.67 -36.95 12.62
C SER A 1018 -38.63 -38.47 12.77
N ALA A 1019 -37.44 -39.06 12.78
CA ALA A 1019 -37.31 -40.50 12.93
C ALA A 1019 -37.67 -40.95 14.34
N ASN A 1020 -37.33 -40.15 15.35
CA ASN A 1020 -37.78 -40.47 16.70
C ASN A 1020 -39.29 -40.37 16.82
N LEU A 1021 -39.90 -39.34 16.20
CA LEU A 1021 -41.35 -39.25 16.19
C LEU A 1021 -41.98 -40.45 15.50
N ALA A 1022 -41.43 -40.87 14.36
CA ALA A 1022 -41.96 -42.04 13.66
C ALA A 1022 -41.77 -43.32 14.45
N ALA A 1023 -40.65 -43.47 15.16
CA ALA A 1023 -40.45 -44.65 15.98
C ALA A 1023 -41.45 -44.69 17.15
N THR A 1024 -41.69 -43.54 17.77
CA THR A 1024 -42.71 -43.48 18.81
C THR A 1024 -44.09 -43.80 18.27
N LYS A 1025 -44.44 -43.27 17.10
CA LYS A 1025 -45.73 -43.57 16.49
C LYS A 1025 -45.87 -45.01 16.05
N MET A 1026 -44.78 -45.67 15.69
CA MET A 1026 -44.83 -47.09 15.34
C MET A 1026 -44.87 -47.98 16.57
N SER A 1027 -44.27 -47.54 17.68
CA SER A 1027 -44.30 -48.32 18.90
C SER A 1027 -45.63 -48.18 19.63
N GLU A 1028 -46.28 -47.03 19.50
CA GLU A 1028 -47.52 -46.79 20.24
C GLU A 1028 -48.78 -47.07 19.44
N CYS A 1029 -48.77 -46.83 18.12
CA CYS A 1029 -49.96 -47.02 17.31
C CYS A 1029 -50.02 -48.39 16.64
N VAL A 1030 -48.89 -48.94 16.24
CA VAL A 1030 -48.85 -50.23 15.57
C VAL A 1030 -48.72 -51.37 16.57
N LEU A 1031 -47.72 -51.29 17.45
CA LEU A 1031 -47.50 -52.33 18.45
C LEU A 1031 -48.45 -52.24 19.64
N GLY A 1032 -49.40 -51.32 19.62
CA GLY A 1032 -50.36 -51.21 20.70
C GLY A 1032 -51.47 -50.25 20.32
N GLN A 1033 -52.39 -50.05 21.26
CA GLN A 1033 -53.51 -49.14 21.09
C GLN A 1033 -53.32 -47.94 22.02
N SER A 1034 -53.13 -46.76 21.43
CA SER A 1034 -52.95 -45.53 22.19
C SER A 1034 -54.27 -44.77 22.25
N LYS A 1035 -54.66 -44.39 23.46
CA LYS A 1035 -55.88 -43.63 23.69
C LYS A 1035 -55.71 -42.14 23.39
N ARG A 1036 -54.61 -41.75 22.79
CA ARG A 1036 -54.37 -40.35 22.47
C ARG A 1036 -55.31 -39.88 21.36
N VAL A 1037 -55.57 -38.57 21.36
CA VAL A 1037 -56.61 -38.03 20.49
C VAL A 1037 -56.13 -37.96 19.04
N ASP A 1038 -55.07 -37.20 18.79
CA ASP A 1038 -54.60 -36.96 17.43
C ASP A 1038 -53.14 -37.38 17.26
N PHE A 1039 -52.67 -38.33 18.08
CA PHE A 1039 -51.32 -38.84 17.92
C PHE A 1039 -51.24 -39.81 16.74
N CYS A 1040 -52.11 -40.81 16.74
CA CYS A 1040 -52.19 -41.78 15.64
C CYS A 1040 -53.22 -41.35 14.61
N GLY A 1041 -53.10 -40.12 14.11
CA GLY A 1041 -54.04 -39.59 13.15
C GLY A 1041 -55.28 -39.00 13.81
N LYS A 1042 -56.05 -38.27 13.01
CA LYS A 1042 -57.25 -37.63 13.49
C LYS A 1042 -58.37 -38.65 13.67
N GLY A 1043 -59.06 -38.55 14.81
CA GLY A 1043 -60.15 -39.45 15.13
C GLY A 1043 -59.77 -40.49 16.16
N TYR A 1044 -60.73 -41.36 16.45
CA TYR A 1044 -60.51 -42.44 17.40
C TYR A 1044 -59.61 -43.50 16.77
N HIS A 1045 -58.41 -43.66 17.30
CA HIS A 1045 -57.45 -44.61 16.76
C HIS A 1045 -57.71 -46.00 17.34
N LEU A 1046 -57.64 -47.01 16.49
CA LEU A 1046 -57.71 -48.41 16.91
C LEU A 1046 -56.43 -49.17 16.60
N MET A 1047 -55.92 -49.06 15.38
CA MET A 1047 -54.68 -49.74 15.00
C MET A 1047 -54.07 -48.98 13.83
N SER A 1048 -52.93 -49.46 13.34
CA SER A 1048 -52.23 -48.84 12.24
C SER A 1048 -51.40 -49.87 11.50
N PHE A 1049 -50.92 -49.48 10.32
CA PHE A 1049 -50.10 -50.36 9.49
C PHE A 1049 -48.96 -49.57 8.85
N PRO A 1050 -47.72 -49.89 9.19
CA PRO A 1050 -46.57 -49.23 8.55
C PRO A 1050 -46.27 -49.83 7.18
N GLN A 1051 -45.65 -49.01 6.34
CA GLN A 1051 -45.28 -49.41 4.99
C GLN A 1051 -43.84 -49.00 4.72
N SER A 1052 -43.24 -49.68 3.74
CA SER A 1052 -41.86 -49.41 3.38
C SER A 1052 -41.77 -48.15 2.50
N ALA A 1053 -40.60 -47.54 2.50
CA ALA A 1053 -40.35 -46.33 1.73
C ALA A 1053 -38.85 -46.21 1.50
N PRO A 1054 -38.43 -45.53 0.43
CA PRO A 1054 -36.98 -45.41 0.18
C PRO A 1054 -36.24 -44.68 1.29
N HIS A 1055 -36.73 -43.52 1.71
CA HIS A 1055 -36.05 -42.74 2.75
C HIS A 1055 -37.01 -42.27 3.82
N GLY A 1056 -38.03 -43.07 4.12
CA GLY A 1056 -39.01 -42.71 5.13
C GLY A 1056 -39.85 -43.90 5.54
N VAL A 1057 -41.06 -43.60 6.01
CA VAL A 1057 -42.00 -44.64 6.44
C VAL A 1057 -43.41 -44.07 6.29
N VAL A 1058 -44.32 -44.93 5.84
CA VAL A 1058 -45.72 -44.55 5.61
C VAL A 1058 -46.60 -45.35 6.55
N PHE A 1059 -47.40 -44.65 7.34
CA PHE A 1059 -48.31 -45.28 8.30
C PHE A 1059 -49.74 -45.18 7.79
N LEU A 1060 -50.46 -46.30 7.86
CA LEU A 1060 -51.89 -46.34 7.51
C LEU A 1060 -52.69 -46.40 8.80
N HIS A 1061 -52.95 -45.22 9.36
CA HIS A 1061 -53.67 -45.10 10.63
C HIS A 1061 -55.14 -45.41 10.41
N VAL A 1062 -55.59 -46.57 10.88
CA VAL A 1062 -56.99 -46.93 10.83
C VAL A 1062 -57.71 -46.17 11.95
N THR A 1063 -58.64 -45.30 11.58
CA THR A 1063 -59.33 -44.43 12.52
C THR A 1063 -60.80 -44.83 12.62
N TYR A 1064 -61.47 -44.27 13.62
CA TYR A 1064 -62.88 -44.52 13.87
C TYR A 1064 -63.60 -43.17 13.92
N VAL A 1065 -64.49 -42.95 12.95
CA VAL A 1065 -65.20 -41.69 12.81
C VAL A 1065 -66.70 -41.98 12.95
N PRO A 1066 -67.34 -41.55 14.04
CA PRO A 1066 -68.78 -41.76 14.16
C PRO A 1066 -69.56 -40.87 13.20
N ALA A 1067 -70.80 -41.28 12.94
CA ALA A 1067 -71.66 -40.53 12.03
C ALA A 1067 -73.11 -40.89 12.34
N GLN A 1068 -74.02 -40.18 11.68
CA GLN A 1068 -75.47 -40.39 11.81
C GLN A 1068 -75.92 -40.21 13.26
N GLU A 1069 -75.75 -39.00 13.76
CA GLU A 1069 -76.18 -38.65 15.11
C GLU A 1069 -77.61 -38.10 15.09
N LYS A 1070 -78.21 -38.05 16.27
CA LYS A 1070 -79.57 -37.55 16.40
C LYS A 1070 -79.76 -36.93 17.78
N ASN A 1071 -80.78 -36.09 17.89
CA ASN A 1071 -81.09 -35.41 19.14
C ASN A 1071 -81.88 -36.34 20.07
N PHE A 1072 -81.48 -36.36 21.34
CA PHE A 1072 -82.15 -37.17 22.34
C PHE A 1072 -82.07 -36.46 23.69
N THR A 1073 -83.20 -36.43 24.40
CA THR A 1073 -83.25 -35.77 25.69
C THR A 1073 -82.49 -36.58 26.73
N THR A 1074 -81.67 -35.90 27.52
CA THR A 1074 -80.85 -36.54 28.54
C THR A 1074 -81.20 -35.97 29.91
N ALA A 1075 -80.62 -36.58 30.94
CA ALA A 1075 -80.85 -36.18 32.31
C ALA A 1075 -79.65 -36.59 33.16
N PRO A 1076 -79.24 -35.78 34.13
CA PRO A 1076 -78.07 -36.15 34.94
C PRO A 1076 -78.34 -37.28 35.91
N ALA A 1077 -79.55 -37.37 36.46
CA ALA A 1077 -79.88 -38.42 37.41
C ALA A 1077 -81.38 -38.68 37.36
N ILE A 1078 -81.79 -39.77 37.98
CA ILE A 1078 -83.18 -40.18 38.06
C ILE A 1078 -83.52 -40.48 39.51
N CYS A 1079 -84.60 -39.91 40.01
CA CYS A 1079 -85.05 -40.14 41.37
C CYS A 1079 -86.03 -41.31 41.41
N HIS A 1080 -85.82 -42.23 42.35
CA HIS A 1080 -86.69 -43.39 42.50
C HIS A 1080 -86.71 -43.79 43.96
N ASP A 1081 -87.90 -43.74 44.58
CA ASP A 1081 -88.07 -44.06 46.00
C ASP A 1081 -87.19 -43.18 46.87
N GLY A 1082 -87.05 -41.91 46.49
CA GLY A 1082 -86.25 -40.98 47.27
C GLY A 1082 -84.77 -41.25 47.26
N LYS A 1083 -84.26 -41.91 46.23
CA LYS A 1083 -82.84 -42.23 46.13
C LYS A 1083 -82.30 -41.74 44.79
N ALA A 1084 -81.06 -41.25 44.81
CA ALA A 1084 -80.42 -40.76 43.60
C ALA A 1084 -79.80 -41.92 42.83
N HIS A 1085 -80.05 -41.94 41.52
CA HIS A 1085 -79.54 -42.99 40.64
C HIS A 1085 -78.56 -42.39 39.63
N PHE A 1086 -77.42 -43.07 39.46
CA PHE A 1086 -76.39 -42.64 38.53
C PHE A 1086 -75.94 -43.83 37.71
N PRO A 1087 -75.80 -43.67 36.39
CA PRO A 1087 -75.41 -44.80 35.55
C PRO A 1087 -73.93 -45.13 35.70
N ARG A 1088 -73.64 -46.44 35.63
CA ARG A 1088 -72.26 -46.89 35.71
C ARG A 1088 -71.50 -46.54 34.43
N GLU A 1089 -71.97 -47.04 33.29
CA GLU A 1089 -71.37 -46.76 32.00
C GLU A 1089 -72.40 -46.10 31.10
N GLY A 1090 -71.98 -45.07 30.38
CA GLY A 1090 -72.89 -44.35 29.51
C GLY A 1090 -73.70 -43.30 30.25
N VAL A 1091 -74.70 -42.76 29.54
CA VAL A 1091 -75.56 -41.71 30.07
C VAL A 1091 -77.01 -42.10 29.81
N PHE A 1092 -77.92 -41.40 30.51
CA PHE A 1092 -79.34 -41.63 30.36
C PHE A 1092 -79.89 -40.81 29.20
N VAL A 1093 -80.56 -41.47 28.27
CA VAL A 1093 -81.21 -40.80 27.15
C VAL A 1093 -82.71 -41.03 27.26
N SER A 1094 -83.46 -40.37 26.38
CA SER A 1094 -84.92 -40.46 26.38
C SER A 1094 -85.44 -40.44 24.95
N ASN A 1095 -86.35 -41.36 24.66
CA ASN A 1095 -87.07 -41.39 23.40
C ASN A 1095 -88.29 -40.50 23.40
N GLY A 1096 -88.81 -40.16 24.58
CA GLY A 1096 -90.08 -39.47 24.72
C GLY A 1096 -91.07 -40.29 25.54
N THR A 1097 -91.42 -39.77 26.73
CA THR A 1097 -92.34 -40.40 27.66
C THR A 1097 -91.73 -41.65 28.29
N HIS A 1098 -90.51 -42.00 27.88
CA HIS A 1098 -89.79 -43.13 28.44
C HIS A 1098 -88.31 -42.76 28.57
N TRP A 1099 -87.51 -43.69 29.10
CA TRP A 1099 -86.09 -43.49 29.29
C TRP A 1099 -85.35 -44.80 29.06
N PHE A 1100 -84.13 -44.69 28.51
CA PHE A 1100 -83.29 -45.85 28.24
C PHE A 1100 -81.85 -45.52 28.58
N VAL A 1101 -81.03 -46.56 28.59
CA VAL A 1101 -79.59 -46.44 28.87
C VAL A 1101 -78.83 -46.80 27.60
N THR A 1102 -77.93 -45.92 27.19
CA THR A 1102 -77.13 -46.12 25.99
C THR A 1102 -75.66 -45.86 26.31
N GLN A 1103 -74.80 -46.17 25.33
CA GLN A 1103 -73.37 -45.98 25.48
C GLN A 1103 -72.99 -44.54 25.09
N ARG A 1104 -71.70 -44.26 25.13
CA ARG A 1104 -71.22 -42.92 24.79
C ARG A 1104 -71.00 -42.76 23.30
N ASN A 1105 -70.21 -43.65 22.70
CA ASN A 1105 -69.86 -43.56 21.28
C ASN A 1105 -70.78 -44.37 20.39
N PHE A 1106 -71.84 -44.96 20.94
CA PHE A 1106 -72.77 -45.75 20.15
C PHE A 1106 -74.13 -45.77 20.84
N TYR A 1107 -75.18 -45.75 20.04
CA TYR A 1107 -76.55 -45.75 20.55
C TYR A 1107 -77.07 -47.18 20.64
N GLU A 1108 -77.37 -47.63 21.85
CA GLU A 1108 -77.92 -48.97 22.08
C GLU A 1108 -78.88 -48.88 23.26
N PRO A 1109 -80.18 -48.79 23.01
CA PRO A 1109 -81.13 -48.62 24.12
C PRO A 1109 -81.30 -49.90 24.93
N GLN A 1110 -81.35 -49.73 26.25
CA GLN A 1110 -81.53 -50.84 27.17
C GLN A 1110 -82.47 -50.40 28.30
N ILE A 1111 -83.10 -51.38 28.93
CA ILE A 1111 -84.01 -51.10 30.02
C ILE A 1111 -83.23 -50.69 31.26
N ILE A 1112 -83.71 -49.67 31.96
CA ILE A 1112 -83.06 -49.17 33.17
C ILE A 1112 -83.23 -50.21 34.27
N THR A 1113 -82.13 -50.89 34.63
CA THR A 1113 -82.15 -51.91 35.67
C THR A 1113 -81.17 -51.52 36.78
N THR A 1114 -81.19 -52.32 37.84
CA THR A 1114 -80.31 -52.07 38.98
C THR A 1114 -78.88 -52.54 38.74
N ASP A 1115 -78.65 -53.39 37.73
CA ASP A 1115 -77.31 -53.87 37.45
C ASP A 1115 -76.43 -52.82 36.81
N ASN A 1116 -77.03 -51.84 36.11
CA ASN A 1116 -76.28 -50.79 35.45
C ASN A 1116 -76.38 -49.45 36.18
N THR A 1117 -76.90 -49.44 37.41
CA THR A 1117 -77.09 -48.22 38.16
C THR A 1117 -76.72 -48.44 39.62
N PHE A 1118 -76.13 -47.42 40.24
CA PHE A 1118 -75.74 -47.47 41.64
C PHE A 1118 -76.36 -46.29 42.38
N VAL A 1119 -76.79 -46.55 43.61
CA VAL A 1119 -77.44 -45.54 44.44
C VAL A 1119 -76.39 -44.86 45.32
N SER A 1120 -76.52 -43.54 45.47
CA SER A 1120 -75.59 -42.78 46.30
C SER A 1120 -76.35 -41.60 46.90
N GLY A 1121 -76.77 -41.73 48.15
CA GLY A 1121 -77.42 -40.66 48.85
C GLY A 1121 -78.83 -40.38 48.34
N ASN A 1122 -79.39 -39.28 48.84
CA ASN A 1122 -80.72 -38.86 48.47
C ASN A 1122 -80.71 -38.19 47.09
N CYS A 1123 -81.90 -38.00 46.53
CA CYS A 1123 -82.06 -37.46 45.19
C CYS A 1123 -82.41 -35.99 45.17
N ASP A 1124 -82.57 -35.37 46.34
CA ASP A 1124 -82.95 -33.97 46.44
C ASP A 1124 -81.77 -33.02 46.32
N VAL A 1125 -80.58 -33.51 45.98
CA VAL A 1125 -79.41 -32.65 45.84
C VAL A 1125 -79.01 -32.44 44.38
N VAL A 1126 -79.47 -33.28 43.46
CA VAL A 1126 -79.11 -33.16 42.05
C VAL A 1126 -80.02 -32.13 41.39
N ILE A 1127 -79.41 -31.21 40.65
CA ILE A 1127 -80.15 -30.17 39.94
C ILE A 1127 -80.54 -30.69 38.57
N GLY A 1128 -81.84 -30.65 38.27
CA GLY A 1128 -82.34 -31.14 37.00
C GLY A 1128 -82.60 -32.62 36.97
N ILE A 1129 -82.92 -33.23 38.11
CA ILE A 1129 -83.16 -34.66 38.19
C ILE A 1129 -84.61 -34.94 37.84
N VAL A 1130 -84.84 -36.06 37.15
CA VAL A 1130 -86.18 -36.46 36.72
C VAL A 1130 -86.63 -37.65 37.54
N ASN A 1131 -87.89 -38.03 37.36
CA ASN A 1131 -88.51 -39.14 38.09
C ASN A 1131 -88.90 -40.22 37.10
N ASN A 1132 -88.40 -41.43 37.31
CA ASN A 1132 -88.72 -42.56 36.45
C ASN A 1132 -88.60 -43.84 37.26
N THR A 1133 -89.40 -44.84 36.87
CA THR A 1133 -89.41 -46.12 37.56
C THR A 1133 -88.22 -46.95 37.15
N VAL A 1134 -87.50 -47.49 38.13
CA VAL A 1134 -86.34 -48.35 37.90
C VAL A 1134 -86.76 -49.78 38.19
N TYR A 1135 -86.83 -50.58 37.13
CA TYR A 1135 -87.27 -51.97 37.26
C TYR A 1135 -86.14 -52.84 37.78
N ASP A 1136 -86.43 -53.61 38.83
CA ASP A 1136 -85.46 -54.53 39.40
C ASP A 1136 -85.59 -55.89 38.73
N PRO A 1137 -84.50 -56.47 38.22
CA PRO A 1137 -84.63 -57.76 37.53
C PRO A 1137 -84.85 -58.95 38.46
N LEU A 1138 -84.63 -58.80 39.76
CA LEU A 1138 -84.77 -59.89 40.70
C LEU A 1138 -86.02 -59.80 41.57
N GLN A 1139 -86.79 -58.72 41.46
CA GLN A 1139 -87.97 -58.55 42.29
C GLN A 1139 -89.15 -59.39 41.80
N PRO A 1140 -89.50 -59.36 40.50
CA PRO A 1140 -90.63 -60.20 40.06
C PRO A 1140 -90.31 -61.68 40.02
N GLU A 1141 -89.04 -62.05 39.79
CA GLU A 1141 -88.69 -63.46 39.69
C GLU A 1141 -88.66 -64.13 41.05
N LEU A 1142 -88.32 -63.39 42.11
CA LEU A 1142 -88.27 -63.97 43.44
C LEU A 1142 -89.65 -64.02 44.09
N ASP A 1143 -90.52 -63.07 43.78
CA ASP A 1143 -91.85 -63.05 44.37
C ASP A 1143 -92.82 -63.91 43.56
N ALA B 27 -7.30 23.06 50.13
CA ALA B 27 -8.54 22.28 50.11
C ALA B 27 -8.73 21.59 48.77
N TYR B 28 -9.61 20.60 48.73
CA TYR B 28 -9.87 19.83 47.52
C TYR B 28 -11.35 19.45 47.48
N THR B 29 -11.86 19.26 46.26
CA THR B 29 -13.24 18.83 46.06
C THR B 29 -13.28 17.93 44.83
N ASN B 30 -14.32 17.08 44.80
CA ASN B 30 -14.46 16.08 43.75
C ASN B 30 -15.47 16.53 42.70
N SER B 31 -15.26 16.07 41.47
CA SER B 31 -16.17 16.32 40.35
C SER B 31 -16.92 15.03 40.05
N PHE B 32 -18.25 15.11 40.07
CA PHE B 32 -19.06 13.90 39.94
C PHE B 32 -19.17 13.45 38.48
N THR B 33 -19.76 14.29 37.63
CA THR B 33 -20.00 13.93 36.24
C THR B 33 -19.62 15.05 35.27
N ARG B 34 -18.68 15.91 35.65
CA ARG B 34 -18.28 17.01 34.79
C ARG B 34 -17.02 16.64 33.99
N GLY B 35 -16.81 17.36 32.90
CA GLY B 35 -15.68 17.12 32.03
C GLY B 35 -15.99 16.37 30.76
N VAL B 36 -17.23 16.42 30.28
CA VAL B 36 -17.63 15.72 29.07
C VAL B 36 -17.89 16.74 27.98
N TYR B 37 -17.69 16.32 26.73
CA TYR B 37 -17.89 17.18 25.57
C TYR B 37 -18.31 16.31 24.38
N TYR B 38 -18.43 16.93 23.21
CA TYR B 38 -18.77 16.22 21.99
C TYR B 38 -17.49 15.77 21.29
N PRO B 39 -17.19 14.48 21.25
CA PRO B 39 -15.93 14.03 20.64
C PRO B 39 -15.85 14.25 19.15
N ASP B 40 -16.89 13.85 18.42
CA ASP B 40 -16.92 13.94 16.96
C ASP B 40 -17.91 14.95 16.43
N LYS B 41 -18.72 15.57 17.30
CA LYS B 41 -19.68 16.60 16.91
C LYS B 41 -20.65 16.10 15.85
N VAL B 42 -21.07 14.84 15.95
CA VAL B 42 -22.01 14.24 15.02
C VAL B 42 -23.37 14.14 15.72
N PHE B 43 -24.42 14.62 15.06
CA PHE B 43 -25.75 14.64 15.66
C PHE B 43 -26.31 13.22 15.71
N ARG B 44 -26.66 12.76 16.91
CA ARG B 44 -27.29 11.46 17.11
C ARG B 44 -28.52 11.64 17.98
N SER B 45 -29.62 11.03 17.58
CA SER B 45 -30.90 11.15 18.27
C SER B 45 -31.25 9.80 18.89
N SER B 46 -31.23 9.75 20.23
CA SER B 46 -31.58 8.55 20.98
C SER B 46 -30.70 7.36 20.58
N VAL B 47 -29.41 7.63 20.38
CA VAL B 47 -28.43 6.61 20.00
C VAL B 47 -27.35 6.58 21.07
N LEU B 48 -27.18 5.41 21.69
CA LEU B 48 -26.13 5.21 22.70
C LEU B 48 -24.87 4.75 22.00
N HIS B 49 -24.01 5.71 21.64
CA HIS B 49 -22.78 5.43 20.92
C HIS B 49 -21.60 5.43 21.89
N SER B 50 -20.76 4.41 21.79
CA SER B 50 -19.58 4.29 22.63
C SER B 50 -18.41 5.01 21.96
N THR B 51 -17.89 6.05 22.62
CA THR B 51 -16.79 6.83 22.10
C THR B 51 -15.54 6.63 22.95
N GLN B 52 -14.43 6.35 22.29
CA GLN B 52 -13.14 6.14 22.95
C GLN B 52 -12.26 7.36 22.66
N ASP B 53 -12.26 8.31 23.58
CA ASP B 53 -11.49 9.54 23.43
C ASP B 53 -11.09 10.05 24.80
N LEU B 54 -10.32 11.14 24.80
CA LEU B 54 -9.83 11.72 26.03
C LEU B 54 -10.96 12.42 26.78
N PHE B 55 -11.20 12.02 28.02
CA PHE B 55 -12.24 12.59 28.84
C PHE B 55 -11.79 12.60 30.31
N LEU B 56 -12.50 13.39 31.11
CA LEU B 56 -12.19 13.48 32.53
C LEU B 56 -12.86 12.32 33.27
N PRO B 57 -12.11 11.51 34.02
CA PRO B 57 -12.73 10.42 34.77
C PRO B 57 -13.65 10.94 35.86
N PHE B 58 -14.75 10.22 36.05
CA PHE B 58 -15.74 10.62 37.03
C PHE B 58 -15.25 10.32 38.45
N PHE B 59 -15.88 10.99 39.42
CA PHE B 59 -15.54 10.85 40.84
C PHE B 59 -14.07 11.19 41.10
N SER B 60 -13.51 12.10 40.32
CA SER B 60 -12.14 12.54 40.49
C SER B 60 -12.10 13.89 41.19
N ASN B 61 -10.98 14.16 41.86
CA ASN B 61 -10.81 15.40 42.61
C ASN B 61 -10.14 16.47 41.75
N VAL B 62 -10.49 17.72 42.02
CA VAL B 62 -9.94 18.86 41.31
C VAL B 62 -9.19 19.75 42.30
N THR B 63 -8.46 20.72 41.76
CA THR B 63 -7.66 21.62 42.57
C THR B 63 -8.49 22.84 42.96
N TRP B 64 -8.46 23.18 44.25
CA TRP B 64 -9.20 24.33 44.78
C TRP B 64 -8.19 25.39 45.21
N PHE B 65 -8.31 26.57 44.60
CA PHE B 65 -7.42 27.70 44.88
C PHE B 65 -8.24 28.93 45.23
N HIS B 66 -7.55 29.97 45.67
CA HIS B 66 -8.17 31.24 46.03
C HIS B 66 -7.67 32.34 45.11
N VAL B 67 -8.55 33.32 44.85
CA VAL B 67 -8.19 34.43 43.98
C VAL B 67 -7.62 35.62 44.75
N ILE B 68 -7.71 35.61 46.08
CA ILE B 68 -7.20 36.72 46.88
C ILE B 68 -5.92 36.30 47.59
N ASP B 78 -3.74 32.65 45.29
CA ASP B 78 -2.90 33.10 44.18
C ASP B 78 -3.18 32.29 42.92
N ASN B 79 -2.23 32.31 41.99
CA ASN B 79 -2.36 31.59 40.71
C ASN B 79 -1.01 30.98 40.36
N PRO B 80 -0.69 29.83 40.94
CA PRO B 80 0.58 29.16 40.63
C PRO B 80 0.52 28.47 39.27
N VAL B 81 1.63 27.85 38.90
CA VAL B 81 1.75 27.17 37.62
C VAL B 81 1.35 25.70 37.79
N LEU B 82 0.49 25.22 36.91
CA LEU B 82 0.04 23.84 36.93
C LEU B 82 0.50 23.13 35.66
N PRO B 83 0.84 21.84 35.75
CA PRO B 83 1.34 21.11 34.58
C PRO B 83 0.23 20.83 33.58
N PHE B 84 0.61 20.17 32.48
CA PHE B 84 -0.30 19.78 31.41
C PHE B 84 0.02 18.33 31.07
N ASN B 85 -0.62 17.39 31.76
CA ASN B 85 -0.33 15.97 31.60
C ASN B 85 -1.05 15.40 30.39
N ASP B 86 -2.38 15.48 30.37
CA ASP B 86 -3.19 14.95 29.28
C ASP B 86 -4.42 15.81 29.06
N GLY B 87 -4.26 17.12 29.15
CA GLY B 87 -5.37 18.02 28.99
C GLY B 87 -5.74 18.68 30.31
N VAL B 88 -6.31 19.89 30.21
CA VAL B 88 -6.70 20.67 31.37
C VAL B 88 -8.17 21.03 31.23
N TYR B 89 -8.96 20.67 32.24
CA TYR B 89 -10.35 21.09 32.34
C TYR B 89 -10.43 22.25 33.34
N PHE B 90 -10.78 23.42 32.85
CA PHE B 90 -10.82 24.63 33.67
C PHE B 90 -12.26 25.01 33.97
N ALA B 91 -12.48 25.56 35.16
CA ALA B 91 -13.80 25.98 35.60
C ALA B 91 -13.67 27.17 36.54
N SER B 92 -14.77 27.88 36.74
CA SER B 92 -14.78 29.06 37.58
C SER B 92 -16.19 29.30 38.10
N ILE B 93 -16.30 29.61 39.39
CA ILE B 93 -17.58 29.97 39.99
C ILE B 93 -17.53 31.44 40.38
N GLU B 94 -17.98 32.31 39.47
CA GLU B 94 -17.91 33.74 39.69
C GLU B 94 -19.18 34.40 39.18
N LYS B 95 -19.55 35.51 39.81
CA LYS B 95 -20.68 36.31 39.36
C LYS B 95 -20.25 37.40 38.39
N SER B 96 -19.11 38.04 38.64
CA SER B 96 -18.55 39.04 37.75
C SER B 96 -17.37 38.47 36.98
N ASN B 97 -17.06 39.10 35.85
CA ASN B 97 -15.96 38.64 34.99
C ASN B 97 -14.63 38.98 35.67
N ILE B 98 -13.95 37.96 36.18
CA ILE B 98 -12.67 38.11 36.85
C ILE B 98 -11.55 37.41 36.08
N ILE B 99 -11.76 36.15 35.73
CA ILE B 99 -10.76 35.38 34.98
C ILE B 99 -11.02 35.59 33.49
N ARG B 100 -10.05 36.15 32.79
CA ARG B 100 -10.17 36.43 31.36
C ARG B 100 -9.09 35.81 30.51
N GLY B 101 -7.90 35.55 31.05
CA GLY B 101 -6.80 35.07 30.23
C GLY B 101 -6.08 33.90 30.88
N TRP B 102 -5.33 33.18 30.05
CA TRP B 102 -4.54 32.04 30.49
C TRP B 102 -3.25 32.00 29.68
N ILE B 103 -2.21 31.41 30.27
CA ILE B 103 -0.90 31.29 29.65
C ILE B 103 -0.57 29.81 29.54
N PHE B 104 -0.34 29.35 28.30
CA PHE B 104 0.07 27.99 28.02
C PHE B 104 1.44 27.98 27.37
N GLY B 105 2.17 26.89 27.58
CA GLY B 105 3.49 26.77 26.99
C GLY B 105 4.26 25.63 27.61
N THR B 106 5.54 25.56 27.24
CA THR B 106 6.44 24.53 27.74
C THR B 106 7.14 24.94 29.03
N THR B 107 7.60 26.20 29.12
CA THR B 107 8.26 26.68 30.32
C THR B 107 7.84 28.10 30.69
N LEU B 108 6.87 28.68 29.99
CA LEU B 108 6.38 30.04 30.27
C LEU B 108 7.51 31.06 30.21
N ASP B 109 8.29 31.01 29.13
CA ASP B 109 9.41 31.92 28.94
C ASP B 109 9.64 32.10 27.45
N SER B 110 10.61 32.95 27.12
CA SER B 110 10.94 33.22 25.73
C SER B 110 11.91 32.21 25.13
N LYS B 111 12.51 31.35 25.95
CA LYS B 111 13.45 30.35 25.45
C LYS B 111 12.76 29.16 24.80
N THR B 112 11.45 29.02 24.94
CA THR B 112 10.70 27.93 24.34
C THR B 112 9.40 28.48 23.78
N GLN B 113 8.61 27.59 23.17
CA GLN B 113 7.34 27.97 22.58
C GLN B 113 6.26 28.06 23.65
N SER B 114 5.37 29.04 23.51
CA SER B 114 4.28 29.22 24.45
C SER B 114 3.09 29.82 23.72
N LEU B 115 1.94 29.84 24.41
CA LEU B 115 0.69 30.35 23.86
C LEU B 115 0.06 31.33 24.83
N LEU B 116 -0.62 32.33 24.28
CA LEU B 116 -1.28 33.37 25.07
C LEU B 116 -2.69 33.55 24.55
N ILE B 117 -3.66 33.55 25.47
CA ILE B 117 -5.06 33.80 25.14
C ILE B 117 -5.62 34.74 26.19
N VAL B 118 -6.22 35.85 25.74
CA VAL B 118 -6.79 36.86 26.62
C VAL B 118 -8.14 37.28 26.08
N ASN B 119 -9.00 37.77 26.97
CA ASN B 119 -10.32 38.25 26.62
C ASN B 119 -10.40 39.73 26.95
N ASN B 120 -10.55 40.56 25.92
CA ASN B 120 -10.63 42.01 26.09
C ASN B 120 -12.07 42.42 26.36
N ALA B 121 -12.33 43.73 26.36
CA ALA B 121 -13.68 44.21 26.63
C ALA B 121 -14.61 43.96 25.45
N THR B 122 -14.06 43.81 24.24
CA THR B 122 -14.87 43.59 23.05
C THR B 122 -14.64 42.25 22.38
N ASN B 123 -13.39 41.86 22.13
CA ASN B 123 -13.09 40.61 21.45
C ASN B 123 -12.07 39.82 22.28
N VAL B 124 -11.70 38.65 21.77
CA VAL B 124 -10.69 37.80 22.37
C VAL B 124 -9.48 37.75 21.44
N VAL B 125 -8.29 37.71 22.02
CA VAL B 125 -7.05 37.75 21.26
C VAL B 125 -6.32 36.42 21.49
N ILE B 126 -6.23 35.61 20.44
CA ILE B 126 -5.41 34.41 20.46
C ILE B 126 -4.03 34.78 19.94
N LYS B 127 -3.00 34.48 20.72
CA LYS B 127 -1.66 34.98 20.41
C LYS B 127 -0.64 33.89 20.75
N VAL B 128 0.01 33.35 19.73
CA VAL B 128 1.10 32.41 19.88
C VAL B 128 2.39 33.19 19.64
N CYS B 129 3.04 33.60 20.73
CA CYS B 129 4.16 34.54 20.64
C CYS B 129 5.50 33.96 21.13
N GLU B 130 5.50 33.17 22.20
CA GLU B 130 6.72 32.65 22.80
C GLU B 130 7.65 33.79 23.21
N PHE B 131 7.06 34.81 23.82
CA PHE B 131 7.79 36.00 24.24
C PHE B 131 8.16 35.90 25.73
N GLN B 132 8.71 36.98 26.27
CA GLN B 132 9.16 37.04 27.65
C GLN B 132 7.94 37.25 28.54
N PHE B 133 7.37 36.14 29.03
CA PHE B 133 6.23 36.19 29.93
C PHE B 133 6.69 36.25 31.38
N CYS B 134 5.93 36.97 32.19
CA CYS B 134 6.26 37.13 33.60
C CYS B 134 5.84 35.89 34.39
N ASN B 135 6.52 35.69 35.53
CA ASN B 135 6.19 34.55 36.38
C ASN B 135 4.84 34.72 37.04
N ASP B 136 4.44 35.96 37.34
CA ASP B 136 3.15 36.27 37.97
C ASP B 136 2.41 37.26 37.07
N PRO B 137 1.76 36.79 36.01
CA PRO B 137 1.06 37.69 35.11
C PRO B 137 -0.17 38.30 35.77
N PHE B 138 -0.63 39.41 35.18
CA PHE B 138 -1.77 40.13 35.71
C PHE B 138 -2.39 40.96 34.60
N LEU B 139 -3.71 41.15 34.67
CA LEU B 139 -4.47 41.90 33.68
C LEU B 139 -5.16 43.07 34.35
N ASP B 140 -5.13 44.23 33.69
CA ASP B 140 -5.76 45.43 34.22
C ASP B 140 -6.23 46.32 33.08
N PHE B 152 -3.52 45.26 30.44
CA PHE B 152 -2.97 46.37 29.66
C PHE B 152 -1.55 46.04 29.18
N ARG B 153 -1.39 44.85 28.62
CA ARG B 153 -0.10 44.38 28.10
C ARG B 153 0.97 44.40 29.19
N VAL B 154 0.59 44.02 30.41
CA VAL B 154 1.53 44.01 31.51
C VAL B 154 2.31 42.70 31.56
N TYR B 155 1.67 41.58 31.18
CA TYR B 155 2.32 40.29 31.23
C TYR B 155 3.37 40.11 30.15
N SER B 156 3.37 40.96 29.12
CA SER B 156 4.30 40.86 28.02
C SER B 156 5.04 42.19 27.86
N SER B 157 6.35 42.13 27.68
CA SER B 157 7.17 43.32 27.49
C SER B 157 7.49 43.57 26.02
N ALA B 158 7.80 42.51 25.27
CA ALA B 158 8.08 42.62 23.85
C ALA B 158 7.21 41.63 23.09
N ASN B 159 6.76 42.04 21.91
CA ASN B 159 5.84 41.23 21.12
C ASN B 159 6.27 41.26 19.66
N ASN B 160 6.69 40.11 19.15
CA ASN B 160 6.99 39.90 17.74
C ASN B 160 6.32 38.62 17.26
N CYS B 161 5.05 38.47 17.62
CA CYS B 161 4.34 37.23 17.40
C CYS B 161 4.04 37.00 15.92
N THR B 162 3.62 35.78 15.60
CA THR B 162 3.30 35.39 14.24
C THR B 162 1.81 35.09 14.06
N PHE B 163 1.23 34.27 14.94
CA PHE B 163 -0.16 33.88 14.82
C PHE B 163 -1.06 34.95 15.43
N GLU B 164 -2.00 35.45 14.64
CA GLU B 164 -2.95 36.46 15.09
C GLU B 164 -4.33 36.11 14.57
N TYR B 165 -5.29 36.00 15.48
CA TYR B 165 -6.65 35.62 15.11
C TYR B 165 -7.60 36.05 16.22
N VAL B 166 -8.62 36.82 15.86
CA VAL B 166 -9.60 37.33 16.82
C VAL B 166 -10.98 36.81 16.43
N SER B 167 -11.87 36.72 17.42
CA SER B 167 -13.22 36.23 17.21
C SER B 167 -14.13 36.91 18.24
N GLN B 168 -15.34 36.35 18.38
CA GLN B 168 -16.29 36.89 19.34
C GLN B 168 -15.84 36.61 20.77
N PRO B 169 -16.23 37.45 21.73
CA PRO B 169 -15.83 37.20 23.11
C PRO B 169 -16.46 35.94 23.67
N PHE B 170 -15.72 35.24 24.53
CA PHE B 170 -16.21 34.01 25.12
C PHE B 170 -17.23 34.27 26.22
N LEU B 171 -16.81 35.00 27.26
CA LEU B 171 -17.70 35.32 28.37
C LEU B 171 -18.58 36.52 28.04
N LYS B 182 -22.79 33.65 40.00
CA LYS B 182 -24.12 33.22 39.60
C LYS B 182 -24.10 32.56 38.22
N ASN B 183 -22.91 32.43 37.65
CA ASN B 183 -22.73 31.83 36.34
C ASN B 183 -21.44 31.02 36.34
N LEU B 184 -21.55 29.73 36.04
CA LEU B 184 -20.40 28.84 36.01
C LEU B 184 -19.91 28.71 34.57
N ARG B 185 -18.62 28.94 34.37
CA ARG B 185 -17.98 28.87 33.06
C ARG B 185 -16.90 27.81 33.09
N GLU B 186 -17.04 26.78 32.25
CA GLU B 186 -16.11 25.67 32.19
C GLU B 186 -15.50 25.59 30.80
N PHE B 187 -14.22 25.23 30.75
CA PHE B 187 -13.49 25.13 29.49
C PHE B 187 -12.70 23.82 29.45
N VAL B 188 -12.43 23.35 28.24
CA VAL B 188 -11.64 22.14 28.01
C VAL B 188 -10.62 22.45 26.93
N PHE B 189 -9.34 22.23 27.22
CA PHE B 189 -8.25 22.50 26.29
C PHE B 189 -7.40 21.25 26.16
N LYS B 190 -7.29 20.75 24.93
CA LYS B 190 -6.41 19.62 24.63
C LYS B 190 -6.08 19.66 23.15
N ASN B 191 -4.82 19.37 22.81
CA ASN B 191 -4.33 19.42 21.44
C ASN B 191 -4.04 18.00 20.99
N ILE B 192 -4.79 17.53 19.99
CA ILE B 192 -4.62 16.19 19.44
C ILE B 192 -4.45 16.31 17.93
N ASP B 193 -3.56 15.49 17.37
CA ASP B 193 -3.28 15.46 15.94
C ASP B 193 -2.82 16.83 15.42
N GLY B 194 -2.08 17.56 16.25
CA GLY B 194 -1.58 18.85 15.85
C GLY B 194 -2.63 19.91 15.64
N TYR B 195 -3.81 19.74 16.22
CA TYR B 195 -4.91 20.70 16.09
C TYR B 195 -5.43 21.06 17.46
N PHE B 196 -5.46 22.35 17.76
CA PHE B 196 -5.92 22.85 19.06
C PHE B 196 -7.38 23.27 18.95
N LYS B 197 -8.23 22.72 19.81
CA LYS B 197 -9.65 23.00 19.83
C LYS B 197 -10.03 23.68 21.14
N ILE B 198 -11.06 24.50 21.09
CA ILE B 198 -11.54 25.25 22.24
C ILE B 198 -12.98 24.82 22.52
N TYR B 199 -13.23 24.33 23.73
CA TYR B 199 -14.56 23.91 24.16
C TYR B 199 -15.03 24.84 25.28
N SER B 200 -16.30 25.24 25.21
CA SER B 200 -16.84 26.19 26.16
C SER B 200 -18.31 25.88 26.41
N LYS B 201 -18.75 26.10 27.65
CA LYS B 201 -20.15 25.92 28.03
C LYS B 201 -20.41 26.74 29.30
N HIS B 202 -21.42 27.59 29.24
CA HIS B 202 -21.76 28.47 30.35
C HIS B 202 -23.10 28.05 30.95
N THR B 203 -23.11 27.75 32.24
CA THR B 203 -24.31 27.37 32.96
C THR B 203 -24.48 28.23 34.20
N PRO B 204 -25.70 28.65 34.52
CA PRO B 204 -25.91 29.48 35.71
C PRO B 204 -25.75 28.67 36.98
N ILE B 205 -25.46 29.38 38.06
CA ILE B 205 -25.28 28.76 39.37
C ILE B 205 -25.66 29.74 40.47
N ASP B 212 -19.30 24.92 45.65
CA ASP B 212 -18.58 23.95 44.83
C ASP B 212 -19.34 23.65 43.53
N LEU B 213 -18.92 22.59 42.84
CA LEU B 213 -19.58 22.22 41.61
C LEU B 213 -20.90 21.52 41.89
N PRO B 214 -21.99 21.92 41.23
CA PRO B 214 -23.28 21.28 41.46
C PRO B 214 -23.32 19.86 40.92
N GLN B 215 -24.41 19.16 41.22
CA GLN B 215 -24.61 17.79 40.77
C GLN B 215 -25.23 17.70 39.39
N GLY B 216 -25.41 18.83 38.70
CA GLY B 216 -26.00 18.81 37.38
C GLY B 216 -25.03 18.31 36.33
N PHE B 217 -25.58 18.05 35.14
CA PHE B 217 -24.83 17.54 34.01
C PHE B 217 -24.84 18.56 32.88
N SER B 218 -23.69 18.72 32.23
CA SER B 218 -23.57 19.67 31.13
C SER B 218 -22.41 19.26 30.25
N ALA B 219 -22.60 19.38 28.94
CA ALA B 219 -21.57 19.05 27.96
C ALA B 219 -21.11 20.32 27.25
N LEU B 220 -19.83 20.32 26.85
CA LEU B 220 -19.22 21.47 26.20
C LEU B 220 -19.25 21.27 24.69
N GLU B 221 -19.73 22.31 23.96
CA GLU B 221 -19.83 22.28 22.52
C GLU B 221 -18.57 22.87 21.88
N PRO B 222 -18.17 22.36 20.72
CA PRO B 222 -16.99 22.92 20.04
C PRO B 222 -17.25 24.33 19.56
N LEU B 223 -16.29 25.21 19.83
CA LEU B 223 -16.40 26.62 19.45
C LEU B 223 -15.36 27.02 18.42
N VAL B 224 -14.07 26.78 18.69
CA VAL B 224 -12.99 27.17 17.79
C VAL B 224 -12.14 25.95 17.50
N ASP B 225 -11.74 25.79 16.23
CA ASP B 225 -10.89 24.69 15.80
C ASP B 225 -9.68 25.30 15.09
N LEU B 226 -8.57 25.44 15.82
CA LEU B 226 -7.36 26.00 15.24
C LEU B 226 -6.47 24.90 14.67
N PRO B 227 -5.88 25.12 13.49
CA PRO B 227 -5.03 24.09 12.89
C PRO B 227 -3.60 24.12 13.43
N ILE B 228 -3.26 25.18 14.15
CA ILE B 228 -1.91 25.33 14.70
C ILE B 228 -1.79 24.51 15.97
N GLY B 229 -0.69 23.78 16.10
CA GLY B 229 -0.47 22.94 17.27
C GLY B 229 0.95 23.00 17.79
N ILE B 230 1.09 23.14 19.12
CA ILE B 230 2.39 23.20 19.78
C ILE B 230 2.40 22.19 20.93
N ASN B 231 3.53 22.13 21.62
CA ASN B 231 3.72 21.23 22.76
C ASN B 231 3.61 22.04 24.05
N ILE B 232 2.67 21.67 24.90
CA ILE B 232 2.41 22.37 26.15
C ILE B 232 2.67 21.40 27.31
N THR B 233 3.42 21.87 28.30
CA THR B 233 3.74 21.06 29.48
C THR B 233 3.22 21.66 30.78
N ARG B 234 3.23 22.98 30.91
CA ARG B 234 2.77 23.65 32.12
C ARG B 234 2.07 24.94 31.76
N PHE B 235 1.00 25.26 32.51
CA PHE B 235 0.21 26.45 32.24
C PHE B 235 -0.05 27.19 33.55
N GLN B 236 -0.57 28.41 33.42
CA GLN B 236 -0.88 29.24 34.57
C GLN B 236 -2.03 30.16 34.23
N THR B 237 -2.94 30.36 35.18
CA THR B 237 -4.10 31.21 34.98
C THR B 237 -3.79 32.65 35.40
N LEU B 238 -4.65 33.57 34.99
CA LEU B 238 -4.47 34.99 35.24
C LEU B 238 -5.69 35.56 35.94
N LEU B 239 -5.51 36.72 36.56
CA LEU B 239 -6.57 37.46 37.23
C LEU B 239 -6.68 38.87 36.65
N ALA B 240 -7.78 39.53 36.96
CA ALA B 240 -8.07 40.88 36.46
C ALA B 240 -8.52 41.78 37.59
N LEU B 241 -7.80 41.75 38.70
CA LEU B 241 -8.13 42.57 39.86
C LEU B 241 -7.93 44.05 39.53
N HIS B 242 -8.29 44.90 40.49
CA HIS B 242 -8.23 46.34 40.26
C HIS B 242 -6.83 46.91 40.40
N ARG B 243 -6.01 46.35 41.29
CA ARG B 243 -4.67 46.87 41.52
C ARG B 243 -3.73 45.72 41.87
N SER B 244 -2.53 45.77 41.30
CA SER B 244 -1.51 44.77 41.58
C SER B 244 -0.16 45.36 41.17
N TYR B 245 0.88 44.53 41.20
CA TYR B 245 2.22 44.99 40.84
C TYR B 245 2.40 44.94 39.33
N LEU B 246 2.99 46.00 38.77
CA LEU B 246 3.24 46.10 37.34
C LEU B 246 4.69 45.75 36.99
N THR B 247 5.37 45.03 37.87
CA THR B 247 6.76 44.62 37.65
C THR B 247 6.93 43.17 38.07
N PRO B 248 7.70 42.40 37.33
CA PRO B 248 7.92 40.98 37.67
C PRO B 248 8.91 40.74 38.81
N GLY B 249 9.33 41.78 39.53
CA GLY B 249 10.26 41.64 40.63
C GLY B 249 9.67 41.18 41.94
N ASP B 250 8.35 41.02 42.01
CA ASP B 250 7.68 40.57 43.22
C ASP B 250 6.56 39.62 42.84
N SER B 251 5.98 38.98 43.86
CA SER B 251 4.90 38.03 43.63
C SER B 251 4.05 37.94 44.89
N SER B 252 2.90 37.26 44.75
CA SER B 252 1.95 37.08 45.86
C SER B 252 1.51 38.41 46.43
N SER B 253 0.91 39.23 45.57
CA SER B 253 0.41 40.54 45.96
C SER B 253 -0.64 40.99 44.96
N GLY B 254 -1.67 41.66 45.46
CA GLY B 254 -2.73 42.14 44.60
C GLY B 254 -3.85 42.74 45.41
N TRP B 255 -4.91 43.15 44.71
CA TRP B 255 -6.06 43.75 45.36
C TRP B 255 -6.95 42.67 45.97
N THR B 256 -7.53 43.01 47.13
CA THR B 256 -8.42 42.09 47.84
C THR B 256 -9.82 42.24 47.26
N ALA B 257 -10.05 41.57 46.14
CA ALA B 257 -11.33 41.61 45.44
C ALA B 257 -12.30 40.65 46.13
N GLY B 258 -13.44 40.42 45.48
CA GLY B 258 -14.44 39.52 46.04
C GLY B 258 -13.99 38.07 46.01
N ALA B 259 -14.68 37.26 46.80
CA ALA B 259 -14.37 35.84 46.90
C ALA B 259 -14.74 35.12 45.61
N ALA B 260 -13.84 34.28 45.13
CA ALA B 260 -14.06 33.53 43.91
C ALA B 260 -13.20 32.27 43.93
N ALA B 261 -13.73 31.18 43.41
CA ALA B 261 -13.04 29.90 43.37
C ALA B 261 -13.04 29.35 41.95
N TYR B 262 -11.89 28.81 41.54
CA TYR B 262 -11.72 28.21 40.22
C TYR B 262 -11.10 26.83 40.39
N TYR B 263 -11.58 25.86 39.61
CA TYR B 263 -11.14 24.49 39.68
C TYR B 263 -10.44 24.09 38.39
N VAL B 264 -9.45 23.21 38.51
CA VAL B 264 -8.68 22.72 37.37
C VAL B 264 -8.72 21.20 37.39
N GLY B 265 -9.09 20.60 36.27
CA GLY B 265 -9.16 19.15 36.15
C GLY B 265 -8.29 18.66 35.02
N TYR B 266 -7.92 17.39 35.08
CA TYR B 266 -7.07 16.75 34.08
C TYR B 266 -7.80 15.57 33.46
N LEU B 267 -7.60 15.37 32.16
CA LEU B 267 -8.25 14.31 31.43
C LEU B 267 -7.35 13.08 31.34
N GLN B 268 -7.97 11.94 31.01
CA GLN B 268 -7.28 10.66 30.87
C GLN B 268 -7.94 9.90 29.74
N PRO B 269 -7.19 9.04 29.03
CA PRO B 269 -7.81 8.26 27.95
C PRO B 269 -8.73 7.18 28.49
N ARG B 270 -10.04 7.39 28.34
CA ARG B 270 -11.06 6.48 28.86
C ARG B 270 -12.10 6.22 27.78
N THR B 271 -13.08 5.40 28.11
CA THR B 271 -14.19 5.07 27.23
C THR B 271 -15.50 5.44 27.90
N PHE B 272 -16.26 6.32 27.26
CA PHE B 272 -17.54 6.78 27.78
C PHE B 272 -18.68 6.30 26.92
N LEU B 273 -19.88 6.26 27.51
CA LEU B 273 -21.12 5.94 26.81
C LEU B 273 -22.04 7.15 26.92
N LEU B 274 -22.17 7.90 25.83
CA LEU B 274 -22.90 9.15 25.85
C LEU B 274 -24.40 8.92 25.69
N LYS B 275 -25.18 9.63 26.49
CA LYS B 275 -26.63 9.58 26.43
C LYS B 275 -27.14 10.74 25.59
N TYR B 276 -27.56 10.45 24.37
CA TYR B 276 -28.06 11.47 23.44
C TYR B 276 -29.57 11.59 23.56
N ASN B 277 -30.05 12.82 23.75
CA ASN B 277 -31.47 13.09 23.88
C ASN B 277 -32.08 13.25 22.48
N GLU B 278 -33.33 13.71 22.43
CA GLU B 278 -33.99 13.91 21.14
C GLU B 278 -33.38 15.07 20.38
N ASN B 279 -32.87 16.09 21.07
CA ASN B 279 -32.27 17.26 20.45
C ASN B 279 -30.76 17.11 20.26
N GLY B 280 -30.22 15.91 20.42
CA GLY B 280 -28.80 15.70 20.25
C GLY B 280 -27.93 16.21 21.37
N THR B 281 -28.53 16.54 22.53
CA THR B 281 -27.78 17.02 23.68
C THR B 281 -27.42 15.87 24.59
N ILE B 282 -26.20 15.91 25.14
CA ILE B 282 -25.71 14.87 26.04
C ILE B 282 -26.39 15.05 27.39
N THR B 283 -27.24 14.10 27.75
CA THR B 283 -27.97 14.17 29.02
C THR B 283 -27.17 13.56 30.17
N ASP B 284 -26.53 12.41 29.95
CA ASP B 284 -25.74 11.77 30.98
C ASP B 284 -24.58 11.02 30.32
N ALA B 285 -23.63 10.60 31.16
CA ALA B 285 -22.49 9.83 30.71
C ALA B 285 -22.04 8.91 31.84
N VAL B 286 -21.41 7.81 31.47
CA VAL B 286 -20.91 6.83 32.42
C VAL B 286 -19.52 6.38 32.01
N ASP B 287 -18.66 6.14 33.00
CA ASP B 287 -17.31 5.66 32.77
C ASP B 287 -17.30 4.15 32.93
N CYS B 288 -16.74 3.44 31.94
CA CYS B 288 -16.74 1.99 31.94
C CYS B 288 -15.55 1.39 32.67
N ALA B 289 -14.62 2.22 33.15
CA ALA B 289 -13.44 1.75 33.85
C ALA B 289 -13.33 2.31 35.27
N LEU B 290 -14.42 2.87 35.79
CA LEU B 290 -14.43 3.45 37.13
C LEU B 290 -14.98 2.47 38.17
N ASP B 291 -16.21 2.00 37.96
CA ASP B 291 -16.85 1.07 38.88
C ASP B 291 -17.34 -0.16 38.13
N PRO B 292 -17.37 -1.33 38.78
CA PRO B 292 -17.87 -2.53 38.10
C PRO B 292 -19.34 -2.44 37.75
N LEU B 293 -20.14 -1.67 38.49
CA LEU B 293 -21.55 -1.49 38.14
C LEU B 293 -21.69 -0.71 36.85
N SER B 294 -20.83 0.29 36.64
CA SER B 294 -20.88 1.10 35.42
C SER B 294 -20.29 0.38 34.21
N GLU B 295 -19.71 -0.81 34.39
CA GLU B 295 -19.23 -1.58 33.26
C GLU B 295 -20.31 -2.48 32.69
N THR B 296 -21.27 -2.90 33.52
CA THR B 296 -22.39 -3.69 33.02
C THR B 296 -23.25 -2.88 32.07
N LYS B 297 -23.50 -1.61 32.39
CA LYS B 297 -24.27 -0.75 31.51
C LYS B 297 -23.52 -0.41 30.23
N CYS B 298 -22.18 -0.51 30.25
CA CYS B 298 -21.42 -0.31 29.02
C CYS B 298 -21.46 -1.56 28.15
N THR B 299 -21.27 -2.74 28.74
CA THR B 299 -21.29 -3.97 27.96
C THR B 299 -22.70 -4.36 27.54
N LEU B 300 -23.73 -3.78 28.17
CA LEU B 300 -25.10 -4.04 27.76
C LEU B 300 -25.67 -2.96 26.84
N LYS B 301 -24.95 -1.85 26.66
CA LYS B 301 -25.39 -0.75 25.79
C LYS B 301 -26.73 -0.20 26.23
N SER B 302 -26.96 -0.13 27.54
CA SER B 302 -28.18 0.42 28.09
C SER B 302 -27.90 0.95 29.49
N PHE B 303 -28.47 2.12 29.80
CA PHE B 303 -28.28 2.74 31.10
C PHE B 303 -29.10 2.09 32.21
N THR B 304 -29.93 1.09 31.88
CA THR B 304 -30.75 0.40 32.86
C THR B 304 -30.32 -1.05 32.93
N VAL B 305 -29.89 -1.48 34.11
CA VAL B 305 -29.44 -2.85 34.35
C VAL B 305 -30.39 -3.51 35.35
N GLU B 306 -30.86 -4.70 35.02
CA GLU B 306 -31.78 -5.43 35.87
C GLU B 306 -31.03 -6.41 36.77
N LYS B 307 -31.78 -7.18 37.55
CA LYS B 307 -31.17 -8.15 38.46
C LYS B 307 -30.65 -9.35 37.69
N GLY B 308 -29.39 -9.68 37.90
CA GLY B 308 -28.79 -10.81 37.22
C GLY B 308 -27.28 -10.71 37.24
N ILE B 309 -26.66 -11.74 36.68
CA ILE B 309 -25.20 -11.84 36.58
C ILE B 309 -24.81 -11.70 35.11
N TYR B 310 -23.82 -10.86 34.84
CA TYR B 310 -23.37 -10.59 33.48
C TYR B 310 -21.85 -10.62 33.44
N GLN B 311 -21.29 -11.17 32.36
CA GLN B 311 -19.85 -11.20 32.15
C GLN B 311 -19.46 -9.94 31.38
N THR B 312 -18.67 -9.07 32.02
CA THR B 312 -18.29 -7.79 31.45
C THR B 312 -16.98 -7.86 30.68
N SER B 313 -15.90 -8.23 31.36
CA SER B 313 -14.58 -8.28 30.74
C SER B 313 -13.78 -9.43 31.34
N ASN B 314 -12.52 -9.51 30.98
CA ASN B 314 -11.61 -10.55 31.45
C ASN B 314 -10.34 -9.88 31.97
N PHE B 315 -10.08 -10.01 33.27
CA PHE B 315 -8.91 -9.41 33.89
C PHE B 315 -7.72 -10.34 33.77
N ARG B 316 -6.53 -9.76 33.95
CA ARG B 316 -5.29 -10.51 33.85
C ARG B 316 -4.18 -9.75 34.58
N VAL B 317 -3.20 -10.51 35.06
CA VAL B 317 -2.07 -9.91 35.77
C VAL B 317 -1.12 -9.28 34.76
N GLN B 318 -0.76 -8.02 34.99
CA GLN B 318 0.13 -7.32 34.08
C GLN B 318 1.58 -7.73 34.36
N PRO B 319 2.42 -7.82 33.33
CA PRO B 319 3.83 -8.17 33.55
C PRO B 319 4.56 -7.09 34.34
N THR B 320 5.58 -7.52 35.08
CA THR B 320 6.38 -6.64 35.91
C THR B 320 7.69 -6.23 35.27
N GLU B 321 8.47 -7.18 34.76
CA GLU B 321 9.75 -6.88 34.13
C GLU B 321 10.01 -7.91 33.05
N SER B 322 11.22 -7.90 32.51
CA SER B 322 11.60 -8.80 31.43
C SER B 322 12.93 -9.46 31.76
N ILE B 323 13.07 -10.73 31.38
CA ILE B 323 14.28 -11.50 31.62
C ILE B 323 14.80 -12.01 30.28
N VAL B 324 16.06 -11.69 29.97
CA VAL B 324 16.72 -12.13 28.75
C VAL B 324 18.04 -12.75 29.14
N ARG B 325 18.17 -14.06 28.95
CA ARG B 325 19.37 -14.79 29.34
C ARG B 325 19.94 -15.55 28.14
N PHE B 326 21.23 -15.82 28.20
CA PHE B 326 21.94 -16.54 27.15
C PHE B 326 23.03 -17.36 27.80
N PRO B 327 23.51 -18.42 27.12
CA PRO B 327 24.60 -19.23 27.70
C PRO B 327 25.90 -18.46 27.84
N ASN B 328 26.93 -19.10 28.38
CA ASN B 328 28.21 -18.46 28.58
C ASN B 328 28.84 -18.09 27.25
N ILE B 329 29.69 -17.08 27.28
CA ILE B 329 30.32 -16.54 26.07
C ILE B 329 31.83 -16.63 26.19
N THR B 330 32.32 -17.64 26.91
CA THR B 330 33.77 -17.82 27.08
C THR B 330 34.40 -18.52 25.88
N ASN B 331 34.14 -18.00 24.69
CA ASN B 331 34.73 -18.46 23.44
C ASN B 331 35.12 -17.26 22.58
N LEU B 332 35.74 -16.28 23.22
CA LEU B 332 36.05 -15.02 22.56
C LEU B 332 37.01 -15.22 21.40
N CYS B 333 36.96 -14.28 20.45
CA CYS B 333 37.82 -14.35 19.29
C CYS B 333 39.27 -14.07 19.67
N PRO B 334 40.23 -14.69 18.97
CA PRO B 334 41.65 -14.43 19.27
C PRO B 334 42.10 -13.05 18.80
N PHE B 335 41.64 -12.03 19.53
CA PHE B 335 41.98 -10.64 19.22
C PHE B 335 43.37 -10.24 19.71
N ASP B 336 44.14 -11.17 20.26
CA ASP B 336 45.51 -10.87 20.66
C ASP B 336 46.47 -10.87 19.47
N GLU B 337 46.05 -11.42 18.33
CA GLU B 337 46.90 -11.46 17.14
C GLU B 337 46.83 -10.18 16.31
N VAL B 338 45.79 -9.36 16.52
CA VAL B 338 45.65 -8.13 15.75
C VAL B 338 46.17 -6.92 16.53
N PHE B 339 45.96 -6.90 17.85
CA PHE B 339 46.42 -5.77 18.66
C PHE B 339 47.81 -6.00 19.25
N ASN B 340 48.10 -7.21 19.71
CA ASN B 340 49.37 -7.52 20.36
C ASN B 340 50.30 -8.32 19.45
N ALA B 341 50.31 -8.02 18.15
CA ALA B 341 51.19 -8.71 17.23
C ALA B 341 52.59 -8.12 17.27
N THR B 342 53.60 -8.99 17.14
CA THR B 342 54.98 -8.55 17.19
C THR B 342 55.51 -8.12 15.82
N ARG B 343 54.83 -8.47 14.74
CA ARG B 343 55.26 -8.13 13.39
C ARG B 343 54.04 -7.91 12.51
N PHE B 344 53.99 -6.76 11.85
CA PHE B 344 52.95 -6.47 10.87
C PHE B 344 53.53 -6.50 9.46
N ALA B 345 52.63 -6.54 8.48
CA ALA B 345 53.00 -6.62 7.08
C ALA B 345 53.12 -5.22 6.48
N SER B 346 53.38 -5.16 5.19
CA SER B 346 53.58 -3.89 4.49
C SER B 346 52.24 -3.35 4.00
N VAL B 347 52.29 -2.32 3.16
CA VAL B 347 51.06 -1.71 2.67
C VAL B 347 50.46 -2.52 1.52
N TYR B 348 51.27 -3.31 0.83
CA TYR B 348 50.79 -4.11 -0.30
C TYR B 348 50.80 -5.60 -0.04
N ALA B 349 51.69 -6.08 0.84
CA ALA B 349 51.76 -7.50 1.17
C ALA B 349 51.05 -7.84 2.47
N TRP B 350 49.94 -7.16 2.75
CA TRP B 350 49.20 -7.40 3.98
C TRP B 350 48.47 -8.75 3.92
N ASN B 351 48.46 -9.46 5.04
CA ASN B 351 47.80 -10.74 5.13
C ASN B 351 46.34 -10.56 5.57
N ARG B 352 45.53 -11.58 5.31
CA ARG B 352 44.11 -11.55 5.58
C ARG B 352 43.74 -12.74 6.46
N LYS B 353 43.10 -12.47 7.59
CA LYS B 353 42.62 -13.51 8.50
C LYS B 353 41.10 -13.40 8.65
N ARG B 354 40.45 -14.55 8.75
CA ARG B 354 38.99 -14.62 8.86
C ARG B 354 38.61 -14.85 10.31
N ILE B 355 37.84 -13.92 10.88
CA ILE B 355 37.35 -14.03 12.25
C ILE B 355 35.97 -14.66 12.20
N SER B 356 35.90 -15.94 12.54
CA SER B 356 34.63 -16.66 12.50
C SER B 356 34.63 -17.74 13.56
N ASN B 357 33.46 -18.38 13.75
CA ASN B 357 33.26 -19.48 14.67
C ASN B 357 33.54 -19.09 16.12
N CYS B 358 33.54 -17.80 16.43
CA CYS B 358 33.77 -17.32 17.79
C CYS B 358 32.93 -16.08 18.04
N VAL B 359 32.70 -15.80 19.31
CA VAL B 359 31.92 -14.64 19.72
C VAL B 359 32.85 -13.44 19.87
N ALA B 360 32.48 -12.32 19.27
CA ALA B 360 33.28 -11.11 19.30
C ALA B 360 32.68 -10.09 20.26
N ASP B 361 33.55 -9.26 20.83
CA ASP B 361 33.17 -8.21 21.76
C ASP B 361 33.32 -6.87 21.04
N TYR B 362 32.27 -6.43 20.36
CA TYR B 362 32.29 -5.19 19.62
C TYR B 362 31.82 -4.03 20.49
N SER B 363 32.00 -2.82 19.96
CA SER B 363 31.68 -1.54 20.59
C SER B 363 32.58 -1.22 21.77
N VAL B 364 33.44 -2.14 22.19
CA VAL B 364 34.43 -1.89 23.23
C VAL B 364 35.75 -2.44 22.70
N LEU B 365 36.56 -1.57 22.09
CA LEU B 365 37.82 -2.03 21.53
C LEU B 365 38.97 -1.06 21.79
N TYR B 366 38.78 -0.02 22.58
CA TYR B 366 39.85 0.92 22.89
C TYR B 366 40.86 0.24 23.81
N ASN B 367 42.04 -0.04 23.27
CA ASN B 367 43.10 -0.68 24.06
C ASN B 367 44.25 0.30 24.25
N LEU B 368 44.49 1.16 23.27
CA LEU B 368 45.51 2.19 23.36
C LEU B 368 44.83 3.52 23.71
N ALA B 369 45.63 4.51 24.12
CA ALA B 369 45.09 5.79 24.55
C ALA B 369 44.62 6.66 23.38
N PRO B 370 45.50 6.99 22.40
CA PRO B 370 45.11 8.04 21.42
C PRO B 370 43.90 7.69 20.57
N PHE B 371 44.00 6.60 19.80
CA PHE B 371 42.96 6.21 18.85
C PHE B 371 42.50 7.40 18.00
N PHE B 372 43.42 7.96 17.21
CA PHE B 372 43.13 9.16 16.43
C PHE B 372 42.03 8.96 15.39
N THR B 373 41.82 7.73 14.92
CA THR B 373 40.89 7.47 13.83
C THR B 373 39.95 6.34 14.24
N PHE B 374 38.68 6.67 14.43
CA PHE B 374 37.65 5.68 14.72
C PHE B 374 36.40 6.01 13.90
N LYS B 375 36.60 6.34 12.63
CA LYS B 375 35.50 6.71 11.74
C LYS B 375 34.99 5.48 11.01
N CYS B 376 33.68 5.22 11.12
CA CYS B 376 33.04 4.10 10.46
C CYS B 376 32.18 4.62 9.31
N TYR B 377 31.94 3.74 8.33
CA TYR B 377 31.15 4.09 7.16
C TYR B 377 29.93 3.16 7.08
N GLY B 378 28.73 3.76 7.10
CA GLY B 378 27.50 3.03 6.92
C GLY B 378 26.94 2.40 8.17
N VAL B 379 27.77 2.08 9.16
CA VAL B 379 27.34 1.41 10.38
C VAL B 379 27.64 2.31 11.57
N SER B 380 26.68 2.42 12.48
CA SER B 380 26.87 3.24 13.67
C SER B 380 27.85 2.58 14.63
N PRO B 381 28.65 3.36 15.36
CA PRO B 381 29.60 2.75 16.30
C PRO B 381 28.94 2.03 17.45
N THR B 382 27.75 2.45 17.87
CA THR B 382 27.06 1.85 19.00
C THR B 382 26.13 0.71 18.59
N LYS B 383 26.12 0.32 17.31
CA LYS B 383 25.27 -0.76 16.83
C LYS B 383 26.09 -1.94 16.32
N LEU B 384 27.34 -2.08 16.79
CA LEU B 384 28.19 -3.17 16.33
C LEU B 384 27.94 -4.46 17.10
N ASN B 385 27.40 -4.36 18.32
CA ASN B 385 27.20 -5.55 19.14
C ASN B 385 25.96 -6.33 18.75
N ASP B 386 24.91 -5.65 18.27
CA ASP B 386 23.66 -6.29 17.91
C ASP B 386 23.60 -6.69 16.43
N LEU B 387 24.75 -6.81 15.78
CA LEU B 387 24.84 -7.22 14.38
C LEU B 387 25.69 -8.46 14.28
N CYS B 388 25.11 -9.55 13.76
CA CYS B 388 25.84 -10.79 13.57
C CYS B 388 26.51 -10.81 12.22
N PHE B 389 27.69 -11.43 12.17
CA PHE B 389 28.49 -11.53 10.95
C PHE B 389 28.93 -12.97 10.74
N THR B 390 29.40 -13.25 9.53
CA THR B 390 29.89 -14.56 9.16
C THR B 390 31.32 -14.55 8.65
N ASN B 391 31.74 -13.49 7.97
CA ASN B 391 33.10 -13.36 7.47
C ASN B 391 33.58 -11.93 7.71
N VAL B 392 34.70 -11.80 8.41
CA VAL B 392 35.28 -10.49 8.73
C VAL B 392 36.77 -10.56 8.45
N TYR B 393 37.24 -9.75 7.50
CA TYR B 393 38.66 -9.67 7.19
C TYR B 393 39.30 -8.50 7.92
N ALA B 394 40.60 -8.65 8.23
CA ALA B 394 41.36 -7.64 8.94
C ALA B 394 42.50 -7.17 8.04
N ASP B 395 42.42 -5.93 7.58
CA ASP B 395 43.44 -5.34 6.71
C ASP B 395 44.38 -4.52 7.58
N SER B 396 45.56 -5.06 7.84
CA SER B 396 46.56 -4.43 8.68
C SER B 396 47.69 -3.89 7.81
N PHE B 397 47.89 -2.58 7.84
CA PHE B 397 48.94 -1.94 7.05
C PHE B 397 49.45 -0.72 7.81
N VAL B 398 50.69 -0.35 7.53
CA VAL B 398 51.37 0.76 8.19
C VAL B 398 51.54 1.89 7.17
N ILE B 399 50.95 3.05 7.47
CA ILE B 399 51.02 4.21 6.60
C ILE B 399 51.47 5.41 7.43
N ARG B 400 51.69 6.52 6.73
CA ARG B 400 52.08 7.77 7.38
C ARG B 400 50.86 8.47 7.97
N GLY B 401 51.09 9.64 8.56
CA GLY B 401 50.00 10.39 9.15
C GLY B 401 49.14 11.12 8.13
N ASP B 402 49.77 11.73 7.12
CA ASP B 402 49.03 12.40 6.06
C ASP B 402 48.33 11.43 5.11
N GLU B 403 48.63 10.14 5.21
CA GLU B 403 48.00 9.12 4.38
C GLU B 403 46.79 8.47 5.03
N VAL B 404 46.46 8.87 6.27
CA VAL B 404 45.30 8.30 6.94
C VAL B 404 44.01 8.84 6.33
N ARG B 405 43.98 10.14 6.04
CA ARG B 405 42.80 10.74 5.42
C ARG B 405 42.59 10.30 3.98
N GLN B 406 43.63 9.79 3.32
CA GLN B 406 43.49 9.33 1.95
C GLN B 406 42.71 8.02 1.86
N ILE B 407 42.55 7.31 2.98
CA ILE B 407 41.78 6.05 2.98
C ILE B 407 40.34 6.44 3.25
N ALA B 408 39.64 6.78 2.16
CA ALA B 408 38.25 7.20 2.23
C ALA B 408 37.66 7.11 0.83
N PRO B 409 36.40 6.67 0.69
CA PRO B 409 35.78 6.58 -0.63
C PRO B 409 35.56 7.97 -1.21
N GLY B 410 36.15 8.21 -2.38
CA GLY B 410 35.99 9.48 -3.08
C GLY B 410 37.20 10.38 -3.10
N GLN B 411 38.31 9.99 -2.46
CA GLN B 411 39.52 10.78 -2.43
C GLN B 411 40.62 10.10 -3.24
N THR B 412 41.64 10.87 -3.57
CA THR B 412 42.76 10.39 -4.38
C THR B 412 44.06 10.93 -3.80
N GLY B 413 45.07 10.05 -3.71
CA GLY B 413 46.37 10.44 -3.21
C GLY B 413 47.47 9.52 -3.70
N ASN B 414 48.42 9.20 -2.82
CA ASN B 414 49.51 8.29 -3.15
C ASN B 414 49.25 6.85 -2.71
N ILE B 415 48.43 6.66 -1.69
CA ILE B 415 48.11 5.31 -1.23
C ILE B 415 46.77 4.84 -1.76
N ALA B 416 45.82 5.76 -1.96
CA ALA B 416 44.48 5.42 -2.39
C ALA B 416 44.38 5.06 -3.87
N ASP B 417 45.51 4.94 -4.57
CA ASP B 417 45.48 4.58 -5.98
C ASP B 417 46.50 3.52 -6.38
N TYR B 418 47.52 3.25 -5.57
CA TYR B 418 48.57 2.30 -5.93
C TYR B 418 48.91 1.30 -4.85
N ASN B 419 48.46 1.49 -3.61
CA ASN B 419 48.74 0.56 -2.52
C ASN B 419 47.47 -0.13 -2.01
N TYR B 420 46.46 0.65 -1.61
CA TYR B 420 45.24 0.08 -1.06
C TYR B 420 44.14 1.14 -1.12
N LYS B 421 42.97 0.75 -1.64
CA LYS B 421 41.86 1.66 -1.78
C LYS B 421 40.55 0.93 -1.47
N LEU B 422 39.66 1.63 -0.73
CA LEU B 422 38.35 1.10 -0.40
C LEU B 422 37.33 1.46 -1.46
N PRO B 423 36.34 0.61 -1.69
CA PRO B 423 35.30 0.92 -2.69
C PRO B 423 34.45 2.10 -2.26
N ASP B 424 33.59 2.53 -3.18
CA ASP B 424 32.70 3.65 -2.89
C ASP B 424 31.65 3.28 -1.86
N ASP B 425 31.04 2.10 -2.00
CA ASP B 425 30.05 1.62 -1.04
C ASP B 425 30.75 0.69 -0.04
N PHE B 426 31.63 1.29 0.75
CA PHE B 426 32.42 0.55 1.73
C PHE B 426 31.59 0.31 3.00
N THR B 427 31.58 -0.94 3.46
CA THR B 427 30.86 -1.33 4.67
C THR B 427 31.89 -1.80 5.70
N GLY B 428 32.22 -0.90 6.63
CA GLY B 428 33.18 -1.25 7.66
C GLY B 428 33.55 -0.02 8.47
N CYS B 429 34.68 -0.11 9.15
CA CYS B 429 35.18 0.97 9.97
C CYS B 429 36.70 1.03 9.88
N VAL B 430 37.25 2.23 10.02
CA VAL B 430 38.69 2.46 9.98
C VAL B 430 39.18 2.72 11.40
N ILE B 431 40.18 1.97 11.84
CA ILE B 431 40.74 2.08 13.17
C ILE B 431 42.25 2.29 13.04
N ALA B 432 42.74 3.37 13.65
CA ALA B 432 44.16 3.68 13.63
C ALA B 432 44.60 4.17 15.00
N TRP B 433 45.89 4.08 15.26
CA TRP B 433 46.47 4.51 16.53
C TRP B 433 47.90 4.96 16.29
N ASN B 434 48.54 5.41 17.37
CA ASN B 434 49.93 5.85 17.32
C ASN B 434 50.85 4.64 17.50
N SER B 435 51.85 4.53 16.62
CA SER B 435 52.75 3.37 16.64
C SER B 435 54.21 3.80 16.54
N ASN B 436 54.57 4.93 17.16
CA ASN B 436 55.94 5.40 17.16
C ASN B 436 56.73 4.96 18.39
N LYS B 437 56.15 4.09 19.24
CA LYS B 437 56.82 3.69 20.46
C LYS B 437 57.62 2.40 20.27
N LEU B 438 56.96 1.33 19.83
CA LEU B 438 57.60 0.03 19.68
C LEU B 438 58.27 -0.15 18.32
N ASP B 439 58.20 0.85 17.44
CA ASP B 439 58.87 0.79 16.15
C ASP B 439 59.86 1.94 16.01
N SER B 440 60.64 2.18 17.07
CA SER B 440 61.58 3.30 17.10
C SER B 440 63.00 2.75 17.03
N LYS B 441 63.71 3.08 15.95
CA LYS B 441 65.09 2.66 15.78
C LYS B 441 65.79 3.68 14.89
N VAL B 442 66.81 4.35 15.44
CA VAL B 442 67.53 5.37 14.68
C VAL B 442 68.55 4.76 13.73
N SER B 443 68.79 3.46 13.80
CA SER B 443 69.76 2.84 12.90
C SER B 443 69.21 2.73 11.49
N GLY B 444 67.91 2.56 11.33
CA GLY B 444 67.31 2.43 10.02
C GLY B 444 66.15 1.45 10.00
N ASN B 445 65.09 1.78 9.28
CA ASN B 445 63.89 0.95 9.17
C ASN B 445 63.71 0.58 7.71
N TYR B 446 64.33 -0.52 7.30
CA TYR B 446 64.21 -1.04 5.94
C TYR B 446 63.51 -2.40 5.90
N ASN B 447 62.50 -2.58 6.75
CA ASN B 447 61.75 -3.83 6.79
C ASN B 447 60.42 -3.73 6.05
N TYR B 448 59.78 -2.57 6.10
CA TYR B 448 58.50 -2.37 5.43
C TYR B 448 58.72 -1.78 4.05
N LEU B 449 57.96 -2.26 3.07
CA LEU B 449 58.09 -1.83 1.68
C LEU B 449 56.77 -1.25 1.19
N TYR B 450 56.88 -0.39 0.17
CA TYR B 450 55.70 0.21 -0.46
C TYR B 450 56.07 0.69 -1.84
N ARG B 451 55.12 0.61 -2.76
CA ARG B 451 55.32 1.08 -4.13
C ARG B 451 54.55 2.38 -4.36
N LEU B 452 54.87 3.05 -5.47
CA LEU B 452 54.23 4.31 -5.82
C LEU B 452 53.87 4.43 -7.30
N PHE B 453 54.12 3.41 -8.11
CA PHE B 453 53.87 3.49 -9.54
C PHE B 453 53.29 2.17 -10.03
N ARG B 454 52.37 2.28 -11.00
CA ARG B 454 51.78 1.10 -11.64
C ARG B 454 51.26 1.52 -13.01
N LYS B 455 50.90 0.52 -13.81
CA LYS B 455 50.43 0.78 -15.17
C LYS B 455 49.03 1.38 -15.18
N SER B 456 48.19 1.03 -14.21
CA SER B 456 46.82 1.50 -14.17
C SER B 456 46.39 1.67 -12.72
N ASN B 457 45.09 1.88 -12.52
CA ASN B 457 44.53 2.03 -11.19
C ASN B 457 44.33 0.67 -10.52
N LEU B 458 44.06 0.71 -9.22
CA LEU B 458 43.88 -0.52 -8.46
C LEU B 458 42.44 -1.02 -8.54
N LYS B 459 42.30 -2.34 -8.37
CA LYS B 459 41.00 -2.97 -8.21
C LYS B 459 40.65 -3.02 -6.73
N PRO B 460 39.37 -2.90 -6.38
CA PRO B 460 38.97 -3.06 -4.97
C PRO B 460 39.43 -4.39 -4.42
N PHE B 461 40.17 -4.32 -3.31
CA PHE B 461 40.76 -5.50 -2.66
C PHE B 461 41.68 -6.26 -3.62
N GLU B 462 42.73 -5.59 -4.06
CA GLU B 462 43.71 -6.15 -4.97
C GLU B 462 45.00 -6.46 -4.23
N ARG B 463 45.62 -7.59 -4.57
CA ARG B 463 46.89 -8.02 -3.99
C ARG B 463 47.94 -8.02 -5.08
N ASP B 464 48.98 -7.20 -4.89
CA ASP B 464 50.06 -7.06 -5.87
C ASP B 464 51.39 -7.36 -5.19
N ILE B 465 52.09 -8.39 -5.68
CA ILE B 465 53.41 -8.74 -5.18
C ILE B 465 54.45 -8.84 -6.28
N SER B 466 54.14 -8.37 -7.49
CA SER B 466 55.08 -8.45 -8.59
C SER B 466 56.22 -7.45 -8.41
N THR B 467 57.39 -7.79 -8.96
CA THR B 467 58.59 -6.97 -8.84
C THR B 467 59.25 -6.77 -10.20
N GLU B 468 58.46 -6.54 -11.24
CA GLU B 468 59.01 -6.26 -12.55
C GLU B 468 59.43 -4.80 -12.67
N ILE B 469 60.22 -4.51 -13.70
CA ILE B 469 60.71 -3.16 -13.93
C ILE B 469 59.60 -2.30 -14.52
N TYR B 470 59.51 -1.06 -14.05
CA TYR B 470 58.50 -0.12 -14.53
C TYR B 470 58.87 0.34 -15.93
N GLN B 471 58.19 -0.21 -16.94
CA GLN B 471 58.39 0.17 -18.33
C GLN B 471 57.34 1.22 -18.69
N ALA B 472 57.71 2.50 -18.59
CA ALA B 472 56.79 3.60 -18.84
C ALA B 472 56.89 4.10 -20.27
N GLY B 473 58.08 4.51 -20.70
CA GLY B 473 58.27 5.04 -22.04
C GLY B 473 58.41 3.98 -23.10
N ASN B 474 59.23 4.27 -24.11
CA ASN B 474 59.45 3.32 -25.20
C ASN B 474 60.87 2.75 -25.15
N LYS B 475 61.38 2.52 -23.95
CA LYS B 475 62.73 2.01 -23.74
C LYS B 475 62.64 0.63 -23.08
N PRO B 476 63.10 -0.43 -23.73
CA PRO B 476 63.02 -1.76 -23.11
C PRO B 476 63.98 -1.89 -21.95
N CYS B 477 63.51 -2.56 -20.89
CA CYS B 477 64.31 -2.78 -19.68
C CYS B 477 64.61 -4.27 -19.55
N ASN B 478 65.87 -4.59 -19.34
CA ASN B 478 66.33 -5.97 -19.18
C ASN B 478 67.12 -6.12 -17.89
N GLY B 479 66.58 -5.60 -16.79
CA GLY B 479 67.26 -5.64 -15.52
C GLY B 479 68.33 -4.57 -15.40
N VAL B 480 67.95 -3.32 -15.63
CA VAL B 480 68.87 -2.19 -15.60
C VAL B 480 68.38 -1.21 -14.54
N ALA B 481 69.31 -0.67 -13.76
CA ALA B 481 69.02 0.35 -12.75
C ALA B 481 69.56 1.68 -13.28
N GLY B 482 68.66 2.59 -13.63
CA GLY B 482 69.07 3.86 -14.17
C GLY B 482 68.12 4.45 -15.20
N PHE B 483 68.63 4.75 -16.38
CA PHE B 483 67.88 5.47 -17.41
C PHE B 483 66.64 4.68 -17.81
N ASN B 484 65.46 5.26 -17.54
CA ASN B 484 64.15 4.75 -17.93
C ASN B 484 63.80 3.41 -17.30
N CYS B 485 64.63 2.90 -16.40
CA CYS B 485 64.37 1.62 -15.73
C CYS B 485 64.72 1.77 -14.26
N TYR B 486 63.76 1.47 -13.38
CA TYR B 486 63.95 1.63 -11.95
C TYR B 486 63.30 0.46 -11.22
N PHE B 487 63.51 0.44 -9.90
CA PHE B 487 62.85 -0.54 -9.04
C PHE B 487 61.67 0.13 -8.35
N PRO B 488 60.44 -0.33 -8.55
CA PRO B 488 59.29 0.36 -7.96
C PRO B 488 59.13 0.15 -6.47
N LEU B 489 59.79 -0.85 -5.89
CA LEU B 489 59.64 -1.15 -4.47
C LEU B 489 60.66 -0.35 -3.66
N ARG B 490 60.18 0.38 -2.66
CA ARG B 490 61.04 1.16 -1.77
C ARG B 490 60.51 1.03 -0.34
N SER B 491 61.37 1.38 0.61
CA SER B 491 61.08 1.19 2.02
C SER B 491 60.73 2.51 2.69
N TYR B 492 60.44 2.44 3.99
CA TYR B 492 60.08 3.60 4.79
C TYR B 492 61.30 4.17 5.50
N SER B 493 61.09 5.27 6.22
CA SER B 493 62.12 5.96 6.98
C SER B 493 61.59 6.38 8.34
N PHE B 494 60.89 5.47 9.01
CA PHE B 494 60.24 5.80 10.28
C PHE B 494 61.26 6.12 11.35
N ARG B 495 60.91 7.07 12.21
CA ARG B 495 61.74 7.55 13.29
C ARG B 495 60.87 7.82 14.51
N PRO B 496 61.43 7.77 15.72
CA PRO B 496 60.63 8.08 16.91
C PRO B 496 60.19 9.53 17.01
N THR B 497 60.76 10.42 16.18
CA THR B 497 60.42 11.84 16.17
C THR B 497 59.88 12.26 14.81
N TYR B 498 58.94 11.47 14.27
CA TYR B 498 58.42 11.68 12.92
C TYR B 498 57.37 12.77 12.86
N GLY B 499 57.27 13.62 13.88
CA GLY B 499 56.36 14.75 13.86
C GLY B 499 55.00 14.47 14.45
N VAL B 500 53.98 15.17 13.97
CA VAL B 500 52.62 14.99 14.47
C VAL B 500 51.61 14.67 13.37
N GLY B 501 51.89 14.99 12.11
CA GLY B 501 50.95 14.70 11.03
C GLY B 501 51.50 13.72 10.03
N HIS B 502 52.64 13.10 10.35
CA HIS B 502 53.27 12.12 9.48
C HIS B 502 53.61 10.81 10.18
N GLN B 503 53.33 10.68 11.48
CA GLN B 503 53.67 9.51 12.29
C GLN B 503 53.17 8.22 11.65
N PRO B 504 53.83 7.08 11.89
CA PRO B 504 53.34 5.81 11.37
C PRO B 504 52.04 5.37 12.02
N TYR B 505 50.97 5.31 11.22
CA TYR B 505 49.64 4.92 11.71
C TYR B 505 49.38 3.49 11.25
N ARG B 506 49.45 2.55 12.20
CA ARG B 506 49.09 1.17 11.93
C ARG B 506 47.57 1.06 11.91
N VAL B 507 47.01 0.92 10.71
CA VAL B 507 45.57 0.95 10.50
C VAL B 507 45.08 -0.49 10.31
N VAL B 508 44.03 -0.85 11.05
CA VAL B 508 43.39 -2.14 10.93
C VAL B 508 41.95 -1.90 10.51
N VAL B 509 41.63 -2.29 9.28
CA VAL B 509 40.29 -2.08 8.72
C VAL B 509 39.41 -3.26 9.09
N LEU B 510 38.31 -2.99 9.80
CA LEU B 510 37.36 -4.02 10.20
C LEU B 510 36.22 -4.03 9.19
N SER B 511 36.50 -4.61 8.02
CA SER B 511 35.52 -4.71 6.95
C SER B 511 34.83 -6.06 7.00
N PHE B 512 33.50 -6.05 7.04
CA PHE B 512 32.70 -7.26 7.10
C PHE B 512 32.08 -7.55 5.75
N GLU B 513 31.80 -8.84 5.51
CA GLU B 513 31.17 -9.28 4.27
C GLU B 513 29.82 -9.91 4.62
N LEU B 514 28.76 -9.44 3.96
CA LEU B 514 27.41 -9.92 4.18
C LEU B 514 26.84 -10.43 2.87
N LEU B 515 26.57 -11.73 2.81
CA LEU B 515 26.04 -12.37 1.61
C LEU B 515 24.89 -13.32 1.96
N HIS B 516 23.99 -12.89 2.83
CA HIS B 516 22.85 -13.67 3.31
C HIS B 516 23.25 -15.10 3.65
N ALA B 517 24.39 -15.22 4.31
CA ALA B 517 24.94 -16.48 4.75
C ALA B 517 24.60 -16.73 6.22
N PRO B 518 24.62 -18.00 6.66
CA PRO B 518 24.36 -18.28 8.08
C PRO B 518 25.42 -17.66 8.98
N ALA B 519 25.01 -16.70 9.80
CA ALA B 519 25.95 -15.96 10.64
C ALA B 519 26.40 -16.82 11.82
N THR B 520 27.68 -16.73 12.15
CA THR B 520 28.26 -17.45 13.28
C THR B 520 28.87 -16.56 14.34
N VAL B 521 29.32 -15.36 13.98
CA VAL B 521 29.94 -14.44 14.93
C VAL B 521 28.82 -13.63 15.59
N CYS B 522 28.57 -13.94 16.86
CA CYS B 522 27.54 -13.25 17.63
C CYS B 522 28.18 -12.19 18.52
N GLY B 523 27.35 -11.25 18.97
CA GLY B 523 27.79 -10.18 19.82
C GLY B 523 27.68 -10.53 21.29
N PRO B 524 28.14 -9.63 22.16
CA PRO B 524 28.07 -9.86 23.61
C PRO B 524 26.61 -9.85 24.07
N LYS B 525 26.17 -10.96 24.66
CA LYS B 525 24.82 -11.11 25.18
C LYS B 525 24.93 -11.46 26.66
N LYS B 526 24.84 -10.45 27.52
CA LYS B 526 24.96 -10.64 28.97
C LYS B 526 23.95 -9.72 29.65
N SER B 527 22.77 -10.25 29.94
CA SER B 527 21.74 -9.53 30.67
C SER B 527 20.96 -10.49 31.57
N THR B 528 21.68 -11.42 32.21
CA THR B 528 21.05 -12.48 32.97
C THR B 528 20.63 -11.95 34.34
N ASN B 529 19.32 -12.04 34.63
CA ASN B 529 18.79 -11.67 35.93
C ASN B 529 17.51 -12.47 36.14
N LEU B 530 17.59 -13.53 36.94
CA LEU B 530 16.49 -14.47 37.08
C LEU B 530 15.65 -14.14 38.31
N VAL B 531 14.33 -14.16 38.14
CA VAL B 531 13.38 -13.98 39.23
C VAL B 531 12.26 -14.98 39.04
N LYS B 532 11.63 -15.37 40.16
CA LYS B 532 10.61 -16.39 40.16
C LYS B 532 9.39 -15.91 40.95
N ASN B 533 8.43 -16.82 41.11
CA ASN B 533 7.22 -16.59 41.91
C ASN B 533 6.33 -15.49 41.33
N LYS B 534 6.54 -15.15 40.05
CA LYS B 534 5.70 -14.18 39.37
C LYS B 534 5.95 -14.29 37.87
N CYS B 535 4.92 -14.00 37.08
CA CYS B 535 5.00 -14.11 35.64
C CYS B 535 5.63 -12.86 35.05
N VAL B 536 6.73 -13.04 34.33
CA VAL B 536 7.44 -11.94 33.69
C VAL B 536 7.80 -12.37 32.27
N ASN B 537 8.15 -11.39 31.44
CA ASN B 537 8.57 -11.66 30.07
C ASN B 537 9.90 -12.39 30.09
N PHE B 538 9.88 -13.68 29.76
CA PHE B 538 11.08 -14.51 29.75
C PHE B 538 11.59 -14.68 28.34
N ASN B 539 12.91 -14.66 28.18
CA ASN B 539 13.56 -14.80 26.88
C ASN B 539 14.82 -15.65 27.08
N PHE B 540 14.67 -16.95 26.87
CA PHE B 540 15.77 -17.91 26.97
C PHE B 540 16.08 -18.41 25.56
N ASN B 541 17.08 -17.79 24.94
CA ASN B 541 17.47 -18.05 23.55
C ASN B 541 16.24 -18.23 22.65
N GLY B 542 15.31 -17.30 22.77
CA GLY B 542 14.06 -17.34 22.05
C GLY B 542 12.89 -17.65 22.96
N LEU B 543 11.80 -18.11 22.33
CA LEU B 543 10.56 -18.48 23.02
C LEU B 543 10.02 -17.31 23.85
N LYS B 544 9.66 -16.25 23.14
CA LYS B 544 9.12 -15.05 23.78
C LYS B 544 7.71 -15.33 24.28
N GLY B 545 7.47 -15.07 25.55
CA GLY B 545 6.18 -15.29 26.14
C GLY B 545 6.06 -14.64 27.49
N THR B 546 5.05 -15.07 28.25
CA THR B 546 4.79 -14.54 29.59
C THR B 546 4.32 -15.69 30.48
N GLY B 547 5.05 -15.92 31.56
CA GLY B 547 4.69 -16.98 32.49
C GLY B 547 5.60 -16.96 33.70
N VAL B 548 5.18 -17.68 34.72
CA VAL B 548 5.94 -17.75 35.98
C VAL B 548 7.06 -18.77 35.83
N LEU B 549 8.02 -18.73 36.74
CA LEU B 549 9.14 -19.68 36.77
C LEU B 549 9.06 -20.46 38.06
N THR B 550 8.76 -21.75 37.96
CA THR B 550 8.60 -22.62 39.12
C THR B 550 9.44 -23.87 38.94
N GLU B 551 10.06 -24.31 40.02
CA GLU B 551 10.88 -25.51 39.98
C GLU B 551 10.04 -26.74 39.63
N SER B 552 10.51 -27.51 38.66
CA SER B 552 9.79 -28.67 38.16
C SER B 552 10.21 -29.93 38.92
N ASN B 553 9.59 -31.04 38.58
CA ASN B 553 9.87 -32.32 39.21
C ASN B 553 10.39 -33.37 38.23
N LYS B 554 10.07 -33.27 36.95
CA LYS B 554 10.53 -34.24 35.96
C LYS B 554 11.95 -33.92 35.53
N LYS B 555 12.77 -34.96 35.40
CA LYS B 555 14.16 -34.83 34.97
C LYS B 555 14.23 -35.04 33.47
N PHE B 556 14.62 -34.01 32.74
CA PHE B 556 14.69 -34.08 31.29
C PHE B 556 16.03 -34.67 30.85
N LEU B 557 16.05 -35.16 29.60
CA LEU B 557 17.27 -35.73 29.05
C LEU B 557 18.25 -34.62 28.71
N PRO B 558 19.56 -34.91 28.74
CA PRO B 558 20.57 -33.86 28.54
C PRO B 558 20.57 -33.23 27.16
N PHE B 559 19.90 -33.83 26.17
CA PHE B 559 19.88 -33.25 24.84
C PHE B 559 18.70 -32.33 24.61
N GLN B 560 17.65 -32.45 25.42
CA GLN B 560 16.47 -31.62 25.27
C GLN B 560 16.72 -30.23 25.84
N GLN B 561 16.28 -29.21 25.12
CA GLN B 561 16.43 -27.82 25.55
C GLN B 561 15.14 -27.19 26.04
N PHE B 562 14.00 -27.60 25.51
CA PHE B 562 12.70 -27.08 25.95
C PHE B 562 11.63 -28.13 25.71
N GLY B 563 10.75 -28.30 26.68
CA GLY B 563 9.67 -29.26 26.58
C GLY B 563 8.34 -28.58 26.34
N ARG B 564 7.41 -29.35 25.77
CA ARG B 564 6.07 -28.87 25.45
C ARG B 564 5.04 -29.88 25.92
N ASP B 565 3.91 -29.38 26.42
CA ASP B 565 2.82 -30.23 26.87
C ASP B 565 1.91 -30.55 25.68
N ILE B 566 0.74 -31.15 25.95
CA ILE B 566 -0.19 -31.47 24.87
C ILE B 566 -0.71 -30.20 24.24
N ALA B 567 -1.19 -30.31 23.00
CA ALA B 567 -1.70 -29.18 22.22
C ALA B 567 -0.62 -28.10 22.03
N ASP B 568 0.64 -28.53 21.99
CA ASP B 568 1.78 -27.64 21.76
C ASP B 568 1.82 -26.51 22.79
N THR B 569 1.83 -26.89 24.06
CA THR B 569 1.89 -25.94 25.16
C THR B 569 3.26 -26.03 25.83
N THR B 570 4.04 -24.96 25.72
CA THR B 570 5.36 -24.91 26.33
C THR B 570 5.21 -24.85 27.85
N ASP B 571 5.59 -25.93 28.54
CA ASP B 571 5.40 -26.04 29.98
C ASP B 571 6.69 -25.83 30.77
N ALA B 572 7.83 -26.27 30.23
CA ALA B 572 9.10 -26.19 30.96
C ALA B 572 10.23 -25.87 30.01
N VAL B 573 11.13 -24.98 30.44
CA VAL B 573 12.31 -24.60 29.68
C VAL B 573 13.48 -24.54 30.66
N ARG B 574 14.54 -25.30 30.37
CA ARG B 574 15.71 -25.34 31.23
C ARG B 574 16.53 -24.07 31.09
N ASP B 575 17.29 -23.77 32.13
CA ASP B 575 18.14 -22.58 32.11
C ASP B 575 19.37 -22.85 31.23
N PRO B 576 19.64 -22.01 30.24
CA PRO B 576 20.79 -22.26 29.35
C PRO B 576 22.13 -22.05 30.06
N GLN B 577 22.16 -21.19 31.07
CA GLN B 577 23.39 -20.88 31.79
C GLN B 577 23.51 -21.61 33.12
N THR B 578 22.42 -22.13 33.66
CA THR B 578 22.44 -22.81 34.95
C THR B 578 22.06 -24.29 34.87
N LEU B 579 21.51 -24.75 33.73
CA LEU B 579 21.10 -26.14 33.56
C LEU B 579 20.05 -26.56 34.57
N GLU B 580 19.27 -25.60 35.07
CA GLU B 580 18.18 -25.86 36.00
C GLU B 580 16.85 -25.79 35.26
N ILE B 581 15.99 -26.78 35.49
CA ILE B 581 14.70 -26.87 34.83
C ILE B 581 13.68 -26.06 35.61
N LEU B 582 12.86 -25.29 34.90
CA LEU B 582 11.85 -24.45 35.52
C LEU B 582 10.55 -24.57 34.73
N ASP B 583 9.44 -24.68 35.45
CA ASP B 583 8.13 -24.80 34.84
C ASP B 583 7.60 -23.41 34.45
N ILE B 584 6.82 -23.38 33.37
CA ILE B 584 6.30 -22.13 32.81
C ILE B 584 4.78 -22.25 32.72
N THR B 585 4.08 -21.47 33.55
CA THR B 585 2.63 -21.36 33.48
C THR B 585 2.23 -19.88 33.42
N PRO B 586 1.20 -19.55 32.63
CA PRO B 586 0.82 -18.14 32.47
C PRO B 586 0.29 -17.55 33.77
N CYS B 587 0.03 -16.25 33.72
CA CYS B 587 -0.48 -15.53 34.88
C CYS B 587 -1.90 -15.97 35.21
N SER B 588 -2.41 -15.47 36.35
CA SER B 588 -3.78 -15.77 36.74
C SER B 588 -4.75 -14.96 35.89
N PHE B 589 -5.75 -15.64 35.33
CA PHE B 589 -6.76 -15.00 34.50
C PHE B 589 -8.13 -15.55 34.87
N GLY B 590 -9.15 -14.92 34.31
CA GLY B 590 -10.51 -15.35 34.57
C GLY B 590 -11.50 -14.30 34.11
N GLY B 591 -12.77 -14.71 34.09
CA GLY B 591 -13.84 -13.82 33.67
C GLY B 591 -14.40 -13.02 34.83
N VAL B 592 -14.79 -11.78 34.54
CA VAL B 592 -15.37 -10.88 35.53
C VAL B 592 -16.87 -11.02 35.49
N SER B 593 -17.46 -11.47 36.60
CA SER B 593 -18.90 -11.63 36.72
C SER B 593 -19.41 -10.68 37.79
N VAL B 594 -20.31 -9.79 37.41
CA VAL B 594 -20.85 -8.78 38.31
C VAL B 594 -22.25 -9.22 38.73
N ILE B 595 -22.41 -9.53 40.02
CA ILE B 595 -23.70 -9.92 40.58
C ILE B 595 -24.37 -8.65 41.10
N THR B 596 -25.34 -8.14 40.33
CA THR B 596 -26.04 -6.93 40.71
C THR B 596 -27.53 -7.19 40.84
N PRO B 597 -28.18 -6.68 41.89
CA PRO B 597 -29.62 -6.85 42.05
C PRO B 597 -30.48 -5.89 41.25
N GLY B 598 -29.89 -5.11 40.34
CA GLY B 598 -30.64 -4.16 39.56
C GLY B 598 -30.56 -2.75 40.11
N THR B 599 -30.41 -1.77 39.22
CA THR B 599 -30.33 -0.37 39.64
C THR B 599 -31.65 0.20 40.12
N ASN B 600 -32.74 -0.54 39.98
CA ASN B 600 -34.04 -0.05 40.43
C ASN B 600 -34.15 -0.06 41.95
N THR B 601 -33.45 -0.98 42.61
CA THR B 601 -33.52 -1.13 44.06
C THR B 601 -32.30 -0.58 44.78
N SER B 602 -31.10 -0.88 44.32
CA SER B 602 -29.88 -0.42 44.98
C SER B 602 -28.77 -0.36 43.94
N ASN B 603 -27.61 0.17 44.37
CA ASN B 603 -26.46 0.33 43.50
C ASN B 603 -25.24 -0.44 43.99
N GLN B 604 -25.40 -1.31 44.98
CA GLN B 604 -24.27 -2.07 45.50
C GLN B 604 -23.79 -3.10 44.46
N VAL B 605 -22.49 -3.32 44.45
CA VAL B 605 -21.84 -4.16 43.45
C VAL B 605 -21.27 -5.40 44.12
N ALA B 606 -21.25 -6.50 43.37
CA ALA B 606 -20.65 -7.74 43.82
C ALA B 606 -19.96 -8.39 42.63
N VAL B 607 -18.64 -8.51 42.69
CA VAL B 607 -17.85 -9.03 41.59
C VAL B 607 -17.51 -10.49 41.86
N LEU B 608 -17.17 -11.22 40.79
CA LEU B 608 -16.82 -12.63 40.88
C LEU B 608 -15.69 -12.90 39.90
N TYR B 609 -14.57 -13.42 40.42
CA TYR B 609 -13.42 -13.79 39.60
C TYR B 609 -13.47 -15.30 39.36
N GLN B 610 -13.78 -15.69 38.13
CA GLN B 610 -13.98 -17.09 37.79
C GLN B 610 -12.64 -17.82 37.71
N GLY B 611 -12.55 -18.96 38.39
CA GLY B 611 -11.36 -19.78 38.32
C GLY B 611 -10.13 -19.19 38.96
N VAL B 612 -10.30 -18.28 39.92
CA VAL B 612 -9.18 -17.62 40.61
C VAL B 612 -9.34 -17.86 42.10
N ASN B 613 -8.26 -18.30 42.73
CA ASN B 613 -8.27 -18.49 44.18
C ASN B 613 -8.26 -17.14 44.88
N CYS B 614 -8.88 -17.09 46.06
CA CYS B 614 -8.94 -15.84 46.82
C CYS B 614 -7.61 -15.43 47.43
N THR B 615 -6.58 -16.28 47.34
CA THR B 615 -5.28 -15.93 47.89
C THR B 615 -4.61 -14.81 47.10
N GLU B 616 -4.97 -14.62 45.84
CA GLU B 616 -4.43 -13.58 44.99
C GLU B 616 -5.55 -12.68 44.49
N VAL B 617 -5.19 -11.72 43.65
CA VAL B 617 -6.17 -10.79 43.09
C VAL B 617 -6.88 -11.41 41.90
N SER B 637 -17.26 -5.70 51.55
CA SER B 637 -15.79 -5.79 51.55
C SER B 637 -15.33 -7.18 51.94
N ASN B 638 -16.27 -8.01 52.40
CA ASN B 638 -15.93 -9.37 52.79
C ASN B 638 -15.67 -10.23 51.56
N VAL B 639 -14.73 -11.16 51.70
CA VAL B 639 -14.31 -12.05 50.62
C VAL B 639 -14.69 -13.48 51.00
N PHE B 640 -15.32 -14.18 50.05
CA PHE B 640 -15.72 -15.56 50.25
C PHE B 640 -15.32 -16.37 49.02
N GLN B 641 -14.76 -17.55 49.26
CA GLN B 641 -14.27 -18.40 48.18
C GLN B 641 -15.32 -19.43 47.81
N THR B 642 -15.53 -19.61 46.51
CA THR B 642 -16.48 -20.57 45.97
C THR B 642 -15.77 -21.47 44.97
N ARG B 643 -16.36 -22.64 44.73
CA ARG B 643 -15.79 -23.58 43.78
C ARG B 643 -15.73 -23.02 42.36
N ALA B 644 -16.64 -22.11 42.00
CA ALA B 644 -16.60 -21.48 40.69
C ALA B 644 -15.53 -20.39 40.62
N GLY B 645 -15.18 -19.80 41.75
CA GLY B 645 -14.17 -18.77 41.76
C GLY B 645 -14.25 -17.97 43.06
N CYS B 646 -13.47 -16.89 43.09
CA CYS B 646 -13.41 -16.03 44.26
C CYS B 646 -14.46 -14.93 44.12
N LEU B 647 -15.32 -14.80 45.13
CA LEU B 647 -16.41 -13.83 45.14
C LEU B 647 -16.05 -12.72 46.13
N ILE B 648 -16.07 -11.48 45.65
CA ILE B 648 -15.75 -10.31 46.45
C ILE B 648 -16.92 -9.34 46.38
N GLY B 649 -17.39 -8.91 47.55
CA GLY B 649 -18.47 -7.95 47.64
C GLY B 649 -19.78 -8.48 48.21
N ALA B 650 -19.77 -9.65 48.84
CA ALA B 650 -20.97 -10.21 49.43
C ALA B 650 -20.59 -11.20 50.51
N GLU B 651 -21.27 -11.14 51.66
CA GLU B 651 -21.00 -12.02 52.77
C GLU B 651 -21.86 -13.28 52.69
N TYR B 652 -21.37 -14.35 53.31
CA TYR B 652 -22.08 -15.62 53.34
C TYR B 652 -22.97 -15.70 54.57
N VAL B 653 -24.16 -16.25 54.40
CA VAL B 653 -25.12 -16.39 55.48
C VAL B 653 -25.43 -17.88 55.67
N ASN B 654 -25.81 -18.24 56.90
CA ASN B 654 -26.07 -19.63 57.22
C ASN B 654 -27.44 -20.09 56.70
N ASN B 655 -28.44 -19.21 56.71
CA ASN B 655 -29.78 -19.59 56.29
C ASN B 655 -29.88 -19.65 54.77
N SER B 656 -30.51 -20.71 54.27
CA SER B 656 -30.66 -20.92 52.84
C SER B 656 -32.04 -20.44 52.37
N TYR B 657 -32.07 -19.87 51.16
CA TYR B 657 -33.31 -19.38 50.56
C TYR B 657 -33.35 -19.84 49.12
N GLU B 658 -34.34 -19.35 48.38
CA GLU B 658 -34.46 -19.68 46.97
C GLU B 658 -33.36 -18.98 46.16
N CYS B 659 -32.91 -19.65 45.11
CA CYS B 659 -31.85 -19.12 44.25
C CYS B 659 -32.42 -18.02 43.37
N ASP B 660 -31.96 -16.78 43.58
CA ASP B 660 -32.39 -15.63 42.79
C ASP B 660 -31.42 -15.31 41.66
N ILE B 661 -30.13 -15.28 41.94
CA ILE B 661 -29.12 -15.02 40.92
C ILE B 661 -28.20 -16.23 40.81
N PRO B 662 -28.27 -16.99 39.72
CA PRO B 662 -27.44 -18.21 39.60
C PRO B 662 -25.97 -17.85 39.46
N ILE B 663 -25.17 -18.29 40.43
CA ILE B 663 -23.73 -18.05 40.41
C ILE B 663 -23.02 -19.34 40.06
N GLY B 664 -23.29 -20.40 40.83
CA GLY B 664 -22.67 -21.69 40.59
C GLY B 664 -22.27 -22.40 41.85
N ALA B 665 -21.94 -23.70 41.73
CA ALA B 665 -21.52 -24.53 42.86
C ALA B 665 -22.57 -24.56 43.97
N GLY B 666 -23.83 -24.51 43.58
CA GLY B 666 -24.92 -24.58 44.54
C GLY B 666 -25.08 -23.37 45.43
N ILE B 667 -24.44 -22.25 45.09
CA ILE B 667 -24.50 -21.04 45.90
C ILE B 667 -25.01 -19.91 45.00
N CYS B 668 -26.08 -19.24 45.43
CA CYS B 668 -26.65 -18.11 44.71
C CYS B 668 -26.63 -16.88 45.60
N ALA B 669 -27.00 -15.75 45.00
CA ALA B 669 -27.01 -14.47 45.70
C ALA B 669 -28.38 -13.81 45.53
N SER B 670 -28.72 -12.96 46.48
CA SER B 670 -29.99 -12.23 46.45
C SER B 670 -29.85 -11.00 47.34
N TYR B 671 -30.89 -10.18 47.36
CA TYR B 671 -30.91 -8.96 48.17
C TYR B 671 -31.56 -9.27 49.51
N GLN B 672 -30.94 -8.77 50.58
CA GLN B 672 -31.42 -9.07 51.94
C GLN B 672 -32.69 -8.28 52.25
N THR B 673 -32.61 -6.95 52.18
CA THR B 673 -33.73 -6.06 52.49
C THR B 673 -34.30 -6.32 53.88
N GLN B 687 -30.44 -4.84 52.45
CA GLN B 687 -29.52 -3.75 52.71
C GLN B 687 -28.10 -4.11 52.26
N SER B 688 -27.89 -5.40 51.97
CA SER B 688 -26.59 -5.88 51.53
C SER B 688 -26.78 -7.15 50.73
N ILE B 689 -25.84 -7.41 49.82
CA ILE B 689 -25.87 -8.62 49.01
C ILE B 689 -25.30 -9.77 49.83
N ILE B 690 -26.06 -10.87 49.91
CA ILE B 690 -25.68 -12.03 50.70
C ILE B 690 -25.50 -13.23 49.77
N ALA B 691 -24.74 -14.21 50.26
CA ALA B 691 -24.51 -15.45 49.54
C ALA B 691 -24.99 -16.62 50.40
N TYR B 692 -25.66 -17.57 49.75
CA TYR B 692 -26.26 -18.69 50.47
C TYR B 692 -26.41 -19.87 49.52
N THR B 693 -26.51 -21.05 50.10
CA THR B 693 -26.73 -22.26 49.33
C THR B 693 -28.20 -22.37 48.91
N MET B 694 -28.44 -23.11 47.84
CA MET B 694 -29.79 -23.27 47.32
C MET B 694 -30.62 -24.13 48.26
N SER B 695 -31.83 -23.66 48.56
CA SER B 695 -32.76 -24.43 49.38
C SER B 695 -33.51 -25.40 48.49
N LEU B 696 -33.23 -26.70 48.66
CA LEU B 696 -33.84 -27.72 47.81
C LEU B 696 -35.33 -27.89 48.07
N GLY B 697 -35.82 -27.45 49.22
CA GLY B 697 -37.23 -27.55 49.54
C GLY B 697 -37.43 -27.87 51.00
N ALA B 698 -38.70 -27.79 51.41
CA ALA B 698 -39.07 -28.08 52.78
C ALA B 698 -39.06 -29.58 53.03
N GLU B 699 -38.51 -29.98 54.18
CA GLU B 699 -38.44 -31.38 54.53
C GLU B 699 -39.82 -31.92 54.88
N ASN B 700 -40.21 -33.03 54.25
CA ASN B 700 -41.52 -33.65 54.47
C ASN B 700 -41.28 -35.16 54.62
N SER B 701 -41.09 -35.60 55.86
CA SER B 701 -40.87 -37.01 56.17
C SER B 701 -42.22 -37.67 56.40
N VAL B 702 -42.69 -38.38 55.38
CA VAL B 702 -43.98 -39.07 55.47
C VAL B 702 -43.81 -40.35 56.28
N ALA B 703 -44.68 -40.55 57.26
CA ALA B 703 -44.63 -41.72 58.13
C ALA B 703 -45.16 -42.93 57.36
N TYR B 704 -44.25 -43.69 56.76
CA TYR B 704 -44.65 -44.87 56.00
C TYR B 704 -45.12 -45.97 56.95
N SER B 705 -46.23 -46.62 56.58
CA SER B 705 -46.79 -47.70 57.38
C SER B 705 -47.52 -48.66 56.47
N ASN B 706 -47.43 -49.95 56.79
CA ASN B 706 -48.09 -51.00 56.01
C ASN B 706 -49.53 -51.22 56.43
N ASN B 707 -50.08 -50.39 57.31
CA ASN B 707 -51.46 -50.51 57.75
C ASN B 707 -52.13 -49.14 57.83
N SER B 708 -51.66 -48.17 57.05
CA SER B 708 -52.23 -46.83 57.06
C SER B 708 -52.28 -46.31 55.62
N ILE B 709 -53.21 -45.38 55.39
CA ILE B 709 -53.41 -44.78 54.08
C ILE B 709 -54.05 -43.41 54.27
N ALA B 710 -53.83 -42.52 53.31
CA ALA B 710 -54.36 -41.16 53.34
C ALA B 710 -55.21 -40.94 52.10
N ILE B 711 -56.49 -40.64 52.31
CA ILE B 711 -57.45 -40.41 51.25
C ILE B 711 -57.99 -39.00 51.42
N PRO B 712 -57.99 -38.16 50.38
CA PRO B 712 -58.47 -36.79 50.53
C PRO B 712 -59.99 -36.73 50.64
N THR B 713 -60.46 -35.80 51.47
CA THR B 713 -61.88 -35.55 51.66
C THR B 713 -62.38 -34.35 50.88
N ASN B 714 -61.49 -33.57 50.29
CA ASN B 714 -61.86 -32.39 49.52
C ASN B 714 -60.87 -32.22 48.39
N PHE B 715 -61.11 -31.21 47.54
CA PHE B 715 -60.25 -30.97 46.40
C PHE B 715 -60.35 -29.51 45.99
N THR B 716 -59.25 -28.98 45.47
CA THR B 716 -59.17 -27.60 45.00
C THR B 716 -58.75 -27.61 43.54
N ILE B 717 -59.46 -26.84 42.72
CA ILE B 717 -59.19 -26.76 41.29
C ILE B 717 -58.29 -25.57 41.03
N SER B 718 -57.14 -25.82 40.41
CA SER B 718 -56.18 -24.77 40.06
C SER B 718 -55.97 -24.76 38.55
N VAL B 719 -55.62 -23.59 38.02
CA VAL B 719 -55.40 -23.40 36.60
C VAL B 719 -53.95 -22.98 36.41
N THR B 720 -53.19 -23.78 35.65
CA THR B 720 -51.80 -23.48 35.37
C THR B 720 -51.68 -22.88 33.96
N THR B 721 -51.01 -21.74 33.86
CA THR B 721 -50.82 -21.04 32.60
C THR B 721 -49.44 -21.35 32.05
N GLU B 722 -49.40 -21.85 30.81
CA GLU B 722 -48.15 -22.17 30.13
C GLU B 722 -48.13 -21.49 28.77
N ILE B 723 -46.98 -20.92 28.42
CA ILE B 723 -46.82 -20.17 27.18
C ILE B 723 -45.79 -20.90 26.32
N LEU B 724 -46.14 -21.15 25.06
CA LEU B 724 -45.27 -21.85 24.14
C LEU B 724 -45.22 -21.10 22.81
N PRO B 725 -44.05 -20.68 22.34
CA PRO B 725 -43.96 -20.01 21.05
C PRO B 725 -44.12 -20.99 19.90
N VAL B 726 -44.85 -20.56 18.87
CA VAL B 726 -45.16 -21.42 17.74
C VAL B 726 -44.70 -20.79 16.44
N SER B 727 -44.53 -19.46 16.43
CA SER B 727 -44.17 -18.73 15.23
C SER B 727 -43.04 -17.75 15.52
N MET B 728 -42.44 -17.24 14.45
CA MET B 728 -41.34 -16.28 14.55
C MET B 728 -41.60 -15.07 13.66
N THR B 729 -40.59 -14.21 13.51
CA THR B 729 -40.69 -13.05 12.64
C THR B 729 -40.17 -13.42 11.25
N LYS B 730 -41.03 -13.32 10.24
CA LYS B 730 -40.67 -13.64 8.87
C LYS B 730 -39.79 -12.51 8.34
N THR B 731 -38.47 -12.71 8.39
CA THR B 731 -37.50 -11.71 8.00
C THR B 731 -36.91 -12.05 6.63
N SER B 732 -36.95 -11.08 5.72
CA SER B 732 -36.36 -11.22 4.40
C SER B 732 -35.20 -10.24 4.27
N VAL B 733 -34.04 -10.73 3.86
CA VAL B 733 -32.81 -9.95 3.79
C VAL B 733 -32.41 -9.81 2.32
N ASP B 734 -32.31 -8.57 1.85
CA ASP B 734 -31.84 -8.31 0.50
C ASP B 734 -30.32 -8.15 0.53
N CYS B 735 -29.62 -8.97 -0.25
CA CYS B 735 -28.15 -8.95 -0.23
C CYS B 735 -27.60 -7.72 -0.91
N THR B 736 -28.19 -7.29 -2.03
CA THR B 736 -27.68 -6.14 -2.75
C THR B 736 -27.90 -4.84 -1.99
N MET B 737 -28.93 -4.77 -1.16
CA MET B 737 -29.18 -3.59 -0.34
C MET B 737 -28.41 -3.61 0.97
N TYR B 738 -28.03 -4.79 1.45
CA TYR B 738 -27.28 -4.90 2.70
C TYR B 738 -25.78 -4.78 2.50
N ILE B 739 -25.24 -5.41 1.46
CA ILE B 739 -23.80 -5.40 1.21
C ILE B 739 -23.42 -4.16 0.42
N CYS B 740 -24.00 -4.01 -0.77
CA CYS B 740 -23.71 -2.84 -1.60
C CYS B 740 -24.48 -1.62 -1.13
N GLY B 741 -25.80 -1.73 -1.09
CA GLY B 741 -26.64 -0.63 -0.65
C GLY B 741 -26.92 0.39 -1.72
N ASP B 742 -25.91 1.19 -2.08
CA ASP B 742 -26.08 2.25 -3.07
C ASP B 742 -24.86 2.39 -3.96
N SER B 743 -24.13 1.29 -4.18
CA SER B 743 -22.93 1.30 -5.01
C SER B 743 -23.12 0.36 -6.20
N THR B 744 -22.97 0.90 -7.40
CA THR B 744 -23.09 0.10 -8.61
C THR B 744 -21.80 -0.58 -9.01
N GLU B 745 -20.65 -0.11 -8.51
CA GLU B 745 -19.39 -0.75 -8.83
C GLU B 745 -19.24 -2.07 -8.10
N CYS B 746 -19.76 -2.15 -6.87
CA CYS B 746 -19.70 -3.39 -6.10
C CYS B 746 -20.74 -4.41 -6.52
N SER B 747 -21.77 -3.98 -7.24
CA SER B 747 -22.79 -4.92 -7.70
C SER B 747 -22.27 -5.88 -8.75
N ASN B 748 -21.25 -5.48 -9.52
CA ASN B 748 -20.68 -6.38 -10.52
C ASN B 748 -19.81 -7.45 -9.88
N LEU B 749 -19.37 -7.23 -8.64
CA LEU B 749 -18.53 -8.21 -7.96
C LEU B 749 -19.34 -9.31 -7.29
N LEU B 750 -20.62 -9.08 -7.00
CA LEU B 750 -21.46 -10.10 -6.40
C LEU B 750 -21.78 -11.24 -7.37
N LEU B 751 -21.85 -10.94 -8.66
CA LEU B 751 -22.09 -11.97 -9.67
C LEU B 751 -20.87 -12.86 -9.91
N GLN B 752 -19.70 -12.47 -9.40
CA GLN B 752 -18.50 -13.26 -9.60
C GLN B 752 -18.41 -14.44 -8.64
N TYR B 753 -19.17 -14.41 -7.54
CA TYR B 753 -19.13 -15.48 -6.54
C TYR B 753 -20.12 -16.60 -6.80
N GLY B 754 -21.10 -16.38 -7.67
CA GLY B 754 -22.06 -17.42 -8.01
C GLY B 754 -23.41 -17.20 -7.34
N SER B 755 -23.92 -18.24 -6.69
CA SER B 755 -25.26 -18.25 -6.13
C SER B 755 -25.25 -18.13 -4.61
N PHE B 756 -24.35 -17.31 -4.06
CA PHE B 756 -24.32 -17.10 -2.61
C PHE B 756 -25.61 -16.45 -2.11
N CYS B 757 -26.21 -15.56 -2.91
CA CYS B 757 -27.46 -14.93 -2.49
C CYS B 757 -28.65 -15.86 -2.68
N THR B 758 -28.58 -16.77 -3.66
CA THR B 758 -29.69 -17.69 -3.90
C THR B 758 -29.93 -18.62 -2.73
N GLN B 759 -28.86 -19.18 -2.13
CA GLN B 759 -29.02 -20.05 -0.98
C GLN B 759 -29.63 -19.30 0.20
N LEU B 760 -29.21 -18.06 0.43
CA LEU B 760 -29.77 -17.27 1.52
C LEU B 760 -31.24 -16.96 1.30
N LYS B 761 -31.60 -16.55 0.07
CA LYS B 761 -33.00 -16.28 -0.22
C LYS B 761 -33.86 -17.54 -0.11
N ARG B 762 -33.34 -18.69 -0.55
CA ARG B 762 -34.09 -19.93 -0.43
C ARG B 762 -34.26 -20.36 1.01
N ALA B 763 -33.22 -20.19 1.83
CA ALA B 763 -33.35 -20.52 3.25
C ALA B 763 -34.34 -19.60 3.95
N LEU B 764 -34.32 -18.30 3.62
CA LEU B 764 -35.28 -17.38 4.22
C LEU B 764 -36.71 -17.70 3.79
N THR B 765 -36.91 -18.05 2.51
CA THR B 765 -38.24 -18.44 2.04
C THR B 765 -38.71 -19.72 2.73
N GLY B 766 -37.80 -20.68 2.91
CA GLY B 766 -38.15 -21.89 3.62
C GLY B 766 -38.53 -21.65 5.07
N ILE B 767 -37.79 -20.75 5.75
CA ILE B 767 -38.16 -20.41 7.13
C ILE B 767 -39.51 -19.72 7.17
N ALA B 768 -39.76 -18.81 6.22
CA ALA B 768 -41.05 -18.11 6.19
C ALA B 768 -42.20 -19.06 5.92
N VAL B 769 -42.00 -20.07 5.08
CA VAL B 769 -43.05 -21.06 4.84
C VAL B 769 -43.21 -21.96 6.05
N GLU B 770 -42.11 -22.32 6.71
CA GLU B 770 -42.18 -23.20 7.88
C GLU B 770 -42.90 -22.52 9.05
N GLN B 771 -42.74 -21.21 9.20
CA GLN B 771 -43.47 -20.51 10.26
C GLN B 771 -44.97 -20.60 10.06
N ASP B 772 -45.45 -20.34 8.84
CA ASP B 772 -46.87 -20.45 8.56
C ASP B 772 -47.35 -21.90 8.66
N LYS B 773 -46.50 -22.85 8.29
CA LYS B 773 -46.86 -24.26 8.43
C LYS B 773 -47.05 -24.63 9.89
N ASN B 774 -46.14 -24.19 10.76
CA ASN B 774 -46.30 -24.44 12.19
C ASN B 774 -47.54 -23.73 12.74
N THR B 775 -47.80 -22.50 12.29
CA THR B 775 -48.97 -21.78 12.76
C THR B 775 -50.27 -22.50 12.38
N GLN B 776 -50.36 -22.99 11.15
CA GLN B 776 -51.56 -23.70 10.72
C GLN B 776 -51.65 -25.11 11.30
N GLU B 777 -50.52 -25.71 11.68
CA GLU B 777 -50.57 -27.00 12.36
C GLU B 777 -50.94 -26.84 13.83
N VAL B 778 -50.71 -25.67 14.41
CA VAL B 778 -51.05 -25.43 15.81
C VAL B 778 -52.49 -24.96 15.93
N PHE B 779 -52.86 -23.94 15.16
CA PHE B 779 -54.16 -23.29 15.38
C PHE B 779 -55.24 -23.79 14.43
N ALA B 780 -54.87 -24.28 13.25
CA ALA B 780 -55.84 -24.67 12.22
C ALA B 780 -56.03 -26.18 12.14
N GLN B 781 -56.03 -26.86 13.29
CA GLN B 781 -56.25 -28.31 13.29
C GLN B 781 -57.69 -28.66 12.93
N VAL B 782 -58.64 -27.82 13.32
CA VAL B 782 -60.06 -28.08 13.04
C VAL B 782 -60.37 -27.65 11.61
N LYS B 783 -61.38 -28.29 11.02
CA LYS B 783 -61.79 -27.99 9.66
C LYS B 783 -62.99 -27.04 9.60
N GLN B 784 -63.88 -27.08 10.58
CA GLN B 784 -65.07 -26.23 10.61
C GLN B 784 -65.00 -25.32 11.83
N ILE B 785 -65.52 -24.10 11.66
CA ILE B 785 -65.56 -23.12 12.74
C ILE B 785 -66.88 -23.28 13.50
N TYR B 786 -66.84 -22.95 14.78
CA TYR B 786 -68.01 -23.06 15.66
C TYR B 786 -68.28 -21.71 16.31
N LYS B 787 -69.56 -21.40 16.47
CA LYS B 787 -69.99 -20.15 17.10
C LYS B 787 -70.59 -20.44 18.46
N THR B 788 -70.35 -19.54 19.41
CA THR B 788 -70.87 -19.70 20.76
C THR B 788 -72.36 -19.34 20.81
N PRO B 789 -73.15 -20.07 21.60
CA PRO B 789 -74.57 -19.75 21.70
C PRO B 789 -74.78 -18.46 22.47
N PRO B 790 -75.90 -17.77 22.26
CA PRO B 790 -76.13 -16.52 22.99
C PRO B 790 -76.36 -16.73 24.48
N ILE B 791 -76.86 -17.89 24.89
CA ILE B 791 -77.09 -18.18 26.30
C ILE B 791 -75.73 -18.49 26.94
N LYS B 792 -75.22 -17.54 27.71
CA LYS B 792 -73.91 -17.69 28.35
C LYS B 792 -74.05 -18.31 29.75
N TYR B 793 -74.71 -19.46 29.78
CA TYR B 793 -74.92 -20.20 31.02
C TYR B 793 -74.65 -21.68 30.74
N PHE B 794 -73.77 -22.27 31.53
CA PHE B 794 -73.37 -23.67 31.36
C PHE B 794 -73.42 -24.41 32.69
N GLY B 795 -74.48 -24.20 33.46
CA GLY B 795 -74.65 -24.89 34.72
C GLY B 795 -73.77 -24.35 35.83
N GLY B 796 -73.77 -23.03 36.02
CA GLY B 796 -73.01 -22.39 37.06
C GLY B 796 -71.63 -21.94 36.65
N PHE B 797 -71.04 -22.57 35.65
CA PHE B 797 -69.71 -22.19 35.19
C PHE B 797 -69.75 -20.89 34.41
N ASN B 798 -68.66 -20.13 34.48
CA ASN B 798 -68.54 -18.85 33.81
C ASN B 798 -67.37 -18.89 32.85
N PHE B 799 -67.60 -18.49 31.60
CA PHE B 799 -66.56 -18.49 30.57
C PHE B 799 -66.46 -17.12 29.92
N SER B 800 -66.84 -16.07 30.62
CA SER B 800 -66.78 -14.73 30.06
C SER B 800 -65.37 -14.20 29.92
N GLN B 801 -64.43 -14.71 30.72
CA GLN B 801 -63.05 -14.26 30.65
C GLN B 801 -62.29 -14.88 29.48
N ILE B 802 -62.77 -16.01 28.96
CA ILE B 802 -62.11 -16.67 27.85
C ILE B 802 -62.85 -16.47 26.53
N LEU B 803 -64.16 -16.22 26.56
CA LEU B 803 -64.90 -15.95 25.33
C LEU B 803 -64.68 -14.50 24.90
N PRO B 804 -64.66 -14.23 23.60
CA PRO B 804 -64.44 -12.86 23.13
C PRO B 804 -65.73 -12.05 23.13
N ASP B 805 -65.57 -10.75 23.36
CA ASP B 805 -66.70 -9.83 23.42
C ASP B 805 -66.73 -8.94 22.17
N PRO B 806 -67.92 -8.62 21.67
CA PRO B 806 -68.04 -7.75 20.48
C PRO B 806 -67.79 -6.28 20.75
N SER B 807 -67.29 -5.91 21.93
CA SER B 807 -67.06 -4.49 22.22
C SER B 807 -65.91 -3.93 21.38
N LYS B 808 -64.75 -4.56 21.45
CA LYS B 808 -63.61 -4.12 20.66
C LYS B 808 -63.76 -4.58 19.21
N PRO B 809 -63.36 -3.76 18.23
CA PRO B 809 -63.41 -4.21 16.84
C PRO B 809 -62.66 -5.52 16.59
N SER B 810 -61.55 -5.74 17.29
CA SER B 810 -60.85 -7.01 17.23
C SER B 810 -61.49 -7.98 18.22
N LYS B 811 -62.09 -9.05 17.71
CA LYS B 811 -62.82 -9.98 18.56
C LYS B 811 -61.87 -10.87 19.37
N ARG B 812 -61.43 -10.37 20.52
CA ARG B 812 -60.58 -11.11 21.43
C ARG B 812 -61.19 -11.10 22.83
N SER B 813 -60.70 -12.00 23.67
CA SER B 813 -61.19 -12.13 25.04
C SER B 813 -60.47 -11.14 25.96
N PHE B 814 -60.86 -11.15 27.23
CA PHE B 814 -60.24 -10.25 28.20
C PHE B 814 -58.79 -10.65 28.47
N ILE B 815 -58.50 -11.96 28.41
CA ILE B 815 -57.13 -12.42 28.63
C ILE B 815 -56.28 -12.17 27.39
N GLU B 816 -56.89 -12.26 26.20
CA GLU B 816 -56.13 -12.06 24.97
C GLU B 816 -55.65 -10.61 24.85
N ASP B 817 -56.50 -9.64 25.20
CA ASP B 817 -56.05 -8.25 25.18
C ASP B 817 -54.90 -8.00 26.14
N LEU B 818 -54.96 -8.57 27.34
CA LEU B 818 -53.88 -8.42 28.30
C LEU B 818 -52.60 -9.09 27.80
N LEU B 819 -52.71 -10.26 27.16
CA LEU B 819 -51.52 -10.92 26.63
C LEU B 819 -50.93 -10.15 25.46
N PHE B 820 -51.76 -9.50 24.65
CA PHE B 820 -51.26 -8.71 23.54
C PHE B 820 -50.63 -7.40 24.00
N ASN B 821 -51.18 -6.80 25.07
CA ASN B 821 -50.65 -5.55 25.57
C ASN B 821 -49.46 -5.73 26.50
N LYS B 822 -49.27 -6.94 27.05
CA LYS B 822 -48.16 -7.16 27.97
C LYS B 822 -46.83 -7.31 27.23
N VAL B 823 -46.81 -8.09 26.16
CA VAL B 823 -45.58 -8.32 25.41
C VAL B 823 -45.33 -7.16 24.47
N THR B 824 -44.08 -6.69 24.43
CA THR B 824 -43.71 -5.58 23.56
C THR B 824 -43.18 -6.09 22.23
N LEU B 825 -43.48 -5.35 21.17
CA LEU B 825 -43.05 -5.72 19.83
C LEU B 825 -42.14 -4.65 19.25
N LYS B 851 -37.85 -1.51 5.95
CA LYS B 851 -36.90 -1.50 4.85
C LYS B 851 -35.59 -0.83 5.25
N PHE B 852 -35.02 -1.29 6.36
CA PHE B 852 -33.77 -0.74 6.88
C PHE B 852 -32.61 -1.48 6.25
N LYS B 853 -32.11 -0.94 5.13
CA LYS B 853 -30.98 -1.49 4.41
C LYS B 853 -31.22 -2.94 4.00
N GLY B 854 -32.40 -3.18 3.42
CA GLY B 854 -32.77 -4.49 2.95
C GLY B 854 -33.43 -5.39 3.98
N LEU B 855 -33.25 -5.11 5.27
CA LEU B 855 -33.84 -5.92 6.33
C LEU B 855 -35.34 -5.60 6.40
N THR B 856 -36.14 -6.46 5.77
CA THR B 856 -37.59 -6.29 5.72
C THR B 856 -38.26 -7.47 6.40
N VAL B 857 -39.16 -7.18 7.34
CA VAL B 857 -39.90 -8.21 8.05
C VAL B 857 -41.23 -8.44 7.32
N LEU B 858 -41.45 -9.67 6.89
CA LEU B 858 -42.69 -9.99 6.17
C LEU B 858 -43.81 -10.29 7.17
N PRO B 859 -45.03 -9.85 6.88
CA PRO B 859 -46.14 -10.14 7.79
C PRO B 859 -46.54 -11.60 7.69
N PRO B 860 -47.09 -12.16 8.76
CA PRO B 860 -47.50 -13.57 8.72
C PRO B 860 -48.71 -13.78 7.82
N LEU B 861 -48.93 -15.04 7.44
CA LEU B 861 -50.06 -15.37 6.58
C LEU B 861 -51.37 -15.27 7.34
N LEU B 862 -51.46 -15.96 8.48
CA LEU B 862 -52.67 -15.90 9.29
C LEU B 862 -52.68 -14.62 10.12
N THR B 863 -53.65 -13.76 9.85
CA THR B 863 -53.79 -12.52 10.61
C THR B 863 -54.19 -12.83 12.05
N ASP B 864 -53.86 -11.89 12.95
CA ASP B 864 -54.21 -12.05 14.36
C ASP B 864 -55.71 -12.21 14.58
N GLU B 865 -56.54 -11.54 13.77
CA GLU B 865 -57.98 -11.73 13.88
C GLU B 865 -58.39 -13.14 13.47
N MET B 866 -57.74 -13.71 12.45
CA MET B 866 -58.04 -15.08 12.06
C MET B 866 -57.61 -16.07 13.13
N ILE B 867 -56.46 -15.84 13.78
CA ILE B 867 -56.03 -16.72 14.87
C ILE B 867 -56.99 -16.61 16.05
N ALA B 868 -57.44 -15.39 16.35
CA ALA B 868 -58.42 -15.21 17.41
C ALA B 868 -59.74 -15.90 17.10
N GLN B 869 -60.17 -15.86 15.83
CA GLN B 869 -61.39 -16.54 15.44
C GLN B 869 -61.23 -18.06 15.51
N TYR B 870 -60.07 -18.59 15.10
CA TYR B 870 -59.82 -20.02 15.27
C TYR B 870 -59.83 -20.43 16.73
N THR B 871 -59.22 -19.62 17.60
CA THR B 871 -59.21 -19.93 19.03
C THR B 871 -60.62 -19.89 19.60
N SER B 872 -61.42 -18.90 19.20
CA SER B 872 -62.80 -18.82 19.67
C SER B 872 -63.63 -19.99 19.17
N ALA B 873 -63.39 -20.44 17.93
CA ALA B 873 -64.12 -21.60 17.42
C ALA B 873 -63.73 -22.86 18.18
N LEU B 874 -62.44 -23.07 18.42
CA LEU B 874 -62.00 -24.20 19.22
C LEU B 874 -62.57 -24.16 20.63
N LEU B 875 -62.64 -22.98 21.24
CA LEU B 875 -63.20 -22.84 22.58
C LEU B 875 -64.69 -23.11 22.60
N ALA B 876 -65.44 -22.63 21.61
CA ALA B 876 -66.87 -22.91 21.55
C ALA B 876 -67.14 -24.37 21.24
N GLY B 877 -66.22 -25.04 20.55
CA GLY B 877 -66.37 -26.45 20.27
C GLY B 877 -66.06 -27.34 21.45
N THR B 878 -64.97 -27.03 22.18
CA THR B 878 -64.57 -27.88 23.29
C THR B 878 -65.51 -27.77 24.49
N ILE B 879 -66.30 -26.69 24.55
CA ILE B 879 -67.24 -26.54 25.65
C ILE B 879 -68.57 -27.22 25.35
N THR B 880 -69.03 -27.15 24.10
CA THR B 880 -70.33 -27.69 23.72
C THR B 880 -70.29 -29.13 23.25
N SER B 881 -69.13 -29.63 22.81
CA SER B 881 -69.00 -30.99 22.31
C SER B 881 -67.98 -31.82 23.09
N GLY B 882 -66.85 -31.24 23.45
CA GLY B 882 -65.84 -31.96 24.20
C GLY B 882 -64.96 -32.84 23.35
N TRP B 883 -65.18 -34.15 23.42
CA TRP B 883 -64.33 -35.11 22.72
C TRP B 883 -64.82 -35.44 21.31
N THR B 884 -66.02 -35.00 20.94
CA THR B 884 -66.59 -35.44 19.67
C THR B 884 -66.12 -34.58 18.50
N PHE B 885 -66.02 -33.26 18.68
CA PHE B 885 -65.64 -32.38 17.59
C PHE B 885 -64.19 -32.57 17.14
N GLY B 886 -63.31 -33.03 18.04
CA GLY B 886 -61.93 -33.24 17.67
C GLY B 886 -61.68 -34.54 16.94
N ALA B 887 -62.49 -35.56 17.21
CA ALA B 887 -62.36 -36.86 16.58
C ALA B 887 -63.33 -37.08 15.43
N GLY B 888 -64.27 -36.16 15.21
CA GLY B 888 -65.24 -36.31 14.14
C GLY B 888 -66.27 -35.20 14.10
N ALA B 889 -67.53 -35.58 13.94
CA ALA B 889 -68.61 -34.60 13.85
C ALA B 889 -68.88 -33.98 15.22
N ALA B 890 -69.49 -32.79 15.19
CA ALA B 890 -69.83 -32.10 16.43
C ALA B 890 -71.09 -32.71 17.04
N LEU B 891 -70.99 -33.08 18.30
CA LEU B 891 -72.11 -33.67 19.04
C LEU B 891 -72.42 -32.79 20.25
N GLN B 892 -73.66 -32.32 20.34
CA GLN B 892 -74.06 -31.46 21.43
C GLN B 892 -74.14 -32.25 22.74
N ILE B 893 -73.65 -31.64 23.81
CA ILE B 893 -73.65 -32.25 25.14
C ILE B 893 -73.48 -31.15 26.18
N PRO B 894 -74.29 -31.13 27.24
CA PRO B 894 -74.15 -30.07 28.25
C PRO B 894 -72.84 -30.20 29.01
N PHE B 895 -72.39 -29.05 29.53
CA PHE B 895 -71.13 -29.00 30.26
C PHE B 895 -71.21 -29.72 31.60
N ALA B 896 -72.39 -29.77 32.22
CA ALA B 896 -72.54 -30.46 33.49
C ALA B 896 -72.23 -31.95 33.34
N MET B 897 -72.67 -32.55 32.25
CA MET B 897 -72.33 -33.94 31.95
C MET B 897 -70.94 -34.10 31.36
N GLN B 898 -70.43 -33.07 30.69
CA GLN B 898 -69.05 -33.12 30.22
C GLN B 898 -68.07 -33.20 31.37
N MET B 899 -68.33 -32.44 32.44
CA MET B 899 -67.48 -32.54 33.64
C MET B 899 -67.59 -33.90 34.31
N ALA B 900 -68.78 -34.51 34.30
CA ALA B 900 -68.92 -35.86 34.85
C ALA B 900 -68.14 -36.87 34.01
N TYR B 901 -68.16 -36.73 32.69
CA TYR B 901 -67.33 -37.57 31.84
C TYR B 901 -65.84 -37.34 32.09
N ARG B 902 -65.47 -36.09 32.38
CA ARG B 902 -64.07 -35.79 32.69
C ARG B 902 -63.63 -36.40 34.02
N PHE B 903 -64.53 -36.45 35.01
CA PHE B 903 -64.18 -37.01 36.30
C PHE B 903 -63.93 -38.52 36.24
N ASN B 904 -64.57 -39.22 35.30
CA ASN B 904 -64.37 -40.66 35.19
C ASN B 904 -62.99 -41.02 34.67
N GLY B 905 -62.26 -40.06 34.08
CA GLY B 905 -60.93 -40.35 33.58
C GLY B 905 -59.88 -40.45 34.67
N ILE B 906 -60.15 -39.90 35.85
CA ILE B 906 -59.20 -39.90 36.95
C ILE B 906 -59.68 -40.78 38.11
N GLY B 907 -60.74 -41.57 37.89
CA GLY B 907 -61.24 -42.46 38.91
C GLY B 907 -62.33 -41.88 39.79
N VAL B 908 -62.58 -40.58 39.73
CA VAL B 908 -63.61 -39.95 40.54
C VAL B 908 -64.98 -40.29 39.96
N THR B 909 -65.91 -40.67 40.83
CA THR B 909 -67.25 -41.05 40.39
C THR B 909 -68.03 -39.80 39.96
N GLN B 910 -69.19 -40.04 39.36
CA GLN B 910 -70.03 -38.96 38.87
C GLN B 910 -70.88 -38.31 39.95
N ASN B 911 -71.13 -38.99 41.07
CA ASN B 911 -71.96 -38.44 42.13
C ASN B 911 -71.24 -37.33 42.89
N VAL B 912 -69.91 -37.26 42.81
CA VAL B 912 -69.18 -36.21 43.53
C VAL B 912 -69.41 -34.86 42.86
N LEU B 913 -69.67 -34.86 41.56
CA LEU B 913 -69.86 -33.60 40.84
C LEU B 913 -71.22 -32.98 41.14
N TYR B 914 -72.30 -33.72 40.88
CA TYR B 914 -73.65 -33.19 41.05
C TYR B 914 -74.00 -32.90 42.49
N GLU B 915 -73.28 -33.50 43.46
CA GLU B 915 -73.52 -33.20 44.86
C GLU B 915 -72.83 -31.92 45.29
N ASN B 916 -71.78 -31.51 44.58
CA ASN B 916 -71.02 -30.30 44.89
C ASN B 916 -70.78 -29.49 43.62
N GLN B 917 -71.82 -29.31 42.80
CA GLN B 917 -71.65 -28.56 41.56
C GLN B 917 -71.43 -27.08 41.80
N LYS B 918 -72.14 -26.50 42.78
CA LYS B 918 -71.97 -25.08 43.05
C LYS B 918 -70.59 -24.76 43.59
N LEU B 919 -70.04 -25.62 44.45
CA LEU B 919 -68.70 -25.41 44.98
C LEU B 919 -67.65 -25.49 43.88
N ILE B 920 -67.78 -26.47 42.98
CA ILE B 920 -66.84 -26.60 41.87
C ILE B 920 -66.95 -25.40 40.95
N ALA B 921 -68.17 -24.93 40.69
CA ALA B 921 -68.35 -23.76 39.83
C ALA B 921 -67.73 -22.51 40.46
N ASN B 922 -67.92 -22.32 41.77
CA ASN B 922 -67.31 -21.18 42.46
C ASN B 922 -65.79 -21.26 42.45
N GLN B 923 -65.23 -22.46 42.67
CA GLN B 923 -63.78 -22.61 42.62
C GLN B 923 -63.24 -22.33 41.24
N PHE B 924 -63.94 -22.77 40.19
CA PHE B 924 -63.51 -22.49 38.82
C PHE B 924 -63.58 -20.99 38.53
N ASN B 925 -64.65 -20.33 38.96
CA ASN B 925 -64.77 -18.89 38.72
C ASN B 925 -63.71 -18.11 39.49
N SER B 926 -63.34 -18.57 40.69
CA SER B 926 -62.31 -17.90 41.45
C SER B 926 -60.92 -18.18 40.90
N ALA B 927 -60.70 -19.35 40.28
CA ALA B 927 -59.40 -19.65 39.69
C ALA B 927 -59.20 -18.94 38.36
N ILE B 928 -60.26 -18.83 37.55
CA ILE B 928 -60.14 -18.15 36.27
C ILE B 928 -59.94 -16.65 36.48
N GLY B 929 -60.64 -16.05 37.42
CA GLY B 929 -60.51 -14.62 37.67
C GLY B 929 -59.19 -14.21 38.29
N LYS B 930 -58.48 -15.16 38.90
CA LYS B 930 -57.19 -14.88 39.51
C LYS B 930 -56.03 -14.95 38.52
N ILE B 931 -56.30 -15.25 37.25
CA ILE B 931 -55.22 -15.35 36.27
C ILE B 931 -54.72 -13.97 35.88
N GLN B 932 -55.66 -13.03 35.67
CA GLN B 932 -55.27 -11.68 35.28
C GLN B 932 -54.53 -10.94 36.38
N ASP B 933 -54.88 -11.18 37.65
CA ASP B 933 -54.19 -10.53 38.76
C ASP B 933 -52.75 -10.98 38.89
N SER B 934 -52.43 -12.20 38.45
CA SER B 934 -51.06 -12.68 38.49
C SER B 934 -50.25 -12.21 37.29
N LEU B 935 -50.89 -12.10 36.12
CA LEU B 935 -50.19 -11.62 34.93
C LEU B 935 -50.00 -10.11 34.94
N SER B 936 -50.86 -9.37 35.63
CA SER B 936 -50.72 -7.92 35.68
C SER B 936 -49.67 -7.48 36.69
N SER B 937 -49.54 -8.19 37.82
CA SER B 937 -48.55 -7.82 38.83
C SER B 937 -47.15 -8.26 38.42
N THR B 938 -47.01 -9.47 37.90
CA THR B 938 -45.72 -10.00 37.48
C THR B 938 -45.54 -9.69 36.00
N ALA B 939 -44.71 -8.69 35.70
CA ALA B 939 -44.45 -8.30 34.32
C ALA B 939 -43.57 -9.31 33.59
N SER B 940 -42.76 -10.08 34.33
CA SER B 940 -41.88 -11.08 33.74
C SER B 940 -42.50 -12.48 33.72
N ALA B 941 -43.82 -12.57 33.79
CA ALA B 941 -44.48 -13.87 33.78
C ALA B 941 -44.54 -14.47 32.39
N LEU B 942 -44.69 -13.64 31.35
CA LEU B 942 -44.77 -14.11 29.97
C LEU B 942 -43.47 -13.90 29.21
N GLY B 943 -42.33 -13.93 29.92
CA GLY B 943 -41.05 -13.76 29.26
C GLY B 943 -40.68 -14.88 28.32
N LYS B 944 -41.28 -16.06 28.50
CA LYS B 944 -41.00 -17.19 27.63
C LYS B 944 -41.41 -16.92 26.19
N LEU B 945 -42.34 -16.01 25.96
CA LEU B 945 -42.73 -15.62 24.61
C LEU B 945 -42.00 -14.37 24.12
N GLN B 946 -41.52 -13.54 25.05
CA GLN B 946 -40.84 -12.30 24.67
C GLN B 946 -39.35 -12.51 24.42
N ASP B 947 -38.75 -13.56 24.97
CA ASP B 947 -37.32 -13.79 24.76
C ASP B 947 -37.01 -14.11 23.30
N VAL B 948 -37.92 -14.77 22.60
CA VAL B 948 -37.70 -15.05 21.18
C VAL B 948 -37.67 -13.75 20.38
N VAL B 949 -38.62 -12.85 20.64
CA VAL B 949 -38.65 -11.57 19.94
C VAL B 949 -37.43 -10.74 20.29
N ASN B 950 -36.99 -10.79 21.56
CA ASN B 950 -35.78 -10.06 21.95
C ASN B 950 -34.55 -10.61 21.26
N HIS B 951 -34.45 -11.94 21.13
CA HIS B 951 -33.30 -12.53 20.43
C HIS B 951 -33.32 -12.19 18.96
N ASN B 952 -34.50 -12.20 18.33
CA ASN B 952 -34.59 -11.79 16.93
C ASN B 952 -34.21 -10.34 16.73
N ALA B 953 -34.65 -9.45 17.63
CA ALA B 953 -34.27 -8.05 17.54
C ALA B 953 -32.77 -7.86 17.76
N GLN B 954 -32.19 -8.60 18.69
CA GLN B 954 -30.74 -8.49 18.93
C GLN B 954 -29.96 -9.01 17.72
N ALA B 955 -30.44 -10.07 17.08
CA ALA B 955 -29.79 -10.57 15.88
C ALA B 955 -29.88 -9.56 14.74
N LEU B 956 -31.06 -8.97 14.53
CA LEU B 956 -31.18 -7.92 13.51
C LEU B 956 -30.28 -6.74 13.81
N ASN B 957 -30.17 -6.35 15.08
CA ASN B 957 -29.32 -5.23 15.44
C ASN B 957 -27.84 -5.53 15.20
N THR B 958 -27.36 -6.67 15.68
CA THR B 958 -25.96 -7.04 15.47
C THR B 958 -25.65 -7.36 14.01
N LEU B 959 -26.67 -7.61 13.19
CA LEU B 959 -26.46 -7.77 11.75
C LEU B 959 -26.41 -6.43 11.03
N VAL B 960 -27.24 -5.47 11.46
CA VAL B 960 -27.25 -4.17 10.81
C VAL B 960 -26.19 -3.23 11.37
N LYS B 961 -25.75 -3.44 12.61
CA LYS B 961 -24.73 -2.58 13.22
C LYS B 961 -23.31 -3.05 12.89
N GLN B 962 -23.15 -4.23 12.33
CA GLN B 962 -21.83 -4.73 11.95
C GLN B 962 -21.28 -4.06 10.70
N LEU B 963 -22.08 -3.22 10.03
CA LEU B 963 -21.61 -2.53 8.85
C LEU B 963 -20.54 -1.48 9.18
N SER B 964 -20.52 -0.97 10.41
CA SER B 964 -19.52 0.01 10.80
C SER B 964 -18.13 -0.62 10.95
N SER B 965 -18.04 -1.93 11.05
CA SER B 965 -16.76 -2.60 11.18
C SER B 965 -16.00 -2.54 9.86
N LYS B 966 -14.70 -2.28 9.94
CA LYS B 966 -13.86 -2.14 8.75
C LYS B 966 -13.29 -3.46 8.27
N PHE B 967 -13.44 -4.54 9.04
CA PHE B 967 -12.96 -5.87 8.67
C PHE B 967 -11.45 -5.86 8.40
N GLY B 968 -10.71 -5.03 9.12
CA GLY B 968 -9.27 -4.94 8.94
C GLY B 968 -8.80 -4.06 7.81
N ALA B 969 -9.71 -3.45 7.06
CA ALA B 969 -9.35 -2.59 5.94
C ALA B 969 -9.20 -1.16 6.42
N ILE B 970 -9.09 -0.22 5.48
CA ILE B 970 -8.90 1.18 5.82
C ILE B 970 -10.20 1.79 6.33
N SER B 971 -11.27 1.67 5.55
CA SER B 971 -12.57 2.22 5.92
C SER B 971 -13.65 1.17 5.71
N SER B 972 -14.78 1.40 6.37
CA SER B 972 -15.93 0.49 6.27
C SER B 972 -16.87 0.85 5.13
N VAL B 973 -16.82 2.11 4.66
CA VAL B 973 -17.69 2.52 3.57
C VAL B 973 -17.10 2.10 2.24
N LEU B 974 -17.96 2.03 1.22
CA LEU B 974 -17.55 1.62 -0.12
C LEU B 974 -17.43 2.79 -1.08
N ASN B 975 -17.98 3.96 -0.74
CA ASN B 975 -17.90 5.11 -1.64
C ASN B 975 -16.51 5.74 -1.64
N ASP B 976 -15.79 5.65 -0.52
CA ASP B 976 -14.48 6.29 -0.41
C ASP B 976 -13.40 5.51 -1.16
N ILE B 977 -13.46 4.17 -1.13
CA ILE B 977 -12.41 3.36 -1.72
C ILE B 977 -12.39 3.52 -3.24
N PHE B 978 -13.57 3.48 -3.87
CA PHE B 978 -13.62 3.65 -5.31
C PHE B 978 -13.36 5.09 -5.74
N SER B 979 -13.58 6.05 -4.84
CA SER B 979 -13.36 7.45 -5.19
C SER B 979 -11.90 7.85 -5.07
N ARG B 980 -11.19 7.35 -4.06
CA ARG B 980 -9.79 7.73 -3.85
C ARG B 980 -8.84 6.72 -4.52
N LEU B 981 -8.94 5.46 -4.15
CA LEU B 981 -8.01 4.44 -4.63
C LEU B 981 -8.45 3.91 -6.00
N ASP B 982 -7.49 3.36 -6.72
CA ASP B 982 -7.76 2.81 -8.04
C ASP B 982 -8.49 1.48 -7.93
N PRO B 983 -9.29 1.12 -8.93
CA PRO B 983 -10.04 -0.14 -8.87
C PRO B 983 -9.14 -1.36 -8.75
N PRO B 984 -8.01 -1.44 -9.48
CA PRO B 984 -7.15 -2.63 -9.30
C PRO B 984 -6.63 -2.80 -7.89
N GLU B 985 -6.18 -1.72 -7.24
CA GLU B 985 -5.77 -1.80 -5.85
C GLU B 985 -6.96 -2.05 -4.92
N ALA B 986 -8.14 -1.55 -5.29
CA ALA B 986 -9.34 -1.77 -4.48
C ALA B 986 -9.91 -3.17 -4.65
N GLU B 987 -9.43 -3.95 -5.62
CA GLU B 987 -9.93 -5.30 -5.82
C GLU B 987 -9.73 -6.19 -4.60
N VAL B 988 -8.76 -5.88 -3.74
CA VAL B 988 -8.55 -6.66 -2.53
C VAL B 988 -9.28 -6.03 -1.35
N GLN B 989 -9.25 -4.70 -1.27
CA GLN B 989 -9.88 -4.01 -0.13
C GLN B 989 -11.39 -4.12 -0.16
N ILE B 990 -12.00 -4.27 -1.35
CA ILE B 990 -13.44 -4.43 -1.41
C ILE B 990 -13.83 -5.87 -1.08
N ASP B 991 -13.08 -6.84 -1.62
CA ASP B 991 -13.34 -8.24 -1.31
C ASP B 991 -13.11 -8.55 0.16
N ARG B 992 -12.21 -7.83 0.83
CA ARG B 992 -12.03 -8.01 2.26
C ARG B 992 -13.33 -7.74 3.02
N LEU B 993 -14.10 -6.75 2.58
CA LEU B 993 -15.40 -6.46 3.19
C LEU B 993 -16.50 -7.36 2.66
N ILE B 994 -16.44 -7.76 1.39
CA ILE B 994 -17.45 -8.64 0.83
C ILE B 994 -17.44 -9.99 1.54
N THR B 995 -16.24 -10.53 1.79
CA THR B 995 -16.15 -11.79 2.52
C THR B 995 -16.68 -11.66 3.94
N GLY B 996 -16.42 -10.53 4.60
CA GLY B 996 -16.93 -10.33 5.95
C GLY B 996 -18.44 -10.23 5.96
N ARG B 997 -19.02 -9.51 5.00
CA ARG B 997 -20.48 -9.42 4.90
C ARG B 997 -21.10 -10.79 4.62
N LEU B 998 -20.50 -11.58 3.72
CA LEU B 998 -21.01 -12.91 3.46
C LEU B 998 -20.90 -13.82 4.68
N GLN B 999 -19.80 -13.75 5.42
CA GLN B 999 -19.66 -14.55 6.63
C GLN B 999 -20.69 -14.14 7.68
N SER B 1000 -20.91 -12.84 7.85
CA SER B 1000 -21.91 -12.38 8.80
C SER B 1000 -23.32 -12.84 8.39
N LEU B 1001 -23.65 -12.75 7.11
CA LEU B 1001 -24.95 -13.20 6.64
C LEU B 1001 -25.12 -14.71 6.79
N GLN B 1002 -24.04 -15.48 6.58
CA GLN B 1002 -24.13 -16.92 6.76
C GLN B 1002 -24.29 -17.29 8.23
N THR B 1003 -23.59 -16.60 9.12
CA THR B 1003 -23.79 -16.84 10.55
C THR B 1003 -25.20 -16.47 10.97
N TYR B 1004 -25.74 -15.37 10.43
CA TYR B 1004 -27.13 -15.01 10.72
C TYR B 1004 -28.10 -16.07 10.19
N VAL B 1005 -27.82 -16.63 9.01
CA VAL B 1005 -28.69 -17.67 8.46
C VAL B 1005 -28.62 -18.92 9.33
N THR B 1006 -27.44 -19.28 9.82
CA THR B 1006 -27.33 -20.44 10.70
C THR B 1006 -28.06 -20.22 12.02
N GLN B 1007 -27.92 -19.03 12.61
CA GLN B 1007 -28.65 -18.74 13.84
C GLN B 1007 -30.16 -18.77 13.60
N GLN B 1008 -30.62 -18.21 12.48
CA GLN B 1008 -32.05 -18.26 12.17
C GLN B 1008 -32.53 -19.67 11.94
N LEU B 1009 -31.72 -20.54 11.32
CA LEU B 1009 -32.11 -21.93 11.13
C LEU B 1009 -32.19 -22.68 12.46
N ILE B 1010 -31.24 -22.44 13.37
CA ILE B 1010 -31.29 -23.09 14.67
C ILE B 1010 -32.51 -22.62 15.45
N ARG B 1011 -32.77 -21.32 15.45
CA ARG B 1011 -33.96 -20.80 16.14
C ARG B 1011 -35.24 -21.31 15.50
N ALA B 1012 -35.26 -21.44 14.17
CA ALA B 1012 -36.45 -21.97 13.50
C ALA B 1012 -36.67 -23.44 13.84
N ALA B 1013 -35.61 -24.23 13.95
CA ALA B 1013 -35.75 -25.61 14.40
C ALA B 1013 -36.25 -25.71 15.83
N GLU B 1014 -35.73 -24.89 16.74
CA GLU B 1014 -36.24 -24.87 18.11
C GLU B 1014 -37.71 -24.47 18.16
N ILE B 1015 -38.09 -23.44 17.38
CA ILE B 1015 -39.48 -22.97 17.40
C ILE B 1015 -40.39 -24.00 16.73
N ARG B 1016 -39.88 -24.74 15.74
CA ARG B 1016 -40.67 -25.80 15.14
C ARG B 1016 -40.90 -26.95 16.11
N ALA B 1017 -39.87 -27.33 16.88
CA ALA B 1017 -40.08 -28.33 17.92
C ALA B 1017 -41.08 -27.86 18.97
N SER B 1018 -40.97 -26.60 19.39
CA SER B 1018 -41.92 -26.05 20.35
C SER B 1018 -43.33 -25.99 19.78
N ALA B 1019 -43.48 -25.71 18.49
CA ALA B 1019 -44.80 -25.65 17.87
C ALA B 1019 -45.39 -27.04 17.72
N ASN B 1020 -44.56 -28.04 17.42
CA ASN B 1020 -45.05 -29.41 17.41
C ASN B 1020 -45.51 -29.84 18.80
N LEU B 1021 -44.75 -29.50 19.84
CA LEU B 1021 -45.18 -29.83 21.20
C LEU B 1021 -46.48 -29.10 21.55
N ALA B 1022 -46.61 -27.83 21.14
CA ALA B 1022 -47.83 -27.09 21.43
C ALA B 1022 -49.03 -27.64 20.67
N ALA B 1023 -48.83 -28.10 19.43
CA ALA B 1023 -49.92 -28.70 18.68
C ALA B 1023 -50.31 -30.05 19.25
N THR B 1024 -49.35 -30.80 19.79
CA THR B 1024 -49.68 -32.04 20.48
C THR B 1024 -50.47 -31.76 21.76
N LYS B 1025 -50.09 -30.72 22.50
CA LYS B 1025 -50.84 -30.33 23.69
C LYS B 1025 -52.24 -29.86 23.33
N MET B 1026 -52.37 -29.13 22.23
CA MET B 1026 -53.68 -28.68 21.77
C MET B 1026 -54.62 -29.85 21.46
N SER B 1027 -54.07 -30.97 21.00
CA SER B 1027 -54.91 -32.11 20.65
C SER B 1027 -55.17 -33.02 21.85
N GLU B 1028 -54.20 -33.14 22.76
CA GLU B 1028 -54.32 -34.07 23.87
C GLU B 1028 -54.90 -33.44 25.13
N CYS B 1029 -54.93 -32.12 25.25
CA CYS B 1029 -55.43 -31.45 26.43
C CYS B 1029 -56.78 -30.78 26.20
N VAL B 1030 -56.95 -30.10 25.07
CA VAL B 1030 -58.20 -29.40 24.79
C VAL B 1030 -59.20 -30.30 24.08
N LEU B 1031 -58.75 -31.02 23.05
CA LEU B 1031 -59.63 -31.90 22.27
C LEU B 1031 -59.89 -33.23 22.96
N GLY B 1032 -59.30 -33.49 24.12
CA GLY B 1032 -59.53 -34.74 24.81
C GLY B 1032 -58.90 -34.72 26.18
N GLN B 1033 -59.10 -35.81 26.91
CA GLN B 1033 -58.55 -35.99 28.25
C GLN B 1033 -57.41 -37.00 28.19
N SER B 1034 -56.22 -36.55 28.57
CA SER B 1034 -55.03 -37.40 28.53
C SER B 1034 -54.75 -37.97 29.92
N LYS B 1035 -54.31 -39.23 29.94
CA LYS B 1035 -53.94 -39.88 31.20
C LYS B 1035 -52.57 -39.48 31.69
N ARG B 1036 -51.86 -38.62 30.96
CA ARG B 1036 -50.53 -38.20 31.38
C ARG B 1036 -50.64 -37.26 32.57
N VAL B 1037 -49.79 -37.50 33.57
CA VAL B 1037 -49.93 -36.79 34.85
C VAL B 1037 -49.26 -35.42 34.86
N ASP B 1038 -48.27 -35.20 34.00
CA ASP B 1038 -47.57 -33.92 33.99
C ASP B 1038 -47.36 -33.40 32.58
N PHE B 1039 -48.27 -33.70 31.67
CA PHE B 1039 -48.20 -33.18 30.31
C PHE B 1039 -49.07 -31.93 30.14
N CYS B 1040 -50.35 -32.02 30.51
CA CYS B 1040 -51.25 -30.88 30.46
C CYS B 1040 -51.26 -30.14 31.79
N GLY B 1041 -50.07 -29.68 32.18
CA GLY B 1041 -49.89 -29.01 33.45
C GLY B 1041 -49.61 -29.97 34.60
N LYS B 1042 -49.29 -29.38 35.75
CA LYS B 1042 -48.99 -30.16 36.94
C LYS B 1042 -50.27 -30.63 37.61
N GLY B 1043 -50.38 -31.93 37.81
CA GLY B 1043 -51.56 -32.51 38.44
C GLY B 1043 -52.43 -33.27 37.45
N TYR B 1044 -53.51 -33.84 37.99
CA TYR B 1044 -54.44 -34.60 37.17
C TYR B 1044 -55.14 -33.68 36.17
N HIS B 1045 -54.89 -33.92 34.88
CA HIS B 1045 -55.45 -33.09 33.83
C HIS B 1045 -56.93 -33.36 33.66
N LEU B 1046 -57.72 -32.29 33.58
CA LEU B 1046 -59.16 -32.38 33.33
C LEU B 1046 -59.54 -31.73 32.01
N MET B 1047 -59.16 -30.47 31.81
CA MET B 1047 -59.50 -29.75 30.59
C MET B 1047 -58.51 -28.60 30.42
N SER B 1048 -58.42 -28.11 29.18
CA SER B 1048 -57.54 -26.99 28.86
C SER B 1048 -58.26 -26.06 27.89
N PHE B 1049 -57.94 -24.77 28.01
CA PHE B 1049 -58.56 -23.74 27.18
C PHE B 1049 -57.45 -22.92 26.53
N PRO B 1050 -57.34 -22.93 25.20
CA PRO B 1050 -56.28 -22.16 24.54
C PRO B 1050 -56.62 -20.69 24.42
N GLN B 1051 -55.58 -19.88 24.27
CA GLN B 1051 -55.70 -18.44 24.12
C GLN B 1051 -54.82 -17.96 22.98
N SER B 1052 -55.16 -16.79 22.45
CA SER B 1052 -54.41 -16.21 21.35
C SER B 1052 -53.16 -15.50 21.88
N ALA B 1053 -52.17 -15.38 21.01
CA ALA B 1053 -50.91 -14.73 21.36
C ALA B 1053 -50.28 -14.19 20.07
N PRO B 1054 -49.44 -13.17 20.17
CA PRO B 1054 -48.83 -12.63 18.93
C PRO B 1054 -47.95 -13.62 18.21
N HIS B 1055 -47.07 -14.33 18.93
CA HIS B 1055 -46.15 -15.27 18.31
C HIS B 1055 -46.09 -16.57 19.12
N GLY B 1056 -47.23 -16.97 19.69
CA GLY B 1056 -47.28 -18.19 20.47
C GLY B 1056 -48.67 -18.65 20.82
N VAL B 1057 -48.81 -19.38 21.92
CA VAL B 1057 -50.11 -19.89 22.36
C VAL B 1057 -50.04 -20.11 23.87
N VAL B 1058 -51.15 -19.81 24.55
CA VAL B 1058 -51.25 -19.93 26.00
C VAL B 1058 -52.39 -20.90 26.31
N PHE B 1059 -52.08 -21.92 27.10
CA PHE B 1059 -53.06 -22.93 27.50
C PHE B 1059 -53.46 -22.73 28.95
N LEU B 1060 -54.76 -22.84 29.22
CA LEU B 1060 -55.29 -22.75 30.59
C LEU B 1060 -55.62 -24.16 31.06
N HIS B 1061 -54.59 -24.84 31.56
CA HIS B 1061 -54.71 -26.23 32.00
C HIS B 1061 -55.47 -26.29 33.31
N VAL B 1062 -56.70 -26.78 33.28
CA VAL B 1062 -57.48 -27.00 34.49
C VAL B 1062 -57.05 -28.34 35.08
N THR B 1063 -56.50 -28.31 36.29
CA THR B 1063 -55.95 -29.50 36.93
C THR B 1063 -56.79 -29.87 38.15
N TYR B 1064 -56.40 -30.95 38.81
CA TYR B 1064 -57.10 -31.46 39.98
C TYR B 1064 -56.09 -31.66 41.10
N VAL B 1065 -56.27 -30.92 42.20
CA VAL B 1065 -55.35 -30.99 43.33
C VAL B 1065 -56.11 -31.46 44.56
N PRO B 1066 -55.90 -32.69 45.00
CA PRO B 1066 -56.57 -33.17 46.21
C PRO B 1066 -56.00 -32.50 47.46
N ALA B 1067 -56.82 -32.44 48.50
CA ALA B 1067 -56.42 -31.83 49.76
C ALA B 1067 -57.29 -32.38 50.88
N GLN B 1068 -56.94 -32.00 52.10
CA GLN B 1068 -57.67 -32.40 53.31
C GLN B 1068 -57.72 -33.94 53.44
N GLU B 1069 -56.53 -34.52 53.58
CA GLU B 1069 -56.43 -35.96 53.78
C GLU B 1069 -56.63 -36.31 55.24
N LYS B 1070 -56.65 -37.62 55.52
CA LYS B 1070 -56.87 -38.11 56.87
C LYS B 1070 -56.20 -39.46 57.03
N ASN B 1071 -55.76 -39.76 58.25
CA ASN B 1071 -55.10 -41.02 58.56
C ASN B 1071 -56.17 -42.10 58.78
N PHE B 1072 -56.13 -43.14 57.96
CA PHE B 1072 -57.10 -44.23 58.04
C PHE B 1072 -56.39 -45.56 57.98
N THR B 1073 -56.86 -46.52 58.77
CA THR B 1073 -56.29 -47.86 58.76
C THR B 1073 -56.86 -48.66 57.60
N THR B 1074 -55.99 -49.35 56.88
CA THR B 1074 -56.37 -50.11 55.70
C THR B 1074 -55.98 -51.58 55.86
N ALA B 1075 -56.44 -52.40 54.92
CA ALA B 1075 -56.18 -53.82 54.92
C ALA B 1075 -56.19 -54.31 53.48
N PRO B 1076 -55.35 -55.28 53.13
CA PRO B 1076 -55.31 -55.75 51.74
C PRO B 1076 -56.54 -56.58 51.36
N ALA B 1077 -57.07 -57.38 52.27
CA ALA B 1077 -58.23 -58.21 51.98
C ALA B 1077 -58.99 -58.47 53.28
N ILE B 1078 -60.15 -59.10 53.14
CA ILE B 1078 -61.02 -59.43 54.27
C ILE B 1078 -61.46 -60.87 54.14
N CYS B 1079 -61.28 -61.64 55.21
CA CYS B 1079 -61.68 -63.05 55.23
C CYS B 1079 -63.12 -63.17 55.75
N HIS B 1080 -63.94 -63.93 55.03
CA HIS B 1080 -65.31 -64.16 55.45
C HIS B 1080 -65.73 -65.55 54.99
N ASP B 1081 -66.11 -66.40 55.95
CA ASP B 1081 -66.48 -67.79 55.68
C ASP B 1081 -65.37 -68.53 54.94
N GLY B 1082 -64.13 -68.24 55.31
CA GLY B 1082 -63.00 -68.89 54.69
C GLY B 1082 -62.74 -68.47 53.25
N LYS B 1083 -63.20 -67.29 52.86
CA LYS B 1083 -63.02 -66.81 51.49
C LYS B 1083 -62.48 -65.38 51.53
N ALA B 1084 -61.46 -65.12 50.72
CA ALA B 1084 -60.86 -63.80 50.65
C ALA B 1084 -61.65 -62.90 49.70
N HIS B 1085 -61.98 -61.70 50.16
CA HIS B 1085 -62.74 -60.74 49.37
C HIS B 1085 -61.82 -59.60 48.95
N PHE B 1086 -61.81 -59.30 47.65
CA PHE B 1086 -61.02 -58.21 47.10
C PHE B 1086 -61.94 -57.17 46.47
N PRO B 1087 -61.69 -55.89 46.71
CA PRO B 1087 -62.58 -54.85 46.19
C PRO B 1087 -62.43 -54.67 44.68
N ARG B 1088 -63.56 -54.37 44.04
CA ARG B 1088 -63.54 -54.10 42.61
C ARG B 1088 -62.85 -52.78 42.30
N GLU B 1089 -63.12 -51.75 43.09
CA GLU B 1089 -62.48 -50.46 42.95
C GLU B 1089 -62.24 -49.87 44.33
N GLY B 1090 -61.15 -49.12 44.46
CA GLY B 1090 -60.80 -48.53 45.74
C GLY B 1090 -60.13 -49.52 46.66
N VAL B 1091 -59.98 -49.09 47.92
CA VAL B 1091 -59.34 -49.89 48.95
C VAL B 1091 -60.22 -49.88 50.20
N PHE B 1092 -59.97 -50.87 51.06
CA PHE B 1092 -60.71 -50.99 52.32
C PHE B 1092 -60.11 -50.04 53.36
N VAL B 1093 -60.95 -49.18 53.92
CA VAL B 1093 -60.54 -48.27 54.98
C VAL B 1093 -61.26 -48.65 56.27
N SER B 1094 -60.78 -48.09 57.38
CA SER B 1094 -61.35 -48.39 58.69
C SER B 1094 -61.47 -47.11 59.50
N ASN B 1095 -62.65 -46.90 60.07
CA ASN B 1095 -62.91 -45.79 60.98
C ASN B 1095 -62.62 -46.14 62.43
N GLY B 1096 -62.46 -47.41 62.74
CA GLY B 1096 -62.31 -47.86 64.12
C GLY B 1096 -63.43 -48.82 64.51
N THR B 1097 -63.07 -50.08 64.73
CA THR B 1097 -63.99 -51.15 65.13
C THR B 1097 -64.99 -51.47 64.00
N HIS B 1098 -64.85 -50.79 62.86
CA HIS B 1098 -65.69 -51.04 61.70
C HIS B 1098 -64.84 -50.92 60.44
N TRP B 1099 -65.47 -51.18 59.29
CA TRP B 1099 -64.79 -51.13 58.01
C TRP B 1099 -65.75 -50.62 56.94
N PHE B 1100 -65.21 -49.87 55.98
CA PHE B 1100 -65.99 -49.34 54.87
C PHE B 1100 -65.15 -49.39 53.60
N VAL B 1101 -65.81 -49.14 52.47
CA VAL B 1101 -65.17 -49.14 51.16
C VAL B 1101 -65.19 -47.73 50.60
N THR B 1102 -64.01 -47.23 50.21
CA THR B 1102 -63.87 -45.91 49.63
C THR B 1102 -62.96 -45.99 48.41
N GLN B 1103 -63.10 -45.01 47.52
CA GLN B 1103 -62.24 -44.94 46.35
C GLN B 1103 -60.92 -44.25 46.71
N ARG B 1104 -60.02 -44.17 45.73
CA ARG B 1104 -58.68 -43.66 45.99
C ARG B 1104 -58.65 -42.13 45.94
N ASN B 1105 -59.24 -41.54 44.90
CA ASN B 1105 -59.17 -40.11 44.68
C ASN B 1105 -60.18 -39.32 45.50
N PHE B 1106 -61.04 -39.98 46.28
CA PHE B 1106 -62.04 -39.29 47.07
C PHE B 1106 -62.47 -40.18 48.21
N TYR B 1107 -63.00 -39.56 49.26
CA TYR B 1107 -63.48 -40.28 50.44
C TYR B 1107 -64.99 -40.34 50.41
N GLU B 1108 -65.54 -41.55 50.37
CA GLU B 1108 -66.99 -41.76 50.39
C GLU B 1108 -67.25 -43.11 51.04
N PRO B 1109 -67.59 -43.14 52.33
CA PRO B 1109 -67.76 -44.42 53.03
C PRO B 1109 -69.03 -45.13 52.58
N GLN B 1110 -68.89 -46.43 52.33
CA GLN B 1110 -70.00 -47.28 51.94
C GLN B 1110 -69.89 -48.61 52.66
N ILE B 1111 -71.05 -49.21 52.95
CA ILE B 1111 -71.09 -50.49 53.64
C ILE B 1111 -70.55 -51.57 52.72
N ILE B 1112 -69.70 -52.44 53.25
CA ILE B 1112 -69.12 -53.53 52.47
C ILE B 1112 -70.23 -54.51 52.10
N THR B 1113 -70.40 -54.74 50.80
CA THR B 1113 -71.46 -55.60 50.30
C THR B 1113 -70.84 -56.62 49.34
N THR B 1114 -71.71 -57.39 48.67
CA THR B 1114 -71.24 -58.47 47.81
C THR B 1114 -70.87 -57.95 46.42
N ASP B 1115 -71.74 -57.13 45.82
CA ASP B 1115 -71.52 -56.67 44.46
C ASP B 1115 -70.37 -55.67 44.34
N ASN B 1116 -69.77 -55.26 45.44
CA ASN B 1116 -68.62 -54.36 45.41
C ASN B 1116 -67.30 -55.10 45.56
N THR B 1117 -67.32 -56.40 45.81
CA THR B 1117 -66.12 -57.21 45.96
C THR B 1117 -66.26 -58.48 45.13
N PHE B 1118 -65.17 -59.25 45.06
CA PHE B 1118 -65.18 -60.52 44.36
C PHE B 1118 -64.34 -61.52 45.14
N VAL B 1119 -64.73 -62.79 45.05
CA VAL B 1119 -64.08 -63.87 45.78
C VAL B 1119 -63.13 -64.61 44.84
N SER B 1120 -61.95 -64.97 45.35
CA SER B 1120 -60.96 -65.68 44.56
C SER B 1120 -60.13 -66.54 45.52
N GLY B 1121 -60.44 -67.83 45.57
CA GLY B 1121 -59.69 -68.74 46.41
C GLY B 1121 -59.94 -68.53 47.88
N ASN B 1122 -59.16 -69.25 48.69
CA ASN B 1122 -59.26 -69.17 50.14
C ASN B 1122 -58.56 -67.90 50.64
N CYS B 1123 -58.70 -67.65 51.94
CA CYS B 1123 -58.15 -66.46 52.57
C CYS B 1123 -56.89 -66.75 53.39
N ASP B 1124 -56.40 -68.00 53.35
CA ASP B 1124 -55.23 -68.36 54.16
C ASP B 1124 -53.93 -67.88 53.52
N VAL B 1125 -53.91 -67.72 52.20
CA VAL B 1125 -52.68 -67.32 51.51
C VAL B 1125 -52.45 -65.81 51.56
N VAL B 1126 -53.48 -65.02 51.86
CA VAL B 1126 -53.34 -63.57 51.91
C VAL B 1126 -52.60 -63.18 53.19
N ILE B 1127 -51.55 -62.39 53.04
CA ILE B 1127 -50.73 -61.95 54.16
C ILE B 1127 -51.31 -60.64 54.69
N GLY B 1128 -51.57 -60.61 56.01
CA GLY B 1128 -52.11 -59.41 56.63
C GLY B 1128 -53.59 -59.22 56.42
N ILE B 1129 -54.34 -60.29 56.20
CA ILE B 1129 -55.78 -60.19 55.95
C ILE B 1129 -56.51 -60.11 57.29
N VAL B 1130 -57.57 -59.30 57.32
CA VAL B 1130 -58.36 -59.11 58.52
C VAL B 1130 -59.69 -59.85 58.37
N ASN B 1131 -60.43 -59.93 59.46
CA ASN B 1131 -61.71 -60.62 59.50
C ASN B 1131 -62.82 -59.60 59.70
N ASN B 1132 -63.80 -59.60 58.78
CA ASN B 1132 -64.93 -58.69 58.88
C ASN B 1132 -66.08 -59.26 58.07
N THR B 1133 -67.30 -59.03 58.56
CA THR B 1133 -68.50 -59.55 57.92
C THR B 1133 -68.92 -58.65 56.76
N VAL B 1134 -69.50 -59.25 55.74
CA VAL B 1134 -70.01 -58.55 54.56
C VAL B 1134 -71.52 -58.65 54.55
N TYR B 1135 -72.18 -57.57 54.13
CA TYR B 1135 -73.64 -57.55 54.08
C TYR B 1135 -74.11 -57.99 52.70
N ASP B 1136 -74.88 -59.07 52.65
CA ASP B 1136 -75.43 -59.55 51.40
C ASP B 1136 -76.69 -58.79 51.06
N PRO B 1137 -76.82 -58.21 49.86
CA PRO B 1137 -78.02 -57.42 49.55
C PRO B 1137 -79.27 -58.26 49.36
N LEU B 1138 -79.13 -59.56 49.11
CA LEU B 1138 -80.29 -60.43 48.89
C LEU B 1138 -80.60 -61.32 50.08
N GLN B 1139 -79.85 -61.21 51.18
CA GLN B 1139 -80.07 -62.05 52.35
C GLN B 1139 -81.27 -61.57 53.17
N PRO B 1140 -81.39 -60.27 53.51
CA PRO B 1140 -82.57 -59.84 54.26
C PRO B 1140 -83.85 -59.90 53.45
N GLU B 1141 -83.79 -59.73 52.13
CA GLU B 1141 -84.99 -59.76 51.31
C GLU B 1141 -85.51 -61.19 51.15
N LEU B 1142 -84.62 -62.18 51.15
CA LEU B 1142 -85.05 -63.56 51.00
C LEU B 1142 -85.70 -64.11 52.27
N ASP B 1143 -85.33 -63.56 53.43
CA ASP B 1143 -85.90 -64.02 54.69
C ASP B 1143 -87.31 -63.47 54.89
N ALA C 27 24.76 -58.86 -0.26
CA ALA C 27 23.66 -59.54 0.41
C ALA C 27 22.63 -58.55 0.93
N TYR C 28 21.35 -58.89 0.77
CA TYR C 28 20.25 -58.03 1.20
C TYR C 28 19.44 -58.73 2.29
N THR C 29 18.87 -57.92 3.18
CA THR C 29 18.05 -58.43 4.27
C THR C 29 17.05 -57.36 4.68
N ASN C 30 16.00 -57.79 5.37
CA ASN C 30 14.96 -56.87 5.81
C ASN C 30 15.38 -56.18 7.10
N SER C 31 14.94 -54.94 7.25
CA SER C 31 15.22 -54.14 8.43
C SER C 31 13.99 -54.09 9.32
N PHE C 32 14.18 -54.32 10.61
CA PHE C 32 13.09 -54.28 11.57
C PHE C 32 12.79 -52.84 11.99
N THR C 33 11.94 -52.66 13.01
CA THR C 33 11.48 -51.33 13.42
C THR C 33 12.60 -50.62 14.17
N ARG C 34 13.57 -50.10 13.41
CA ARG C 34 14.70 -49.37 13.96
C ARG C 34 14.91 -48.11 13.13
N GLY C 35 15.94 -47.34 13.50
CA GLY C 35 16.26 -46.11 12.80
C GLY C 35 15.50 -44.89 13.25
N VAL C 36 14.73 -44.98 14.32
CA VAL C 36 13.96 -43.84 14.82
C VAL C 36 14.85 -42.97 15.69
N TYR C 37 14.57 -41.67 15.70
CA TYR C 37 15.33 -40.71 16.48
C TYR C 37 14.39 -39.60 16.94
N TYR C 38 14.96 -38.54 17.49
CA TYR C 38 14.18 -37.39 17.94
C TYR C 38 14.26 -36.29 16.89
N PRO C 39 13.19 -36.05 16.13
CA PRO C 39 13.27 -35.04 15.07
C PRO C 39 13.02 -33.62 15.57
N ASP C 40 12.38 -33.49 16.72
CA ASP C 40 11.99 -32.18 17.24
C ASP C 40 12.81 -31.72 18.43
N LYS C 41 13.45 -32.64 19.17
CA LYS C 41 14.24 -32.31 20.36
C LYS C 41 13.38 -31.56 21.38
N VAL C 42 12.18 -32.09 21.62
CA VAL C 42 11.23 -31.50 22.54
C VAL C 42 10.73 -32.57 23.49
N PHE C 43 10.73 -32.28 24.78
CA PHE C 43 10.28 -33.24 25.78
C PHE C 43 8.76 -33.41 25.69
N ARG C 44 8.31 -34.67 25.67
CA ARG C 44 6.89 -34.99 25.67
C ARG C 44 6.65 -36.12 26.65
N SER C 45 5.56 -36.03 27.41
CA SER C 45 5.26 -36.98 28.47
C SER C 45 3.84 -37.51 28.28
N SER C 46 3.72 -38.82 28.05
CA SER C 46 2.45 -39.53 28.00
C SER C 46 1.51 -38.95 26.93
N VAL C 47 2.09 -38.53 25.81
CA VAL C 47 1.33 -38.03 24.67
C VAL C 47 1.79 -38.74 23.41
N LEU C 48 0.92 -38.72 22.40
CA LEU C 48 1.18 -39.33 21.10
C LEU C 48 1.23 -38.23 20.06
N HIS C 49 2.44 -37.92 19.59
CA HIS C 49 2.65 -36.86 18.61
C HIS C 49 3.12 -37.47 17.29
N SER C 50 2.52 -37.02 16.20
CA SER C 50 2.87 -37.49 14.86
C SER C 50 3.80 -36.47 14.20
N THR C 51 4.91 -36.96 13.65
CA THR C 51 5.90 -36.10 12.99
C THR C 51 6.16 -36.61 11.58
N GLN C 52 6.55 -35.67 10.71
CA GLN C 52 6.83 -35.98 9.31
C GLN C 52 8.26 -35.54 9.01
N ASP C 53 9.17 -36.51 8.91
CA ASP C 53 10.57 -36.23 8.62
C ASP C 53 11.17 -37.45 7.94
N LEU C 54 12.50 -37.46 7.82
CA LEU C 54 13.21 -38.55 7.16
C LEU C 54 13.50 -39.64 8.20
N PHE C 55 12.80 -40.76 8.08
CA PHE C 55 13.00 -41.90 8.95
C PHE C 55 13.15 -43.17 8.11
N LEU C 56 13.69 -44.22 8.73
CA LEU C 56 13.87 -45.49 8.05
C LEU C 56 12.54 -46.22 7.94
N PRO C 57 12.13 -46.58 6.72
CA PRO C 57 10.87 -47.32 6.55
C PRO C 57 10.97 -48.72 7.16
N PHE C 58 9.87 -49.15 7.78
CA PHE C 58 9.83 -50.45 8.42
C PHE C 58 9.68 -51.55 7.38
N PHE C 59 10.22 -52.73 7.70
CA PHE C 59 10.17 -53.89 6.82
C PHE C 59 10.77 -53.61 5.45
N SER C 60 11.82 -52.77 5.42
CA SER C 60 12.50 -52.41 4.18
C SER C 60 13.79 -53.20 4.04
N ASN C 61 14.18 -53.43 2.78
CA ASN C 61 15.41 -54.16 2.50
C ASN C 61 16.61 -53.24 2.58
N VAL C 62 17.63 -53.67 3.32
CA VAL C 62 18.86 -52.89 3.48
C VAL C 62 20.04 -53.74 3.03
N THR C 63 21.12 -53.07 2.65
CA THR C 63 22.31 -53.76 2.18
C THR C 63 23.12 -54.30 3.36
N TRP C 64 23.72 -55.48 3.16
CA TRP C 64 24.51 -56.14 4.18
C TRP C 64 25.87 -56.48 3.59
N PHE C 65 26.93 -55.96 4.20
CA PHE C 65 28.30 -56.21 3.76
C PHE C 65 29.12 -56.77 4.91
N HIS C 66 30.15 -57.53 4.56
CA HIS C 66 31.08 -58.10 5.53
C HIS C 66 32.45 -57.47 5.35
N VAL C 67 33.09 -57.14 6.48
CA VAL C 67 34.39 -56.48 6.41
C VAL C 67 35.50 -57.49 6.12
N ILE C 68 35.25 -58.78 6.36
CA ILE C 68 36.25 -59.80 6.10
C ILE C 68 35.98 -60.48 4.77
N ASP C 78 37.69 -55.19 1.22
CA ASP C 78 37.41 -54.15 0.26
C ASP C 78 35.91 -53.84 0.19
N ASN C 79 35.56 -52.59 0.47
CA ASN C 79 34.17 -52.16 0.45
C ASN C 79 33.97 -51.06 -0.59
N PRO C 80 32.86 -51.09 -1.33
CA PRO C 80 32.62 -50.08 -2.36
C PRO C 80 31.90 -48.86 -1.78
N VAL C 81 31.79 -47.84 -2.61
CA VAL C 81 31.15 -46.59 -2.23
C VAL C 81 29.66 -46.66 -2.57
N LEU C 82 28.86 -45.90 -1.83
CA LEU C 82 27.43 -45.86 -2.01
C LEU C 82 26.96 -44.41 -2.08
N PRO C 83 25.94 -44.13 -2.88
CA PRO C 83 25.45 -42.75 -3.00
C PRO C 83 24.73 -42.30 -1.74
N PHE C 84 24.84 -40.99 -1.47
CA PHE C 84 24.15 -40.34 -0.37
C PHE C 84 23.03 -39.51 -0.97
N ASN C 85 21.86 -40.12 -1.16
CA ASN C 85 20.74 -39.47 -1.82
C ASN C 85 20.04 -38.49 -0.87
N ASP C 86 19.52 -39.00 0.24
CA ASP C 86 18.79 -38.17 1.19
C ASP C 86 19.02 -38.62 2.63
N GLY C 87 20.13 -39.30 2.88
CA GLY C 87 20.43 -39.81 4.20
C GLY C 87 20.77 -41.29 4.19
N VAL C 88 21.68 -41.71 5.06
CA VAL C 88 22.12 -43.09 5.13
C VAL C 88 21.97 -43.58 6.56
N TYR C 89 21.20 -44.65 6.74
CA TYR C 89 21.08 -45.32 8.03
C TYR C 89 22.23 -46.31 8.18
N PHE C 90 23.11 -46.06 9.14
CA PHE C 90 24.32 -46.85 9.33
C PHE C 90 24.23 -47.63 10.64
N ALA C 91 24.56 -48.91 10.57
CA ALA C 91 24.57 -49.78 11.73
C ALA C 91 25.75 -50.74 11.63
N SER C 92 26.21 -51.22 12.79
CA SER C 92 27.35 -52.12 12.83
C SER C 92 27.26 -53.00 14.06
N ILE C 93 27.55 -54.29 13.88
CA ILE C 93 27.63 -55.25 14.97
C ILE C 93 29.05 -55.81 14.99
N GLU C 94 29.85 -55.36 15.95
CA GLU C 94 31.25 -55.76 16.04
C GLU C 94 31.56 -56.17 17.47
N LYS C 95 32.79 -56.64 17.68
CA LYS C 95 33.26 -56.97 19.02
C LYS C 95 34.69 -56.52 19.28
N SER C 96 35.32 -55.81 18.34
CA SER C 96 36.68 -55.34 18.52
C SER C 96 36.90 -53.92 18.02
N ASN C 97 35.83 -53.15 17.81
CA ASN C 97 35.90 -51.76 17.35
C ASN C 97 36.63 -51.69 16.00
N ILE C 98 36.01 -52.30 15.00
CA ILE C 98 36.59 -52.35 13.66
C ILE C 98 36.30 -51.07 12.89
N ILE C 99 35.05 -50.60 12.89
CA ILE C 99 34.70 -49.36 12.21
C ILE C 99 35.36 -48.19 12.93
N ARG C 100 36.07 -47.35 12.18
CA ARG C 100 36.84 -46.26 12.77
C ARG C 100 36.65 -44.97 11.98
N GLY C 101 35.41 -44.69 11.58
CA GLY C 101 35.13 -43.43 10.92
C GLY C 101 34.40 -43.53 9.60
N TRP C 102 34.08 -42.39 9.00
CA TRP C 102 33.39 -42.34 7.71
C TRP C 102 33.93 -41.16 6.91
N ILE C 103 33.62 -41.17 5.61
CA ILE C 103 34.02 -40.11 4.69
C ILE C 103 32.78 -39.60 3.99
N PHE C 104 32.69 -38.27 3.82
CA PHE C 104 31.57 -37.63 3.16
C PHE C 104 32.09 -36.58 2.19
N GLY C 105 31.21 -36.14 1.29
CA GLY C 105 31.56 -35.12 0.33
C GLY C 105 30.92 -35.40 -1.01
N THR C 106 31.09 -34.43 -1.91
CA THR C 106 30.52 -34.58 -3.25
C THR C 106 31.31 -35.59 -4.07
N THR C 107 32.64 -35.58 -3.94
CA THR C 107 33.49 -36.52 -4.67
C THR C 107 34.71 -36.83 -3.82
N LEU C 108 35.44 -37.87 -4.23
CA LEU C 108 36.63 -38.29 -3.51
C LEU C 108 37.84 -37.40 -3.78
N ASP C 109 37.78 -36.54 -4.79
CA ASP C 109 38.89 -35.66 -5.12
C ASP C 109 38.85 -34.43 -4.22
N SER C 110 39.86 -33.56 -4.37
CA SER C 110 39.96 -32.32 -3.61
C SER C 110 39.38 -31.12 -4.35
N LYS C 111 38.54 -31.36 -5.36
CA LYS C 111 37.93 -30.25 -6.09
C LYS C 111 36.75 -29.65 -5.34
N THR C 112 36.09 -30.42 -4.49
CA THR C 112 34.95 -29.96 -3.72
C THR C 112 35.23 -30.18 -2.24
N GLN C 113 34.53 -29.44 -1.39
CA GLN C 113 34.71 -29.51 0.05
C GLN C 113 34.13 -30.82 0.56
N SER C 114 34.99 -31.80 0.81
CA SER C 114 34.56 -33.09 1.32
C SER C 114 34.54 -33.07 2.84
N LEU C 115 34.24 -34.22 3.45
CA LEU C 115 34.16 -34.35 4.90
C LEU C 115 34.81 -35.66 5.31
N LEU C 116 35.58 -35.61 6.40
CA LEU C 116 36.27 -36.78 6.91
C LEU C 116 36.13 -36.83 8.43
N ILE C 117 35.83 -38.02 8.95
CA ILE C 117 35.72 -38.25 10.39
C ILE C 117 36.65 -39.40 10.74
N VAL C 118 37.67 -39.11 11.54
CA VAL C 118 38.66 -40.09 11.95
C VAL C 118 38.54 -40.29 13.45
N ASN C 119 38.14 -41.49 13.86
CA ASN C 119 38.03 -41.83 15.27
C ASN C 119 39.31 -42.49 15.78
N ASN C 120 39.47 -42.47 17.09
CA ASN C 120 40.64 -43.07 17.74
C ASN C 120 40.20 -43.65 19.07
N ALA C 121 41.18 -44.14 19.85
CA ALA C 121 40.89 -44.71 21.16
C ALA C 121 40.65 -43.65 22.23
N THR C 122 41.04 -42.40 21.97
CA THR C 122 40.87 -41.31 22.92
C THR C 122 39.86 -40.26 22.48
N ASN C 123 40.00 -39.73 21.27
CA ASN C 123 39.09 -38.71 20.76
C ASN C 123 38.80 -38.99 19.30
N VAL C 124 37.88 -38.20 18.74
CA VAL C 124 37.48 -38.30 17.34
C VAL C 124 37.77 -36.97 16.66
N VAL C 125 38.41 -37.04 15.50
CA VAL C 125 38.82 -35.86 14.74
C VAL C 125 37.79 -35.65 13.64
N ILE C 126 36.93 -34.64 13.82
CA ILE C 126 35.94 -34.26 12.82
C ILE C 126 36.50 -33.06 12.07
N LYS C 127 36.72 -33.23 10.76
CA LYS C 127 37.32 -32.17 9.97
C LYS C 127 36.62 -32.08 8.63
N VAL C 128 36.28 -30.85 8.22
CA VAL C 128 35.70 -30.57 6.92
C VAL C 128 36.69 -29.67 6.20
N CYS C 129 37.64 -30.27 5.48
CA CYS C 129 38.69 -29.49 4.83
C CYS C 129 39.02 -29.97 3.42
N GLU C 130 38.12 -30.72 2.78
CA GLU C 130 38.30 -31.16 1.40
C GLU C 130 39.56 -32.00 1.23
N PHE C 131 39.73 -32.99 2.09
CA PHE C 131 40.88 -33.88 2.03
C PHE C 131 40.65 -34.97 0.99
N GLN C 132 41.59 -35.10 0.07
CA GLN C 132 41.47 -36.10 -0.98
C GLN C 132 41.91 -37.46 -0.46
N PHE C 133 41.31 -38.50 -1.04
CA PHE C 133 41.60 -39.88 -0.65
C PHE C 133 41.73 -40.73 -1.90
N CYS C 134 42.33 -41.91 -1.74
CA CYS C 134 42.51 -42.84 -2.84
C CYS C 134 41.25 -43.70 -3.00
N ASN C 135 41.36 -44.72 -3.85
CA ASN C 135 40.23 -45.61 -4.07
C ASN C 135 39.98 -46.52 -2.87
N ASP C 136 40.98 -46.71 -2.02
CA ASP C 136 40.87 -47.57 -0.86
C ASP C 136 41.05 -46.74 0.41
N PRO C 137 40.16 -46.87 1.39
CA PRO C 137 40.32 -46.14 2.65
C PRO C 137 41.54 -46.61 3.41
N PHE C 138 41.90 -45.84 4.44
CA PHE C 138 43.02 -46.21 5.28
C PHE C 138 42.58 -47.16 6.38
N LEU C 139 43.47 -48.10 6.72
CA LEU C 139 43.20 -49.13 7.72
C LEU C 139 44.17 -48.94 8.88
N ASP C 140 43.66 -48.57 10.04
CA ASP C 140 44.49 -48.37 11.22
C ASP C 140 44.98 -49.71 11.77
N PHE C 152 50.14 -45.97 7.25
CA PHE C 152 48.88 -46.63 6.92
C PHE C 152 47.76 -46.14 7.82
N ARG C 153 48.03 -45.09 8.58
CA ARG C 153 47.06 -44.52 9.51
C ARG C 153 46.26 -43.37 8.91
N VAL C 154 46.67 -42.87 7.74
CA VAL C 154 45.97 -41.77 7.08
C VAL C 154 46.25 -41.85 5.59
N TYR C 155 45.26 -41.42 4.79
CA TYR C 155 45.37 -41.43 3.34
C TYR C 155 44.88 -40.10 2.77
N SER C 156 45.15 -39.00 3.48
CA SER C 156 44.73 -37.67 3.06
C SER C 156 45.94 -36.86 2.63
N SER C 157 45.70 -35.94 1.69
CA SER C 157 46.73 -35.07 1.15
C SER C 157 46.53 -33.66 1.68
N ALA C 158 47.37 -32.74 1.21
CA ALA C 158 47.30 -31.35 1.64
C ALA C 158 46.24 -30.60 0.84
N ASN C 159 45.57 -29.67 1.51
CA ASN C 159 44.51 -28.87 0.90
C ASN C 159 44.31 -27.62 1.76
N ASN C 160 43.26 -26.86 1.44
CA ASN C 160 42.93 -25.64 2.17
C ASN C 160 42.00 -26.02 3.32
N CYS C 161 42.51 -25.97 4.54
CA CYS C 161 41.77 -26.41 5.72
C CYS C 161 41.17 -25.21 6.44
N THR C 162 39.87 -25.28 6.73
CA THR C 162 39.14 -24.18 7.34
C THR C 162 38.55 -24.54 8.70
N PHE C 163 37.82 -25.65 8.79
CA PHE C 163 37.11 -26.03 10.01
C PHE C 163 37.72 -27.29 10.61
N GLU C 164 37.65 -27.38 11.93
CA GLU C 164 38.15 -28.53 12.67
C GLU C 164 37.45 -28.59 14.01
N TYR C 165 37.11 -29.80 14.45
CA TYR C 165 36.39 -29.98 15.70
C TYR C 165 36.74 -31.34 16.29
N VAL C 166 37.00 -31.36 17.60
CA VAL C 166 37.32 -32.58 18.33
C VAL C 166 36.48 -32.60 19.60
N SER C 167 35.97 -33.77 19.95
CA SER C 167 35.12 -33.92 21.12
C SER C 167 35.32 -35.32 21.69
N GLN C 168 34.41 -35.73 22.59
CA GLN C 168 34.50 -37.05 23.20
C GLN C 168 34.29 -38.14 22.15
N PRO C 169 34.85 -39.32 22.36
CA PRO C 169 34.71 -40.40 21.37
C PRO C 169 33.27 -40.89 21.26
N PHE C 170 33.01 -41.61 20.18
CA PHE C 170 31.68 -42.14 19.87
C PHE C 170 31.47 -43.54 20.45
N LEU C 171 32.15 -43.88 21.54
CA LEU C 171 32.00 -45.18 22.16
C LEU C 171 31.10 -45.08 23.40
N LYS C 182 29.74 -58.15 19.48
CA LYS C 182 28.76 -58.22 20.56
C LYS C 182 28.04 -56.90 20.74
N ASN C 183 28.79 -55.80 20.67
CA ASN C 183 28.22 -54.48 20.82
C ASN C 183 27.54 -54.03 19.52
N LEU C 184 26.52 -53.19 19.67
CA LEU C 184 25.74 -52.68 18.55
C LEU C 184 25.80 -51.16 18.53
N ARG C 185 26.08 -50.61 17.36
CA ARG C 185 26.14 -49.16 17.17
C ARG C 185 25.21 -48.76 16.03
N GLU C 186 24.61 -47.57 16.17
CA GLU C 186 23.67 -47.04 15.20
C GLU C 186 24.05 -45.62 14.85
N PHE C 187 23.89 -45.26 13.57
CA PHE C 187 24.23 -43.93 13.09
C PHE C 187 23.25 -43.52 12.00
N VAL C 188 22.70 -42.31 12.15
CA VAL C 188 21.76 -41.74 11.18
C VAL C 188 22.26 -40.35 10.82
N PHE C 189 22.46 -40.11 9.52
CA PHE C 189 22.97 -38.86 9.02
C PHE C 189 21.94 -38.21 8.12
N LYS C 190 21.79 -36.89 8.24
CA LYS C 190 20.81 -36.14 7.47
C LYS C 190 21.20 -34.68 7.40
N ASN C 191 20.98 -34.08 6.24
CA ASN C 191 21.28 -32.65 6.04
C ASN C 191 20.37 -32.15 4.92
N ILE C 192 19.30 -31.46 5.30
CA ILE C 192 18.31 -31.00 4.32
C ILE C 192 18.22 -29.48 4.37
N ASP C 193 18.51 -28.88 5.52
CA ASP C 193 18.38 -27.45 5.71
C ASP C 193 19.72 -26.82 6.08
N GLY C 194 20.81 -27.33 5.51
CA GLY C 194 22.12 -26.77 5.77
C GLY C 194 22.67 -27.04 7.15
N TYR C 195 22.23 -28.12 7.80
CA TYR C 195 22.75 -28.50 9.10
C TYR C 195 22.90 -30.03 9.15
N PHE C 196 24.00 -30.48 9.71
CA PHE C 196 24.32 -31.90 9.79
C PHE C 196 23.91 -32.45 11.15
N LYS C 197 23.24 -33.60 11.13
CA LYS C 197 22.75 -34.26 12.33
C LYS C 197 23.44 -35.60 12.51
N ILE C 198 23.75 -35.93 13.76
CA ILE C 198 24.41 -37.19 14.11
C ILE C 198 23.64 -37.82 15.26
N TYR C 199 23.04 -38.98 15.02
CA TYR C 199 22.32 -39.74 16.03
C TYR C 199 23.03 -41.06 16.28
N SER C 200 23.15 -41.42 17.56
CA SER C 200 23.85 -42.63 17.93
C SER C 200 23.34 -43.15 19.27
N LYS C 201 23.39 -44.47 19.43
CA LYS C 201 23.01 -45.13 20.67
C LYS C 201 23.66 -46.49 20.70
N HIS C 202 24.16 -46.88 21.88
CA HIS C 202 24.84 -48.15 22.07
C HIS C 202 23.96 -49.08 22.89
N THR C 203 23.72 -50.28 22.36
CA THR C 203 22.90 -51.28 23.03
C THR C 203 23.63 -52.62 23.00
N PRO C 204 23.86 -53.25 24.14
CA PRO C 204 24.54 -54.55 24.14
C PRO C 204 23.69 -55.63 23.49
N ILE C 205 24.37 -56.68 23.03
CA ILE C 205 23.69 -57.79 22.38
C ILE C 205 24.46 -59.09 22.64
N ASP C 212 21.35 -61.59 12.87
CA ASP C 212 21.15 -60.34 12.15
C ASP C 212 20.78 -59.20 13.10
N LEU C 213 19.97 -58.28 12.61
CA LEU C 213 19.54 -57.16 13.44
C LEU C 213 18.51 -57.62 14.47
N PRO C 214 18.63 -57.18 15.72
CA PRO C 214 17.67 -57.58 16.74
C PRO C 214 16.33 -56.90 16.57
N GLN C 215 15.28 -57.55 17.08
CA GLN C 215 13.93 -57.03 17.02
C GLN C 215 13.61 -56.07 18.16
N GLY C 216 14.60 -55.71 18.98
CA GLY C 216 14.34 -54.80 20.08
C GLY C 216 14.25 -53.36 19.59
N PHE C 217 13.42 -52.58 20.27
CA PHE C 217 13.21 -51.18 19.92
C PHE C 217 14.10 -50.28 20.76
N SER C 218 14.60 -49.22 20.14
CA SER C 218 15.47 -48.27 20.82
C SER C 218 15.48 -46.96 20.05
N ALA C 219 15.33 -45.85 20.76
CA ALA C 219 15.34 -44.53 20.15
C ALA C 219 16.76 -43.96 20.18
N LEU C 220 17.22 -43.49 19.03
CA LEU C 220 18.58 -42.98 18.89
C LEU C 220 18.64 -41.53 19.36
N GLU C 221 19.66 -41.21 20.16
CA GLU C 221 19.85 -39.88 20.71
C GLU C 221 20.87 -39.10 19.89
N PRO C 222 20.63 -37.81 19.67
CA PRO C 222 21.62 -36.99 18.94
C PRO C 222 22.81 -36.64 19.81
N LEU C 223 23.99 -36.62 19.18
CA LEU C 223 25.24 -36.31 19.88
C LEU C 223 25.85 -35.03 19.34
N VAL C 224 26.04 -34.92 18.02
CA VAL C 224 26.72 -33.78 17.41
C VAL C 224 25.76 -33.07 16.47
N ASP C 225 25.84 -31.74 16.45
CA ASP C 225 25.07 -30.92 15.53
C ASP C 225 26.02 -29.92 14.87
N LEU C 226 26.37 -30.19 13.61
CA LEU C 226 27.32 -29.31 12.94
C LEU C 226 26.57 -28.22 12.16
N PRO C 227 26.96 -26.96 12.34
CA PRO C 227 26.31 -25.86 11.59
C PRO C 227 26.76 -25.72 10.15
N ILE C 228 27.48 -26.70 9.60
CA ILE C 228 27.97 -26.61 8.23
C ILE C 228 26.85 -26.89 7.25
N GLY C 229 26.91 -26.22 6.10
CA GLY C 229 25.92 -26.40 5.06
C GLY C 229 26.53 -26.92 3.76
N ILE C 230 27.48 -27.85 3.89
CA ILE C 230 28.17 -28.39 2.73
C ILE C 230 27.27 -29.43 2.05
N ASN C 231 27.11 -29.29 0.74
CA ASN C 231 26.32 -30.25 -0.02
C ASN C 231 27.04 -31.59 -0.07
N ILE C 232 26.33 -32.66 0.28
CA ILE C 232 26.88 -34.01 0.31
C ILE C 232 26.14 -34.85 -0.72
N THR C 233 26.89 -35.49 -1.61
CA THR C 233 26.34 -36.34 -2.67
C THR C 233 26.66 -37.81 -2.46
N ARG C 234 27.90 -38.14 -2.11
CA ARG C 234 28.32 -39.51 -1.88
C ARG C 234 28.96 -39.63 -0.50
N PHE C 235 29.26 -40.86 -0.11
CA PHE C 235 29.94 -41.10 1.16
C PHE C 235 30.80 -42.35 1.02
N GLN C 236 31.67 -42.55 2.00
CA GLN C 236 32.63 -43.65 1.98
C GLN C 236 32.96 -44.06 3.41
N THR C 237 33.08 -45.36 3.62
CA THR C 237 33.35 -45.90 4.95
C THR C 237 34.86 -46.01 5.19
N LEU C 238 35.21 -46.34 6.44
CA LEU C 238 36.60 -46.49 6.86
C LEU C 238 36.76 -47.81 7.58
N LEU C 239 37.85 -48.51 7.31
CA LEU C 239 38.16 -49.79 7.93
C LEU C 239 39.42 -49.66 8.78
N ALA C 240 39.78 -50.75 9.46
CA ALA C 240 40.96 -50.76 10.30
C ALA C 240 41.53 -52.17 10.35
N LEU C 241 42.86 -52.27 10.35
CA LEU C 241 43.53 -53.56 10.41
C LEU C 241 44.96 -53.34 10.88
N HIS C 242 45.38 -54.10 11.88
CA HIS C 242 46.72 -53.97 12.43
C HIS C 242 47.73 -54.74 11.58
N ARG C 243 48.92 -54.16 11.44
CA ARG C 243 50.03 -54.78 10.69
C ARG C 243 49.63 -55.05 9.24
N SER C 244 48.93 -54.11 8.63
CA SER C 244 48.47 -54.23 7.25
C SER C 244 49.05 -53.09 6.42
N TYR C 245 49.64 -53.44 5.28
CA TYR C 245 50.20 -52.44 4.39
C TYR C 245 49.09 -51.83 3.53
N LEU C 246 49.41 -50.68 2.93
CA LEU C 246 48.44 -49.96 2.10
C LEU C 246 49.15 -49.33 0.92
N THR C 247 48.57 -49.53 -0.26
CA THR C 247 49.06 -48.96 -1.51
C THR C 247 47.94 -48.23 -2.24
N PRO C 248 48.28 -47.25 -3.08
CA PRO C 248 47.22 -46.58 -3.85
C PRO C 248 46.47 -47.53 -4.79
N GLY C 249 47.10 -48.59 -5.25
CA GLY C 249 46.44 -49.58 -6.07
C GLY C 249 46.50 -50.97 -5.45
N ASP C 250 45.34 -51.56 -5.20
CA ASP C 250 45.25 -52.86 -4.54
C ASP C 250 44.29 -53.77 -5.31
N SER C 251 44.45 -55.06 -5.08
CA SER C 251 43.60 -56.07 -5.69
C SER C 251 42.43 -56.39 -4.77
N SER C 252 41.69 -57.46 -5.08
CA SER C 252 40.55 -57.87 -4.29
C SER C 252 40.92 -58.87 -3.19
N SER C 253 42.19 -58.89 -2.78
CA SER C 253 42.63 -59.81 -1.74
C SER C 253 42.31 -59.26 -0.35
N GLY C 254 42.85 -58.09 -0.03
CA GLY C 254 42.61 -57.50 1.28
C GLY C 254 43.52 -58.08 2.34
N TRP C 255 43.12 -57.88 3.59
CA TRP C 255 43.87 -58.36 4.74
C TRP C 255 42.91 -58.88 5.80
N THR C 256 43.36 -59.88 6.55
CA THR C 256 42.51 -60.51 7.54
C THR C 256 42.30 -59.59 8.74
N ALA C 257 41.11 -59.65 9.32
CA ALA C 257 40.77 -58.83 10.48
C ALA C 257 39.74 -59.58 11.32
N GLY C 258 39.17 -58.90 12.30
CA GLY C 258 38.18 -59.53 13.15
C GLY C 258 36.86 -59.70 12.45
N ALA C 259 36.07 -60.66 12.94
CA ALA C 259 34.76 -60.93 12.36
C ALA C 259 33.78 -59.81 12.71
N ALA C 260 33.30 -59.11 11.70
CA ALA C 260 32.38 -57.99 11.91
C ALA C 260 31.56 -57.78 10.65
N ALA C 261 30.53 -56.95 10.77
CA ALA C 261 29.65 -56.64 9.66
C ALA C 261 28.96 -55.32 9.94
N TYR C 262 28.43 -54.72 8.86
CA TYR C 262 27.74 -53.44 8.98
C TYR C 262 26.58 -53.40 7.99
N TYR C 263 25.62 -52.52 8.27
CA TYR C 263 24.44 -52.36 7.45
C TYR C 263 24.33 -50.91 6.98
N VAL C 264 23.76 -50.73 5.80
CA VAL C 264 23.59 -49.41 5.18
C VAL C 264 22.15 -49.29 4.70
N GLY C 265 21.45 -48.26 5.16
CA GLY C 265 20.08 -48.01 4.78
C GLY C 265 19.92 -46.63 4.14
N TYR C 266 18.68 -46.33 3.77
CA TYR C 266 18.32 -45.05 3.18
C TYR C 266 17.10 -44.49 3.86
N LEU C 267 17.03 -43.16 3.95
CA LEU C 267 15.93 -42.46 4.59
C LEU C 267 14.96 -41.91 3.54
N GLN C 268 13.68 -41.89 3.90
CA GLN C 268 12.62 -41.40 3.03
C GLN C 268 11.63 -40.60 3.85
N PRO C 269 10.98 -39.59 3.25
CA PRO C 269 10.00 -38.80 3.99
C PRO C 269 8.73 -39.59 4.29
N ARG C 270 8.56 -40.00 5.54
CA ARG C 270 7.42 -40.80 5.96
C ARG C 270 6.80 -40.18 7.21
N THR C 271 5.58 -40.64 7.52
CA THR C 271 4.85 -40.18 8.70
C THR C 271 4.98 -41.22 9.80
N PHE C 272 5.41 -40.78 10.98
CA PHE C 272 5.61 -41.65 12.13
C PHE C 272 4.89 -41.11 13.34
N LEU C 273 4.28 -42.01 14.11
CA LEU C 273 3.59 -41.68 15.36
C LEU C 273 4.47 -42.15 16.51
N LEU C 274 4.99 -41.20 17.29
CA LEU C 274 5.90 -41.49 18.38
C LEU C 274 5.14 -41.61 19.70
N LYS C 275 5.55 -42.57 20.52
CA LYS C 275 4.94 -42.82 21.82
C LYS C 275 5.96 -42.44 22.89
N TYR C 276 5.63 -41.42 23.68
CA TYR C 276 6.50 -40.93 24.74
C TYR C 276 6.01 -41.44 26.09
N ASN C 277 6.94 -41.85 26.94
CA ASN C 277 6.62 -42.34 28.28
C ASN C 277 6.68 -41.16 29.26
N GLU C 278 6.63 -41.48 30.56
CA GLU C 278 6.67 -40.43 31.58
C GLU C 278 8.04 -39.77 31.67
N ASN C 279 9.09 -40.43 31.21
CA ASN C 279 10.44 -39.85 31.21
C ASN C 279 10.82 -39.22 29.88
N GLY C 280 9.96 -39.29 28.87
CA GLY C 280 10.24 -38.67 27.60
C GLY C 280 11.06 -39.49 26.63
N THR C 281 11.10 -40.80 26.81
CA THR C 281 11.85 -41.70 25.91
C THR C 281 10.88 -42.40 24.98
N ILE C 282 11.21 -42.43 23.69
CA ILE C 282 10.36 -43.07 22.69
C ILE C 282 10.43 -44.58 22.90
N THR C 283 9.30 -45.17 23.30
CA THR C 283 9.25 -46.60 23.57
C THR C 283 8.77 -47.42 22.38
N ASP C 284 8.06 -46.80 21.44
CA ASP C 284 7.57 -47.51 20.26
C ASP C 284 7.24 -46.52 19.17
N ALA C 285 7.48 -46.91 17.93
CA ALA C 285 7.18 -46.09 16.77
C ALA C 285 6.53 -46.95 15.69
N VAL C 286 5.64 -46.35 14.92
CA VAL C 286 4.87 -47.04 13.90
C VAL C 286 4.93 -46.23 12.61
N ASP C 287 5.40 -46.87 11.54
CA ASP C 287 5.39 -46.25 10.21
C ASP C 287 3.97 -46.23 9.67
N CYS C 288 3.54 -45.08 9.16
CA CYS C 288 2.15 -44.94 8.76
C CYS C 288 1.89 -45.53 7.37
N ALA C 289 2.87 -45.43 6.47
CA ALA C 289 2.71 -45.89 5.10
C ALA C 289 3.12 -47.35 4.92
N LEU C 290 3.02 -48.16 5.98
CA LEU C 290 3.36 -49.58 5.88
C LEU C 290 2.15 -50.43 5.53
N ASP C 291 1.10 -50.36 6.34
CA ASP C 291 -0.11 -51.14 6.15
C ASP C 291 -1.31 -50.35 6.66
N PRO C 292 -2.51 -50.63 6.14
CA PRO C 292 -3.70 -49.89 6.60
C PRO C 292 -3.98 -50.04 8.09
N LEU C 293 -3.56 -51.12 8.73
CA LEU C 293 -3.72 -51.23 10.17
C LEU C 293 -2.96 -50.13 10.89
N SER C 294 -1.79 -49.74 10.37
CA SER C 294 -1.07 -48.60 10.91
C SER C 294 -1.70 -47.27 10.55
N GLU C 295 -2.23 -47.14 9.33
CA GLU C 295 -2.90 -45.91 8.93
C GLU C 295 -4.13 -45.62 9.78
N THR C 296 -4.85 -46.67 10.19
CA THR C 296 -5.94 -46.48 11.15
C THR C 296 -5.44 -45.88 12.45
N LYS C 297 -4.26 -46.33 12.92
CA LYS C 297 -3.67 -45.76 14.13
C LYS C 297 -3.25 -44.31 13.92
N CYS C 298 -2.72 -43.96 12.73
CA CYS C 298 -2.37 -42.57 12.48
C CYS C 298 -3.62 -41.69 12.47
N THR C 299 -4.71 -42.18 11.87
CA THR C 299 -5.93 -41.38 11.81
C THR C 299 -6.59 -41.26 13.18
N LEU C 300 -6.50 -42.30 14.00
CA LEU C 300 -7.07 -42.28 15.34
C LEU C 300 -6.11 -41.75 16.40
N LYS C 301 -4.82 -41.66 16.08
CA LYS C 301 -3.79 -41.20 17.01
C LYS C 301 -3.80 -42.03 18.29
N SER C 302 -3.96 -43.34 18.13
CA SER C 302 -3.99 -44.27 19.25
C SER C 302 -3.41 -45.60 18.80
N PHE C 303 -2.61 -46.22 19.68
CA PHE C 303 -2.01 -47.51 19.37
C PHE C 303 -2.99 -48.67 19.54
N THR C 304 -4.11 -48.46 20.23
CA THR C 304 -5.12 -49.48 20.45
C THR C 304 -6.34 -49.15 19.60
N VAL C 305 -6.60 -49.97 18.59
CA VAL C 305 -7.73 -49.80 17.69
C VAL C 305 -8.83 -50.76 18.09
N GLU C 306 -10.03 -50.24 18.33
CA GLU C 306 -11.15 -51.06 18.73
C GLU C 306 -11.81 -51.69 17.50
N LYS C 307 -12.88 -52.45 17.74
CA LYS C 307 -13.59 -53.12 16.65
C LYS C 307 -14.50 -52.13 15.93
N GLY C 308 -14.41 -52.11 14.62
CA GLY C 308 -15.24 -51.23 13.82
C GLY C 308 -14.59 -50.95 12.47
N ILE C 309 -15.22 -50.06 11.73
CA ILE C 309 -14.75 -49.64 10.41
C ILE C 309 -14.33 -48.18 10.49
N TYR C 310 -13.18 -47.87 9.87
CA TYR C 310 -12.62 -46.53 9.92
C TYR C 310 -12.18 -46.12 8.53
N GLN C 311 -12.62 -44.92 8.12
CA GLN C 311 -12.21 -44.34 6.83
C GLN C 311 -10.92 -43.58 7.06
N THR C 312 -9.81 -44.12 6.55
CA THR C 312 -8.49 -43.55 6.80
C THR C 312 -8.08 -42.54 5.73
N SER C 313 -8.00 -42.99 4.48
CA SER C 313 -7.55 -42.14 3.38
C SER C 313 -8.31 -42.52 2.12
N ASN C 314 -7.82 -42.03 0.98
CA ASN C 314 -8.47 -42.25 -0.31
C ASN C 314 -7.44 -42.78 -1.30
N PHE C 315 -7.93 -43.48 -2.31
CA PHE C 315 -7.10 -44.06 -3.36
C PHE C 315 -7.10 -43.16 -4.59
N ARG C 316 -5.97 -43.09 -5.26
CA ARG C 316 -5.84 -42.25 -6.46
C ARG C 316 -4.73 -42.83 -7.33
N VAL C 317 -5.05 -43.12 -8.59
CA VAL C 317 -4.07 -43.66 -9.52
C VAL C 317 -3.14 -42.54 -9.97
N GLN C 318 -1.84 -42.81 -9.94
CA GLN C 318 -0.89 -41.80 -10.37
C GLN C 318 -0.47 -42.03 -11.82
N PRO C 319 -0.41 -40.97 -12.62
CA PRO C 319 -0.01 -41.13 -14.02
C PRO C 319 1.48 -41.41 -14.15
N THR C 320 1.82 -42.30 -15.08
CA THR C 320 3.19 -42.70 -15.33
C THR C 320 3.81 -42.04 -16.56
N GLU C 321 3.03 -41.29 -17.32
CA GLU C 321 3.52 -40.64 -18.53
C GLU C 321 3.11 -39.17 -18.53
N SER C 322 3.87 -38.37 -19.27
CA SER C 322 3.60 -36.95 -19.43
C SER C 322 3.53 -36.63 -20.92
N ILE C 323 2.41 -36.06 -21.36
CA ILE C 323 2.18 -35.74 -22.76
C ILE C 323 1.92 -34.25 -22.89
N VAL C 324 2.71 -33.59 -23.74
CA VAL C 324 2.54 -32.18 -24.06
C VAL C 324 2.41 -32.07 -25.57
N ARG C 325 1.21 -31.75 -26.05
CA ARG C 325 0.91 -31.72 -27.47
C ARG C 325 0.49 -30.31 -27.88
N PHE C 326 1.26 -29.72 -28.78
CA PHE C 326 1.02 -28.39 -29.31
C PHE C 326 0.75 -28.43 -30.80
N PRO C 327 0.14 -27.40 -31.37
CA PRO C 327 -0.13 -27.40 -32.82
C PRO C 327 1.15 -27.42 -33.65
N ASN C 328 0.96 -27.50 -34.96
CA ASN C 328 2.06 -27.66 -35.92
C ASN C 328 2.55 -26.34 -36.47
N ILE C 329 2.43 -25.24 -35.71
CA ILE C 329 2.90 -23.95 -36.16
C ILE C 329 4.42 -23.93 -36.19
N THR C 330 5.00 -23.39 -37.26
CA THR C 330 6.44 -23.34 -37.42
C THR C 330 6.97 -22.00 -37.91
N ASN C 331 6.10 -21.07 -38.32
CA ASN C 331 6.56 -19.78 -38.78
C ASN C 331 7.01 -18.91 -37.62
N LEU C 332 7.82 -17.90 -37.93
CA LEU C 332 8.37 -17.00 -36.93
C LEU C 332 7.55 -15.72 -36.93
N CYS C 333 7.29 -15.18 -35.74
CA CYS C 333 6.50 -13.97 -35.61
C CYS C 333 7.35 -12.74 -35.91
N PRO C 334 6.72 -11.66 -36.39
CA PRO C 334 7.49 -10.46 -36.73
C PRO C 334 7.77 -9.57 -35.52
N PHE C 335 7.58 -10.11 -34.31
CA PHE C 335 7.81 -9.32 -33.11
C PHE C 335 9.26 -8.87 -32.99
N ASP C 336 10.21 -9.68 -33.48
CA ASP C 336 11.62 -9.32 -33.41
C ASP C 336 11.94 -8.09 -34.27
N GLU C 337 11.09 -7.75 -35.23
CA GLU C 337 11.28 -6.55 -36.03
C GLU C 337 10.58 -5.34 -35.44
N VAL C 338 9.46 -5.54 -34.76
CA VAL C 338 8.74 -4.41 -34.18
C VAL C 338 9.33 -4.02 -32.83
N PHE C 339 10.06 -4.94 -32.18
CA PHE C 339 10.69 -4.61 -30.90
C PHE C 339 11.88 -3.66 -31.10
N ASN C 340 12.65 -3.85 -32.17
CA ASN C 340 13.79 -3.00 -32.48
C ASN C 340 13.56 -2.14 -33.71
N ALA C 341 12.35 -1.63 -33.89
CA ALA C 341 12.03 -0.83 -35.06
C ALA C 341 12.83 0.48 -35.06
N THR C 342 12.95 1.08 -36.24
CA THR C 342 13.71 2.31 -36.37
C THR C 342 12.96 3.49 -35.77
N ARG C 343 11.68 3.65 -36.13
CA ARG C 343 10.86 4.75 -35.67
C ARG C 343 9.69 4.22 -34.84
N PHE C 344 9.42 4.88 -33.73
CA PHE C 344 8.31 4.54 -32.86
C PHE C 344 7.37 5.74 -32.75
N ALA C 345 6.07 5.45 -32.64
CA ALA C 345 5.07 6.50 -32.52
C ALA C 345 5.05 7.06 -31.10
N SER C 346 4.37 8.19 -30.95
CA SER C 346 4.24 8.86 -29.66
C SER C 346 3.07 8.24 -28.89
N VAL C 347 2.68 8.87 -27.78
CA VAL C 347 1.57 8.36 -26.99
C VAL C 347 0.23 8.49 -27.71
N TYR C 348 0.15 9.35 -28.72
CA TYR C 348 -1.06 9.50 -29.53
C TYR C 348 -0.87 8.80 -30.87
N ALA C 349 -1.93 8.13 -31.33
CA ALA C 349 -1.91 7.37 -32.57
C ALA C 349 -0.78 6.34 -32.57
N TRP C 350 -0.76 5.52 -31.51
CA TRP C 350 0.25 4.50 -31.36
C TRP C 350 0.00 3.34 -32.31
N ASN C 351 1.08 2.63 -32.65
CA ASN C 351 1.00 1.53 -33.59
C ASN C 351 0.46 0.28 -32.93
N ARG C 352 -0.15 -0.59 -33.73
CA ARG C 352 -0.69 -1.85 -33.26
C ARG C 352 -0.57 -2.87 -34.38
N LYS C 353 0.14 -3.97 -34.12
CA LYS C 353 0.38 -5.01 -35.12
C LYS C 353 -0.36 -6.29 -34.72
N ARG C 354 -0.91 -6.97 -35.71
CA ARG C 354 -1.62 -8.23 -35.49
C ARG C 354 -0.65 -9.38 -35.68
N ILE C 355 -0.45 -10.18 -34.62
CA ILE C 355 0.46 -11.31 -34.63
C ILE C 355 -0.36 -12.59 -34.53
N SER C 356 -0.27 -13.44 -35.54
CA SER C 356 -1.01 -14.69 -35.56
C SER C 356 -0.34 -15.66 -36.53
N ASN C 357 -0.55 -16.95 -36.28
CA ASN C 357 -0.07 -18.04 -37.14
C ASN C 357 1.46 -17.98 -37.27
N CYS C 358 2.12 -18.07 -36.13
CA CYS C 358 3.58 -18.09 -36.06
C CYS C 358 3.98 -18.68 -34.71
N VAL C 359 5.28 -18.66 -34.43
CA VAL C 359 5.84 -19.20 -33.20
C VAL C 359 6.57 -18.07 -32.48
N ALA C 360 6.05 -17.69 -31.30
CA ALA C 360 6.68 -16.65 -30.52
C ALA C 360 7.78 -17.24 -29.63
N ASP C 361 8.78 -16.41 -29.35
CA ASP C 361 9.91 -16.83 -28.52
C ASP C 361 10.32 -15.63 -27.67
N TYR C 362 9.83 -15.59 -26.44
CA TYR C 362 10.12 -14.47 -25.54
C TYR C 362 11.46 -14.60 -24.85
N SER C 363 12.24 -15.66 -25.13
CA SER C 363 13.53 -15.82 -24.49
C SER C 363 14.55 -14.79 -24.95
N VAL C 364 14.40 -14.26 -26.17
CA VAL C 364 15.34 -13.27 -26.66
C VAL C 364 15.05 -11.90 -26.04
N LEU C 365 13.83 -11.68 -25.56
CA LEU C 365 13.46 -10.38 -25.03
C LEU C 365 14.24 -10.06 -23.75
N TYR C 366 14.06 -10.88 -22.71
CA TYR C 366 14.74 -10.62 -21.44
C TYR C 366 16.23 -10.95 -21.47
N ASN C 367 16.73 -11.52 -22.58
CA ASN C 367 18.15 -11.78 -22.70
C ASN C 367 18.93 -10.52 -23.06
N LEU C 368 18.27 -9.49 -23.56
CA LEU C 368 18.94 -8.25 -23.94
C LEU C 368 19.33 -7.46 -22.70
N ALA C 369 20.46 -6.75 -22.79
CA ALA C 369 20.98 -6.06 -21.61
C ALA C 369 20.23 -4.77 -21.29
N PRO C 370 20.05 -3.82 -22.22
CA PRO C 370 19.47 -2.53 -21.85
C PRO C 370 18.01 -2.55 -21.42
N PHE C 371 17.36 -3.71 -21.41
CA PHE C 371 15.97 -3.81 -20.96
C PHE C 371 15.96 -3.75 -19.43
N PHE C 372 15.64 -2.59 -18.88
CA PHE C 372 15.70 -2.40 -17.43
C PHE C 372 14.44 -2.93 -16.76
N THR C 373 13.28 -2.38 -17.11
CA THR C 373 12.02 -2.74 -16.47
C THR C 373 11.30 -3.82 -17.28
N PHE C 374 10.90 -4.90 -16.61
CA PHE C 374 10.13 -5.97 -17.21
C PHE C 374 9.02 -6.35 -16.24
N LYS C 375 7.87 -5.68 -16.38
CA LYS C 375 6.73 -5.89 -15.49
C LYS C 375 5.60 -6.59 -16.23
N CYS C 376 4.88 -7.45 -15.52
CA CYS C 376 3.74 -8.18 -16.06
C CYS C 376 2.62 -8.18 -15.04
N TYR C 377 1.39 -8.31 -15.52
CA TYR C 377 0.21 -8.36 -14.68
C TYR C 377 -0.47 -9.71 -14.85
N GLY C 378 -0.45 -10.52 -13.80
CA GLY C 378 -1.07 -11.83 -13.82
C GLY C 378 -0.30 -12.90 -14.55
N VAL C 379 0.84 -12.57 -15.17
CA VAL C 379 1.65 -13.52 -15.91
C VAL C 379 3.07 -13.43 -15.41
N SER C 380 3.79 -14.57 -15.43
CA SER C 380 5.19 -14.54 -15.01
C SER C 380 6.12 -14.56 -16.22
N PRO C 381 7.28 -13.90 -16.11
CA PRO C 381 8.21 -13.90 -17.24
C PRO C 381 8.77 -15.27 -17.55
N THR C 382 8.97 -16.13 -16.55
CA THR C 382 9.51 -17.46 -16.80
C THR C 382 8.49 -18.37 -17.46
N LYS C 383 7.21 -18.22 -17.12
CA LYS C 383 6.15 -19.07 -17.65
C LYS C 383 5.62 -18.61 -18.99
N LEU C 384 6.37 -17.76 -19.72
CA LEU C 384 5.93 -17.29 -21.02
C LEU C 384 6.25 -18.27 -22.15
N ASN C 385 7.03 -19.30 -21.86
CA ASN C 385 7.43 -20.26 -22.90
C ASN C 385 6.48 -21.44 -23.02
N ASP C 386 5.66 -21.71 -22.02
CA ASP C 386 4.77 -22.87 -22.04
C ASP C 386 3.32 -22.51 -22.39
N LEU C 387 2.89 -21.28 -22.13
CA LEU C 387 1.52 -20.89 -22.39
C LEU C 387 1.31 -20.62 -23.88
N CYS C 388 0.04 -20.44 -24.25
CA CYS C 388 -0.31 -20.09 -25.62
C CYS C 388 -1.45 -19.07 -25.58
N PHE C 389 -1.37 -18.08 -26.45
CA PHE C 389 -2.36 -17.00 -26.52
C PHE C 389 -3.19 -17.12 -27.78
N THR C 390 -4.51 -16.92 -27.63
CA THR C 390 -5.40 -16.98 -28.78
C THR C 390 -5.30 -15.76 -29.68
N ASN C 391 -4.84 -14.63 -29.14
CA ASN C 391 -4.64 -13.43 -29.94
C ASN C 391 -3.54 -12.61 -29.29
N VAL C 392 -2.64 -12.06 -30.10
CA VAL C 392 -1.50 -11.29 -29.62
C VAL C 392 -1.54 -9.93 -30.29
N TYR C 393 -1.62 -8.87 -29.49
CA TYR C 393 -1.61 -7.49 -29.97
C TYR C 393 -0.65 -6.69 -29.10
N ALA C 394 0.30 -6.02 -29.74
CA ALA C 394 1.34 -5.27 -29.05
C ALA C 394 1.30 -3.82 -29.49
N ASP C 395 1.35 -2.91 -28.53
CA ASP C 395 1.39 -1.48 -28.78
C ASP C 395 2.76 -0.91 -28.42
N SER C 396 3.04 0.28 -28.95
CA SER C 396 4.33 0.91 -28.73
C SER C 396 4.14 2.41 -28.60
N PHE C 397 4.79 3.00 -27.60
CA PHE C 397 4.75 4.44 -27.40
C PHE C 397 6.01 4.85 -26.66
N VAL C 398 6.25 6.17 -26.61
CA VAL C 398 7.44 6.73 -26.01
C VAL C 398 7.02 7.70 -24.90
N ILE C 399 7.45 7.41 -23.68
CA ILE C 399 7.18 8.26 -22.53
C ILE C 399 8.51 8.58 -21.86
N ARG C 400 8.45 9.45 -20.85
CA ARG C 400 9.64 9.87 -20.13
C ARG C 400 10.02 8.84 -19.09
N GLY C 401 11.04 9.13 -18.29
CA GLY C 401 11.49 8.18 -17.30
C GLY C 401 10.60 8.12 -16.07
N ASP C 402 10.13 9.27 -15.60
CA ASP C 402 9.28 9.31 -14.42
C ASP C 402 7.85 8.86 -14.71
N GLU C 403 7.46 8.79 -15.98
CA GLU C 403 6.10 8.40 -16.35
C GLU C 403 5.93 6.88 -16.49
N VAL C 404 6.93 6.09 -16.09
CA VAL C 404 6.79 4.65 -16.13
C VAL C 404 5.86 4.12 -15.06
N ARG C 405 5.62 4.89 -14.01
CA ARG C 405 4.67 4.47 -12.97
C ARG C 405 3.24 4.57 -13.45
N GLN C 406 2.96 5.45 -14.41
CA GLN C 406 1.62 5.67 -14.90
C GLN C 406 1.10 4.54 -15.78
N ILE C 407 1.96 3.62 -16.20
CA ILE C 407 1.54 2.48 -17.01
C ILE C 407 1.02 1.39 -16.08
N ALA C 408 -0.25 1.48 -15.71
CA ALA C 408 -0.87 0.53 -14.80
C ALA C 408 -2.38 0.66 -14.93
N PRO C 409 -3.12 -0.42 -14.74
CA PRO C 409 -4.59 -0.33 -14.84
C PRO C 409 -5.17 0.54 -13.73
N GLY C 410 -6.23 1.26 -14.05
CA GLY C 410 -6.96 2.05 -13.09
C GLY C 410 -6.22 3.26 -12.54
N GLN C 411 -4.94 3.42 -12.84
CA GLN C 411 -4.17 4.54 -12.30
C GLN C 411 -4.47 5.81 -13.08
N THR C 412 -4.42 6.94 -12.37
CA THR C 412 -4.71 8.25 -12.93
C THR C 412 -3.42 9.02 -13.18
N GLY C 413 -3.47 9.92 -14.15
CA GLY C 413 -2.31 10.74 -14.47
C GLY C 413 -2.53 11.49 -15.76
N ASN C 414 -1.45 12.12 -16.23
CA ASN C 414 -1.53 12.87 -17.48
C ASN C 414 -1.51 11.95 -18.69
N ILE C 415 -0.70 10.89 -18.64
CA ILE C 415 -0.66 9.93 -19.74
C ILE C 415 -1.63 8.77 -19.51
N ALA C 416 -1.88 8.40 -18.25
CA ALA C 416 -2.75 7.27 -17.97
C ALA C 416 -4.21 7.57 -18.21
N ASP C 417 -4.60 8.84 -18.24
CA ASP C 417 -6.00 9.22 -18.43
C ASP C 417 -6.29 9.86 -19.78
N TYR C 418 -5.35 10.62 -20.34
CA TYR C 418 -5.59 11.37 -21.55
C TYR C 418 -4.89 10.79 -22.78
N ASN C 419 -3.99 9.85 -22.61
CA ASN C 419 -3.24 9.31 -23.75
C ASN C 419 -3.31 7.80 -23.86
N TYR C 420 -3.31 7.08 -22.73
CA TYR C 420 -3.30 5.62 -22.78
C TYR C 420 -3.86 5.10 -21.46
N LYS C 421 -5.02 4.46 -21.52
CA LYS C 421 -5.69 3.92 -20.33
C LYS C 421 -5.87 2.42 -20.49
N LEU C 422 -5.58 1.68 -19.41
CA LEU C 422 -5.68 0.24 -19.39
C LEU C 422 -6.98 -0.20 -18.70
N PRO C 423 -7.58 -1.30 -19.15
CA PRO C 423 -8.80 -1.78 -18.51
C PRO C 423 -8.51 -2.37 -17.13
N ASP C 424 -9.59 -2.54 -16.36
CA ASP C 424 -9.44 -3.08 -15.01
C ASP C 424 -9.04 -4.55 -15.02
N ASP C 425 -9.36 -5.26 -16.08
CA ASP C 425 -9.01 -6.67 -16.23
C ASP C 425 -7.87 -6.88 -17.21
N PHE C 426 -6.90 -5.96 -17.23
CA PHE C 426 -5.79 -6.05 -18.16
C PHE C 426 -4.83 -7.15 -17.74
N THR C 427 -4.44 -7.97 -18.72
CA THR C 427 -3.47 -9.05 -18.51
C THR C 427 -2.43 -9.00 -19.62
N GLY C 428 -1.16 -9.02 -19.24
CA GLY C 428 -0.08 -8.97 -20.21
C GLY C 428 1.22 -8.56 -19.55
N CYS C 429 2.04 -7.84 -20.31
CA CYS C 429 3.33 -7.39 -19.84
C CYS C 429 3.63 -6.02 -20.44
N VAL C 430 4.41 -5.23 -19.70
CA VAL C 430 4.87 -3.92 -20.15
C VAL C 430 6.40 -3.94 -20.17
N ILE C 431 6.98 -3.54 -21.30
CA ILE C 431 8.43 -3.57 -21.49
C ILE C 431 8.90 -2.16 -21.81
N ALA C 432 9.92 -1.70 -21.09
CA ALA C 432 10.50 -0.38 -21.30
C ALA C 432 12.02 -0.46 -21.14
N TRP C 433 12.71 0.39 -21.90
CA TRP C 433 14.16 0.44 -21.85
C TRP C 433 14.63 1.85 -22.15
N ASN C 434 15.91 2.10 -21.91
CA ASN C 434 16.50 3.40 -22.17
C ASN C 434 16.85 3.54 -23.64
N SER C 435 16.44 4.66 -24.24
CA SER C 435 16.70 4.91 -25.65
C SER C 435 17.18 6.34 -25.86
N ASN C 436 18.07 6.81 -24.99
CA ASN C 436 18.60 8.17 -25.09
C ASN C 436 19.71 8.30 -26.13
N LYS C 437 20.07 7.22 -26.82
CA LYS C 437 21.15 7.29 -27.81
C LYS C 437 20.67 7.89 -29.12
N LEU C 438 19.43 7.63 -29.51
CA LEU C 438 18.89 8.11 -30.79
C LEU C 438 17.75 9.10 -30.63
N ASP C 439 16.93 8.96 -29.60
CA ASP C 439 15.77 9.82 -29.41
C ASP C 439 16.11 11.14 -28.72
N SER C 440 17.34 11.32 -28.25
CA SER C 440 17.74 12.53 -27.55
C SER C 440 18.61 13.39 -28.45
N LYS C 441 18.28 14.68 -28.52
CA LYS C 441 19.07 15.65 -29.28
C LYS C 441 18.86 17.03 -28.67
N VAL C 442 19.83 17.91 -28.92
CA VAL C 442 19.81 19.24 -28.33
C VAL C 442 18.74 20.08 -29.01
N SER C 443 17.73 20.50 -28.24
CA SER C 443 16.68 21.40 -28.71
C SER C 443 15.95 20.85 -29.93
N GLY C 444 15.69 19.55 -29.94
CA GLY C 444 14.98 18.91 -31.04
C GLY C 444 14.08 17.81 -30.56
N ASN C 445 13.93 16.76 -31.38
CA ASN C 445 13.10 15.60 -31.04
C ASN C 445 11.67 16.01 -30.73
N TYR C 446 11.07 16.77 -31.66
CA TYR C 446 9.68 17.20 -31.53
C TYR C 446 8.70 16.24 -32.17
N ASN C 447 9.11 14.99 -32.42
CA ASN C 447 8.22 14.00 -33.00
C ASN C 447 7.36 13.30 -31.96
N TYR C 448 7.78 13.31 -30.69
CA TYR C 448 7.04 12.67 -29.61
C TYR C 448 6.38 13.75 -28.77
N LEU C 449 5.05 13.72 -28.71
CA LEU C 449 4.27 14.71 -27.98
C LEU C 449 3.37 14.00 -26.98
N TYR C 450 2.56 14.79 -26.28
CA TYR C 450 1.62 14.24 -25.29
C TYR C 450 0.43 15.19 -25.20
N ARG C 451 -0.58 14.75 -24.44
CA ARG C 451 -1.78 15.54 -24.19
C ARG C 451 -1.91 15.81 -22.70
N LEU C 452 -2.01 17.09 -22.33
CA LEU C 452 -2.11 17.44 -20.92
C LEU C 452 -3.53 17.36 -20.41
N PHE C 453 -4.53 17.60 -21.27
CA PHE C 453 -5.92 17.56 -20.85
C PHE C 453 -6.80 17.33 -22.08
N ARG C 454 -7.83 16.50 -21.90
CA ARG C 454 -8.77 16.17 -22.95
C ARG C 454 -10.19 16.56 -22.53
N LYS C 455 -11.11 16.46 -23.47
CA LYS C 455 -12.50 16.82 -23.20
C LYS C 455 -13.13 15.87 -22.17
N SER C 456 -12.76 14.59 -22.21
CA SER C 456 -13.29 13.61 -21.27
C SER C 456 -12.32 12.45 -21.16
N ASN C 457 -12.51 11.65 -20.11
CA ASN C 457 -11.66 10.48 -19.90
C ASN C 457 -11.91 9.46 -21.00
N LEU C 458 -10.84 9.00 -21.64
CA LEU C 458 -10.96 8.06 -22.74
C LEU C 458 -11.30 6.66 -22.22
N LYS C 459 -11.78 5.82 -23.13
CA LYS C 459 -12.14 4.45 -22.81
C LYS C 459 -10.86 3.61 -22.70
N PRO C 460 -10.94 2.43 -22.07
CA PRO C 460 -9.78 1.54 -22.06
C PRO C 460 -9.35 1.17 -23.47
N PHE C 461 -8.08 1.41 -23.77
CA PHE C 461 -7.50 1.16 -25.10
C PHE C 461 -8.25 1.92 -26.18
N GLU C 462 -8.56 3.18 -25.92
CA GLU C 462 -9.21 4.05 -26.88
C GLU C 462 -8.19 4.95 -27.55
N ARG C 463 -8.27 5.05 -28.88
CA ARG C 463 -7.35 5.85 -29.66
C ARG C 463 -8.12 6.81 -30.55
N ASP C 464 -7.57 8.02 -30.72
CA ASP C 464 -8.19 9.04 -31.54
C ASP C 464 -7.12 9.82 -32.27
N ILE C 465 -7.43 10.22 -33.51
CA ILE C 465 -6.48 10.97 -34.32
C ILE C 465 -6.77 12.47 -34.34
N SER C 466 -7.99 12.88 -34.02
CA SER C 466 -8.33 14.30 -34.02
C SER C 466 -7.63 15.02 -32.87
N THR C 467 -7.12 16.22 -33.16
CA THR C 467 -6.41 17.03 -32.17
C THR C 467 -6.99 18.43 -32.14
N GLU C 468 -8.32 18.53 -32.22
CA GLU C 468 -8.98 19.82 -32.19
C GLU C 468 -8.85 20.46 -30.81
N ILE C 469 -9.22 21.73 -30.73
CA ILE C 469 -9.05 22.51 -29.50
C ILE C 469 -10.25 22.28 -28.59
N TYR C 470 -9.99 22.19 -27.30
CA TYR C 470 -11.06 21.96 -26.33
C TYR C 470 -11.90 23.22 -26.17
N GLN C 471 -13.22 23.05 -26.16
CA GLN C 471 -14.13 24.18 -26.05
C GLN C 471 -14.06 24.79 -24.66
N ALA C 472 -14.12 26.13 -24.61
CA ALA C 472 -14.03 26.83 -23.33
C ALA C 472 -15.38 26.87 -22.61
N GLY C 473 -16.43 27.23 -23.33
CA GLY C 473 -17.77 27.32 -22.74
C GLY C 473 -18.14 28.69 -22.19
N ASN C 474 -17.23 29.33 -21.46
CA ASN C 474 -17.44 30.66 -20.92
C ASN C 474 -17.10 31.77 -21.90
N LYS C 475 -16.65 31.41 -23.10
CA LYS C 475 -16.27 32.38 -24.13
C LYS C 475 -16.30 31.66 -25.47
N PRO C 476 -16.87 32.28 -26.51
CA PRO C 476 -16.90 31.62 -27.82
C PRO C 476 -15.52 31.53 -28.45
N CYS C 477 -14.97 30.32 -28.48
CA CYS C 477 -13.62 30.08 -29.01
C CYS C 477 -13.73 29.46 -30.39
N ASN C 478 -13.34 30.22 -31.41
CA ASN C 478 -13.26 29.71 -32.78
C ASN C 478 -11.84 29.27 -33.12
N GLY C 479 -10.86 30.15 -32.91
CA GLY C 479 -9.47 29.82 -33.10
C GLY C 479 -8.66 29.97 -31.82
N VAL C 480 -7.67 30.85 -31.83
CA VAL C 480 -6.90 31.14 -30.63
C VAL C 480 -7.79 31.88 -29.63
N ALA C 481 -7.69 31.51 -28.36
CA ALA C 481 -8.51 32.12 -27.32
C ALA C 481 -7.71 32.14 -26.02
N GLY C 482 -8.41 32.27 -24.90
CA GLY C 482 -7.76 32.48 -23.62
C GLY C 482 -7.53 31.23 -22.79
N PHE C 483 -8.26 31.11 -21.68
CA PHE C 483 -7.90 30.12 -20.66
C PHE C 483 -8.12 28.68 -21.15
N ASN C 484 -9.34 28.35 -21.55
CA ASN C 484 -9.72 26.95 -21.78
C ASN C 484 -9.73 26.58 -23.26
N CYS C 485 -8.89 27.21 -24.08
CA CYS C 485 -8.79 26.88 -25.50
C CYS C 485 -7.34 26.77 -25.96
N TYR C 486 -6.51 26.07 -25.20
CA TYR C 486 -5.10 25.91 -25.55
C TYR C 486 -4.89 24.67 -26.41
N PHE C 487 -3.68 24.56 -26.96
CA PHE C 487 -3.32 23.41 -27.78
C PHE C 487 -2.87 22.26 -26.89
N PRO C 488 -3.38 21.04 -27.12
CA PRO C 488 -3.08 19.94 -26.19
C PRO C 488 -1.75 19.26 -26.44
N LEU C 489 -1.27 19.29 -27.69
CA LEU C 489 -0.08 18.54 -28.06
C LEU C 489 1.17 19.41 -27.92
N ARG C 490 2.05 19.02 -26.99
CA ARG C 490 3.32 19.71 -26.80
C ARG C 490 4.40 18.68 -26.53
N SER C 491 5.64 19.11 -26.65
CA SER C 491 6.81 18.24 -26.47
C SER C 491 7.60 18.68 -25.24
N TYR C 492 8.60 17.86 -24.89
CA TYR C 492 9.50 18.15 -23.79
C TYR C 492 10.87 18.63 -24.25
N SER C 493 11.12 18.61 -25.56
CA SER C 493 12.36 19.05 -26.20
C SER C 493 13.50 18.06 -25.95
N PHE C 494 13.26 17.07 -25.08
CA PHE C 494 14.19 15.97 -24.82
C PHE C 494 15.64 16.44 -24.72
N ARG C 495 15.90 17.35 -23.79
CA ARG C 495 17.26 17.82 -23.63
C ARG C 495 18.11 16.80 -22.87
N PRO C 496 19.35 16.57 -23.32
CA PRO C 496 20.20 15.58 -22.65
C PRO C 496 20.73 16.03 -21.29
N THR C 497 20.47 17.27 -20.88
CA THR C 497 20.99 17.75 -19.60
C THR C 497 20.24 17.19 -18.41
N TYR C 498 19.04 16.65 -18.61
CA TYR C 498 18.27 16.08 -17.51
C TYR C 498 18.85 14.73 -17.10
N GLY C 499 18.40 14.27 -15.93
CA GLY C 499 18.85 13.00 -15.38
C GLY C 499 18.10 11.82 -15.95
N VAL C 500 18.21 10.69 -15.25
CA VAL C 500 17.57 9.47 -15.72
C VAL C 500 16.06 9.50 -15.53
N GLY C 501 15.55 10.42 -14.70
CA GLY C 501 14.12 10.50 -14.47
C GLY C 501 13.34 11.23 -15.53
N HIS C 502 14.01 11.94 -16.44
CA HIS C 502 13.35 12.71 -17.48
C HIS C 502 13.66 12.23 -18.89
N GLN C 503 14.59 11.28 -19.05
CA GLN C 503 14.93 10.80 -20.38
C GLN C 503 13.78 9.97 -20.97
N PRO C 504 13.57 10.06 -22.29
CA PRO C 504 12.47 9.30 -22.89
C PRO C 504 12.78 7.83 -22.99
N TYR C 505 11.78 7.01 -22.65
CA TYR C 505 11.88 5.56 -22.69
C TYR C 505 10.83 5.03 -23.66
N ARG C 506 11.28 4.23 -24.63
CA ARG C 506 10.37 3.61 -25.59
C ARG C 506 9.72 2.40 -24.94
N VAL C 507 8.42 2.50 -24.67
CA VAL C 507 7.67 1.45 -23.97
C VAL C 507 6.87 0.67 -25.00
N VAL C 508 6.99 -0.66 -24.95
CA VAL C 508 6.25 -1.56 -25.81
C VAL C 508 5.43 -2.49 -24.94
N VAL C 509 4.11 -2.29 -24.93
CA VAL C 509 3.20 -3.10 -24.14
C VAL C 509 2.56 -4.14 -25.05
N LEU C 510 2.14 -5.25 -24.46
CA LEU C 510 1.54 -6.37 -25.18
C LEU C 510 0.24 -6.76 -24.50
N SER C 511 -0.86 -6.68 -25.25
CA SER C 511 -2.18 -7.06 -24.73
C SER C 511 -2.40 -8.54 -25.00
N PHE C 512 -2.54 -9.33 -23.94
CA PHE C 512 -2.69 -10.77 -24.04
C PHE C 512 -4.08 -11.20 -23.57
N GLU C 513 -4.66 -12.15 -24.29
CA GLU C 513 -5.92 -12.79 -23.91
C GLU C 513 -5.63 -14.28 -23.74
N LEU C 514 -5.61 -14.75 -22.49
CA LEU C 514 -5.18 -16.10 -22.17
C LEU C 514 -6.34 -17.10 -22.12
N LEU C 515 -7.42 -16.83 -22.85
CA LEU C 515 -8.53 -17.77 -22.91
C LEU C 515 -8.11 -19.00 -23.73
N HIS C 516 -8.68 -20.15 -23.36
CA HIS C 516 -8.33 -21.40 -24.03
C HIS C 516 -9.12 -21.58 -25.31
N ALA C 517 -8.99 -20.62 -26.24
CA ALA C 517 -9.59 -20.64 -27.55
C ALA C 517 -8.63 -21.26 -28.56
N PRO C 518 -9.10 -21.63 -29.76
CA PRO C 518 -8.17 -22.09 -30.80
C PRO C 518 -7.06 -21.09 -31.05
N ALA C 519 -5.84 -21.47 -30.70
CA ALA C 519 -4.71 -20.55 -30.77
C ALA C 519 -3.63 -21.09 -31.71
N THR C 520 -2.78 -20.19 -32.19
CA THR C 520 -1.70 -20.57 -33.10
C THR C 520 -0.38 -19.89 -32.80
N VAL C 521 -0.23 -19.20 -31.67
CA VAL C 521 0.99 -18.49 -31.32
C VAL C 521 1.39 -18.94 -29.92
N CYS C 522 2.33 -19.89 -29.83
CA CYS C 522 2.86 -20.34 -28.56
C CYS C 522 4.37 -20.45 -28.70
N GLY C 523 5.01 -21.09 -27.72
CA GLY C 523 6.44 -21.27 -27.74
C GLY C 523 6.88 -22.34 -28.70
N PRO C 524 8.20 -22.50 -28.83
CA PRO C 524 8.74 -23.49 -29.76
C PRO C 524 8.79 -24.89 -29.16
N LYS C 525 8.06 -25.11 -28.07
CA LYS C 525 8.04 -26.41 -27.42
C LYS C 525 7.49 -27.48 -28.37
N LYS C 526 8.21 -28.60 -28.45
CA LYS C 526 7.81 -29.68 -29.34
C LYS C 526 6.58 -30.42 -28.80
N SER C 527 6.05 -31.31 -29.62
CA SER C 527 4.87 -32.08 -29.26
C SER C 527 5.26 -33.46 -28.73
N THR C 528 4.24 -34.24 -28.38
CA THR C 528 4.43 -35.58 -27.84
C THR C 528 3.37 -36.50 -28.44
N ASN C 529 3.70 -37.78 -28.56
CA ASN C 529 2.76 -38.75 -29.10
C ASN C 529 1.51 -38.84 -28.23
N LEU C 530 0.41 -39.25 -28.85
CA LEU C 530 -0.89 -39.31 -28.18
C LEU C 530 -1.13 -40.72 -27.65
N VAL C 531 -1.31 -40.83 -26.34
CA VAL C 531 -1.63 -42.10 -25.68
C VAL C 531 -3.03 -41.98 -25.09
N LYS C 532 -3.86 -42.98 -25.36
CA LYS C 532 -5.25 -42.99 -24.92
C LYS C 532 -5.51 -44.20 -24.04
N ASN C 533 -6.69 -44.19 -23.41
CA ASN C 533 -7.15 -45.28 -22.54
C ASN C 533 -6.18 -45.54 -21.39
N LYS C 534 -5.57 -44.49 -20.87
CA LYS C 534 -4.63 -44.63 -19.76
C LYS C 534 -4.55 -43.30 -19.01
N CYS C 535 -4.39 -43.40 -17.69
CA CYS C 535 -4.26 -42.22 -16.84
C CYS C 535 -2.93 -41.53 -17.13
N VAL C 536 -2.98 -40.39 -17.83
CA VAL C 536 -1.79 -39.69 -18.28
C VAL C 536 -2.01 -38.19 -18.14
N ASN C 537 -0.96 -37.47 -17.78
CA ASN C 537 -1.01 -36.02 -17.69
C ASN C 537 -1.07 -35.43 -19.09
N PHE C 538 -2.11 -34.65 -19.37
CA PHE C 538 -2.33 -34.06 -20.69
C PHE C 538 -2.03 -32.57 -20.64
N ASN C 539 -1.41 -32.07 -21.71
CA ASN C 539 -1.12 -30.64 -21.89
C ASN C 539 -1.52 -30.28 -23.31
N PHE C 540 -2.78 -29.88 -23.50
CA PHE C 540 -3.33 -29.58 -24.82
C PHE C 540 -3.58 -28.08 -24.90
N ASN C 541 -2.69 -27.37 -25.59
CA ASN C 541 -2.81 -25.93 -25.83
C ASN C 541 -2.90 -25.15 -24.52
N GLY C 542 -2.01 -25.49 -23.58
CA GLY C 542 -1.94 -24.83 -22.31
C GLY C 542 -2.82 -25.41 -21.23
N LEU C 543 -3.72 -26.32 -21.58
CA LEU C 543 -4.64 -26.94 -20.63
C LEU C 543 -3.92 -28.10 -19.95
N LYS C 544 -3.51 -27.89 -18.70
CA LYS C 544 -2.78 -28.89 -17.93
C LYS C 544 -3.73 -29.60 -16.97
N GLY C 545 -3.46 -30.87 -16.74
CA GLY C 545 -4.27 -31.65 -15.82
C GLY C 545 -3.94 -33.13 -15.93
N THR C 546 -4.73 -33.92 -15.22
CA THR C 546 -4.58 -35.37 -15.20
C THR C 546 -5.93 -36.02 -15.49
N GLY C 547 -5.95 -36.94 -16.44
CA GLY C 547 -7.19 -37.61 -16.81
C GLY C 547 -6.92 -38.69 -17.81
N VAL C 548 -7.98 -39.43 -18.14
CA VAL C 548 -7.93 -40.53 -19.09
C VAL C 548 -8.52 -40.07 -20.41
N LEU C 549 -7.82 -40.36 -21.51
CA LEU C 549 -8.29 -40.04 -22.85
C LEU C 549 -8.89 -41.27 -23.50
N THR C 550 -10.16 -41.17 -23.88
CA THR C 550 -10.89 -42.29 -24.47
C THR C 550 -11.40 -41.90 -25.85
N GLU C 551 -11.94 -42.90 -26.56
CA GLU C 551 -12.49 -42.68 -27.88
C GLU C 551 -13.82 -41.94 -27.78
N SER C 552 -13.96 -40.86 -28.54
CA SER C 552 -15.16 -40.04 -28.49
C SER C 552 -16.23 -40.59 -29.42
N ASN C 553 -17.48 -40.47 -28.98
CA ASN C 553 -18.64 -40.85 -29.77
C ASN C 553 -19.57 -39.68 -30.05
N LYS C 554 -19.28 -38.50 -29.49
CA LYS C 554 -20.12 -37.32 -29.69
C LYS C 554 -19.62 -36.53 -30.90
N LYS C 555 -20.56 -35.89 -31.60
CA LYS C 555 -20.27 -35.13 -32.80
C LYS C 555 -20.25 -33.64 -32.47
N PHE C 556 -19.07 -33.03 -32.59
CA PHE C 556 -18.93 -31.61 -32.35
C PHE C 556 -19.16 -30.81 -33.63
N LEU C 557 -19.68 -29.60 -33.46
CA LEU C 557 -19.88 -28.72 -34.59
C LEU C 557 -18.54 -28.17 -35.09
N PRO C 558 -18.44 -27.83 -36.37
CA PRO C 558 -17.13 -27.46 -36.93
C PRO C 558 -16.53 -26.18 -36.36
N PHE C 559 -17.32 -25.34 -35.68
CA PHE C 559 -16.79 -24.12 -35.10
C PHE C 559 -16.41 -24.28 -33.63
N GLN C 560 -16.82 -25.37 -32.99
CA GLN C 560 -16.52 -25.60 -31.59
C GLN C 560 -15.18 -26.30 -31.43
N GLN C 561 -14.53 -26.05 -30.29
CA GLN C 561 -13.22 -26.63 -30.01
C GLN C 561 -13.09 -27.20 -28.60
N PHE C 562 -14.03 -26.89 -27.70
CA PHE C 562 -13.95 -27.36 -26.33
C PHE C 562 -15.33 -27.74 -25.83
N GLY C 563 -15.39 -28.81 -25.05
CA GLY C 563 -16.62 -29.22 -24.40
C GLY C 563 -16.48 -29.21 -22.90
N ARG C 564 -17.20 -28.30 -22.24
CA ARG C 564 -17.06 -28.08 -20.80
C ARG C 564 -18.31 -28.55 -20.08
N ASP C 565 -18.13 -29.26 -18.97
CA ASP C 565 -19.23 -29.77 -18.18
C ASP C 565 -19.63 -28.71 -17.14
N ILE C 566 -20.50 -29.08 -16.20
CA ILE C 566 -20.99 -28.15 -15.21
C ILE C 566 -19.85 -27.77 -14.27
N ALA C 567 -19.82 -26.50 -13.86
CA ALA C 567 -18.83 -25.95 -12.92
C ALA C 567 -17.41 -26.02 -13.49
N ASP C 568 -17.28 -25.51 -14.71
CA ASP C 568 -15.98 -25.36 -15.38
C ASP C 568 -15.23 -26.69 -15.48
N THR C 569 -15.95 -27.79 -15.68
CA THR C 569 -15.35 -29.11 -15.79
C THR C 569 -15.10 -29.40 -17.26
N THR C 570 -13.83 -29.48 -17.65
CA THR C 570 -13.45 -29.78 -19.03
C THR C 570 -13.69 -31.27 -19.28
N ASP C 571 -14.77 -31.58 -20.00
CA ASP C 571 -15.13 -32.97 -20.25
C ASP C 571 -14.56 -33.50 -21.56
N ALA C 572 -14.44 -32.66 -22.58
CA ALA C 572 -13.94 -33.08 -23.88
C ALA C 572 -12.98 -32.03 -24.42
N VAL C 573 -12.19 -32.44 -25.41
CA VAL C 573 -11.20 -31.56 -26.04
C VAL C 573 -10.85 -32.15 -27.39
N ARG C 574 -10.46 -31.29 -28.33
CA ARG C 574 -10.04 -31.72 -29.65
C ARG C 574 -8.52 -31.64 -29.76
N ASP C 575 -7.95 -32.50 -30.60
CA ASP C 575 -6.51 -32.52 -30.80
C ASP C 575 -6.11 -31.40 -31.75
N PRO C 576 -5.20 -30.51 -31.34
CA PRO C 576 -4.77 -29.43 -32.25
C PRO C 576 -3.92 -29.90 -33.42
N GLN C 577 -3.56 -31.18 -33.47
CA GLN C 577 -2.74 -31.72 -34.55
C GLN C 577 -3.56 -32.48 -35.60
N THR C 578 -4.42 -33.41 -35.15
CA THR C 578 -5.20 -34.23 -36.06
C THR C 578 -6.69 -33.92 -36.02
N LEU C 579 -7.12 -32.96 -35.22
CA LEU C 579 -8.53 -32.55 -35.11
C LEU C 579 -9.41 -33.72 -34.70
N GLU C 580 -8.95 -34.50 -33.71
CA GLU C 580 -9.69 -35.63 -33.19
C GLU C 580 -10.27 -35.27 -31.83
N ILE C 581 -11.54 -35.61 -31.62
CA ILE C 581 -12.22 -35.33 -30.36
C ILE C 581 -11.78 -36.33 -29.31
N LEU C 582 -11.43 -35.83 -28.12
CA LEU C 582 -11.00 -36.66 -27.02
C LEU C 582 -11.70 -36.22 -25.74
N ASP C 583 -12.30 -37.16 -25.03
CA ASP C 583 -12.99 -36.88 -23.78
C ASP C 583 -12.00 -36.94 -22.62
N ILE C 584 -12.13 -35.97 -21.71
CA ILE C 584 -11.27 -35.87 -20.54
C ILE C 584 -12.07 -36.35 -19.33
N THR C 585 -11.79 -37.58 -18.88
CA THR C 585 -12.43 -38.14 -17.71
C THR C 585 -11.40 -38.38 -16.61
N PRO C 586 -11.75 -38.15 -15.35
CA PRO C 586 -10.80 -38.37 -14.26
C PRO C 586 -10.47 -39.84 -14.10
N CYS C 587 -9.31 -40.09 -13.51
CA CYS C 587 -8.82 -41.45 -13.32
C CYS C 587 -9.54 -42.12 -12.16
N SER C 588 -9.16 -43.36 -11.87
CA SER C 588 -9.82 -44.14 -10.83
C SER C 588 -9.49 -43.57 -9.46
N PHE C 589 -10.52 -43.20 -8.70
CA PHE C 589 -10.35 -42.68 -7.35
C PHE C 589 -11.54 -43.12 -6.51
N GLY C 590 -11.44 -42.85 -5.22
CA GLY C 590 -12.51 -43.21 -4.30
C GLY C 590 -11.99 -43.32 -2.88
N GLY C 591 -12.92 -43.60 -1.98
CA GLY C 591 -12.59 -43.71 -0.57
C GLY C 591 -12.13 -45.10 -0.19
N VAL C 592 -11.22 -45.15 0.78
CA VAL C 592 -10.67 -46.41 1.28
C VAL C 592 -11.05 -46.53 2.75
N SER C 593 -11.83 -47.57 3.07
CA SER C 593 -12.24 -47.85 4.44
C SER C 593 -11.51 -49.08 4.95
N VAL C 594 -11.00 -48.99 6.18
CA VAL C 594 -10.22 -50.06 6.78
C VAL C 594 -11.10 -50.76 7.81
N ILE C 595 -11.32 -52.05 7.60
CA ILE C 595 -12.16 -52.86 8.48
C ILE C 595 -11.25 -53.75 9.31
N THR C 596 -11.25 -53.53 10.62
CA THR C 596 -10.42 -54.31 11.54
C THR C 596 -11.26 -54.75 12.74
N PRO C 597 -11.08 -56.00 13.19
CA PRO C 597 -11.82 -56.49 14.35
C PRO C 597 -11.22 -56.11 15.71
N GLY C 598 -10.18 -55.28 15.74
CA GLY C 598 -9.56 -54.90 16.99
C GLY C 598 -8.19 -55.51 17.16
N THR C 599 -7.20 -54.68 17.53
CA THR C 599 -5.84 -55.17 17.70
C THR C 599 -5.69 -56.06 18.92
N ASN C 600 -6.63 -56.01 19.87
CA ASN C 600 -6.55 -56.86 21.05
C ASN C 600 -6.82 -58.32 20.72
N THR C 601 -7.62 -58.58 19.68
CA THR C 601 -7.96 -59.95 19.30
C THR C 601 -6.99 -60.50 18.25
N SER C 602 -6.89 -59.82 17.12
CA SER C 602 -6.02 -60.27 16.04
C SER C 602 -5.66 -59.09 15.16
N ASN C 603 -4.48 -59.17 14.54
CA ASN C 603 -3.97 -58.11 13.68
C ASN C 603 -4.36 -58.30 12.22
N GLN C 604 -5.13 -59.33 11.90
CA GLN C 604 -5.57 -59.55 10.53
C GLN C 604 -6.60 -58.49 10.14
N VAL C 605 -6.31 -57.74 9.08
CA VAL C 605 -7.12 -56.60 8.68
C VAL C 605 -7.39 -56.70 7.19
N ALA C 606 -8.64 -56.46 6.79
CA ALA C 606 -9.05 -56.46 5.40
C ALA C 606 -9.24 -55.03 4.91
N VAL C 607 -9.06 -54.83 3.61
CA VAL C 607 -9.14 -53.51 3.00
C VAL C 607 -10.38 -53.46 2.12
N LEU C 608 -11.16 -52.38 2.25
CA LEU C 608 -12.39 -52.20 1.48
C LEU C 608 -12.28 -50.90 0.69
N TYR C 609 -12.56 -50.98 -0.61
CA TYR C 609 -12.55 -49.82 -1.50
C TYR C 609 -14.00 -49.43 -1.78
N GLN C 610 -14.36 -48.20 -1.44
CA GLN C 610 -15.75 -47.76 -1.59
C GLN C 610 -16.07 -47.42 -3.05
N GLY C 611 -15.35 -46.46 -3.62
CA GLY C 611 -15.64 -46.02 -4.97
C GLY C 611 -14.67 -46.56 -6.01
N VAL C 612 -13.91 -47.60 -5.65
CA VAL C 612 -12.94 -48.22 -6.54
C VAL C 612 -13.29 -49.69 -6.69
N ASN C 613 -13.56 -50.11 -7.92
CA ASN C 613 -13.86 -51.51 -8.18
C ASN C 613 -12.56 -52.29 -8.39
N CYS C 614 -12.56 -53.55 -7.96
CA CYS C 614 -11.38 -54.40 -8.02
C CYS C 614 -11.05 -54.86 -9.43
N THR C 615 -11.88 -54.52 -10.43
CA THR C 615 -11.56 -54.80 -11.82
C THR C 615 -10.76 -53.70 -12.48
N GLU C 616 -10.46 -52.62 -11.75
CA GLU C 616 -9.71 -51.48 -12.29
C GLU C 616 -8.58 -51.09 -11.34
N VAL C 617 -8.17 -52.01 -10.47
CA VAL C 617 -7.10 -51.74 -9.53
C VAL C 617 -5.76 -52.19 -10.12
N ASN C 638 -8.84 -62.91 -0.08
CA ASN C 638 -9.93 -63.21 -1.01
C ASN C 638 -10.56 -61.92 -1.53
N VAL C 639 -11.11 -61.99 -2.74
CA VAL C 639 -11.73 -60.84 -3.39
C VAL C 639 -13.22 -61.12 -3.53
N PHE C 640 -14.05 -60.15 -3.11
CA PHE C 640 -15.50 -60.29 -3.19
C PHE C 640 -16.10 -58.94 -3.57
N GLN C 641 -17.08 -58.98 -4.47
CA GLN C 641 -17.73 -57.77 -4.96
C GLN C 641 -19.05 -57.55 -4.24
N THR C 642 -19.23 -56.35 -3.71
CA THR C 642 -20.45 -55.94 -3.04
C THR C 642 -21.04 -54.72 -3.72
N ARG C 643 -22.23 -54.31 -3.26
CA ARG C 643 -22.87 -53.13 -3.84
C ARG C 643 -22.20 -51.84 -3.39
N ALA C 644 -21.65 -51.82 -2.18
CA ALA C 644 -20.95 -50.64 -1.68
C ALA C 644 -19.49 -50.58 -2.10
N GLY C 645 -18.99 -51.61 -2.76
CA GLY C 645 -17.60 -51.65 -3.16
C GLY C 645 -17.11 -53.09 -3.27
N CYS C 646 -15.79 -53.22 -3.36
CA CYS C 646 -15.15 -54.52 -3.43
C CYS C 646 -14.24 -54.71 -2.22
N LEU C 647 -14.47 -55.79 -1.49
CA LEU C 647 -13.74 -56.08 -0.27
C LEU C 647 -12.62 -57.07 -0.56
N ILE C 648 -11.41 -56.74 -0.12
CA ILE C 648 -10.23 -57.58 -0.31
C ILE C 648 -9.72 -58.00 1.06
N GLY C 649 -9.67 -59.30 1.29
CA GLY C 649 -9.21 -59.86 2.55
C GLY C 649 -10.27 -60.53 3.41
N ALA C 650 -11.35 -61.03 2.81
CA ALA C 650 -12.40 -61.71 3.57
C ALA C 650 -13.11 -62.70 2.65
N GLU C 651 -13.55 -63.81 3.23
CA GLU C 651 -14.24 -64.86 2.49
C GLU C 651 -15.74 -64.77 2.76
N TYR C 652 -16.53 -64.84 1.68
CA TYR C 652 -17.98 -64.76 1.79
C TYR C 652 -18.58 -66.14 2.02
N VAL C 653 -19.51 -66.24 2.96
CA VAL C 653 -20.18 -67.49 3.29
C VAL C 653 -21.68 -67.28 3.18
N ASN C 654 -22.42 -68.37 3.32
CA ASN C 654 -23.88 -68.33 3.27
C ASN C 654 -24.53 -68.30 4.64
N ASN C 655 -23.77 -68.50 5.71
CA ASN C 655 -24.34 -68.45 7.05
C ASN C 655 -24.55 -67.01 7.48
N SER C 656 -25.69 -66.74 8.10
CA SER C 656 -26.07 -65.40 8.53
C SER C 656 -26.06 -65.31 10.04
N TYR C 657 -25.42 -64.27 10.56
CA TYR C 657 -25.35 -64.02 11.99
C TYR C 657 -25.52 -62.52 12.25
N GLU C 658 -25.69 -62.18 13.52
CA GLU C 658 -25.77 -60.79 13.94
C GLU C 658 -24.36 -60.19 13.95
N CYS C 659 -24.03 -59.42 12.91
CA CYS C 659 -22.69 -58.88 12.78
C CYS C 659 -22.55 -57.61 13.63
N ASP C 660 -21.29 -57.16 13.75
CA ASP C 660 -20.95 -56.00 14.56
C ASP C 660 -20.41 -54.84 13.74
N ILE C 661 -19.57 -55.11 12.75
CA ILE C 661 -18.97 -54.06 11.93
C ILE C 661 -19.86 -53.86 10.71
N PRO C 662 -20.56 -52.73 10.59
CA PRO C 662 -21.43 -52.50 9.43
C PRO C 662 -20.62 -52.10 8.21
N ILE C 663 -20.98 -52.67 7.05
CA ILE C 663 -20.34 -52.34 5.78
C ILE C 663 -21.30 -51.60 4.86
N GLY C 664 -22.42 -52.23 4.51
CA GLY C 664 -23.40 -51.62 3.64
C GLY C 664 -24.08 -52.66 2.78
N ALA C 665 -25.26 -52.29 2.27
CA ALA C 665 -26.05 -53.14 1.37
C ALA C 665 -26.40 -54.47 2.02
N GLY C 666 -26.64 -54.45 3.33
CA GLY C 666 -27.04 -55.64 4.06
C GLY C 666 -25.95 -56.67 4.25
N ILE C 667 -24.75 -56.45 3.72
CA ILE C 667 -23.64 -57.37 3.86
C ILE C 667 -22.60 -56.73 4.78
N CYS C 668 -22.17 -57.47 5.79
CA CYS C 668 -21.22 -56.98 6.78
C CYS C 668 -20.12 -58.02 6.97
N ALA C 669 -19.25 -57.77 7.95
CA ALA C 669 -18.14 -58.67 8.24
C ALA C 669 -17.86 -58.69 9.74
N SER C 670 -17.24 -59.76 10.20
CA SER C 670 -16.89 -59.93 11.59
C SER C 670 -15.73 -60.93 11.69
N TYR C 671 -15.43 -61.35 12.91
CA TYR C 671 -14.38 -62.32 13.15
C TYR C 671 -14.96 -63.73 13.18
N GLN C 672 -14.22 -64.68 12.61
CA GLN C 672 -14.72 -66.06 12.51
C GLN C 672 -14.57 -66.80 13.84
N THR C 673 -13.34 -66.93 14.32
CA THR C 673 -13.03 -67.65 15.56
C THR C 673 -13.57 -69.08 15.52
N GLN C 687 -10.17 -67.35 13.12
CA GLN C 687 -8.79 -67.28 12.65
C GLN C 687 -8.70 -66.50 11.35
N SER C 688 -9.83 -65.94 10.91
CA SER C 688 -9.89 -65.19 9.67
C SER C 688 -11.08 -64.24 9.73
N ILE C 689 -11.11 -63.30 8.79
CA ILE C 689 -12.19 -62.32 8.68
C ILE C 689 -13.28 -62.94 7.80
N ILE C 690 -14.47 -63.08 8.36
CA ILE C 690 -15.60 -63.69 7.68
C ILE C 690 -16.57 -62.61 7.25
N ALA C 691 -17.02 -62.69 6.00
CA ALA C 691 -17.99 -61.76 5.43
C ALA C 691 -19.28 -62.52 5.12
N TYR C 692 -20.40 -61.90 5.45
CA TYR C 692 -21.69 -62.56 5.28
C TYR C 692 -22.80 -61.52 5.29
N THR C 693 -23.99 -61.94 4.89
CA THR C 693 -25.16 -61.08 4.89
C THR C 693 -25.71 -60.95 6.30
N MET C 694 -26.17 -59.74 6.65
CA MET C 694 -26.71 -59.49 7.97
C MET C 694 -27.97 -60.30 8.21
N SER C 695 -28.05 -60.93 9.39
CA SER C 695 -29.20 -61.73 9.76
C SER C 695 -30.24 -60.84 10.43
N LEU C 696 -31.51 -60.98 10.01
CA LEU C 696 -32.60 -60.17 10.52
C LEU C 696 -33.30 -60.81 11.72
N GLY C 697 -32.70 -61.83 12.31
CA GLY C 697 -33.28 -62.51 13.45
C GLY C 697 -33.76 -63.91 13.09
N ALA C 698 -34.16 -64.64 14.12
CA ALA C 698 -34.66 -65.99 13.96
C ALA C 698 -36.08 -65.97 13.37
N GLU C 699 -36.31 -66.83 12.37
CA GLU C 699 -37.60 -66.90 11.71
C GLU C 699 -38.55 -67.71 12.60
N ASN C 700 -39.57 -67.06 13.13
CA ASN C 700 -40.55 -67.68 14.02
C ASN C 700 -41.90 -67.65 13.33
N SER C 701 -42.17 -68.71 12.56
CA SER C 701 -43.44 -68.84 11.85
C SER C 701 -44.53 -69.21 12.86
N VAL C 702 -45.28 -68.20 13.31
CA VAL C 702 -46.32 -68.42 14.29
C VAL C 702 -47.47 -69.18 13.64
N ALA C 703 -47.90 -70.27 14.27
CA ALA C 703 -48.99 -71.10 13.77
C ALA C 703 -50.31 -70.39 14.05
N TYR C 704 -50.79 -69.64 13.07
CA TYR C 704 -52.05 -68.90 13.22
C TYR C 704 -53.24 -69.83 12.98
N SER C 705 -54.19 -69.79 13.90
CA SER C 705 -55.41 -70.58 13.80
C SER C 705 -56.61 -69.65 13.93
N ASN C 706 -57.78 -70.18 13.59
CA ASN C 706 -58.99 -69.38 13.55
C ASN C 706 -59.68 -69.25 14.90
N ASN C 707 -59.50 -70.20 15.82
CA ASN C 707 -60.16 -70.13 17.12
C ASN C 707 -59.18 -70.49 18.23
N SER C 708 -57.91 -70.11 18.09
CA SER C 708 -56.89 -70.40 19.08
C SER C 708 -56.47 -69.11 19.78
N ILE C 709 -56.38 -69.17 21.10
CA ILE C 709 -55.96 -68.05 21.93
C ILE C 709 -54.86 -68.54 22.87
N ALA C 710 -53.74 -67.82 22.90
CA ALA C 710 -52.63 -68.14 23.79
C ALA C 710 -52.68 -67.20 24.99
N ILE C 711 -52.76 -67.78 26.19
CA ILE C 711 -52.85 -67.04 27.44
C ILE C 711 -51.69 -67.46 28.32
N PRO C 712 -50.89 -66.53 28.86
CA PRO C 712 -49.78 -66.93 29.72
C PRO C 712 -50.27 -67.36 31.10
N THR C 713 -49.69 -68.45 31.61
CA THR C 713 -50.04 -68.96 32.92
C THR C 713 -49.09 -68.47 34.01
N ASN C 714 -47.97 -67.85 33.66
CA ASN C 714 -47.01 -67.35 34.62
C ASN C 714 -46.50 -66.00 34.10
N PHE C 715 -45.55 -65.41 34.82
CA PHE C 715 -45.01 -64.12 34.45
C PHE C 715 -43.62 -63.96 35.05
N THR C 716 -42.87 -63.02 34.48
CA THR C 716 -41.53 -62.69 34.96
C THR C 716 -41.34 -61.19 34.91
N ILE C 717 -40.61 -60.66 35.89
CA ILE C 717 -40.40 -59.22 36.03
C ILE C 717 -38.92 -58.92 35.78
N SER C 718 -38.65 -58.01 34.85
CA SER C 718 -37.30 -57.58 34.53
C SER C 718 -37.24 -56.06 34.53
N VAL C 719 -36.04 -55.53 34.77
CA VAL C 719 -35.81 -54.09 34.83
C VAL C 719 -34.87 -53.72 33.69
N THR C 720 -35.26 -52.75 32.89
CA THR C 720 -34.47 -52.27 31.76
C THR C 720 -33.83 -50.93 32.10
N THR C 721 -32.55 -50.78 31.80
CA THR C 721 -31.80 -49.58 32.08
C THR C 721 -31.78 -48.68 30.85
N GLU C 722 -32.35 -47.49 30.97
CA GLU C 722 -32.40 -46.52 29.89
C GLU C 722 -31.64 -45.26 30.31
N ILE C 723 -30.73 -44.81 29.46
CA ILE C 723 -29.84 -43.70 29.78
C ILE C 723 -30.08 -42.58 28.77
N LEU C 724 -30.23 -41.36 29.29
CA LEU C 724 -30.46 -40.18 28.46
C LEU C 724 -29.65 -39.01 29.01
N PRO C 725 -28.86 -38.33 28.18
CA PRO C 725 -28.13 -37.16 28.64
C PRO C 725 -29.03 -35.95 28.78
N VAL C 726 -28.74 -35.13 29.79
CA VAL C 726 -29.57 -33.97 30.09
C VAL C 726 -28.74 -32.69 30.06
N SER C 727 -27.42 -32.81 30.24
CA SER C 727 -26.54 -31.65 30.32
C SER C 727 -25.22 -31.95 29.64
N MET C 728 -24.49 -30.89 29.34
CA MET C 728 -23.16 -31.00 28.74
C MET C 728 -22.22 -30.09 29.53
N THR C 729 -21.00 -29.92 29.02
CA THR C 729 -20.01 -29.07 29.67
C THR C 729 -20.22 -27.63 29.25
N LYS C 730 -20.27 -26.72 30.23
CA LYS C 730 -20.44 -25.29 29.97
C LYS C 730 -19.06 -24.68 29.78
N THR C 731 -18.69 -24.44 28.53
CA THR C 731 -17.37 -23.94 28.17
C THR C 731 -17.45 -22.45 27.84
N SER C 732 -16.59 -21.67 28.48
CA SER C 732 -16.45 -20.24 28.18
C SER C 732 -15.05 -19.99 27.64
N VAL C 733 -14.96 -19.26 26.53
CA VAL C 733 -13.71 -19.02 25.84
C VAL C 733 -13.34 -17.54 25.95
N ASP C 734 -12.05 -17.27 26.01
CA ASP C 734 -11.54 -15.90 25.98
C ASP C 734 -11.15 -15.54 24.56
N CYS C 735 -11.36 -14.27 24.19
CA CYS C 735 -11.16 -13.86 22.80
C CYS C 735 -9.69 -13.58 22.52
N THR C 736 -9.10 -12.60 23.19
CA THR C 736 -7.77 -12.12 22.84
C THR C 736 -6.68 -13.14 23.16
N MET C 737 -6.66 -13.68 24.38
CA MET C 737 -5.62 -14.62 24.76
C MET C 737 -5.63 -15.88 23.90
N TYR C 738 -6.80 -16.29 23.42
CA TYR C 738 -6.87 -17.46 22.55
C TYR C 738 -6.52 -17.10 21.11
N ILE C 739 -6.88 -15.89 20.67
CA ILE C 739 -6.75 -15.56 19.25
C ILE C 739 -5.32 -15.13 18.93
N CYS C 740 -4.60 -14.56 19.90
CA CYS C 740 -3.24 -14.11 19.61
C CYS C 740 -2.27 -14.36 20.76
N GLY C 741 -2.59 -15.25 21.70
CA GLY C 741 -1.66 -15.58 22.75
C GLY C 741 -1.45 -14.50 23.78
N ASP C 742 -2.37 -13.54 23.89
CA ASP C 742 -2.31 -12.46 24.88
C ASP C 742 -1.02 -11.64 24.74
N SER C 743 -0.92 -10.94 23.61
CA SER C 743 0.19 -10.05 23.34
C SER C 743 -0.29 -8.61 23.37
N THR C 744 0.67 -7.68 23.35
CA THR C 744 0.36 -6.26 23.42
C THR C 744 0.16 -5.62 22.06
N GLU C 745 0.79 -6.16 21.02
CA GLU C 745 0.61 -5.63 19.67
C GLU C 745 -0.68 -6.12 19.02
N CYS C 746 -1.42 -7.01 19.69
CA CYS C 746 -2.64 -7.59 19.16
C CYS C 746 -3.89 -6.87 19.65
N SER C 747 -3.89 -6.44 20.91
CA SER C 747 -5.11 -5.88 21.52
C SER C 747 -5.59 -4.61 20.83
N ASN C 748 -4.69 -3.85 20.20
CA ASN C 748 -5.11 -2.63 19.51
C ASN C 748 -5.68 -2.90 18.13
N LEU C 749 -5.37 -4.04 17.53
CA LEU C 749 -5.86 -4.35 16.19
C LEU C 749 -7.13 -5.19 16.19
N LEU C 750 -7.64 -5.58 17.36
CA LEU C 750 -8.82 -6.43 17.42
C LEU C 750 -10.12 -5.64 17.37
N LEU C 751 -10.10 -4.37 17.79
CA LEU C 751 -11.31 -3.56 17.84
C LEU C 751 -11.84 -3.20 16.45
N GLN C 752 -11.06 -3.42 15.40
CA GLN C 752 -11.49 -3.06 14.06
C GLN C 752 -12.42 -4.10 13.44
N TYR C 753 -12.60 -5.25 14.09
CA TYR C 753 -13.45 -6.30 13.55
C TYR C 753 -14.89 -6.25 14.06
N GLY C 754 -15.15 -5.49 15.12
CA GLY C 754 -16.51 -5.33 15.61
C GLY C 754 -16.77 -5.98 16.95
N SER C 755 -17.97 -6.50 17.14
CA SER C 755 -18.42 -7.08 18.39
C SER C 755 -18.56 -8.60 18.30
N PHE C 756 -17.63 -9.26 17.60
CA PHE C 756 -17.69 -10.70 17.45
C PHE C 756 -17.55 -11.42 18.79
N CYS C 757 -16.63 -10.97 19.64
CA CYS C 757 -16.43 -11.59 20.94
C CYS C 757 -17.67 -11.51 21.84
N THR C 758 -18.36 -10.36 21.85
CA THR C 758 -19.57 -10.24 22.64
C THR C 758 -20.68 -11.13 22.08
N GLN C 759 -20.81 -11.21 20.76
CA GLN C 759 -21.81 -12.08 20.16
C GLN C 759 -21.54 -13.55 20.48
N LEU C 760 -20.26 -13.94 20.59
CA LEU C 760 -19.93 -15.31 20.94
C LEU C 760 -20.17 -15.58 22.42
N LYS C 761 -19.76 -14.66 23.29
CA LYS C 761 -20.00 -14.80 24.71
C LYS C 761 -21.49 -14.81 25.05
N ARG C 762 -22.32 -14.11 24.27
CA ARG C 762 -23.76 -14.16 24.50
C ARG C 762 -24.32 -15.55 24.24
N ALA C 763 -23.92 -16.18 23.13
CA ALA C 763 -24.35 -17.54 22.86
C ALA C 763 -23.81 -18.53 23.88
N LEU C 764 -22.56 -18.32 24.33
CA LEU C 764 -22.01 -19.18 25.37
C LEU C 764 -22.80 -19.07 26.68
N THR C 765 -23.15 -17.85 27.09
CA THR C 765 -23.95 -17.67 28.29
C THR C 765 -25.35 -18.26 28.12
N GLY C 766 -25.92 -18.12 26.91
CA GLY C 766 -27.20 -18.75 26.65
C GLY C 766 -27.16 -20.26 26.77
N ILE C 767 -26.11 -20.90 26.23
CA ILE C 767 -25.96 -22.35 26.37
C ILE C 767 -25.76 -22.72 27.83
N ALA C 768 -24.96 -21.94 28.57
CA ALA C 768 -24.72 -22.24 29.97
C ALA C 768 -26.00 -22.14 30.80
N VAL C 769 -26.85 -21.16 30.51
CA VAL C 769 -28.11 -21.05 31.22
C VAL C 769 -29.07 -22.16 30.79
N GLU C 770 -29.05 -22.54 29.51
CA GLU C 770 -29.93 -23.59 29.02
C GLU C 770 -29.59 -24.93 29.65
N GLN C 771 -28.30 -25.20 29.89
CA GLN C 771 -27.92 -26.45 30.54
C GLN C 771 -28.50 -26.57 31.94
N ASP C 772 -28.38 -25.51 32.75
CA ASP C 772 -28.97 -25.54 34.08
C ASP C 772 -30.49 -25.53 34.03
N LYS C 773 -31.08 -24.88 33.03
CA LYS C 773 -32.52 -24.96 32.85
C LYS C 773 -32.98 -26.40 32.60
N ASN C 774 -32.26 -27.13 31.74
CA ASN C 774 -32.57 -28.54 31.51
C ASN C 774 -32.35 -29.37 32.77
N THR C 775 -31.27 -29.11 33.50
CA THR C 775 -31.02 -29.83 34.74
C THR C 775 -32.16 -29.64 35.74
N GLN C 776 -32.65 -28.40 35.88
CA GLN C 776 -33.76 -28.12 36.78
C GLN C 776 -35.08 -28.68 36.27
N GLU C 777 -35.30 -28.73 34.95
CA GLU C 777 -36.51 -29.31 34.42
C GLU C 777 -36.52 -30.83 34.52
N VAL C 778 -35.35 -31.46 34.59
CA VAL C 778 -35.24 -32.91 34.69
C VAL C 778 -35.26 -33.38 36.14
N PHE C 779 -34.44 -32.78 37.00
CA PHE C 779 -34.27 -33.31 38.35
C PHE C 779 -35.05 -32.54 39.41
N ALA C 780 -35.48 -31.31 39.13
CA ALA C 780 -36.21 -30.49 40.11
C ALA C 780 -37.69 -30.42 39.80
N GLN C 781 -38.29 -31.52 39.35
CA GLN C 781 -39.72 -31.54 39.03
C GLN C 781 -40.59 -31.28 40.25
N VAL C 782 -40.13 -31.65 41.44
CA VAL C 782 -40.90 -31.47 42.66
C VAL C 782 -40.39 -30.24 43.39
N LYS C 783 -41.23 -29.69 44.26
CA LYS C 783 -40.90 -28.51 45.04
C LYS C 783 -40.46 -28.83 46.46
N GLN C 784 -40.98 -29.89 47.06
CA GLN C 784 -40.63 -30.29 48.42
C GLN C 784 -39.86 -31.61 48.38
N ILE C 785 -38.86 -31.71 49.25
CA ILE C 785 -38.04 -32.91 49.36
C ILE C 785 -38.65 -33.84 50.39
N TYR C 786 -38.53 -35.14 50.16
CA TYR C 786 -39.06 -36.17 51.04
C TYR C 786 -37.93 -37.01 51.61
N LYS C 787 -37.96 -37.26 52.91
CA LYS C 787 -36.94 -38.04 53.58
C LYS C 787 -37.35 -39.51 53.63
N THR C 788 -36.36 -40.38 53.56
CA THR C 788 -36.63 -41.82 53.61
C THR C 788 -36.96 -42.26 55.03
N PRO C 789 -37.91 -43.18 55.20
CA PRO C 789 -38.24 -43.65 56.53
C PRO C 789 -37.12 -44.49 57.11
N PRO C 790 -37.02 -44.58 58.44
CA PRO C 790 -35.94 -45.37 59.04
C PRO C 790 -36.22 -46.86 58.98
N ILE C 791 -37.49 -47.25 59.07
CA ILE C 791 -37.90 -48.64 58.93
C ILE C 791 -37.96 -48.95 57.44
N LYS C 792 -36.89 -49.53 56.89
CA LYS C 792 -36.79 -49.80 55.46
C LYS C 792 -37.31 -51.20 55.15
N TYR C 793 -38.60 -51.37 55.40
CA TYR C 793 -39.31 -52.61 55.10
C TYR C 793 -40.54 -52.28 54.27
N PHE C 794 -40.61 -52.84 53.07
CA PHE C 794 -41.70 -52.55 52.13
C PHE C 794 -42.36 -53.84 51.65
N GLY C 795 -42.56 -54.78 52.56
CA GLY C 795 -43.24 -56.02 52.23
C GLY C 795 -42.40 -56.96 51.40
N GLY C 796 -41.16 -57.22 51.82
CA GLY C 796 -40.27 -58.12 51.13
C GLY C 796 -39.42 -57.48 50.06
N PHE C 797 -39.85 -56.38 49.48
CA PHE C 797 -39.07 -55.70 48.45
C PHE C 797 -37.83 -55.04 49.06
N ASN C 798 -36.73 -55.10 48.32
CA ASN C 798 -35.45 -54.58 48.77
C ASN C 798 -35.03 -53.43 47.86
N PHE C 799 -34.90 -52.24 48.43
CA PHE C 799 -34.50 -51.05 47.69
C PHE C 799 -33.15 -50.51 48.17
N SER C 800 -32.32 -51.37 48.74
CA SER C 800 -31.03 -50.94 49.25
C SER C 800 -30.05 -50.58 48.13
N GLN C 801 -30.29 -51.05 46.91
CA GLN C 801 -29.38 -50.74 45.81
C GLN C 801 -29.65 -49.37 45.20
N ILE C 802 -30.87 -48.85 45.37
CA ILE C 802 -31.22 -47.55 44.82
C ILE C 802 -31.24 -46.45 45.88
N LEU C 803 -31.48 -46.79 47.14
CA LEU C 803 -31.49 -45.79 48.20
C LEU C 803 -30.07 -45.45 48.63
N PRO C 804 -29.80 -44.20 48.98
CA PRO C 804 -28.44 -43.81 49.37
C PRO C 804 -28.08 -44.38 50.73
N ASP C 805 -26.77 -44.53 50.93
CA ASP C 805 -26.25 -45.08 52.19
C ASP C 805 -25.82 -43.95 53.12
N PRO C 806 -26.24 -43.99 54.39
CA PRO C 806 -25.85 -42.95 55.34
C PRO C 806 -24.40 -43.03 55.79
N SER C 807 -23.66 -44.06 55.39
CA SER C 807 -22.28 -44.20 55.83
C SER C 807 -21.35 -43.26 55.08
N LYS C 808 -21.42 -43.27 53.75
CA LYS C 808 -20.54 -42.44 52.94
C LYS C 808 -21.00 -40.98 52.96
N PRO C 809 -20.05 -40.03 52.95
CA PRO C 809 -20.44 -38.61 52.94
C PRO C 809 -20.95 -38.11 51.60
N SER C 810 -20.97 -38.96 50.57
CA SER C 810 -21.49 -38.54 49.26
C SER C 810 -22.99 -38.72 49.14
N LYS C 811 -23.59 -39.54 50.01
CA LYS C 811 -25.04 -39.79 50.00
C LYS C 811 -25.50 -40.35 48.66
N ARG C 812 -24.73 -41.28 48.12
CA ARG C 812 -25.06 -41.93 46.85
C ARG C 812 -25.28 -43.43 47.07
N SER C 813 -25.99 -44.04 46.12
CA SER C 813 -26.35 -45.45 46.21
C SER C 813 -25.22 -46.29 45.61
N PHE C 814 -25.43 -47.61 45.55
CA PHE C 814 -24.42 -48.49 44.98
C PHE C 814 -24.35 -48.36 43.46
N ILE C 815 -25.51 -48.18 42.82
CA ILE C 815 -25.52 -48.03 41.37
C ILE C 815 -24.97 -46.65 40.96
N GLU C 816 -25.29 -45.62 41.74
CA GLU C 816 -24.78 -44.29 41.44
C GLU C 816 -23.27 -44.22 41.56
N ASP C 817 -22.68 -44.90 42.55
CA ASP C 817 -21.24 -44.94 42.65
C ASP C 817 -20.60 -45.59 41.44
N LEU C 818 -21.17 -46.69 40.95
CA LEU C 818 -20.66 -47.33 39.75
C LEU C 818 -20.82 -46.43 38.53
N LEU C 819 -21.94 -45.71 38.43
CA LEU C 819 -22.14 -44.81 37.30
C LEU C 819 -21.16 -43.64 37.32
N PHE C 820 -20.80 -43.16 38.52
CA PHE C 820 -19.86 -42.05 38.62
C PHE C 820 -18.42 -42.52 38.44
N ASN C 821 -18.10 -43.76 38.82
CA ASN C 821 -16.75 -44.25 38.70
C ASN C 821 -16.43 -44.77 37.31
N LYS C 822 -17.39 -45.41 36.64
CA LYS C 822 -17.14 -45.97 35.32
C LYS C 822 -17.16 -44.91 34.23
N VAL C 823 -17.89 -43.81 34.44
CA VAL C 823 -17.97 -42.72 33.49
C VAL C 823 -17.04 -41.61 33.99
N THR C 824 -15.90 -41.45 33.32
CA THR C 824 -14.91 -40.44 33.68
C THR C 824 -14.53 -39.65 32.44
N LEU C 825 -13.99 -38.45 32.67
CA LEU C 825 -13.57 -37.58 31.58
C LEU C 825 -12.17 -37.95 31.09
N PHE C 852 -4.49 -22.57 31.63
CA PHE C 852 -5.20 -22.80 30.38
C PHE C 852 -4.72 -21.82 29.30
N LYS C 853 -5.32 -21.91 28.13
CA LYS C 853 -4.99 -21.06 26.99
C LYS C 853 -6.26 -20.44 26.39
N GLY C 854 -7.13 -19.92 27.25
CA GLY C 854 -8.35 -19.28 26.82
C GLY C 854 -9.61 -20.09 27.03
N LEU C 855 -9.49 -21.37 27.40
CA LEU C 855 -10.63 -22.24 27.61
C LEU C 855 -10.87 -22.39 29.10
N THR C 856 -12.08 -22.04 29.55
CA THR C 856 -12.46 -22.12 30.95
C THR C 856 -13.72 -22.97 31.09
N VAL C 857 -13.66 -23.99 31.94
CA VAL C 857 -14.78 -24.88 32.17
C VAL C 857 -15.55 -24.37 33.38
N LEU C 858 -16.77 -23.90 33.16
CA LEU C 858 -17.58 -23.39 34.26
C LEU C 858 -18.35 -24.54 34.92
N PRO C 859 -18.35 -24.60 36.25
CA PRO C 859 -19.08 -25.67 36.93
C PRO C 859 -20.58 -25.41 36.89
N PRO C 860 -21.39 -26.46 36.92
CA PRO C 860 -22.85 -26.26 36.91
C PRO C 860 -23.34 -25.70 38.23
N LEU C 861 -24.59 -25.23 38.21
CA LEU C 861 -25.20 -24.68 39.42
C LEU C 861 -25.51 -25.77 40.43
N LEU C 862 -26.31 -26.75 40.02
CA LEU C 862 -26.67 -27.87 40.88
C LEU C 862 -25.50 -28.86 40.95
N THR C 863 -24.97 -29.05 42.15
CA THR C 863 -23.86 -29.98 42.33
C THR C 863 -24.35 -31.43 42.28
N ASP C 864 -23.41 -32.35 42.44
CA ASP C 864 -23.76 -33.77 42.38
C ASP C 864 -24.56 -34.21 43.60
N GLU C 865 -24.24 -33.68 44.78
CA GLU C 865 -24.97 -34.04 45.99
C GLU C 865 -26.41 -33.54 45.96
N MET C 866 -26.67 -32.36 45.39
CA MET C 866 -28.04 -31.89 45.25
C MET C 866 -28.84 -32.75 44.29
N ILE C 867 -28.23 -33.19 43.18
CA ILE C 867 -28.90 -34.09 42.27
C ILE C 867 -29.18 -35.43 42.94
N ALA C 868 -28.24 -35.93 43.74
CA ALA C 868 -28.45 -37.17 44.47
C ALA C 868 -29.57 -37.04 45.49
N GLN C 869 -29.65 -35.91 46.18
CA GLN C 869 -30.73 -35.70 47.14
C GLN C 869 -32.08 -35.56 46.44
N TYR C 870 -32.12 -34.90 45.27
CA TYR C 870 -33.34 -34.86 44.50
C TYR C 870 -33.76 -36.24 44.03
N THR C 871 -32.81 -37.07 43.61
CA THR C 871 -33.14 -38.44 43.20
C THR C 871 -33.67 -39.25 44.37
N SER C 872 -33.06 -39.10 45.55
CA SER C 872 -33.55 -39.78 46.74
C SER C 872 -34.94 -39.32 47.13
N ALA C 873 -35.22 -38.02 47.01
CA ALA C 873 -36.56 -37.52 47.29
C ALA C 873 -37.58 -38.06 46.30
N LEU C 874 -37.21 -38.13 45.01
CA LEU C 874 -38.11 -38.70 44.02
C LEU C 874 -38.37 -40.17 44.29
N LEU C 875 -37.35 -40.93 44.68
CA LEU C 875 -37.54 -42.33 45.04
C LEU C 875 -38.46 -42.47 46.25
N ALA C 876 -38.22 -41.67 47.30
CA ALA C 876 -39.10 -41.70 48.46
C ALA C 876 -40.54 -41.36 48.10
N GLY C 877 -40.75 -40.38 47.22
CA GLY C 877 -42.08 -40.02 46.79
C GLY C 877 -42.77 -41.09 45.97
N THR C 878 -42.02 -41.74 45.07
CA THR C 878 -42.60 -42.77 44.23
C THR C 878 -42.74 -44.11 44.95
N ILE C 879 -42.11 -44.28 46.10
CA ILE C 879 -42.24 -45.50 46.89
C ILE C 879 -43.30 -45.35 47.98
N THR C 880 -43.27 -44.25 48.73
CA THR C 880 -44.17 -44.06 49.86
C THR C 880 -45.45 -43.32 49.51
N SER C 881 -45.52 -42.70 48.34
CA SER C 881 -46.72 -41.95 47.97
C SER C 881 -47.28 -42.42 46.63
N GLY C 882 -46.39 -42.80 45.71
CA GLY C 882 -46.82 -43.30 44.41
C GLY C 882 -47.27 -42.21 43.46
N TRP C 883 -48.57 -42.17 43.17
CA TRP C 883 -49.12 -41.22 42.22
C TRP C 883 -49.53 -39.90 42.87
N THR C 884 -49.46 -39.80 44.20
CA THR C 884 -49.99 -38.62 44.87
C THR C 884 -48.96 -37.49 44.98
N PHE C 885 -47.68 -37.84 45.11
CA PHE C 885 -46.66 -36.80 45.29
C PHE C 885 -46.40 -36.02 44.00
N GLY C 886 -46.71 -36.60 42.84
CA GLY C 886 -46.49 -35.93 41.58
C GLY C 886 -47.63 -35.09 41.07
N ALA C 887 -48.81 -35.23 41.67
CA ALA C 887 -49.99 -34.47 41.26
C ALA C 887 -50.52 -33.54 42.34
N GLY C 888 -49.95 -33.56 43.54
CA GLY C 888 -50.42 -32.70 44.61
C GLY C 888 -49.82 -33.06 45.95
N ALA C 889 -50.66 -33.16 46.98
CA ALA C 889 -50.17 -33.49 48.31
C ALA C 889 -49.76 -34.96 48.39
N ALA C 890 -48.70 -35.23 49.13
CA ALA C 890 -48.18 -36.58 49.30
C ALA C 890 -49.09 -37.36 50.24
N LEU C 891 -49.65 -38.47 49.75
CA LEU C 891 -50.54 -39.32 50.52
C LEU C 891 -49.85 -40.65 50.80
N GLN C 892 -49.85 -41.06 52.06
CA GLN C 892 -49.20 -42.31 52.45
C GLN C 892 -49.98 -43.51 51.91
N ILE C 893 -49.25 -44.52 51.46
CA ILE C 893 -49.84 -45.73 50.91
C ILE C 893 -48.79 -46.84 50.94
N PRO C 894 -49.12 -48.04 51.41
CA PRO C 894 -48.15 -49.13 51.41
C PRO C 894 -47.74 -49.54 50.01
N PHE C 895 -46.53 -50.08 49.90
CA PHE C 895 -46.02 -50.51 48.60
C PHE C 895 -46.73 -51.75 48.08
N ALA C 896 -47.10 -52.68 48.96
CA ALA C 896 -47.86 -53.85 48.54
C ALA C 896 -49.22 -53.45 47.98
N MET C 897 -49.80 -52.37 48.52
CA MET C 897 -51.04 -51.83 47.98
C MET C 897 -50.82 -50.92 46.77
N GLN C 898 -49.63 -50.33 46.65
CA GLN C 898 -49.32 -49.56 45.44
C GLN C 898 -49.15 -50.49 44.24
N MET C 899 -48.55 -51.66 44.45
CA MET C 899 -48.46 -52.65 43.37
C MET C 899 -49.83 -53.11 42.90
N ALA C 900 -50.85 -53.03 43.75
CA ALA C 900 -52.20 -53.41 43.34
C ALA C 900 -52.72 -52.48 42.25
N TYR C 901 -52.49 -51.17 42.40
CA TYR C 901 -52.84 -50.23 41.35
C TYR C 901 -51.84 -50.24 40.20
N ARG C 902 -50.59 -50.64 40.46
CA ARG C 902 -49.62 -50.77 39.37
C ARG C 902 -49.99 -51.91 38.43
N PHE C 903 -50.57 -52.99 38.95
CA PHE C 903 -50.98 -54.11 38.10
C PHE C 903 -52.31 -53.84 37.40
N ASN C 904 -53.19 -53.05 38.01
CA ASN C 904 -54.48 -52.75 37.41
C ASN C 904 -54.36 -51.83 36.20
N GLY C 905 -53.23 -51.14 36.04
CA GLY C 905 -53.07 -50.26 34.90
C GLY C 905 -52.81 -50.97 33.59
N ILE C 906 -52.32 -52.20 33.63
CA ILE C 906 -52.02 -52.96 32.43
C ILE C 906 -53.06 -54.06 32.20
N GLY C 907 -54.22 -53.97 32.85
CA GLY C 907 -55.28 -54.95 32.65
C GLY C 907 -55.13 -56.23 33.43
N VAL C 908 -54.33 -56.23 34.50
CA VAL C 908 -54.11 -57.41 35.33
C VAL C 908 -54.94 -57.26 36.59
N THR C 909 -55.59 -58.35 37.01
CA THR C 909 -56.43 -58.31 38.20
C THR C 909 -55.57 -58.14 39.46
N GLN C 910 -56.24 -57.80 40.56
CA GLN C 910 -55.55 -57.50 41.81
C GLN C 910 -55.28 -58.75 42.65
N ASN C 911 -56.13 -59.77 42.55
CA ASN C 911 -56.00 -60.94 43.41
C ASN C 911 -54.76 -61.76 43.12
N VAL C 912 -54.15 -61.62 41.93
CA VAL C 912 -52.94 -62.37 41.61
C VAL C 912 -51.69 -61.77 42.23
N LEU C 913 -51.80 -60.60 42.87
CA LEU C 913 -50.63 -59.97 43.48
C LEU C 913 -50.36 -60.52 44.87
N TYR C 914 -51.36 -60.50 45.75
CA TYR C 914 -51.17 -60.93 47.13
C TYR C 914 -50.96 -62.43 47.26
N GLU C 915 -51.43 -63.23 46.29
CA GLU C 915 -51.23 -64.67 46.34
C GLU C 915 -49.82 -65.08 45.94
N ASN C 916 -49.10 -64.23 45.21
CA ASN C 916 -47.74 -64.50 44.78
C ASN C 916 -46.83 -63.32 45.11
N GLN C 917 -46.98 -62.76 46.32
CA GLN C 917 -46.17 -61.61 46.70
C GLN C 917 -44.71 -61.98 46.91
N LYS C 918 -44.45 -63.15 47.50
CA LYS C 918 -43.07 -63.55 47.76
C LYS C 918 -42.30 -63.79 46.46
N LEU C 919 -42.92 -64.43 45.48
CA LEU C 919 -42.26 -64.67 44.19
C LEU C 919 -41.99 -63.36 43.47
N ILE C 920 -42.95 -62.43 43.48
CA ILE C 920 -42.76 -61.14 42.84
C ILE C 920 -41.62 -60.38 43.53
N ALA C 921 -41.58 -60.42 44.86
CA ALA C 921 -40.51 -59.73 45.58
C ALA C 921 -39.15 -60.35 45.28
N ASN C 922 -39.06 -61.68 45.22
CA ASN C 922 -37.80 -62.33 44.90
C ASN C 922 -37.35 -62.01 43.47
N GLN C 923 -38.27 -62.02 42.51
CA GLN C 923 -37.92 -61.67 41.15
C GLN C 923 -37.49 -60.21 41.03
N PHE C 924 -38.15 -59.31 41.74
CA PHE C 924 -37.74 -57.90 41.72
C PHE C 924 -36.36 -57.73 42.33
N ASN C 925 -36.08 -58.39 43.46
CA ASN C 925 -34.77 -58.31 44.07
C ASN C 925 -33.68 -58.87 43.15
N SER C 926 -33.96 -60.00 42.49
CA SER C 926 -32.98 -60.56 41.56
C SER C 926 -32.74 -59.64 40.37
N ALA C 927 -33.80 -59.03 39.83
CA ALA C 927 -33.65 -58.11 38.71
C ALA C 927 -32.88 -56.86 39.11
N ILE C 928 -33.08 -56.38 40.34
CA ILE C 928 -32.34 -55.22 40.82
C ILE C 928 -30.87 -55.58 41.04
N GLY C 929 -30.61 -56.76 41.59
CA GLY C 929 -29.24 -57.18 41.82
C GLY C 929 -28.47 -57.50 40.56
N LYS C 930 -29.15 -57.92 39.51
CA LYS C 930 -28.49 -58.23 38.24
C LYS C 930 -28.11 -56.98 37.45
N ILE C 931 -28.67 -55.82 37.78
CA ILE C 931 -28.37 -54.60 37.04
C ILE C 931 -26.90 -54.21 37.21
N GLN C 932 -26.40 -54.26 38.44
CA GLN C 932 -25.00 -53.92 38.67
C GLN C 932 -24.06 -54.88 37.95
N ASP C 933 -24.37 -56.18 37.96
CA ASP C 933 -23.54 -57.14 37.25
C ASP C 933 -23.58 -56.94 35.75
N SER C 934 -24.76 -56.64 35.19
CA SER C 934 -24.86 -56.41 33.75
C SER C 934 -24.16 -55.12 33.34
N LEU C 935 -24.13 -54.12 34.23
CA LEU C 935 -23.44 -52.88 33.92
C LEU C 935 -21.94 -53.00 34.08
N SER C 936 -21.48 -53.83 35.02
CA SER C 936 -20.04 -54.03 35.21
C SER C 936 -19.46 -54.97 34.17
N SER C 937 -20.24 -55.95 33.70
CA SER C 937 -19.74 -56.88 32.69
C SER C 937 -19.71 -56.24 31.31
N THR C 938 -20.62 -55.32 31.02
CA THR C 938 -20.66 -54.66 29.72
C THR C 938 -19.64 -53.54 29.66
N ALA C 939 -19.05 -53.36 28.47
CA ALA C 939 -18.06 -52.30 28.27
C ALA C 939 -18.65 -51.03 27.69
N SER C 940 -19.74 -51.14 26.94
CA SER C 940 -20.38 -50.00 26.28
C SER C 940 -21.82 -49.84 26.75
N ALA C 941 -22.05 -50.01 28.05
CA ALA C 941 -23.39 -49.82 28.59
C ALA C 941 -23.70 -48.34 28.80
N LEU C 942 -22.70 -47.57 29.24
CA LEU C 942 -22.84 -46.13 29.44
C LEU C 942 -22.26 -45.34 28.28
N GLY C 943 -22.42 -45.86 27.05
CA GLY C 943 -21.78 -45.27 25.89
C GLY C 943 -22.22 -43.86 25.55
N LYS C 944 -23.46 -43.48 25.89
CA LYS C 944 -23.95 -42.16 25.51
C LYS C 944 -23.33 -41.06 26.38
N LEU C 945 -23.34 -41.23 27.70
CA LEU C 945 -22.77 -40.24 28.60
C LEU C 945 -21.26 -40.12 28.46
N GLN C 946 -20.59 -41.17 28.00
CA GLN C 946 -19.16 -41.08 27.73
C GLN C 946 -18.89 -40.50 26.35
N ASP C 947 -19.73 -40.83 25.36
CA ASP C 947 -19.54 -40.31 24.01
C ASP C 947 -19.79 -38.81 23.94
N VAL C 948 -20.76 -38.29 24.71
CA VAL C 948 -21.01 -36.86 24.68
C VAL C 948 -19.81 -36.08 25.22
N VAL C 949 -19.26 -36.52 26.35
CA VAL C 949 -18.11 -35.81 26.92
C VAL C 949 -16.87 -36.04 26.07
N ASN C 950 -16.74 -37.19 25.41
CA ASN C 950 -15.63 -37.39 24.49
C ASN C 950 -15.74 -36.47 23.28
N HIS C 951 -16.94 -36.28 22.74
CA HIS C 951 -17.14 -35.35 21.65
C HIS C 951 -16.83 -33.92 22.07
N ASN C 952 -17.27 -33.51 23.27
CA ASN C 952 -16.95 -32.17 23.75
C ASN C 952 -15.44 -31.98 23.92
N ALA C 953 -14.76 -32.96 24.54
CA ALA C 953 -13.32 -32.85 24.74
C ALA C 953 -12.57 -32.84 23.42
N GLN C 954 -13.01 -33.65 22.44
CA GLN C 954 -12.36 -33.65 21.14
C GLN C 954 -12.59 -32.36 20.39
N ALA C 955 -13.80 -31.79 20.50
CA ALA C 955 -14.06 -30.48 19.89
C ALA C 955 -13.17 -29.40 20.49
N LEU C 956 -13.05 -29.38 21.82
CA LEU C 956 -12.15 -28.43 22.47
C LEU C 956 -10.69 -28.64 22.08
N ASN C 957 -10.23 -29.89 22.02
CA ASN C 957 -8.84 -30.16 21.65
C ASN C 957 -8.56 -29.77 20.20
N THR C 958 -9.54 -29.97 19.31
CA THR C 958 -9.35 -29.59 17.92
C THR C 958 -9.43 -28.08 17.75
N LEU C 959 -10.23 -27.39 18.58
CA LEU C 959 -10.25 -25.94 18.57
C LEU C 959 -8.93 -25.37 19.07
N VAL C 960 -8.32 -26.00 20.07
CA VAL C 960 -7.02 -25.55 20.57
C VAL C 960 -5.86 -26.13 19.76
N LYS C 961 -6.11 -27.10 18.88
CA LYS C 961 -5.04 -27.67 18.07
C LYS C 961 -4.70 -26.78 16.87
N GLN C 962 -5.67 -26.01 16.36
CA GLN C 962 -5.42 -25.15 15.21
C GLN C 962 -4.54 -23.96 15.54
N LEU C 963 -4.15 -23.77 16.81
CA LEU C 963 -3.23 -22.71 17.15
C LEU C 963 -1.83 -22.97 16.61
N SER C 964 -1.49 -24.25 16.38
CA SER C 964 -0.22 -24.61 15.79
C SER C 964 -0.23 -24.53 14.27
N SER C 965 -1.41 -24.44 13.65
CA SER C 965 -1.48 -24.36 12.20
C SER C 965 -1.06 -22.98 11.71
N LYS C 966 -0.47 -22.94 10.52
CA LYS C 966 0.07 -21.70 9.98
C LYS C 966 -0.97 -20.86 9.24
N PHE C 967 -2.06 -21.48 8.79
CA PHE C 967 -3.10 -20.79 8.02
C PHE C 967 -2.54 -20.11 6.78
N GLY C 968 -1.53 -20.74 6.17
CA GLY C 968 -0.89 -20.21 4.99
C GLY C 968 0.15 -19.15 5.24
N ALA C 969 0.32 -18.69 6.48
CA ALA C 969 1.29 -17.68 6.79
C ALA C 969 2.69 -18.28 6.91
N ILE C 970 3.64 -17.50 7.43
CA ILE C 970 5.00 -17.99 7.59
C ILE C 970 5.14 -18.82 8.85
N SER C 971 4.44 -18.47 9.92
CA SER C 971 4.51 -19.21 11.17
C SER C 971 3.19 -19.07 11.91
N SER C 972 3.03 -19.91 12.94
CA SER C 972 1.82 -19.92 13.75
C SER C 972 1.89 -18.95 14.93
N VAL C 973 3.04 -18.34 15.18
CA VAL C 973 3.22 -17.39 16.27
C VAL C 973 3.21 -15.99 15.70
N LEU C 974 2.94 -15.01 16.56
CA LEU C 974 2.89 -13.62 16.14
C LEU C 974 4.16 -12.83 16.49
N ASN C 975 4.92 -13.28 17.48
CA ASN C 975 6.14 -12.56 17.84
C ASN C 975 7.18 -12.62 16.73
N ASP C 976 7.39 -13.80 16.14
CA ASP C 976 8.32 -13.93 15.02
C ASP C 976 7.85 -13.23 13.77
N ILE C 977 6.54 -12.96 13.65
CA ILE C 977 6.03 -12.23 12.51
C ILE C 977 6.23 -10.73 12.71
N PHE C 978 5.94 -10.24 13.92
CA PHE C 978 6.14 -8.82 14.21
C PHE C 978 7.61 -8.45 14.31
N SER C 979 8.49 -9.40 14.61
CA SER C 979 9.90 -9.09 14.78
C SER C 979 10.68 -9.18 13.47
N ARG C 980 10.43 -10.23 12.66
CA ARG C 980 11.18 -10.42 11.43
C ARG C 980 10.60 -9.65 10.25
N LEU C 981 9.42 -9.05 10.39
CA LEU C 981 8.80 -8.30 9.31
C LEU C 981 8.40 -6.92 9.82
N ASP C 982 8.22 -6.01 8.87
CA ASP C 982 7.82 -4.66 9.22
C ASP C 982 6.36 -4.65 9.66
N PRO C 983 5.97 -3.69 10.52
CA PRO C 983 4.58 -3.61 10.96
C PRO C 983 3.61 -3.45 9.80
N PRO C 984 3.89 -2.61 8.80
CA PRO C 984 2.96 -2.54 7.66
C PRO C 984 2.97 -3.79 6.80
N GLU C 985 4.10 -4.50 6.73
CA GLU C 985 4.18 -5.69 5.88
C GLU C 985 3.57 -6.92 6.54
N ALA C 986 3.51 -6.95 7.87
CA ALA C 986 2.99 -8.09 8.60
C ALA C 986 1.49 -7.98 8.89
N GLU C 987 0.88 -6.83 8.60
CA GLU C 987 -0.54 -6.66 8.89
C GLU C 987 -1.42 -7.58 8.05
N VAL C 988 -1.00 -7.88 6.81
CA VAL C 988 -1.79 -8.79 5.99
C VAL C 988 -1.82 -10.18 6.60
N GLN C 989 -0.67 -10.71 7.03
CA GLN C 989 -0.65 -12.03 7.67
C GLN C 989 -1.36 -12.01 9.02
N ILE C 990 -1.24 -10.91 9.77
CA ILE C 990 -1.95 -10.82 11.04
C ILE C 990 -3.46 -10.86 10.82
N ASP C 991 -3.96 -10.12 9.83
CA ASP C 991 -5.39 -10.14 9.53
C ASP C 991 -5.83 -11.51 9.02
N ARG C 992 -4.99 -12.17 8.21
CA ARG C 992 -5.33 -13.52 7.76
C ARG C 992 -5.45 -14.49 8.93
N LEU C 993 -4.49 -14.46 9.85
CA LEU C 993 -4.57 -15.31 11.04
C LEU C 993 -5.78 -14.99 11.90
N ILE C 994 -6.09 -13.70 12.09
CA ILE C 994 -7.24 -13.32 12.89
C ILE C 994 -8.53 -13.81 12.26
N THR C 995 -8.68 -13.64 10.95
CA THR C 995 -9.88 -14.13 10.27
C THR C 995 -9.98 -15.64 10.33
N GLY C 996 -8.86 -16.36 10.18
CA GLY C 996 -8.90 -17.80 10.28
C GLY C 996 -9.32 -18.28 11.65
N ARG C 997 -8.77 -17.67 12.71
CA ARG C 997 -9.14 -18.07 14.06
C ARG C 997 -10.59 -17.68 14.39
N LEU C 998 -11.05 -16.54 13.87
CA LEU C 998 -12.45 -16.17 14.07
C LEU C 998 -13.39 -17.14 13.36
N GLN C 999 -13.05 -17.57 12.14
CA GLN C 999 -13.86 -18.58 11.46
C GLN C 999 -13.85 -19.91 12.21
N SER C 1000 -12.69 -20.31 12.73
CA SER C 1000 -12.63 -21.55 13.50
C SER C 1000 -13.48 -21.46 14.77
N LEU C 1001 -13.41 -20.33 15.47
CA LEU C 1001 -14.20 -20.17 16.69
C LEU C 1001 -15.69 -20.07 16.38
N GLN C 1002 -16.07 -19.46 15.25
CA GLN C 1002 -17.48 -19.44 14.87
C GLN C 1002 -17.98 -20.83 14.50
N THR C 1003 -17.16 -21.63 13.82
CA THR C 1003 -17.53 -23.00 13.55
C THR C 1003 -17.70 -23.78 14.85
N TYR C 1004 -16.79 -23.57 15.81
CA TYR C 1004 -16.94 -24.20 17.12
C TYR C 1004 -18.23 -23.77 17.81
N VAL C 1005 -18.59 -22.49 17.72
CA VAL C 1005 -19.81 -22.01 18.36
C VAL C 1005 -21.04 -22.62 17.69
N THR C 1006 -21.01 -22.76 16.37
CA THR C 1006 -22.15 -23.38 15.68
C THR C 1006 -22.27 -24.85 16.04
N GLN C 1007 -21.14 -25.57 16.12
CA GLN C 1007 -21.19 -26.96 16.56
C GLN C 1007 -21.72 -27.07 17.98
N GLN C 1008 -21.28 -26.17 18.87
CA GLN C 1008 -21.79 -26.18 20.25
C GLN C 1008 -23.27 -25.88 20.30
N LEU C 1009 -23.77 -24.99 19.43
CA LEU C 1009 -25.20 -24.70 19.40
C LEU C 1009 -26.01 -25.89 18.88
N ILE C 1010 -25.51 -26.59 17.86
CA ILE C 1010 -26.20 -27.78 17.38
C ILE C 1010 -26.22 -28.86 18.47
N ARG C 1011 -25.09 -29.06 19.14
CA ARG C 1011 -25.03 -30.05 20.21
C ARG C 1011 -25.92 -29.66 21.37
N ALA C 1012 -26.02 -28.36 21.67
CA ALA C 1012 -26.90 -27.89 22.74
C ALA C 1012 -28.36 -28.07 22.38
N ALA C 1013 -28.73 -27.90 21.10
CA ALA C 1013 -30.09 -28.20 20.68
C ALA C 1013 -30.41 -29.69 20.78
N GLU C 1014 -29.45 -30.54 20.39
CA GLU C 1014 -29.65 -31.97 20.56
C GLU C 1014 -29.81 -32.35 22.04
N ILE C 1015 -29.00 -31.76 22.90
CA ILE C 1015 -29.11 -32.02 24.34
C ILE C 1015 -30.42 -31.46 24.89
N ARG C 1016 -30.90 -30.34 24.33
CA ARG C 1016 -32.20 -29.81 24.74
C ARG C 1016 -33.31 -30.79 24.41
N ALA C 1017 -33.29 -31.36 23.20
CA ALA C 1017 -34.29 -32.36 22.83
C ALA C 1017 -34.19 -33.60 23.72
N SER C 1018 -32.97 -34.07 23.98
CA SER C 1018 -32.78 -35.22 24.85
C SER C 1018 -33.25 -34.95 26.28
N ALA C 1019 -33.03 -33.74 26.79
CA ALA C 1019 -33.48 -33.39 28.13
C ALA C 1019 -34.99 -33.24 28.20
N ASN C 1020 -35.60 -32.72 27.15
CA ASN C 1020 -37.06 -32.71 27.10
C ASN C 1020 -37.64 -34.11 27.11
N LEU C 1021 -37.05 -35.02 26.34
CA LEU C 1021 -37.50 -36.41 26.36
C LEU C 1021 -37.29 -37.05 27.74
N ALA C 1022 -36.15 -36.76 28.36
CA ALA C 1022 -35.87 -37.33 29.68
C ALA C 1022 -36.82 -36.77 30.74
N ALA C 1023 -37.17 -35.49 30.67
CA ALA C 1023 -38.13 -34.93 31.60
C ALA C 1023 -39.53 -35.50 31.37
N THR C 1024 -39.91 -35.70 30.11
CA THR C 1024 -41.19 -36.33 29.82
C THR C 1024 -41.25 -37.74 30.40
N LYS C 1025 -40.17 -38.51 30.24
CA LYS C 1025 -40.12 -39.86 30.81
C LYS C 1025 -40.05 -39.86 32.32
N MET C 1026 -39.41 -38.86 32.93
CA MET C 1026 -39.40 -38.75 34.38
C MET C 1026 -40.79 -38.41 34.92
N SER C 1027 -41.55 -37.59 34.18
CA SER C 1027 -42.88 -37.23 34.62
C SER C 1027 -43.86 -38.37 34.43
N GLU C 1028 -43.76 -39.10 33.32
CA GLU C 1028 -44.73 -40.14 33.02
C GLU C 1028 -44.39 -41.48 33.66
N CYS C 1029 -43.12 -41.91 33.57
CA CYS C 1029 -42.76 -43.24 34.04
C CYS C 1029 -42.53 -43.28 35.54
N VAL C 1030 -41.89 -42.26 36.10
CA VAL C 1030 -41.55 -42.26 37.53
C VAL C 1030 -42.68 -41.71 38.38
N LEU C 1031 -43.13 -40.48 38.11
CA LEU C 1031 -44.14 -39.83 38.92
C LEU C 1031 -45.52 -40.48 38.78
N GLY C 1032 -45.74 -41.29 37.76
CA GLY C 1032 -47.02 -41.96 37.56
C GLY C 1032 -46.84 -43.23 36.76
N GLN C 1033 -47.88 -43.61 36.03
CA GLN C 1033 -47.85 -44.79 35.18
C GLN C 1033 -48.34 -44.42 33.79
N SER C 1034 -47.55 -44.75 32.78
CA SER C 1034 -47.88 -44.43 31.39
C SER C 1034 -48.35 -45.67 30.67
N LYS C 1035 -49.49 -45.56 29.98
CA LYS C 1035 -50.04 -46.65 29.19
C LYS C 1035 -49.44 -46.71 27.79
N ARG C 1036 -48.45 -45.89 27.49
CA ARG C 1036 -47.82 -45.91 26.18
C ARG C 1036 -46.99 -47.17 26.01
N VAL C 1037 -47.02 -47.73 24.81
CA VAL C 1037 -46.35 -48.99 24.51
C VAL C 1037 -44.90 -48.72 24.14
N ASP C 1038 -43.99 -49.45 24.79
CA ASP C 1038 -42.55 -49.36 24.51
C ASP C 1038 -42.01 -47.95 24.70
N PHE C 1039 -42.59 -47.20 25.65
CA PHE C 1039 -42.09 -45.87 25.99
C PHE C 1039 -41.24 -45.90 27.26
N CYS C 1040 -41.78 -46.45 28.35
CA CYS C 1040 -41.01 -46.61 29.59
C CYS C 1040 -40.36 -47.99 29.61
N GLY C 1041 -39.49 -48.21 28.64
CA GLY C 1041 -38.82 -49.49 28.49
C GLY C 1041 -39.61 -50.45 27.62
N LYS C 1042 -38.94 -51.55 27.27
CA LYS C 1042 -39.54 -52.56 26.40
C LYS C 1042 -40.54 -53.39 27.21
N GLY C 1043 -41.80 -53.35 26.80
CA GLY C 1043 -42.86 -54.10 27.44
C GLY C 1043 -43.83 -53.18 28.17
N TYR C 1044 -44.75 -53.82 28.89
CA TYR C 1044 -45.75 -53.10 29.66
C TYR C 1044 -45.09 -52.40 30.84
N HIS C 1045 -45.16 -51.08 30.88
CA HIS C 1045 -44.55 -50.32 31.96
C HIS C 1045 -45.32 -50.51 33.26
N LEU C 1046 -44.60 -50.84 34.33
CA LEU C 1046 -45.19 -50.98 35.66
C LEU C 1046 -44.66 -49.90 36.61
N MET C 1047 -43.34 -49.79 36.77
CA MET C 1047 -42.75 -48.76 37.61
C MET C 1047 -41.44 -48.31 36.99
N SER C 1048 -40.89 -47.21 37.52
CA SER C 1048 -39.62 -46.70 37.07
C SER C 1048 -38.89 -46.09 38.25
N PHE C 1049 -37.55 -46.17 38.22
CA PHE C 1049 -36.70 -45.64 39.27
C PHE C 1049 -35.60 -44.81 38.64
N PRO C 1050 -35.52 -43.52 38.92
CA PRO C 1050 -34.44 -42.68 38.37
C PRO C 1050 -33.16 -42.80 39.18
N GLN C 1051 -32.05 -42.54 38.50
CA GLN C 1051 -30.73 -42.59 39.10
C GLN C 1051 -29.92 -41.37 38.66
N SER C 1052 -29.02 -40.94 39.53
CA SER C 1052 -28.19 -39.77 39.25
C SER C 1052 -27.05 -40.14 38.31
N ALA C 1053 -26.55 -39.12 37.62
CA ALA C 1053 -25.45 -39.28 36.67
C ALA C 1053 -24.74 -37.95 36.55
N PRO C 1054 -23.46 -37.95 36.15
CA PRO C 1054 -22.74 -36.68 36.02
C PRO C 1054 -23.36 -35.74 34.99
N HIS C 1055 -23.61 -36.23 33.78
CA HIS C 1055 -24.17 -35.41 32.71
C HIS C 1055 -25.35 -36.11 32.06
N GLY C 1056 -26.18 -36.77 32.85
CA GLY C 1056 -27.32 -37.46 32.31
C GLY C 1056 -28.23 -37.98 33.40
N VAL C 1057 -29.01 -38.99 33.05
CA VAL C 1057 -29.94 -39.63 33.97
C VAL C 1057 -30.19 -41.06 33.50
N VAL C 1058 -30.31 -41.97 34.47
CA VAL C 1058 -30.53 -43.39 34.19
C VAL C 1058 -31.85 -43.80 34.84
N PHE C 1059 -32.77 -44.33 34.04
CA PHE C 1059 -34.06 -44.78 34.51
C PHE C 1059 -34.07 -46.30 34.60
N LEU C 1060 -34.57 -46.82 35.72
CA LEU C 1060 -34.71 -48.26 35.93
C LEU C 1060 -36.17 -48.63 35.67
N HIS C 1061 -36.49 -48.80 34.39
CA HIS C 1061 -37.85 -49.11 33.97
C HIS C 1061 -38.17 -50.56 34.34
N VAL C 1062 -39.08 -50.74 35.31
CA VAL C 1062 -39.54 -52.07 35.70
C VAL C 1062 -40.72 -52.42 34.80
N THR C 1063 -40.51 -53.36 33.90
CA THR C 1063 -41.51 -53.77 32.92
C THR C 1063 -42.13 -55.11 33.32
N TYR C 1064 -43.20 -55.47 32.61
CA TYR C 1064 -43.93 -56.70 32.84
C TYR C 1064 -44.00 -57.47 31.53
N VAL C 1065 -43.34 -58.62 31.47
CA VAL C 1065 -43.29 -59.46 30.28
C VAL C 1065 -43.92 -60.80 30.62
N PRO C 1066 -44.84 -61.31 29.80
CA PRO C 1066 -45.45 -62.61 30.09
C PRO C 1066 -44.58 -63.77 29.61
N ALA C 1067 -44.89 -64.95 30.13
CA ALA C 1067 -44.17 -66.16 29.77
C ALA C 1067 -45.03 -67.37 30.09
N GLN C 1068 -44.61 -68.52 29.57
CA GLN C 1068 -45.28 -69.81 29.81
C GLN C 1068 -46.74 -69.76 29.36
N GLU C 1069 -46.92 -69.55 28.06
CA GLU C 1069 -48.26 -69.52 27.48
C GLU C 1069 -48.72 -70.93 27.13
N LYS C 1070 -50.02 -71.07 26.87
CA LYS C 1070 -50.61 -72.36 26.53
C LYS C 1070 -51.65 -72.16 25.44
N ASN C 1071 -51.73 -73.13 24.52
CA ASN C 1071 -52.71 -73.08 23.45
C ASN C 1071 -54.06 -73.59 23.94
N PHE C 1072 -55.12 -72.90 23.55
CA PHE C 1072 -56.47 -73.22 24.01
C PHE C 1072 -57.46 -72.99 22.88
N THR C 1073 -58.72 -73.28 23.16
CA THR C 1073 -59.82 -73.10 22.22
C THR C 1073 -60.73 -71.99 22.73
N THR C 1074 -61.08 -71.07 21.85
CA THR C 1074 -61.90 -69.90 22.19
C THR C 1074 -63.18 -69.89 21.36
N ALA C 1075 -64.02 -68.90 21.63
CA ALA C 1075 -65.26 -68.68 20.91
C ALA C 1075 -65.60 -67.20 20.97
N PRO C 1076 -66.18 -66.65 19.92
CA PRO C 1076 -66.54 -65.21 19.96
C PRO C 1076 -67.67 -64.92 20.95
N ALA C 1077 -68.57 -65.87 21.18
CA ALA C 1077 -69.66 -65.68 22.12
C ALA C 1077 -70.15 -67.04 22.60
N ILE C 1078 -71.10 -67.02 23.53
CA ILE C 1078 -71.69 -68.23 24.10
C ILE C 1078 -73.19 -68.16 23.91
N CYS C 1079 -73.77 -69.19 23.29
CA CYS C 1079 -75.20 -69.25 23.03
C CYS C 1079 -75.88 -70.05 24.13
N HIS C 1080 -76.92 -69.46 24.73
CA HIS C 1080 -77.69 -70.15 25.77
C HIS C 1080 -79.09 -69.56 25.77
N ASP C 1081 -80.09 -70.43 25.62
CA ASP C 1081 -81.50 -70.02 25.56
C ASP C 1081 -81.76 -69.01 24.46
N GLY C 1082 -81.01 -69.14 23.36
CA GLY C 1082 -81.20 -68.26 22.22
C GLY C 1082 -80.69 -66.84 22.43
N LYS C 1083 -79.78 -66.63 23.38
CA LYS C 1083 -79.23 -65.32 23.67
C LYS C 1083 -77.72 -65.32 23.44
N ALA C 1084 -77.20 -64.23 22.91
CA ALA C 1084 -75.78 -64.07 22.68
C ALA C 1084 -75.13 -63.51 23.94
N HIS C 1085 -74.12 -64.20 24.46
CA HIS C 1085 -73.43 -63.83 25.68
C HIS C 1085 -72.05 -63.31 25.35
N PHE C 1086 -71.71 -62.15 25.91
CA PHE C 1086 -70.40 -61.53 25.71
C PHE C 1086 -69.75 -61.26 27.05
N PRO C 1087 -68.44 -61.48 27.18
CA PRO C 1087 -67.79 -61.28 28.48
C PRO C 1087 -67.46 -59.82 28.73
N ARG C 1088 -67.57 -59.44 30.01
CA ARG C 1088 -67.21 -58.09 30.41
C ARG C 1088 -65.69 -57.88 30.34
N GLU C 1089 -64.95 -58.64 31.14
CA GLU C 1089 -63.49 -58.61 31.13
C GLU C 1089 -62.97 -60.01 30.83
N GLY C 1090 -62.06 -60.09 29.87
CA GLY C 1090 -61.45 -61.35 29.50
C GLY C 1090 -62.07 -61.98 28.27
N VAL C 1091 -61.60 -63.18 27.95
CA VAL C 1091 -62.03 -63.93 26.78
C VAL C 1091 -62.41 -65.34 27.23
N PHE C 1092 -63.46 -65.88 26.61
CA PHE C 1092 -63.90 -67.24 26.89
C PHE C 1092 -62.81 -68.23 26.48
N VAL C 1093 -62.23 -68.92 27.46
CA VAL C 1093 -61.19 -69.91 27.24
C VAL C 1093 -61.79 -71.29 27.48
N SER C 1094 -61.19 -72.30 26.84
CA SER C 1094 -61.70 -73.66 26.97
C SER C 1094 -60.54 -74.65 26.90
N ASN C 1095 -60.65 -75.71 27.70
CA ASN C 1095 -59.72 -76.83 27.61
C ASN C 1095 -60.01 -77.70 26.39
N GLY C 1096 -61.20 -77.58 25.81
CA GLY C 1096 -61.62 -78.42 24.71
C GLY C 1096 -63.00 -79.01 24.95
N THR C 1097 -63.39 -79.09 26.21
CA THR C 1097 -64.70 -79.60 26.60
C THR C 1097 -65.48 -78.64 27.49
N HIS C 1098 -64.81 -77.91 28.38
CA HIS C 1098 -65.45 -77.00 29.30
C HIS C 1098 -64.97 -75.57 29.03
N TRP C 1099 -65.89 -74.62 29.18
CA TRP C 1099 -65.60 -73.21 28.90
C TRP C 1099 -65.47 -72.44 30.21
N PHE C 1100 -64.48 -71.57 30.28
CA PHE C 1100 -64.25 -70.73 31.45
C PHE C 1100 -63.84 -69.34 31.00
N VAL C 1101 -63.89 -68.40 31.94
CA VAL C 1101 -63.53 -67.00 31.70
C VAL C 1101 -62.19 -66.72 32.37
N THR C 1102 -61.23 -66.22 31.60
CA THR C 1102 -59.91 -65.89 32.10
C THR C 1102 -59.49 -64.53 31.56
N GLN C 1103 -58.51 -63.94 32.23
CA GLN C 1103 -57.98 -62.65 31.80
C GLN C 1103 -57.04 -62.84 30.60
N ARG C 1104 -56.66 -61.72 30.00
CA ARG C 1104 -55.77 -61.76 28.84
C ARG C 1104 -54.32 -61.91 29.26
N ASN C 1105 -53.90 -61.17 30.29
CA ASN C 1105 -52.52 -61.20 30.76
C ASN C 1105 -52.26 -62.30 31.79
N PHE C 1106 -53.30 -62.97 32.29
CA PHE C 1106 -53.13 -64.03 33.27
C PHE C 1106 -54.28 -65.02 33.14
N TYR C 1107 -53.98 -66.29 33.42
CA TYR C 1107 -54.95 -67.37 33.31
C TYR C 1107 -55.49 -67.67 34.70
N GLU C 1108 -56.75 -67.31 34.94
CA GLU C 1108 -57.44 -67.57 36.20
C GLU C 1108 -58.80 -68.17 35.87
N PRO C 1109 -58.91 -69.50 35.91
CA PRO C 1109 -60.17 -70.16 35.50
C PRO C 1109 -61.29 -69.86 36.50
N GLN C 1110 -62.40 -69.33 35.97
CA GLN C 1110 -63.57 -69.04 36.77
C GLN C 1110 -64.82 -69.56 36.06
N ILE C 1111 -65.84 -69.91 36.84
CA ILE C 1111 -67.07 -70.44 36.30
C ILE C 1111 -67.85 -69.32 35.62
N ILE C 1112 -68.41 -69.62 34.44
CA ILE C 1112 -69.16 -68.64 33.67
C ILE C 1112 -70.49 -68.40 34.41
N THR C 1113 -70.63 -67.21 35.00
CA THR C 1113 -71.84 -66.82 35.72
C THR C 1113 -72.46 -65.60 35.04
N THR C 1114 -73.52 -65.07 35.65
CA THR C 1114 -74.20 -63.90 35.12
C THR C 1114 -73.54 -62.59 35.53
N ASP C 1115 -72.65 -62.61 36.53
CA ASP C 1115 -71.99 -61.38 36.96
C ASP C 1115 -70.92 -60.93 35.97
N ASN C 1116 -70.31 -61.85 35.24
CA ASN C 1116 -69.30 -61.54 34.25
C ASN C 1116 -69.83 -61.65 32.82
N THR C 1117 -71.14 -61.69 32.65
CA THR C 1117 -71.75 -61.88 31.34
C THR C 1117 -72.92 -60.90 31.16
N PHE C 1118 -72.95 -60.24 30.00
CA PHE C 1118 -74.04 -59.37 29.63
C PHE C 1118 -74.61 -59.82 28.29
N VAL C 1119 -75.94 -59.83 28.19
CA VAL C 1119 -76.64 -60.34 27.01
C VAL C 1119 -76.90 -59.19 26.05
N SER C 1120 -76.75 -59.48 24.76
CA SER C 1120 -77.01 -58.48 23.71
C SER C 1120 -77.27 -59.23 22.41
N GLY C 1121 -78.52 -59.18 21.93
CA GLY C 1121 -78.87 -59.83 20.69
C GLY C 1121 -79.02 -61.34 20.84
N ASN C 1122 -79.31 -61.98 19.72
CA ASN C 1122 -79.49 -63.42 19.65
C ASN C 1122 -78.24 -64.08 19.06
N CYS C 1123 -78.27 -65.40 18.96
CA CYS C 1123 -77.14 -66.16 18.44
C CYS C 1123 -77.07 -66.18 16.92
N ASP C 1124 -78.06 -65.61 16.23
CA ASP C 1124 -78.08 -65.65 14.77
C ASP C 1124 -77.12 -64.62 14.16
N VAL C 1125 -76.66 -63.63 14.95
CA VAL C 1125 -75.79 -62.60 14.41
C VAL C 1125 -74.31 -62.87 14.68
N VAL C 1126 -73.99 -63.86 15.51
CA VAL C 1126 -72.61 -64.18 15.85
C VAL C 1126 -72.16 -65.36 15.00
N ILE C 1127 -71.05 -65.20 14.31
CA ILE C 1127 -70.50 -66.25 13.45
C ILE C 1127 -69.52 -67.08 14.28
N GLY C 1128 -69.77 -68.39 14.35
CA GLY C 1128 -68.91 -69.29 15.11
C GLY C 1128 -69.22 -69.37 16.58
N ILE C 1129 -70.45 -69.09 16.99
CA ILE C 1129 -70.82 -69.12 18.40
C ILE C 1129 -71.01 -70.56 18.84
N VAL C 1130 -70.62 -70.85 20.08
CA VAL C 1130 -70.68 -72.20 20.63
C VAL C 1130 -71.67 -72.21 21.78
N ASN C 1131 -72.37 -73.32 21.93
CA ASN C 1131 -73.38 -73.50 22.97
C ASN C 1131 -72.70 -73.93 24.26
N ASN C 1132 -73.07 -73.28 25.37
CA ASN C 1132 -72.55 -73.63 26.69
C ASN C 1132 -73.53 -73.15 27.74
N THR C 1133 -73.71 -73.96 28.77
CA THR C 1133 -74.65 -73.65 29.83
C THR C 1133 -74.05 -72.63 30.80
N VAL C 1134 -74.80 -71.58 31.08
CA VAL C 1134 -74.38 -70.54 32.03
C VAL C 1134 -75.13 -70.76 33.34
N TYR C 1135 -74.46 -70.48 34.45
CA TYR C 1135 -75.03 -70.68 35.77
C TYR C 1135 -75.49 -69.35 36.37
N ASP C 1136 -76.62 -69.40 37.07
CA ASP C 1136 -77.17 -68.22 37.73
C ASP C 1136 -76.97 -68.34 39.23
N PRO C 1137 -76.40 -67.35 39.90
CA PRO C 1137 -76.16 -67.48 41.35
C PRO C 1137 -77.42 -67.43 42.18
N LEU C 1138 -78.53 -66.92 41.65
CA LEU C 1138 -79.77 -66.85 42.41
C LEU C 1138 -80.54 -68.17 42.40
N GLN C 1139 -80.24 -69.06 41.45
CA GLN C 1139 -80.93 -70.35 41.34
C GLN C 1139 -80.69 -71.24 42.55
N PRO C 1140 -79.46 -71.39 43.05
CA PRO C 1140 -79.27 -72.20 44.27
C PRO C 1140 -79.98 -71.62 45.49
N GLU C 1141 -80.20 -70.31 45.53
CA GLU C 1141 -80.89 -69.71 46.67
C GLU C 1141 -82.37 -70.05 46.65
N LEU C 1142 -83.01 -69.90 45.48
CA LEU C 1142 -84.43 -70.22 45.30
C LEU C 1142 -85.30 -69.41 46.27
N ASP C 1143 -85.16 -68.10 46.21
CA ASP C 1143 -85.91 -67.20 47.08
C ASP C 1143 -87.19 -66.72 46.40
N LEU D 20 43.65 42.13 -17.01
CA LEU D 20 43.15 42.00 -18.38
C LEU D 20 42.17 43.11 -18.72
N THR D 21 41.92 43.30 -20.01
CA THR D 21 41.00 44.33 -20.50
C THR D 21 39.71 43.73 -21.06
N GLU D 22 39.22 42.65 -20.44
CA GLU D 22 38.01 42.02 -20.94
C GLU D 22 36.75 42.65 -20.33
N GLU D 23 36.83 43.05 -19.06
CA GLU D 23 35.65 43.55 -18.35
C GLU D 23 35.36 45.02 -18.63
N ASN D 24 36.39 45.86 -18.79
CA ASN D 24 36.16 47.27 -19.04
C ASN D 24 35.54 47.51 -20.42
N ALA D 25 35.99 46.76 -21.43
CA ALA D 25 35.43 46.90 -22.77
C ALA D 25 33.96 46.51 -22.84
N LYS D 26 33.45 45.83 -21.81
CA LYS D 26 32.02 45.55 -21.75
C LYS D 26 31.31 46.55 -20.86
N THR D 27 31.91 46.90 -19.71
CA THR D 27 31.28 47.83 -18.78
C THR D 27 31.11 49.21 -19.40
N PHE D 28 32.21 49.80 -19.87
CA PHE D 28 32.12 51.12 -20.50
C PHE D 28 31.30 51.08 -21.79
N LEU D 29 31.30 49.96 -22.50
CA LEU D 29 30.44 49.84 -23.67
C LEU D 29 28.96 49.87 -23.30
N ASN D 30 28.58 49.16 -22.23
CA ASN D 30 27.20 49.20 -21.77
C ASN D 30 26.82 50.59 -21.27
N ASN D 31 27.74 51.26 -20.59
CA ASN D 31 27.46 52.63 -20.15
C ASN D 31 27.27 53.57 -21.33
N PHE D 32 28.13 53.47 -22.34
CA PHE D 32 28.01 54.31 -23.52
C PHE D 32 26.71 54.02 -24.27
N ASN D 33 26.33 52.74 -24.35
CA ASN D 33 25.06 52.39 -24.98
C ASN D 33 23.86 52.86 -24.18
N GLN D 34 23.98 52.94 -22.86
CA GLN D 34 22.88 53.45 -22.04
C GLN D 34 22.74 54.97 -22.20
N GLU D 35 23.86 55.68 -22.33
CA GLU D 35 23.81 57.13 -22.43
C GLU D 35 23.54 57.64 -23.85
N ALA D 36 24.12 57.01 -24.87
CA ALA D 36 23.93 57.47 -26.24
C ALA D 36 22.51 57.20 -26.72
N GLU D 37 21.95 56.03 -26.40
CA GLU D 37 20.56 55.76 -26.73
C GLU D 37 19.61 56.73 -26.05
N ASP D 38 20.04 57.37 -24.96
CA ASP D 38 19.22 58.40 -24.32
C ASP D 38 19.36 59.73 -25.04
N LEU D 39 20.60 60.18 -25.28
CA LEU D 39 20.82 61.52 -25.80
C LEU D 39 20.59 61.65 -27.29
N SER D 40 20.94 60.64 -28.09
CA SER D 40 20.71 60.72 -29.53
C SER D 40 19.23 60.70 -29.85
N TYR D 41 18.40 60.13 -28.97
CA TYR D 41 16.96 60.15 -29.18
C TYR D 41 16.42 61.58 -29.17
N GLN D 42 16.76 62.35 -28.13
CA GLN D 42 16.34 63.75 -28.10
C GLN D 42 17.07 64.59 -29.14
N SER D 43 18.29 64.23 -29.51
CA SER D 43 18.95 64.92 -30.62
C SER D 43 18.20 64.75 -31.93
N SER D 44 17.79 63.52 -32.26
CA SER D 44 16.96 63.29 -33.44
C SER D 44 15.59 63.93 -33.32
N LEU D 45 15.02 63.95 -32.12
CA LEU D 45 13.74 64.65 -31.92
C LEU D 45 13.87 66.12 -32.24
N ALA D 46 14.97 66.76 -31.82
CA ALA D 46 15.18 68.16 -32.14
C ALA D 46 15.45 68.36 -33.63
N SER D 47 16.24 67.46 -34.24
CA SER D 47 16.52 67.59 -35.67
C SER D 47 15.26 67.41 -36.52
N TRP D 48 14.31 66.61 -36.03
CA TRP D 48 13.02 66.46 -36.71
C TRP D 48 12.06 67.59 -36.42
N ASN D 49 12.11 68.16 -35.21
CA ASN D 49 11.28 69.33 -34.91
C ASN D 49 11.73 70.54 -35.71
N TYR D 50 13.03 70.64 -36.01
CA TYR D 50 13.54 71.74 -36.82
C TYR D 50 13.17 71.60 -38.29
N ASN D 51 13.07 70.36 -38.79
CA ASN D 51 12.74 70.16 -40.20
C ASN D 51 11.26 70.41 -40.49
N THR D 52 10.40 70.34 -39.47
CA THR D 52 8.98 70.58 -39.69
C THR D 52 8.71 72.06 -39.93
N ASN D 53 9.22 72.92 -39.04
CA ASN D 53 9.05 74.37 -39.16
C ASN D 53 10.38 75.02 -38.81
N ILE D 54 11.04 75.61 -39.80
CA ILE D 54 12.35 76.22 -39.61
C ILE D 54 12.16 77.55 -38.89
N THR D 55 12.50 77.59 -37.61
CA THR D 55 12.42 78.80 -36.81
C THR D 55 13.69 78.96 -35.98
N GLU D 56 13.91 80.17 -35.48
CA GLU D 56 15.07 80.43 -34.63
C GLU D 56 14.96 79.74 -33.28
N GLU D 57 13.75 79.64 -32.71
CA GLU D 57 13.56 78.87 -31.49
C GLU D 57 13.94 77.40 -31.70
N ASN D 58 13.72 76.87 -32.90
CA ASN D 58 14.18 75.54 -33.23
C ASN D 58 15.64 75.52 -33.66
N ALA D 59 16.15 76.61 -34.22
CA ALA D 59 17.56 76.67 -34.62
C ALA D 59 18.47 76.62 -33.40
N GLN D 60 18.13 77.36 -32.35
CA GLN D 60 18.92 77.31 -31.13
C GLN D 60 18.87 75.93 -30.47
N LYS D 61 17.73 75.24 -30.53
CA LYS D 61 17.65 73.88 -30.03
C LYS D 61 18.48 72.91 -30.87
N MET D 62 18.49 73.07 -32.19
CA MET D 62 19.35 72.24 -33.03
C MET D 62 20.82 72.50 -32.72
N SER D 63 21.19 73.76 -32.50
CA SER D 63 22.58 74.06 -32.12
C SER D 63 22.94 73.46 -30.78
N GLU D 64 22.02 73.51 -29.81
CA GLU D 64 22.28 72.90 -28.51
C GLU D 64 22.41 71.39 -28.62
N ALA D 65 21.58 70.76 -29.46
CA ALA D 65 21.69 69.31 -29.68
C ALA D 65 23.00 68.94 -30.36
N ALA D 66 23.43 69.73 -31.35
CA ALA D 66 24.71 69.47 -31.99
C ALA D 66 25.87 69.64 -31.01
N ALA D 67 25.80 70.65 -30.13
CA ALA D 67 26.84 70.83 -29.12
C ALA D 67 26.85 69.66 -28.14
N LYS D 68 25.68 69.18 -27.72
CA LYS D 68 25.62 68.03 -26.83
C LYS D 68 26.15 66.77 -27.49
N TRP D 69 25.92 66.62 -28.80
CA TRP D 69 26.45 65.46 -29.52
C TRP D 69 27.96 65.56 -29.69
N SER D 70 28.48 66.76 -29.92
CA SER D 70 29.92 66.92 -30.11
C SER D 70 30.69 66.82 -28.81
N ALA D 71 30.10 67.27 -27.69
CA ALA D 71 30.82 67.25 -26.42
C ALA D 71 30.79 65.89 -25.77
N PHE D 72 29.68 65.16 -25.90
CA PHE D 72 29.57 63.85 -25.26
C PHE D 72 30.46 62.81 -25.92
N TYR D 73 30.49 62.78 -27.25
CA TYR D 73 31.28 61.77 -27.94
C TYR D 73 32.77 61.96 -27.74
N GLU D 74 33.24 63.21 -27.72
CA GLU D 74 34.66 63.47 -27.59
C GLU D 74 35.18 63.12 -26.20
N GLU D 75 34.45 63.49 -25.15
CA GLU D 75 34.90 63.20 -23.79
C GLU D 75 34.90 61.71 -23.49
N GLN D 76 34.12 60.93 -24.21
CA GLN D 76 34.11 59.47 -24.01
C GLN D 76 35.10 58.76 -24.92
N SER D 77 35.34 59.27 -26.12
CA SER D 77 36.32 58.67 -27.01
C SER D 77 37.76 59.03 -26.62
N LYS D 78 37.96 60.16 -25.92
CA LYS D 78 39.30 60.50 -25.46
C LYS D 78 39.79 59.53 -24.40
N THR D 79 38.87 58.96 -23.62
CA THR D 79 39.23 57.92 -22.66
C THR D 79 39.32 56.54 -23.29
N ALA D 80 38.96 56.39 -24.56
CA ALA D 80 39.01 55.11 -25.24
C ALA D 80 40.40 54.78 -25.76
N GLN D 81 41.25 55.78 -25.98
CA GLN D 81 42.62 55.52 -26.43
C GLN D 81 43.47 54.88 -25.35
N SER D 82 43.07 54.99 -24.09
CA SER D 82 43.80 54.36 -22.99
C SER D 82 43.55 52.86 -22.92
N PHE D 83 42.55 52.35 -23.64
CA PHE D 83 42.26 50.92 -23.61
C PHE D 83 43.26 50.16 -24.49
N SER D 84 43.36 48.86 -24.24
CA SER D 84 44.23 47.99 -25.02
C SER D 84 43.42 47.32 -26.13
N LEU D 85 43.92 47.43 -27.35
CA LEU D 85 43.22 46.85 -28.50
C LEU D 85 43.73 45.47 -28.86
N GLN D 86 45.03 45.23 -28.76
CA GLN D 86 45.60 43.94 -29.12
C GLN D 86 45.35 42.87 -28.06
N GLU D 87 44.94 43.26 -26.85
CA GLU D 87 44.70 42.31 -25.77
C GLU D 87 43.26 41.82 -25.72
N ILE D 88 42.40 42.25 -26.65
CA ILE D 88 41.02 41.80 -26.67
C ILE D 88 40.94 40.48 -27.44
N GLN D 89 40.17 39.54 -26.91
CA GLN D 89 39.99 38.23 -27.53
C GLN D 89 38.69 38.09 -28.30
N THR D 90 37.60 38.65 -27.80
CA THR D 90 36.32 38.54 -28.47
C THR D 90 36.31 39.44 -29.71
N PRO D 91 35.90 38.92 -30.88
CA PRO D 91 35.94 39.76 -32.09
C PRO D 91 34.92 40.88 -32.10
N ILE D 92 33.68 40.63 -31.68
CA ILE D 92 32.64 41.64 -31.75
C ILE D 92 32.97 42.81 -30.82
N ILE D 93 33.46 42.51 -29.61
CA ILE D 93 33.77 43.56 -28.65
C ILE D 93 34.92 44.44 -29.13
N LYS D 94 35.98 43.85 -29.68
CA LYS D 94 37.09 44.66 -30.16
C LYS D 94 36.71 45.42 -31.43
N ARG D 95 35.84 44.84 -32.26
CA ARG D 95 35.37 45.57 -33.44
C ARG D 95 34.53 46.77 -33.05
N GLN D 96 33.69 46.64 -32.04
CA GLN D 96 32.89 47.76 -31.56
C GLN D 96 33.71 48.76 -30.78
N LEU D 97 34.83 48.34 -30.16
CA LEU D 97 35.70 49.26 -29.46
C LEU D 97 36.54 50.09 -30.42
N GLN D 98 37.14 49.44 -31.42
CA GLN D 98 37.98 50.16 -32.37
C GLN D 98 37.19 51.05 -33.31
N ALA D 99 35.91 50.72 -33.55
CA ALA D 99 35.06 51.61 -34.34
C ALA D 99 34.72 52.88 -33.58
N LEU D 100 34.79 52.85 -32.26
CA LEU D 100 34.54 54.02 -31.44
C LEU D 100 35.73 54.98 -31.45
N GLN D 101 36.94 54.47 -31.69
CA GLN D 101 38.14 55.29 -31.66
C GLN D 101 38.29 56.19 -32.89
N GLN D 102 37.40 56.08 -33.87
CA GLN D 102 37.45 56.93 -35.07
C GLN D 102 36.95 58.32 -34.69
N SER D 103 37.85 59.11 -34.10
CA SER D 103 37.53 60.47 -33.68
C SER D 103 37.88 61.50 -34.75
N GLY D 104 39.00 61.31 -35.44
CA GLY D 104 39.41 62.24 -36.48
C GLY D 104 40.45 63.24 -36.02
N SER D 105 40.01 64.48 -35.76
CA SER D 105 40.90 65.56 -35.36
C SER D 105 40.95 65.75 -33.85
N SER D 106 40.77 64.68 -33.06
CA SER D 106 40.80 64.81 -31.62
C SER D 106 42.20 65.08 -31.09
N ALA D 107 43.23 64.53 -31.73
CA ALA D 107 44.60 64.72 -31.30
C ALA D 107 45.20 66.03 -31.78
N LEU D 108 44.52 66.75 -32.67
CA LEU D 108 45.03 68.01 -33.19
C LEU D 108 44.72 69.16 -32.24
N SER D 109 45.27 70.33 -32.57
CA SER D 109 45.03 71.53 -31.79
C SER D 109 43.69 72.17 -32.19
N ALA D 110 43.31 73.20 -31.45
CA ALA D 110 42.05 73.89 -31.71
C ALA D 110 42.17 74.94 -32.81
N ASP D 111 43.35 75.53 -33.00
CA ASP D 111 43.52 76.57 -34.00
C ASP D 111 43.34 76.03 -35.41
N LYS D 112 43.99 74.91 -35.74
CA LYS D 112 43.85 74.34 -37.07
C LYS D 112 42.45 73.79 -37.32
N ASN D 113 41.80 73.25 -36.29
CA ASN D 113 40.41 72.82 -36.45
C ASN D 113 39.48 73.99 -36.69
N LYS D 114 39.68 75.10 -35.98
CA LYS D 114 38.89 76.31 -36.24
C LYS D 114 39.15 76.84 -37.64
N GLN D 115 40.40 76.80 -38.11
CA GLN D 115 40.70 77.23 -39.46
C GLN D 115 40.03 76.34 -40.50
N LEU D 116 40.05 75.02 -40.29
CA LEU D 116 39.38 74.11 -41.21
C LEU D 116 37.87 74.32 -41.20
N ASN D 117 37.29 74.64 -40.05
CA ASN D 117 35.86 74.92 -40.00
C ASN D 117 35.52 76.22 -40.73
N THR D 118 36.33 77.26 -40.53
CA THR D 118 36.08 78.54 -41.17
C THR D 118 36.28 78.47 -42.68
N ILE D 119 37.27 77.70 -43.15
CA ILE D 119 37.47 77.56 -44.59
C ILE D 119 36.25 76.90 -45.24
N LEU D 120 35.73 75.84 -44.63
CA LEU D 120 34.52 75.20 -45.14
C LEU D 120 33.31 76.12 -45.07
N ASN D 121 33.14 76.86 -43.97
CA ASN D 121 32.00 77.78 -43.87
C ASN D 121 32.09 78.89 -44.90
N THR D 122 33.30 79.33 -45.25
CA THR D 122 33.46 80.37 -46.26
C THR D 122 33.24 79.82 -47.67
N MET D 123 33.76 78.62 -47.95
CA MET D 123 33.63 78.05 -49.28
C MET D 123 32.23 77.50 -49.55
N SER D 124 31.44 77.23 -48.52
CA SER D 124 30.07 76.79 -48.72
C SER D 124 29.09 77.95 -48.82
N THR D 125 29.33 79.04 -48.10
CA THR D 125 28.43 80.19 -48.15
C THR D 125 28.45 80.86 -49.52
N ILE D 126 29.64 81.00 -50.12
CA ILE D 126 29.72 81.59 -51.45
C ILE D 126 29.23 80.61 -52.51
N TYR D 127 29.36 79.30 -52.26
CA TYR D 127 28.88 78.31 -53.21
C TYR D 127 27.35 78.22 -53.21
N SER D 128 26.72 78.47 -52.05
CA SER D 128 25.26 78.45 -51.99
C SER D 128 24.66 79.63 -52.74
N THR D 129 25.16 80.83 -52.48
CA THR D 129 24.70 82.05 -53.16
C THR D 129 25.62 82.36 -54.36
N GLY D 130 25.71 81.42 -55.30
CA GLY D 130 26.56 81.62 -56.47
C GLY D 130 25.81 82.34 -57.56
N LYS D 131 26.43 83.40 -58.09
CA LYS D 131 25.85 84.21 -59.14
C LYS D 131 26.62 83.97 -60.44
N VAL D 132 25.89 83.65 -61.50
CA VAL D 132 26.47 83.43 -62.83
C VAL D 132 25.69 84.33 -63.79
N CYS D 133 26.19 85.54 -64.01
CA CYS D 133 25.58 86.49 -64.93
C CYS D 133 26.44 86.55 -66.19
N ASN D 134 26.11 85.67 -67.15
CA ASN D 134 26.81 85.59 -68.43
C ASN D 134 28.31 85.38 -68.25
N GLU D 140 19.97 87.52 -68.43
CA GLU D 140 19.94 86.10 -68.08
C GLU D 140 20.96 85.79 -66.99
N CYS D 141 20.50 85.73 -65.74
CA CYS D 141 21.36 85.41 -64.60
C CYS D 141 20.51 84.73 -63.54
N LEU D 142 20.80 83.47 -63.27
CA LEU D 142 20.07 82.67 -62.30
C LEU D 142 21.03 82.09 -61.28
N LEU D 143 20.46 81.47 -60.24
CA LEU D 143 21.24 80.83 -59.18
C LEU D 143 21.56 79.39 -59.58
N LEU D 144 22.08 78.61 -58.64
CA LEU D 144 22.48 77.23 -58.91
C LEU D 144 21.28 76.34 -59.21
N GLU D 145 20.40 76.17 -58.22
CA GLU D 145 19.24 75.31 -58.40
C GLU D 145 18.15 76.00 -59.22
N PRO D 146 17.76 77.26 -58.90
CA PRO D 146 16.67 77.88 -59.69
C PRO D 146 17.10 78.54 -60.99
N GLY D 147 17.18 77.74 -62.06
CA GLY D 147 17.37 78.25 -63.41
C GLY D 147 18.55 77.66 -64.16
N LEU D 148 19.59 77.22 -63.46
CA LEU D 148 20.78 76.73 -64.15
C LEU D 148 20.54 75.37 -64.79
N ASP D 149 19.66 74.55 -64.20
CA ASP D 149 19.37 73.24 -64.76
C ASP D 149 18.33 73.31 -65.88
N GLU D 150 17.38 74.24 -65.79
CA GLU D 150 16.32 74.32 -66.80
C GLU D 150 16.86 74.80 -68.15
N ILE D 151 17.87 75.66 -68.14
CA ILE D 151 18.44 76.13 -69.39
C ILE D 151 19.26 75.04 -70.07
N MET D 152 19.86 74.14 -69.29
CA MET D 152 20.59 73.01 -69.87
C MET D 152 19.68 71.85 -70.22
N ALA D 153 18.49 71.78 -69.63
CA ALA D 153 17.56 70.68 -69.86
C ALA D 153 16.57 70.98 -71.00
N THR D 154 15.93 72.15 -70.95
CA THR D 154 14.93 72.48 -71.95
C THR D 154 15.56 73.02 -73.23
N SER D 155 16.33 74.09 -73.12
CA SER D 155 16.90 74.74 -74.30
C SER D 155 18.05 73.92 -74.87
N THR D 156 18.15 73.89 -76.20
CA THR D 156 19.19 73.16 -76.90
C THR D 156 20.04 74.08 -77.78
N ASP D 157 20.13 75.36 -77.42
CA ASP D 157 20.92 76.30 -78.20
C ASP D 157 22.41 76.12 -77.93
N TYR D 158 23.22 76.62 -78.85
CA TYR D 158 24.67 76.47 -78.71
C TYR D 158 25.23 77.39 -77.63
N ASN D 159 25.09 78.71 -77.81
CA ASN D 159 25.64 79.66 -76.86
C ASN D 159 24.91 79.65 -75.52
N SER D 160 23.61 79.37 -75.51
CA SER D 160 22.85 79.36 -74.27
C SER D 160 23.37 78.31 -73.31
N ARG D 161 23.85 77.18 -73.82
CA ARG D 161 24.49 76.16 -73.02
C ARG D 161 25.99 76.38 -72.87
N LEU D 162 26.64 76.96 -73.87
CA LEU D 162 28.07 77.24 -73.78
C LEU D 162 28.38 78.18 -72.63
N TRP D 163 27.67 79.31 -72.55
CA TRP D 163 27.89 80.25 -71.45
C TRP D 163 27.47 79.64 -70.12
N ALA D 164 26.39 78.86 -70.08
CA ALA D 164 25.96 78.26 -68.83
C ALA D 164 26.96 77.24 -68.32
N TRP D 165 27.72 76.61 -69.22
CA TRP D 165 28.75 75.66 -68.82
C TRP D 165 30.06 76.35 -68.46
N GLU D 166 30.36 77.47 -69.12
CA GLU D 166 31.62 78.17 -68.86
C GLU D 166 31.54 79.05 -67.63
N GLY D 167 30.63 80.03 -67.63
CA GLY D 167 30.55 80.98 -66.53
C GLY D 167 30.14 80.36 -65.21
N TRP D 168 29.61 79.13 -65.23
CA TRP D 168 29.29 78.44 -63.99
C TRP D 168 30.53 78.19 -63.15
N ARG D 169 31.64 77.84 -63.81
CA ARG D 169 32.90 77.58 -63.13
C ARG D 169 33.89 78.74 -63.23
N ALA D 170 33.77 79.58 -64.27
CA ALA D 170 34.75 80.64 -64.49
C ALA D 170 34.83 81.63 -63.33
N GLU D 171 33.77 81.74 -62.53
CA GLU D 171 33.79 82.60 -61.36
C GLU D 171 33.70 81.85 -60.03
N VAL D 172 33.55 80.54 -60.06
CA VAL D 172 33.59 79.74 -58.84
C VAL D 172 35.00 79.21 -58.58
N GLY D 173 35.62 78.58 -59.59
CA GLY D 173 36.98 78.12 -59.45
C GLY D 173 37.98 79.26 -59.38
N LYS D 174 37.62 80.42 -59.92
CA LYS D 174 38.48 81.59 -59.82
C LYS D 174 38.62 82.05 -58.38
N GLN D 175 37.59 81.85 -57.56
CA GLN D 175 37.64 82.25 -56.16
C GLN D 175 38.05 81.10 -55.25
N LEU D 176 37.73 79.86 -55.62
CA LEU D 176 38.08 78.71 -54.79
C LEU D 176 39.49 78.20 -55.03
N ARG D 177 40.31 78.92 -55.79
CA ARG D 177 41.68 78.49 -56.06
C ARG D 177 42.56 78.61 -54.81
N PRO D 178 42.63 79.78 -54.15
CA PRO D 178 43.52 79.87 -52.98
C PRO D 178 43.01 79.15 -51.76
N LEU D 179 41.72 78.79 -51.72
CA LEU D 179 41.15 78.09 -50.58
C LEU D 179 41.33 76.58 -50.66
N TYR D 180 41.31 76.00 -51.87
CA TYR D 180 41.41 74.57 -52.05
C TYR D 180 42.76 74.02 -51.61
N GLU D 181 43.85 74.78 -51.81
CA GLU D 181 45.16 74.35 -51.33
C GLU D 181 45.14 74.05 -49.84
N GLU D 182 44.75 75.04 -49.04
CA GLU D 182 44.63 74.84 -47.60
C GLU D 182 43.57 73.82 -47.23
N TYR D 183 42.45 73.76 -47.95
CA TYR D 183 41.41 72.77 -47.66
C TYR D 183 41.94 71.34 -47.81
N VAL D 184 42.86 71.12 -48.76
CA VAL D 184 43.45 69.79 -48.92
C VAL D 184 44.55 69.57 -47.89
N VAL D 185 45.40 70.59 -47.68
CA VAL D 185 46.57 70.43 -46.82
C VAL D 185 46.15 70.20 -45.37
N LEU D 186 45.06 70.84 -44.93
CA LEU D 186 44.62 70.68 -43.55
C LEU D 186 44.26 69.24 -43.24
N LYS D 187 43.44 68.60 -44.07
CA LYS D 187 43.12 67.20 -43.85
C LYS D 187 44.29 66.28 -44.16
N ASN D 188 45.19 66.66 -45.07
CA ASN D 188 46.38 65.85 -45.30
C ASN D 188 47.27 65.78 -44.07
N GLU D 189 47.44 66.90 -43.37
CA GLU D 189 48.23 66.89 -42.14
C GLU D 189 47.42 66.38 -40.94
N MET D 190 46.09 66.44 -41.03
CA MET D 190 45.26 65.82 -39.99
C MET D 190 45.34 64.30 -40.05
N ALA D 191 45.47 63.73 -41.26
CA ALA D 191 45.63 62.30 -41.38
C ALA D 191 46.97 61.83 -40.82
N ARG D 192 47.93 62.75 -40.64
CA ARG D 192 49.22 62.39 -40.07
C ARG D 192 49.09 61.97 -38.61
N ALA D 193 48.15 62.56 -37.87
CA ALA D 193 47.97 62.20 -36.47
C ALA D 193 47.25 60.87 -36.30
N ASN D 194 46.54 60.42 -37.33
CA ASN D 194 45.82 59.15 -37.30
C ASN D 194 46.68 57.99 -37.79
N ASN D 195 47.98 58.21 -38.00
CA ASN D 195 48.91 57.18 -38.47
C ASN D 195 48.50 56.65 -39.84
N TYR D 196 48.36 57.56 -40.80
CA TYR D 196 48.06 57.19 -42.17
C TYR D 196 48.77 58.17 -43.11
N ASN D 197 48.92 57.74 -44.36
CA ASN D 197 49.66 58.55 -45.33
C ASN D 197 48.92 59.83 -45.68
N ASP D 198 47.64 59.72 -46.03
CA ASP D 198 46.85 60.88 -46.44
C ASP D 198 45.39 60.64 -46.08
N TYR D 199 44.58 61.67 -46.32
CA TYR D 199 43.16 61.58 -46.02
C TYR D 199 42.42 60.67 -46.99
N GLY D 200 43.06 60.29 -48.10
CA GLY D 200 42.41 59.40 -49.05
C GLY D 200 42.15 58.02 -48.49
N ASP D 201 43.00 57.55 -47.58
CA ASP D 201 42.81 56.25 -46.94
C ASP D 201 41.66 56.26 -45.94
N TYR D 202 41.23 57.44 -45.49
CA TYR D 202 40.10 57.50 -44.55
C TYR D 202 38.78 57.18 -45.24
N TRP D 203 38.67 57.49 -46.54
CA TRP D 203 37.48 57.11 -47.29
C TRP D 203 37.45 55.60 -47.53
N ARG D 204 38.63 55.00 -47.76
CA ARG D 204 38.75 53.56 -47.95
C ARG D 204 38.76 52.80 -46.62
N GLY D 205 38.79 53.50 -45.49
CA GLY D 205 38.78 52.82 -44.20
C GLY D 205 37.47 52.17 -43.84
N ASP D 206 36.37 52.59 -44.48
CA ASP D 206 35.08 51.96 -44.23
C ASP D 206 34.98 50.60 -44.88
N TYR D 207 35.77 50.33 -45.92
CA TYR D 207 35.75 49.04 -46.61
C TYR D 207 36.85 48.15 -46.05
N GLU D 208 36.64 47.70 -44.82
CA GLU D 208 37.57 46.79 -44.15
C GLU D 208 36.80 45.67 -43.49
N ALA D 209 37.35 44.47 -43.55
CA ALA D 209 36.75 43.29 -42.95
C ALA D 209 37.70 42.69 -41.92
N GLU D 210 37.13 42.27 -40.79
CA GLU D 210 37.90 41.67 -39.69
C GLU D 210 37.21 40.38 -39.27
N GLY D 211 37.99 39.30 -39.19
CA GLY D 211 37.43 38.01 -38.84
C GLY D 211 38.43 36.89 -38.91
N ALA D 212 38.10 35.80 -39.60
CA ALA D 212 38.99 34.66 -39.73
C ALA D 212 40.12 35.00 -40.71
N ASP D 213 40.98 34.03 -40.98
CA ASP D 213 42.10 34.25 -41.89
C ASP D 213 41.66 34.37 -43.33
N GLY D 214 40.51 33.80 -43.69
CA GLY D 214 40.00 33.86 -45.04
C GLY D 214 39.18 35.08 -45.37
N TYR D 215 39.01 36.01 -44.43
CA TYR D 215 38.21 37.21 -44.65
C TYR D 215 39.04 38.48 -44.49
N ASN D 216 40.36 38.40 -44.70
CA ASN D 216 41.21 39.57 -44.60
C ASN D 216 40.98 40.51 -45.78
N TYR D 217 40.94 41.81 -45.48
CA TYR D 217 40.71 42.83 -46.51
C TYR D 217 41.30 44.14 -46.02
N ASN D 218 42.35 44.59 -46.69
CA ASN D 218 43.00 45.86 -46.33
C ASN D 218 42.32 47.02 -47.04
N ARG D 219 42.54 48.22 -46.51
CA ARG D 219 41.97 49.43 -47.09
C ARG D 219 42.72 49.90 -48.33
N ASN D 220 43.87 49.29 -48.64
CA ASN D 220 44.64 49.63 -49.83
C ASN D 220 44.59 48.54 -50.89
N GLN D 221 43.64 47.61 -50.79
CA GLN D 221 43.54 46.49 -51.73
C GLN D 221 42.56 46.77 -52.86
N LEU D 222 41.54 47.59 -52.61
CA LEU D 222 40.51 47.87 -53.61
C LEU D 222 40.99 48.82 -54.71
N ILE D 223 42.27 49.18 -54.72
CA ILE D 223 42.79 50.05 -55.77
C ILE D 223 42.83 49.32 -57.11
N GLU D 224 43.37 48.10 -57.11
CA GLU D 224 43.39 47.30 -58.33
C GLU D 224 42.04 46.70 -58.67
N ASP D 225 41.20 46.42 -57.65
CA ASP D 225 39.92 45.76 -57.89
C ASP D 225 38.95 46.66 -58.63
N VAL D 226 38.84 47.93 -58.25
CA VAL D 226 37.95 48.85 -58.96
C VAL D 226 38.41 49.03 -60.40
N GLU D 227 39.72 49.10 -60.63
CA GLU D 227 40.21 49.24 -62.00
C GLU D 227 39.92 47.99 -62.83
N ARG D 228 40.15 46.81 -62.26
CA ARG D 228 39.90 45.56 -62.98
C ARG D 228 38.41 45.32 -63.21
N THR D 229 37.53 45.87 -62.37
CA THR D 229 36.11 45.76 -62.62
C THR D 229 35.63 46.78 -63.64
N PHE D 230 36.16 48.01 -63.60
CA PHE D 230 35.81 49.00 -64.60
C PHE D 230 36.32 48.63 -65.98
N ALA D 231 37.45 47.91 -66.07
CA ALA D 231 37.93 47.45 -67.37
C ALA D 231 36.96 46.47 -68.01
N GLU D 232 36.26 45.67 -67.21
CA GLU D 232 35.25 44.75 -67.72
C GLU D 232 33.89 45.40 -67.87
N ILE D 233 33.64 46.49 -67.15
CA ILE D 233 32.40 47.25 -67.36
C ILE D 233 32.49 48.06 -68.65
N LYS D 234 33.70 48.46 -69.04
CA LYS D 234 33.97 49.30 -70.20
C LYS D 234 33.34 48.80 -71.50
N PRO D 235 33.34 47.50 -71.80
CA PRO D 235 32.68 47.05 -73.04
C PRO D 235 31.24 47.48 -73.17
N LEU D 236 30.52 47.66 -72.06
CA LEU D 236 29.16 48.19 -72.14
C LEU D 236 29.16 49.69 -72.35
N TYR D 237 30.01 50.42 -71.62
CA TYR D 237 30.11 51.86 -71.78
C TYR D 237 30.67 52.23 -73.15
N GLU D 238 31.59 51.43 -73.70
CA GLU D 238 32.11 51.72 -75.03
C GLU D 238 31.03 51.54 -76.10
N HIS D 239 30.12 50.58 -75.91
CA HIS D 239 29.03 50.41 -76.86
C HIS D 239 27.96 51.48 -76.69
N LEU D 240 27.75 51.95 -75.46
CA LEU D 240 26.78 53.01 -75.24
C LEU D 240 27.29 54.37 -75.73
N HIS D 241 28.59 54.62 -75.62
CA HIS D 241 29.14 55.92 -76.02
C HIS D 241 29.06 56.12 -77.53
N ALA D 242 29.22 55.06 -78.31
CA ALA D 242 29.06 55.19 -79.76
C ALA D 242 27.62 55.50 -80.15
N TYR D 243 26.65 54.90 -79.46
CA TYR D 243 25.25 55.24 -79.71
C TYR D 243 24.97 56.68 -79.30
N VAL D 244 25.55 57.14 -78.19
CA VAL D 244 25.37 58.53 -77.79
C VAL D 244 26.02 59.47 -78.81
N ARG D 245 27.15 59.08 -79.39
CA ARG D 245 27.77 59.88 -80.45
C ARG D 245 26.86 59.98 -81.66
N ARG D 246 26.46 58.84 -82.22
CA ARG D 246 25.67 58.82 -83.44
C ARG D 246 24.23 59.27 -83.23
N LYS D 247 23.79 59.45 -81.98
CA LYS D 247 22.46 59.99 -81.73
C LYS D 247 22.46 61.52 -81.71
N LEU D 248 23.63 62.14 -81.58
CA LEU D 248 23.76 63.59 -81.56
C LEU D 248 24.10 64.17 -82.92
N MET D 249 24.13 63.35 -83.97
CA MET D 249 24.48 63.84 -85.30
C MET D 249 23.39 64.71 -85.90
N ASP D 250 22.15 64.60 -85.42
CA ASP D 250 21.05 65.40 -85.93
C ASP D 250 20.81 66.67 -85.11
N THR D 251 21.72 67.00 -84.20
CA THR D 251 21.59 68.19 -83.37
C THR D 251 22.72 69.18 -83.56
N TYR D 252 23.96 68.71 -83.66
CA TYR D 252 25.13 69.57 -83.84
C TYR D 252 26.06 68.92 -84.85
N PRO D 253 26.01 69.35 -86.11
CA PRO D 253 26.89 68.73 -87.12
C PRO D 253 28.34 69.18 -87.00
N SER D 254 28.58 70.43 -86.63
CA SER D 254 29.92 71.00 -86.56
C SER D 254 30.50 70.97 -85.16
N TYR D 255 29.84 70.30 -84.21
CA TYR D 255 30.33 70.22 -82.85
C TYR D 255 30.40 68.81 -82.28
N ILE D 256 29.83 67.82 -82.97
CA ILE D 256 29.88 66.42 -82.52
C ILE D 256 30.95 65.70 -83.33
N SER D 257 31.86 65.02 -82.64
CA SER D 257 32.93 64.32 -83.31
C SER D 257 32.38 63.08 -84.01
N PRO D 258 32.93 62.73 -85.18
CA PRO D 258 32.45 61.52 -85.87
C PRO D 258 32.84 60.24 -85.15
N THR D 259 34.07 60.17 -84.62
CA THR D 259 34.53 58.99 -83.90
C THR D 259 35.33 59.33 -82.66
N GLY D 260 35.21 60.55 -82.16
CA GLY D 260 35.98 60.97 -80.98
C GLY D 260 35.12 61.28 -79.78
N CYS D 261 35.65 62.09 -78.87
CA CYS D 261 34.95 62.46 -77.66
C CYS D 261 33.82 63.44 -77.97
N LEU D 262 32.98 63.68 -76.98
CA LEU D 262 31.80 64.52 -77.09
C LEU D 262 31.89 65.71 -76.14
N PRO D 263 31.21 66.82 -76.46
CA PRO D 263 31.23 67.97 -75.55
C PRO D 263 30.55 67.66 -74.23
N ALA D 264 30.82 68.50 -73.23
CA ALA D 264 30.29 68.32 -71.89
C ALA D 264 28.94 69.01 -71.70
N HIS D 265 28.74 70.17 -72.31
CA HIS D 265 27.50 70.92 -72.16
C HIS D 265 26.37 70.39 -73.04
N LEU D 266 26.58 69.29 -73.74
CA LEU D 266 25.55 68.72 -74.61
C LEU D 266 25.03 67.38 -74.09
N LEU D 267 25.21 67.11 -72.80
CA LEU D 267 24.73 65.87 -72.19
C LEU D 267 23.56 66.09 -71.24
N GLY D 268 23.05 67.32 -71.14
CA GLY D 268 21.93 67.60 -70.26
C GLY D 268 22.28 67.72 -68.79
N ASP D 269 23.56 67.90 -68.46
CA ASP D 269 23.97 68.01 -67.07
C ASP D 269 25.22 68.88 -67.02
N MET D 270 25.51 69.39 -65.81
CA MET D 270 26.68 70.24 -65.63
C MET D 270 27.99 69.47 -65.79
N TRP D 271 28.02 68.23 -65.32
CA TRP D 271 29.21 67.39 -65.41
C TRP D 271 29.01 66.13 -66.23
N GLY D 272 27.80 65.85 -66.71
CA GLY D 272 27.55 64.63 -67.44
C GLY D 272 27.51 63.40 -66.56
N ARG D 273 27.08 63.54 -65.31
CA ARG D 273 27.06 62.39 -64.40
C ARG D 273 25.89 61.47 -64.73
N PHE D 274 24.66 61.99 -64.63
CA PHE D 274 23.46 61.24 -64.96
C PHE D 274 22.83 61.83 -66.22
N TRP D 275 22.58 60.98 -67.21
CA TRP D 275 21.99 61.40 -68.49
C TRP D 275 20.47 61.26 -68.47
N THR D 276 19.82 61.90 -67.49
CA THR D 276 18.37 61.83 -67.41
C THR D 276 17.71 62.67 -68.50
N ASN D 277 18.22 63.88 -68.73
CA ASN D 277 17.68 64.73 -69.78
C ASN D 277 18.08 64.25 -71.17
N LEU D 278 19.06 63.35 -71.27
CA LEU D 278 19.45 62.79 -72.55
C LEU D 278 18.45 61.74 -73.04
N TYR D 279 17.50 61.34 -72.20
CA TYR D 279 16.55 60.30 -72.59
C TYR D 279 15.59 60.73 -73.71
N PRO D 280 14.93 61.89 -73.65
CA PRO D 280 13.97 62.23 -74.72
C PRO D 280 14.60 62.37 -76.10
N LEU D 281 15.91 62.59 -76.20
CA LEU D 281 16.58 62.70 -77.48
C LEU D 281 17.33 61.45 -77.89
N THR D 282 17.46 60.46 -77.00
CA THR D 282 18.09 59.19 -77.29
C THR D 282 17.10 58.03 -77.18
N VAL D 283 15.89 58.24 -77.66
CA VAL D 283 14.85 57.21 -77.57
C VAL D 283 15.16 56.10 -78.56
N PRO D 284 15.27 54.84 -78.13
CA PRO D 284 15.54 53.74 -79.06
C PRO D 284 14.37 53.49 -80.01
N PHE D 285 13.16 53.56 -79.48
CA PHE D 285 11.94 53.34 -80.27
C PHE D 285 11.03 54.54 -80.08
N ALA D 286 10.99 55.43 -81.07
CA ALA D 286 10.17 56.63 -80.96
C ALA D 286 8.67 56.31 -80.97
N GLN D 287 8.27 55.21 -81.58
CA GLN D 287 6.86 54.82 -81.60
C GLN D 287 6.44 54.07 -80.35
N LYS D 288 7.37 53.77 -79.44
CA LYS D 288 7.06 53.07 -78.20
C LYS D 288 7.49 53.93 -77.02
N PRO D 289 6.59 54.73 -76.44
CA PRO D 289 6.97 55.57 -75.30
C PRO D 289 7.23 54.75 -74.04
N ASN D 290 7.56 55.43 -72.95
CA ASN D 290 7.83 54.77 -71.68
C ASN D 290 6.52 54.32 -71.04
N ILE D 291 6.64 53.67 -69.88
CA ILE D 291 5.47 53.19 -69.15
C ILE D 291 4.70 54.39 -68.61
N ASP D 292 3.43 54.50 -69.01
CA ASP D 292 2.57 55.61 -68.61
C ASP D 292 1.44 55.05 -67.76
N VAL D 293 1.62 55.08 -66.44
CA VAL D 293 0.63 54.63 -65.49
C VAL D 293 0.18 55.74 -64.55
N THR D 294 0.56 56.99 -64.85
CA THR D 294 0.19 58.10 -63.98
C THR D 294 -1.27 58.48 -64.15
N ASP D 295 -1.77 58.44 -65.39
CA ASP D 295 -3.15 58.85 -65.65
C ASP D 295 -4.17 57.95 -64.97
N ALA D 296 -3.84 56.68 -64.75
CA ALA D 296 -4.77 55.76 -64.09
C ALA D 296 -4.79 55.94 -62.58
N MET D 297 -3.93 56.80 -62.03
CA MET D 297 -3.83 57.01 -60.59
C MET D 297 -4.66 58.19 -60.10
N MET D 298 -5.59 58.68 -60.91
CA MET D 298 -6.49 59.76 -60.49
C MET D 298 -7.97 59.45 -60.69
N ASN D 299 -8.32 58.49 -61.53
CA ASN D 299 -9.72 58.12 -61.73
C ASN D 299 -10.17 56.96 -60.85
N GLN D 300 -9.24 56.13 -60.40
CA GLN D 300 -9.59 55.00 -59.55
C GLN D 300 -9.87 55.42 -58.11
N GLY D 301 -9.31 56.54 -57.66
CA GLY D 301 -9.50 56.99 -56.29
C GLY D 301 -8.27 56.78 -55.43
N TRP D 302 -7.10 56.99 -56.01
CA TRP D 302 -5.85 56.81 -55.27
C TRP D 302 -5.68 57.89 -54.22
N ASP D 303 -5.15 57.50 -53.06
CA ASP D 303 -4.89 58.40 -51.96
C ASP D 303 -3.44 58.26 -51.52
N ALA D 304 -3.00 59.20 -50.68
CA ALA D 304 -1.61 59.18 -50.21
C ALA D 304 -1.38 58.07 -49.19
N GLU D 305 -2.41 57.73 -48.41
CA GLU D 305 -2.26 56.71 -47.38
C GLU D 305 -2.36 55.29 -47.92
N ARG D 306 -3.10 55.07 -49.01
CA ARG D 306 -3.24 53.73 -49.57
C ARG D 306 -2.00 53.27 -50.31
N ILE D 307 -1.06 54.17 -50.60
CA ILE D 307 0.18 53.76 -51.26
C ILE D 307 1.09 53.01 -50.29
N PHE D 308 1.26 53.55 -49.09
CA PHE D 308 2.17 52.96 -48.11
C PHE D 308 1.69 51.62 -47.59
N GLN D 309 0.37 51.43 -47.44
CA GLN D 309 -0.12 50.13 -47.01
C GLN D 309 0.14 49.05 -48.06
N GLU D 310 -0.01 49.38 -49.34
CA GLU D 310 0.34 48.44 -50.41
C GLU D 310 1.84 48.19 -50.48
N ALA D 311 2.66 49.22 -50.28
CA ALA D 311 4.10 49.02 -50.24
C ALA D 311 4.52 48.13 -49.08
N GLU D 312 3.84 48.26 -47.94
CA GLU D 312 4.13 47.40 -46.79
C GLU D 312 3.64 45.98 -47.03
N LYS D 313 2.49 45.81 -47.67
CA LYS D 313 2.01 44.47 -48.00
C LYS D 313 2.94 43.78 -48.99
N PHE D 314 3.50 44.53 -49.94
CA PHE D 314 4.44 43.96 -50.89
C PHE D 314 5.69 43.42 -50.21
N PHE D 315 6.08 43.97 -49.07
CA PHE D 315 7.20 43.46 -48.30
C PHE D 315 6.80 42.38 -47.30
N VAL D 316 5.58 42.43 -46.78
CA VAL D 316 5.08 41.37 -45.91
C VAL D 316 4.91 40.08 -46.71
N SER D 317 4.60 40.20 -48.01
CA SER D 317 4.41 39.02 -48.85
C SER D 317 5.66 38.16 -48.96
N VAL D 318 6.84 38.74 -48.74
CA VAL D 318 8.08 37.96 -48.81
C VAL D 318 8.54 37.45 -47.45
N GLY D 319 7.80 37.75 -46.38
CA GLY D 319 8.17 37.28 -45.07
C GLY D 319 8.91 38.29 -44.22
N LEU D 320 8.42 39.53 -44.19
CA LEU D 320 9.01 40.60 -43.40
C LEU D 320 8.11 40.95 -42.22
N PRO D 321 8.69 41.17 -41.03
CA PRO D 321 7.87 41.54 -39.88
C PRO D 321 7.13 42.85 -40.10
N HIS D 322 6.01 42.99 -39.39
CA HIS D 322 5.16 44.16 -39.53
C HIS D 322 5.79 45.38 -38.87
N MET D 323 5.37 46.56 -39.33
CA MET D 323 5.86 47.81 -38.76
C MET D 323 4.90 48.31 -37.69
N THR D 324 5.45 49.10 -36.75
CA THR D 324 4.67 49.61 -35.64
C THR D 324 3.70 50.69 -36.09
N GLN D 325 2.86 51.14 -35.16
CA GLN D 325 1.86 52.16 -35.43
C GLN D 325 2.46 53.55 -35.61
N GLY D 326 3.70 53.77 -35.19
CA GLY D 326 4.33 55.07 -35.31
C GLY D 326 4.40 55.59 -36.73
N PHE D 327 4.55 54.70 -37.71
CA PHE D 327 4.58 55.13 -39.11
C PHE D 327 3.25 55.75 -39.54
N TRP D 328 2.14 55.20 -39.05
CA TRP D 328 0.84 55.76 -39.38
C TRP D 328 0.37 56.81 -38.38
N ALA D 329 1.10 57.01 -37.29
CA ALA D 329 0.71 57.94 -36.24
C ALA D 329 1.48 59.24 -36.23
N ASN D 330 2.82 59.18 -36.24
CA ASN D 330 3.63 60.38 -36.07
C ASN D 330 4.47 60.73 -37.30
N SER D 331 4.48 59.90 -38.33
CA SER D 331 5.27 60.16 -39.52
C SER D 331 4.54 61.14 -40.43
N MET D 332 5.31 61.97 -41.12
CA MET D 332 4.78 62.98 -42.03
C MET D 332 4.76 62.40 -43.44
N LEU D 333 3.60 61.91 -43.86
CA LEU D 333 3.44 61.34 -45.20
C LEU D 333 2.88 62.35 -46.19
N THR D 334 1.74 62.93 -45.88
CA THR D 334 1.09 63.90 -46.75
C THR D 334 1.52 65.31 -46.36
N GLU D 335 1.78 66.15 -47.36
CA GLU D 335 2.19 67.53 -47.12
C GLU D 335 1.07 68.30 -46.47
N PRO D 336 1.20 68.72 -45.22
CA PRO D 336 0.08 69.39 -44.54
C PRO D 336 -0.10 70.83 -45.01
N ALA D 337 -1.32 71.15 -45.39
CA ALA D 337 -1.67 72.50 -45.84
C ALA D 337 -2.17 73.35 -44.69
N ASP D 338 -1.32 73.47 -43.67
CA ASP D 338 -1.63 74.24 -42.46
C ASP D 338 -0.55 75.28 -42.19
N GLY D 339 -0.05 75.93 -43.23
CA GLY D 339 1.01 76.91 -43.06
C GLY D 339 2.33 76.34 -42.61
N ARG D 340 2.65 75.12 -43.02
CA ARG D 340 3.86 74.43 -42.60
C ARG D 340 4.83 74.43 -43.78
N LYS D 341 5.97 75.10 -43.62
CA LYS D 341 6.99 75.21 -44.65
C LYS D 341 8.06 74.15 -44.41
N VAL D 342 8.16 73.19 -45.33
CA VAL D 342 9.13 72.11 -45.23
C VAL D 342 9.73 71.86 -46.61
N VAL D 343 11.04 71.59 -46.63
CA VAL D 343 11.71 71.31 -47.90
C VAL D 343 11.35 69.92 -48.39
N CYS D 344 10.95 69.03 -47.49
CA CYS D 344 10.52 67.64 -47.78
C CYS D 344 11.43 66.98 -48.82
N HIS D 345 12.72 66.90 -48.47
CA HIS D 345 13.64 66.19 -49.33
C HIS D 345 13.67 64.71 -48.95
N PRO D 346 13.79 63.81 -49.93
CA PRO D 346 13.72 62.37 -49.61
C PRO D 346 14.89 61.89 -48.78
N THR D 347 14.63 61.53 -47.52
CA THR D 347 15.65 61.02 -46.63
C THR D 347 14.99 60.11 -45.59
N ALA D 348 15.77 59.13 -45.14
CA ALA D 348 15.31 58.18 -44.11
C ALA D 348 16.12 58.43 -42.85
N TRP D 349 15.49 59.06 -41.87
CA TRP D 349 16.15 59.41 -40.61
C TRP D 349 15.76 58.41 -39.54
N ASP D 350 16.75 57.84 -38.86
CA ASP D 350 16.54 56.84 -37.82
C ASP D 350 16.71 57.52 -36.47
N LEU D 351 15.62 57.58 -35.70
CA LEU D 351 15.67 58.17 -34.37
C LEU D 351 16.23 57.20 -33.34
N GLY D 352 15.97 55.92 -33.50
CA GLY D 352 16.50 54.91 -32.61
C GLY D 352 15.39 54.13 -31.91
N HIS D 353 15.74 52.92 -31.46
CA HIS D 353 14.88 52.00 -30.74
C HIS D 353 13.45 51.96 -31.30
N GLY D 354 13.32 51.68 -32.59
CA GLY D 354 12.02 51.48 -33.19
C GLY D 354 11.30 52.74 -33.64
N ASP D 355 11.89 53.91 -33.48
CA ASP D 355 11.27 55.17 -33.87
C ASP D 355 11.69 55.59 -35.28
N PHE D 356 11.42 54.74 -36.26
CA PHE D 356 11.77 55.05 -37.63
C PHE D 356 10.70 55.92 -38.28
N ARG D 357 11.13 56.80 -39.17
CA ARG D 357 10.24 57.78 -39.79
C ARG D 357 10.89 58.31 -41.06
N ILE D 358 10.04 58.66 -42.03
CA ILE D 358 10.48 59.23 -43.30
C ILE D 358 9.78 60.56 -43.49
N LYS D 359 10.44 61.48 -44.21
CA LYS D 359 9.89 62.80 -44.52
C LYS D 359 10.01 63.03 -46.03
N MET D 360 8.87 62.96 -46.73
CA MET D 360 8.83 63.12 -48.16
C MET D 360 7.54 63.83 -48.57
N CYS D 361 7.60 64.57 -49.67
CA CYS D 361 6.41 65.16 -50.27
C CYS D 361 5.73 64.14 -51.17
N THR D 362 4.89 63.32 -50.55
CA THR D 362 4.22 62.24 -51.24
C THR D 362 3.26 62.77 -52.29
N LYS D 363 3.42 62.28 -53.52
CA LYS D 363 2.60 62.66 -54.65
C LYS D 363 2.11 61.40 -55.36
N VAL D 364 1.21 61.57 -56.32
CA VAL D 364 0.59 60.46 -57.02
C VAL D 364 1.41 60.04 -58.24
N THR D 365 2.59 60.63 -58.44
CA THR D 365 3.41 60.31 -59.58
C THR D 365 4.16 58.99 -59.37
N MET D 366 4.88 58.56 -60.41
CA MET D 366 5.55 57.27 -60.38
C MET D 366 6.95 57.35 -59.81
N ASP D 367 7.70 58.41 -60.16
CA ASP D 367 9.04 58.55 -59.61
C ASP D 367 9.01 58.72 -58.10
N ASN D 368 8.04 59.47 -57.57
CA ASN D 368 7.88 59.56 -56.13
C ASN D 368 7.38 58.26 -55.52
N PHE D 369 6.62 57.45 -56.27
CA PHE D 369 6.26 56.12 -55.81
C PHE D 369 7.50 55.24 -55.63
N LEU D 370 8.40 55.26 -56.62
CA LEU D 370 9.67 54.53 -56.49
C LEU D 370 10.55 55.09 -55.38
N THR D 371 10.55 56.41 -55.17
CA THR D 371 11.30 56.98 -54.06
C THR D 371 10.72 56.55 -52.71
N ALA D 372 9.39 56.46 -52.62
CA ALA D 372 8.77 55.97 -51.39
C ALA D 372 9.11 54.51 -51.17
N HIS D 373 9.15 53.69 -52.22
CA HIS D 373 9.62 52.32 -52.09
C HIS D 373 11.07 52.25 -51.64
N HIS D 374 11.93 53.12 -52.17
CA HIS D 374 13.33 53.19 -51.75
C HIS D 374 13.44 53.54 -50.26
N GLU D 375 12.65 54.50 -49.81
CA GLU D 375 12.62 54.85 -48.39
C GLU D 375 12.07 53.73 -47.53
N MET D 376 11.08 52.99 -48.01
CA MET D 376 10.58 51.83 -47.27
C MET D 376 11.66 50.75 -47.16
N GLY D 377 12.43 50.53 -48.22
CA GLY D 377 13.55 49.62 -48.13
C GLY D 377 14.63 50.08 -47.17
N HIS D 378 14.89 51.39 -47.15
CA HIS D 378 15.84 51.94 -46.18
C HIS D 378 15.35 51.71 -44.74
N ILE D 379 14.06 51.91 -44.50
CA ILE D 379 13.50 51.68 -43.17
C ILE D 379 13.56 50.20 -42.82
N GLN D 380 13.29 49.32 -43.79
CA GLN D 380 13.40 47.88 -43.55
C GLN D 380 14.83 47.49 -43.17
N TYR D 381 15.82 48.07 -43.85
CA TYR D 381 17.22 47.83 -43.48
C TYR D 381 17.54 48.36 -42.09
N ASP D 382 17.11 49.58 -41.77
CA ASP D 382 17.41 50.17 -40.47
C ASP D 382 16.77 49.38 -39.33
N MET D 383 15.56 48.85 -39.56
CA MET D 383 14.88 48.07 -38.54
C MET D 383 15.42 46.66 -38.42
N ALA D 384 16.22 46.19 -39.39
CA ALA D 384 16.73 44.82 -39.35
C ALA D 384 17.73 44.64 -38.22
N TYR D 385 18.73 45.53 -38.14
CA TYR D 385 19.77 45.44 -37.11
C TYR D 385 19.44 46.28 -35.87
N ALA D 386 18.16 46.47 -35.58
CA ALA D 386 17.77 47.24 -34.40
C ALA D 386 18.04 46.51 -33.09
N ARG D 387 18.33 45.20 -33.15
CA ARG D 387 18.63 44.45 -31.93
C ARG D 387 20.01 44.75 -31.38
N GLN D 388 20.93 45.25 -32.21
CA GLN D 388 22.29 45.55 -31.79
C GLN D 388 22.33 46.90 -31.07
N PRO D 389 23.39 47.14 -30.28
CA PRO D 389 23.52 48.43 -29.58
C PRO D 389 23.65 49.61 -30.53
N PHE D 390 23.69 50.83 -29.98
CA PHE D 390 23.73 52.03 -30.81
C PHE D 390 25.02 52.15 -31.60
N LEU D 391 26.14 51.66 -31.07
CA LEU D 391 27.39 51.67 -31.81
C LEU D 391 27.38 50.69 -32.99
N LEU D 392 26.47 49.72 -32.99
CA LEU D 392 26.33 48.78 -34.09
C LEU D 392 25.13 49.10 -34.98
N ARG D 393 24.61 50.33 -34.89
CA ARG D 393 23.48 50.77 -35.72
C ARG D 393 23.97 51.37 -37.04
N ASN D 394 24.76 50.60 -37.78
CA ASN D 394 25.30 51.06 -39.04
C ASN D 394 25.57 49.86 -39.94
N GLY D 395 25.68 50.12 -41.23
CA GLY D 395 26.01 49.08 -42.18
C GLY D 395 27.48 48.72 -42.15
N ALA D 396 27.81 47.63 -42.84
CA ALA D 396 29.19 47.18 -42.90
C ALA D 396 30.07 48.17 -43.65
N ASN D 397 29.53 48.81 -44.68
CA ASN D 397 30.28 49.81 -45.45
C ASN D 397 29.32 50.95 -45.77
N GLU D 398 29.75 51.86 -46.65
CA GLU D 398 28.92 52.97 -47.08
C GLU D 398 28.12 52.65 -48.33
N GLY D 399 28.04 51.37 -48.70
CA GLY D 399 27.29 50.98 -49.89
C GLY D 399 26.05 50.17 -49.56
N PHE D 400 26.08 49.44 -48.45
CA PHE D 400 24.94 48.62 -48.05
C PHE D 400 23.74 49.45 -47.61
N HIS D 401 23.93 50.72 -47.28
CA HIS D 401 22.81 51.55 -46.82
C HIS D 401 21.85 51.86 -47.97
N GLU D 402 22.38 52.39 -49.08
CA GLU D 402 21.54 52.81 -50.19
C GLU D 402 21.22 51.69 -51.16
N ALA D 403 21.96 50.58 -51.12
CA ALA D 403 21.73 49.48 -52.05
C ALA D 403 20.55 48.61 -51.65
N VAL D 404 20.02 48.76 -50.44
CA VAL D 404 18.91 47.92 -50.01
C VAL D 404 17.60 48.38 -50.65
N GLY D 405 17.50 49.67 -50.98
CA GLY D 405 16.29 50.19 -51.60
C GLY D 405 16.27 50.15 -53.11
N GLU D 406 17.44 50.07 -53.74
CA GLU D 406 17.49 50.03 -55.20
C GLU D 406 16.88 48.75 -55.75
N ILE D 407 17.14 47.62 -55.10
CA ILE D 407 16.54 46.36 -55.52
C ILE D 407 15.03 46.39 -55.41
N MET D 408 14.49 46.98 -54.34
CA MET D 408 13.05 47.10 -54.19
C MET D 408 12.43 48.07 -55.20
N SER D 409 13.12 49.18 -55.48
CA SER D 409 12.61 50.12 -56.48
C SER D 409 12.66 49.56 -57.89
N LEU D 410 13.62 48.68 -58.17
CA LEU D 410 13.66 48.05 -59.49
C LEU D 410 12.69 46.89 -59.60
N SER D 411 12.44 46.18 -58.49
CA SER D 411 11.44 45.12 -58.51
C SER D 411 10.02 45.68 -58.56
N ALA D 412 9.82 46.88 -58.02
CA ALA D 412 8.51 47.53 -58.07
C ALA D 412 8.18 48.09 -59.45
N ALA D 413 9.17 48.27 -60.31
CA ALA D 413 8.97 48.77 -61.66
C ALA D 413 8.77 47.64 -62.67
N THR D 414 8.61 46.40 -62.20
CA THR D 414 8.37 45.29 -63.10
C THR D 414 7.00 45.44 -63.77
N PRO D 415 6.91 45.26 -65.08
CA PRO D 415 5.60 45.38 -65.76
C PRO D 415 4.56 44.39 -65.25
N LYS D 416 4.99 43.25 -64.70
CA LYS D 416 4.01 42.31 -64.13
C LYS D 416 3.46 42.82 -62.81
N HIS D 417 4.31 43.42 -61.97
CA HIS D 417 3.84 43.96 -60.69
C HIS D 417 2.88 45.13 -60.89
N LEU D 418 3.08 45.91 -61.95
CA LEU D 418 2.20 47.04 -62.21
C LEU D 418 0.78 46.59 -62.51
N LYS D 419 0.61 45.51 -63.28
CA LYS D 419 -0.71 44.96 -63.55
C LYS D 419 -1.21 44.07 -62.42
N SER D 420 -0.32 43.56 -61.56
CA SER D 420 -0.75 42.83 -60.39
C SER D 420 -1.31 43.78 -59.32
N ILE D 421 -0.84 45.03 -59.30
CA ILE D 421 -1.39 46.01 -58.38
C ILE D 421 -2.82 46.38 -58.76
N GLY D 422 -3.04 46.66 -60.04
CA GLY D 422 -4.36 47.05 -60.52
C GLY D 422 -4.34 48.28 -61.40
N LEU D 423 -3.15 48.72 -61.80
CA LEU D 423 -3.04 49.90 -62.66
C LEU D 423 -3.65 49.64 -64.03
N LEU D 424 -3.12 48.66 -64.75
CA LEU D 424 -3.62 48.29 -66.06
C LEU D 424 -4.08 46.84 -66.08
N PRO D 425 -5.13 46.52 -66.82
CA PRO D 425 -5.64 45.15 -66.85
C PRO D 425 -4.64 44.20 -67.50
N SER D 426 -4.95 42.91 -67.39
CA SER D 426 -4.08 41.87 -67.92
C SER D 426 -4.13 41.74 -69.43
N ASP D 427 -5.04 42.45 -70.09
CA ASP D 427 -5.14 42.37 -71.55
C ASP D 427 -3.99 43.07 -72.26
N PHE D 428 -3.28 43.96 -71.58
CA PHE D 428 -2.16 44.65 -72.19
C PHE D 428 -0.98 43.71 -72.34
N GLN D 429 -0.44 43.62 -73.56
CA GLN D 429 0.70 42.76 -73.85
C GLN D 429 1.99 43.55 -73.67
N GLU D 430 2.93 42.99 -72.92
CA GLU D 430 4.22 43.64 -72.66
C GLU D 430 5.22 43.16 -73.71
N ASP D 431 5.57 44.05 -74.64
CA ASP D 431 6.50 43.70 -75.70
C ASP D 431 7.94 43.96 -75.24
N SER D 432 8.86 43.20 -75.84
CA SER D 432 10.26 43.31 -75.45
C SER D 432 10.85 44.68 -75.79
N GLU D 433 10.38 45.30 -76.87
CA GLU D 433 10.87 46.63 -77.23
C GLU D 433 10.52 47.68 -76.19
N THR D 434 9.42 47.48 -75.45
CA THR D 434 9.08 48.41 -74.37
C THR D 434 10.02 48.25 -73.18
N GLU D 435 10.41 47.01 -72.87
CA GLU D 435 11.34 46.78 -71.77
C GLU D 435 12.76 47.17 -72.13
N ILE D 436 13.12 47.11 -73.41
CA ILE D 436 14.44 47.59 -73.85
C ILE D 436 14.58 49.08 -73.57
N ASN D 437 13.53 49.86 -73.79
CA ASN D 437 13.58 51.28 -73.48
C ASN D 437 13.63 51.54 -71.98
N PHE D 438 12.90 50.72 -71.20
CA PHE D 438 12.94 50.86 -69.75
C PHE D 438 14.32 50.56 -69.20
N LEU D 439 15.02 49.58 -69.77
CA LEU D 439 16.39 49.30 -69.34
C LEU D 439 17.33 50.45 -69.68
N LEU D 440 17.21 51.01 -70.88
CA LEU D 440 18.05 52.13 -71.28
C LEU D 440 17.77 53.38 -70.45
N LYS D 441 16.52 53.57 -70.02
CA LYS D 441 16.19 54.74 -69.21
C LYS D 441 17.00 54.79 -67.93
N GLN D 442 17.20 53.64 -67.27
CA GLN D 442 18.02 53.57 -66.07
C GLN D 442 19.49 53.34 -66.37
N ALA D 443 19.82 52.81 -67.55
CA ALA D 443 21.22 52.67 -67.93
C ALA D 443 21.84 54.02 -68.23
N LEU D 444 21.06 54.99 -68.71
CA LEU D 444 21.57 56.33 -68.90
C LEU D 444 21.84 57.05 -67.58
N THR D 445 21.36 56.51 -66.46
CA THR D 445 21.50 57.16 -65.17
C THR D 445 22.52 56.46 -64.27
N ILE D 446 22.41 55.13 -64.14
CA ILE D 446 23.21 54.40 -63.17
C ILE D 446 24.53 53.95 -63.78
N VAL D 447 24.57 53.84 -65.11
CA VAL D 447 25.81 53.40 -65.76
C VAL D 447 26.66 54.60 -66.18
N GLY D 448 26.04 55.72 -66.54
CA GLY D 448 26.78 56.88 -66.98
C GLY D 448 27.58 57.56 -65.88
N THR D 449 27.28 57.25 -64.62
CA THR D 449 27.98 57.86 -63.49
C THR D 449 29.20 57.05 -63.03
N LEU D 450 29.40 55.86 -63.59
CA LEU D 450 30.54 55.02 -63.21
C LEU D 450 31.86 55.59 -63.71
N PRO D 451 31.98 56.00 -64.98
CA PRO D 451 33.26 56.58 -65.42
C PRO D 451 33.60 57.87 -64.70
N PHE D 452 32.61 58.70 -64.38
CA PHE D 452 32.90 59.94 -63.65
C PHE D 452 33.44 59.67 -62.25
N THR D 453 32.85 58.71 -61.54
CA THR D 453 33.37 58.35 -60.22
C THR D 453 34.75 57.70 -60.32
N TYR D 454 34.94 56.83 -61.31
CA TYR D 454 36.25 56.19 -61.49
C TYR D 454 37.33 57.21 -61.81
N MET D 455 36.97 58.27 -62.52
CA MET D 455 37.93 59.35 -62.80
C MET D 455 38.20 60.18 -61.55
N LEU D 456 37.13 60.59 -60.86
CA LEU D 456 37.27 61.49 -59.72
C LEU D 456 38.03 60.84 -58.58
N GLU D 457 37.74 59.58 -58.25
CA GLU D 457 38.44 58.91 -57.16
C GLU D 457 39.90 58.69 -57.48
N LYS D 458 40.20 58.23 -58.70
CA LYS D 458 41.59 58.03 -59.10
C LYS D 458 42.36 59.35 -59.21
N TRP D 459 41.67 60.46 -59.46
CA TRP D 459 42.33 61.76 -59.45
C TRP D 459 42.61 62.23 -58.04
N ARG D 460 41.61 62.17 -57.17
CA ARG D 460 41.76 62.64 -55.79
C ARG D 460 42.74 61.80 -54.98
N TRP D 461 42.78 60.48 -55.19
CA TRP D 461 43.73 59.65 -54.46
C TRP D 461 45.17 59.99 -54.83
N MET D 462 45.43 60.18 -56.13
CA MET D 462 46.77 60.57 -56.57
C MET D 462 47.12 62.00 -56.18
N VAL D 463 46.13 62.89 -56.07
CA VAL D 463 46.41 64.25 -55.61
C VAL D 463 46.76 64.25 -54.13
N PHE D 464 46.03 63.48 -53.32
CA PHE D 464 46.27 63.46 -51.89
C PHE D 464 47.51 62.65 -51.52
N ARG D 465 47.85 61.63 -52.31
CA ARG D 465 49.01 60.81 -52.00
C ARG D 465 50.32 61.55 -52.28
N GLY D 466 50.34 62.35 -53.34
CA GLY D 466 51.54 63.10 -53.69
C GLY D 466 52.22 62.57 -54.93
N GLU D 467 51.47 61.91 -55.80
CA GLU D 467 52.04 61.36 -57.03
C GLU D 467 52.19 62.42 -58.11
N ILE D 468 51.23 63.34 -58.21
CA ILE D 468 51.30 64.43 -59.18
C ILE D 468 51.48 65.75 -58.42
N PRO D 469 52.24 66.70 -58.96
CA PRO D 469 52.41 67.98 -58.27
C PRO D 469 51.12 68.78 -58.22
N LYS D 470 51.15 69.84 -57.42
CA LYS D 470 49.97 70.70 -57.28
C LYS D 470 49.74 71.57 -58.51
N GLU D 471 50.76 71.75 -59.35
CA GLU D 471 50.64 72.56 -60.56
C GLU D 471 50.26 71.74 -61.79
N GLN D 472 49.90 70.47 -61.60
CA GLN D 472 49.52 69.61 -62.72
C GLN D 472 48.13 69.03 -62.47
N TRP D 473 47.20 69.87 -62.03
CA TRP D 473 45.85 69.40 -61.68
C TRP D 473 44.92 69.40 -62.89
N MET D 474 44.80 70.54 -63.58
CA MET D 474 43.86 70.63 -64.70
C MET D 474 44.27 69.75 -65.87
N LYS D 475 45.57 69.72 -66.20
CA LYS D 475 46.02 68.91 -67.33
C LYS D 475 45.78 67.43 -67.08
N LYS D 476 46.11 66.93 -65.89
CA LYS D 476 45.85 65.54 -65.56
C LYS D 476 44.35 65.25 -65.43
N TRP D 477 43.57 66.27 -65.05
CA TRP D 477 42.14 66.08 -64.89
C TRP D 477 41.44 65.96 -66.24
N TRP D 478 41.86 66.76 -67.21
CA TRP D 478 41.18 66.75 -68.51
C TRP D 478 41.59 65.59 -69.40
N GLU D 479 42.89 65.28 -69.48
CA GLU D 479 43.33 64.19 -70.36
C GLU D 479 42.87 62.83 -69.84
N MET D 480 42.87 62.64 -68.51
CA MET D 480 42.39 61.37 -67.96
C MET D 480 40.90 61.19 -68.20
N LYS D 481 40.12 62.27 -68.12
CA LYS D 481 38.70 62.17 -68.42
C LYS D 481 38.45 61.95 -69.91
N ARG D 482 39.28 62.54 -70.77
CA ARG D 482 39.15 62.27 -72.20
C ARG D 482 39.52 60.83 -72.54
N GLU D 483 40.48 60.25 -71.81
CA GLU D 483 40.92 58.89 -72.08
C GLU D 483 39.98 57.84 -71.48
N ILE D 484 39.35 58.14 -70.34
CA ILE D 484 38.48 57.19 -69.65
C ILE D 484 37.01 57.47 -69.93
N VAL D 485 36.54 58.68 -69.58
CA VAL D 485 35.14 59.00 -69.79
C VAL D 485 34.87 59.32 -71.25
N GLY D 486 35.78 60.04 -71.90
CA GLY D 486 35.59 60.39 -73.30
C GLY D 486 34.75 61.63 -73.53
N VAL D 487 34.98 62.68 -72.75
CA VAL D 487 34.26 63.94 -72.88
C VAL D 487 35.27 65.07 -73.02
N VAL D 488 35.05 65.94 -74.00
CA VAL D 488 35.97 67.04 -74.27
C VAL D 488 35.26 68.36 -73.93
N GLU D 489 36.06 69.36 -73.59
CA GLU D 489 35.53 70.70 -73.31
C GLU D 489 35.78 71.62 -74.51
N PRO D 490 34.84 72.50 -74.82
CA PRO D 490 34.98 73.38 -75.99
C PRO D 490 35.86 74.60 -75.79
N LEU D 491 36.42 74.80 -74.60
CA LEU D 491 37.29 75.94 -74.33
C LEU D 491 38.55 75.47 -73.62
N PRO D 492 39.70 76.04 -73.98
CA PRO D 492 40.94 75.65 -73.29
C PRO D 492 41.00 76.23 -71.88
N HIS D 493 41.40 75.39 -70.93
CA HIS D 493 41.49 75.76 -69.53
C HIS D 493 42.95 75.76 -69.10
N ASP D 494 43.37 76.82 -68.42
CA ASP D 494 44.73 76.94 -67.92
C ASP D 494 44.88 76.20 -66.60
N GLU D 495 46.02 76.41 -65.94
CA GLU D 495 46.31 75.74 -64.68
C GLU D 495 45.72 76.46 -63.46
N THR D 496 45.20 77.67 -63.63
CA THR D 496 44.65 78.41 -62.52
C THR D 496 43.20 78.07 -62.22
N TYR D 497 42.56 77.22 -63.02
CA TYR D 497 41.18 76.85 -62.78
C TYR D 497 41.07 75.86 -61.64
N CYS D 498 39.86 75.76 -61.09
CA CYS D 498 39.54 74.84 -60.01
C CYS D 498 38.23 74.11 -60.33
N ASP D 499 38.15 73.59 -61.56
CA ASP D 499 36.90 72.99 -62.03
C ASP D 499 36.42 71.79 -61.22
N PRO D 500 37.27 70.83 -60.81
CA PRO D 500 36.74 69.67 -60.07
C PRO D 500 36.10 70.02 -58.74
N ALA D 501 36.37 71.21 -58.20
CA ALA D 501 35.74 71.62 -56.94
C ALA D 501 34.38 72.26 -57.13
N SER D 502 33.85 72.27 -58.35
CA SER D 502 32.53 72.87 -58.62
C SER D 502 31.38 72.02 -58.09
N LEU D 503 31.64 70.78 -57.69
CA LEU D 503 30.59 69.92 -57.15
C LEU D 503 30.54 70.04 -55.63
N PHE D 504 29.31 70.04 -55.09
CA PHE D 504 29.12 70.14 -53.65
C PHE D 504 29.63 68.91 -52.91
N HIS D 505 29.76 67.77 -53.58
CA HIS D 505 30.35 66.59 -52.96
C HIS D 505 31.86 66.65 -52.92
N VAL D 506 32.48 67.47 -53.77
CA VAL D 506 33.93 67.62 -53.79
C VAL D 506 34.32 68.81 -52.92
N SER D 507 33.48 69.84 -52.93
CA SER D 507 33.76 71.03 -52.13
C SER D 507 33.65 70.72 -50.64
N ASN D 508 32.55 70.09 -50.23
CA ASN D 508 32.34 69.73 -48.84
C ASN D 508 32.92 68.36 -48.54
N ASP D 509 33.02 68.04 -47.25
CA ASP D 509 33.56 66.77 -46.78
C ASP D 509 32.50 65.70 -47.00
N TYR D 510 32.38 65.23 -48.24
CA TYR D 510 31.41 64.20 -48.61
C TYR D 510 32.12 63.11 -49.40
N SER D 511 31.86 61.86 -49.05
CA SER D 511 32.46 60.73 -49.75
C SER D 511 31.81 60.54 -51.12
N PHE D 512 32.61 60.10 -52.08
CA PHE D 512 32.15 59.88 -53.44
C PHE D 512 32.42 58.48 -53.96
N ILE D 513 33.25 57.69 -53.29
CA ILE D 513 33.52 56.32 -53.72
C ILE D 513 32.33 55.41 -53.46
N ARG D 514 31.41 55.80 -52.58
CA ARG D 514 30.27 54.96 -52.23
C ARG D 514 29.33 54.70 -53.40
N TYR D 515 29.37 55.51 -54.46
CA TYR D 515 28.44 55.36 -55.56
C TYR D 515 28.80 54.20 -56.48
N TYR D 516 30.05 53.73 -56.46
CA TYR D 516 30.41 52.55 -57.23
C TYR D 516 29.84 51.29 -56.58
N THR D 517 30.06 51.13 -55.28
CA THR D 517 29.40 50.07 -54.54
C THR D 517 27.89 50.21 -54.53
N ARG D 518 27.37 51.44 -54.59
CA ARG D 518 25.93 51.65 -54.71
C ARG D 518 25.35 50.88 -55.89
N THR D 519 26.09 50.79 -56.99
CA THR D 519 25.64 50.04 -58.15
C THR D 519 26.02 48.56 -58.04
N ILE D 520 27.25 48.28 -57.60
CA ILE D 520 27.73 46.91 -57.56
C ILE D 520 26.87 46.05 -56.63
N TYR D 521 26.68 46.50 -55.39
CA TYR D 521 25.89 45.75 -54.42
C TYR D 521 24.41 45.72 -54.77
N GLN D 522 23.87 46.79 -55.36
CA GLN D 522 22.46 46.77 -55.76
C GLN D 522 22.22 45.83 -56.94
N PHE D 523 23.24 45.58 -57.76
CA PHE D 523 23.11 44.55 -58.79
C PHE D 523 23.29 43.15 -58.21
N GLN D 524 24.26 42.98 -57.29
CA GLN D 524 24.49 41.65 -56.71
C GLN D 524 23.33 41.17 -55.86
N PHE D 525 22.73 42.05 -55.05
CA PHE D 525 21.60 41.66 -54.22
C PHE D 525 20.41 41.24 -55.07
N GLN D 526 20.12 41.98 -56.13
CA GLN D 526 19.01 41.62 -57.02
C GLN D 526 19.32 40.36 -57.82
N GLU D 527 20.58 40.13 -58.16
CA GLU D 527 20.94 38.92 -58.88
C GLU D 527 20.82 37.69 -57.99
N ALA D 528 21.15 37.82 -56.70
CA ALA D 528 21.14 36.66 -55.82
C ALA D 528 19.73 36.24 -55.42
N LEU D 529 18.82 37.20 -55.22
CA LEU D 529 17.53 36.88 -54.64
C LEU D 529 16.67 36.01 -55.55
N CYS D 530 16.76 36.21 -56.87
CA CYS D 530 16.01 35.38 -57.80
C CYS D 530 16.84 34.23 -58.36
N GLN D 531 18.17 34.28 -58.23
CA GLN D 531 18.99 33.12 -58.57
C GLN D 531 18.86 32.02 -57.52
N ALA D 532 18.68 32.38 -56.26
CA ALA D 532 18.46 31.38 -55.21
C ALA D 532 17.01 30.92 -55.15
N ALA D 533 16.09 31.72 -55.69
CA ALA D 533 14.67 31.38 -55.68
C ALA D 533 14.26 30.52 -56.86
N LYS D 534 15.21 30.02 -57.65
CA LYS D 534 14.94 29.15 -58.79
C LYS D 534 14.01 29.83 -59.80
N TYR D 535 14.35 31.06 -60.15
CA TYR D 535 13.60 31.83 -61.15
C TYR D 535 14.25 31.59 -62.50
N ASN D 536 13.63 30.74 -63.31
CA ASN D 536 14.16 30.36 -64.62
C ASN D 536 13.61 31.24 -65.74
N GLY D 537 13.19 32.45 -65.43
CA GLY D 537 12.68 33.39 -66.41
C GLY D 537 13.74 34.36 -66.89
N SER D 538 13.30 35.52 -67.36
CA SER D 538 14.22 36.52 -67.84
C SER D 538 14.87 37.26 -66.67
N LEU D 539 16.08 37.77 -66.93
CA LEU D 539 16.81 38.49 -65.89
C LEU D 539 16.24 39.88 -65.65
N HIS D 540 15.76 40.54 -66.70
CA HIS D 540 15.21 41.89 -66.56
C HIS D 540 13.84 41.88 -65.91
N LYS D 541 13.21 40.72 -65.76
CA LYS D 541 11.89 40.60 -65.17
C LYS D 541 11.94 39.83 -63.84
N CYS D 542 13.10 39.83 -63.19
CA CYS D 542 13.25 39.17 -61.90
C CYS D 542 12.73 40.07 -60.79
N ASP D 543 11.92 39.50 -59.89
CA ASP D 543 11.32 40.25 -58.80
C ASP D 543 11.01 39.32 -57.65
N ILE D 544 10.55 39.89 -56.54
CA ILE D 544 10.23 39.13 -55.34
C ILE D 544 8.73 39.09 -55.08
N SER D 545 7.92 39.22 -56.14
CA SER D 545 6.46 39.19 -56.01
C SER D 545 6.04 37.78 -55.61
N ASN D 546 5.54 37.66 -54.38
CA ASN D 546 5.11 36.38 -53.80
C ASN D 546 6.27 35.38 -53.81
N SER D 547 7.31 35.73 -53.08
CA SER D 547 8.50 34.90 -52.95
C SER D 547 8.92 34.89 -51.48
N THR D 548 8.69 33.77 -50.80
CA THR D 548 9.01 33.68 -49.39
C THR D 548 10.50 33.39 -49.17
N GLU D 549 11.12 32.62 -50.07
CA GLU D 549 12.53 32.26 -49.91
C GLU D 549 13.46 33.45 -50.10
N ALA D 550 12.97 34.54 -50.70
CA ALA D 550 13.82 35.72 -50.91
C ALA D 550 13.92 36.58 -49.65
N GLY D 551 12.82 36.76 -48.93
CA GLY D 551 12.82 37.58 -47.74
C GLY D 551 13.69 37.03 -46.63
N GLN D 552 13.53 35.74 -46.34
CA GLN D 552 14.38 35.09 -45.34
C GLN D 552 15.83 35.03 -45.78
N LYS D 553 16.09 34.97 -47.08
CA LYS D 553 17.47 35.01 -47.56
C LYS D 553 18.09 36.39 -47.34
N LEU D 554 17.34 37.45 -47.63
CA LEU D 554 17.87 38.81 -47.43
C LEU D 554 18.01 39.13 -45.95
N LEU D 555 17.10 38.62 -45.11
CA LEU D 555 17.20 38.86 -43.68
C LEU D 555 18.41 38.19 -43.04
N LYS D 556 19.07 37.27 -43.74
CA LYS D 556 20.30 36.69 -43.21
C LYS D 556 21.42 37.72 -43.15
N MET D 557 21.44 38.66 -44.10
CA MET D 557 22.46 39.70 -44.14
C MET D 557 21.96 41.06 -43.69
N LEU D 558 20.64 41.28 -43.65
CA LEU D 558 20.13 42.57 -43.20
C LEU D 558 20.28 42.72 -41.69
N SER D 559 20.09 41.64 -40.94
CA SER D 559 20.04 41.72 -39.48
C SER D 559 21.41 41.84 -38.83
N LEU D 560 22.48 41.43 -39.52
CA LEU D 560 23.79 41.44 -38.88
C LEU D 560 24.37 42.85 -38.78
N GLY D 561 24.09 43.70 -39.77
CA GLY D 561 24.58 45.06 -39.75
C GLY D 561 26.08 45.17 -39.92
N ASN D 562 26.74 45.90 -39.04
CA ASN D 562 28.19 46.01 -39.05
C ASN D 562 28.86 45.14 -37.98
N SER D 563 28.07 44.37 -37.23
CA SER D 563 28.65 43.47 -36.23
C SER D 563 29.47 42.37 -36.90
N GLU D 564 29.10 41.98 -38.11
CA GLU D 564 29.87 41.04 -38.92
C GLU D 564 30.49 41.75 -40.10
N PRO D 565 31.68 41.34 -40.53
CA PRO D 565 32.31 41.99 -41.69
C PRO D 565 31.50 41.76 -42.96
N TRP D 566 31.70 42.64 -43.93
CA TRP D 566 30.98 42.57 -45.19
C TRP D 566 31.36 41.36 -46.02
N THR D 567 32.57 40.81 -45.82
CA THR D 567 32.96 39.60 -46.54
C THR D 567 32.13 38.41 -46.10
N LYS D 568 31.72 38.36 -44.83
CA LYS D 568 30.85 37.28 -44.39
C LYS D 568 29.40 37.52 -44.80
N ALA D 569 29.02 38.77 -45.02
CA ALA D 569 27.67 39.07 -45.49
C ALA D 569 27.51 38.75 -46.97
N LEU D 570 28.50 39.09 -47.79
CA LEU D 570 28.43 38.74 -49.21
C LEU D 570 28.44 37.24 -49.43
N GLU D 571 29.04 36.47 -48.53
CA GLU D 571 28.98 35.01 -48.65
C GLU D 571 27.57 34.49 -48.43
N ASN D 572 26.84 35.09 -47.48
CA ASN D 572 25.44 34.72 -47.29
C ASN D 572 24.55 35.27 -48.40
N VAL D 573 24.96 36.36 -49.05
CA VAL D 573 24.19 36.95 -50.14
C VAL D 573 24.30 36.06 -51.38
N VAL D 574 25.52 35.86 -51.87
CA VAL D 574 25.76 35.08 -53.07
C VAL D 574 26.69 33.90 -52.81
N GLY D 575 27.78 34.12 -52.08
CA GLY D 575 28.74 33.07 -51.82
C GLY D 575 30.18 33.53 -51.89
N ALA D 576 30.43 34.54 -52.71
CA ALA D 576 31.76 35.12 -52.83
C ALA D 576 31.92 36.28 -51.85
N ARG D 577 33.16 36.62 -51.55
CA ARG D 577 33.49 37.70 -50.62
C ARG D 577 34.11 38.90 -51.34
N ASN D 578 33.94 38.97 -52.66
CA ASN D 578 34.50 40.06 -53.45
C ASN D 578 33.52 40.43 -54.54
N MET D 579 33.68 41.64 -55.06
CA MET D 579 32.82 42.15 -56.12
C MET D 579 33.25 41.59 -57.48
N ASP D 580 32.27 41.42 -58.37
CA ASP D 580 32.53 40.91 -59.70
C ASP D 580 31.51 41.48 -60.67
N VAL D 581 31.86 41.46 -61.96
CA VAL D 581 31.04 42.09 -62.99
C VAL D 581 29.92 41.19 -63.50
N LYS D 582 29.82 39.96 -63.00
CA LYS D 582 28.84 39.00 -63.49
C LYS D 582 27.39 39.49 -63.31
N PRO D 583 26.99 40.00 -62.14
CA PRO D 583 25.60 40.48 -62.00
C PRO D 583 25.31 41.73 -62.80
N LEU D 584 26.32 42.54 -63.10
CA LEU D 584 26.08 43.80 -63.82
C LEU D 584 25.80 43.54 -65.29
N LEU D 585 26.62 42.72 -65.94
CA LEU D 585 26.46 42.43 -67.36
C LEU D 585 25.36 41.41 -67.63
N ASN D 586 24.86 40.72 -66.61
CA ASN D 586 23.81 39.72 -66.82
C ASN D 586 22.44 40.36 -66.97
N TYR D 587 22.19 41.47 -66.27
CA TYR D 587 20.89 42.13 -66.37
C TYR D 587 20.75 42.94 -67.66
N PHE D 588 21.86 43.40 -68.22
CA PHE D 588 21.84 44.07 -69.52
C PHE D 588 22.08 43.07 -70.65
N GLN D 589 21.28 42.01 -70.67
CA GLN D 589 21.42 40.95 -71.67
C GLN D 589 20.85 41.37 -73.02
N PRO D 590 19.61 41.91 -73.10
CA PRO D 590 19.10 42.32 -74.42
C PRO D 590 19.81 43.54 -74.96
N LEU D 591 20.20 44.46 -74.08
CA LEU D 591 20.83 45.70 -74.51
C LEU D 591 22.26 45.49 -75.02
N PHE D 592 23.02 44.61 -74.36
CA PHE D 592 24.38 44.36 -74.81
C PHE D 592 24.40 43.70 -76.17
N ASP D 593 23.39 42.86 -76.47
CA ASP D 593 23.31 42.24 -77.79
C ASP D 593 22.70 43.18 -78.82
N TRP D 594 21.84 44.10 -78.39
CA TRP D 594 21.20 45.02 -79.33
C TRP D 594 22.15 46.15 -79.74
N LEU D 595 23.05 46.55 -78.85
CA LEU D 595 24.00 47.62 -79.19
C LEU D 595 25.02 47.16 -80.24
N LYS D 596 25.28 45.87 -80.34
CA LYS D 596 26.22 45.37 -81.34
C LYS D 596 25.59 45.19 -82.71
N GLU D 597 24.26 45.18 -82.79
CA GLU D 597 23.59 45.00 -84.07
C GLU D 597 23.54 46.30 -84.87
N GLN D 598 23.10 47.40 -84.25
CA GLN D 598 23.01 48.68 -84.93
C GLN D 598 24.35 49.37 -85.10
N ASN D 599 25.41 48.86 -84.46
CA ASN D 599 26.75 49.42 -84.58
C ASN D 599 27.61 48.61 -85.55
N ARG D 600 26.99 48.04 -86.59
CA ARG D 600 27.75 47.26 -87.57
C ARG D 600 28.62 48.18 -88.44
N ASN D 601 28.04 49.21 -89.02
CA ASN D 601 28.77 50.17 -89.84
C ASN D 601 29.25 51.35 -88.99
N SER D 602 30.04 51.05 -87.95
CA SER D 602 30.52 52.08 -87.04
C SER D 602 31.83 51.62 -86.43
N PHE D 603 32.66 52.58 -86.04
CA PHE D 603 33.94 52.32 -85.41
C PHE D 603 33.85 52.64 -83.93
N VAL D 604 34.21 51.68 -83.08
CA VAL D 604 34.19 51.83 -81.64
C VAL D 604 35.59 52.24 -81.18
N GLY D 605 35.71 53.46 -80.64
CA GLY D 605 36.99 53.94 -80.18
C GLY D 605 36.89 55.40 -79.79
N TRP D 606 38.05 55.96 -79.44
CA TRP D 606 38.13 57.35 -79.02
C TRP D 606 39.57 57.83 -79.19
N ASN D 607 39.74 59.15 -79.11
CA ASN D 607 41.07 59.76 -79.20
C ASN D 607 41.10 61.00 -78.31
N THR D 608 42.25 61.23 -77.69
CA THR D 608 42.44 62.36 -76.78
C THR D 608 43.18 63.52 -77.46
N GLU D 609 42.98 63.70 -78.76
CA GLU D 609 43.63 64.77 -79.50
C GLU D 609 42.67 65.76 -80.13
N TRP D 610 41.50 65.31 -80.58
CA TRP D 610 40.53 66.22 -81.19
C TRP D 610 39.84 67.06 -80.11
N SER D 611 39.72 68.35 -80.39
CA SER D 611 39.09 69.27 -79.45
C SER D 611 38.36 70.35 -80.24
N PRO D 612 37.24 70.86 -79.74
CA PRO D 612 36.51 71.91 -80.47
C PRO D 612 37.27 73.22 -80.59
N TYR D 613 38.21 73.49 -79.68
CA TYR D 613 38.99 74.72 -79.71
C TYR D 613 40.28 74.57 -80.52
N ALA D 614 40.40 73.51 -81.32
CA ALA D 614 41.59 73.29 -82.13
C ALA D 614 41.36 73.92 -83.51
N ASP D 615 41.52 75.23 -83.56
CA ASP D 615 41.33 75.98 -84.80
C ASP D 615 42.66 76.19 -85.52
N LEU E 20 58.49 8.66 -24.20
CA LEU E 20 59.58 9.50 -23.72
C LEU E 20 59.78 9.33 -22.22
N THR E 21 60.43 10.30 -21.59
CA THR E 21 60.68 10.28 -20.15
C THR E 21 59.78 11.24 -19.39
N GLU E 22 58.54 11.38 -19.84
CA GLU E 22 57.57 12.27 -19.18
C GLU E 22 57.27 11.77 -17.77
N GLU E 23 56.77 10.55 -17.66
CA GLU E 23 56.49 9.94 -16.36
C GLU E 23 57.65 9.11 -15.82
N ASN E 24 58.70 8.92 -16.63
CA ASN E 24 59.87 8.18 -16.15
C ASN E 24 60.69 8.98 -15.16
N ALA E 25 60.75 10.30 -15.31
CA ALA E 25 61.48 11.12 -14.35
C ALA E 25 60.77 11.18 -13.01
N LYS E 26 59.47 10.87 -12.98
CA LYS E 26 58.74 10.84 -11.72
C LYS E 26 59.26 9.76 -10.79
N THR E 27 59.88 8.71 -11.33
CA THR E 27 60.35 7.61 -10.50
C THR E 27 61.75 7.87 -9.96
N PHE E 28 62.63 8.48 -10.77
CA PHE E 28 64.00 8.71 -10.34
C PHE E 28 64.07 9.65 -9.15
N LEU E 29 63.36 10.77 -9.21
CA LEU E 29 63.37 11.72 -8.10
C LEU E 29 62.69 11.19 -6.86
N ASN E 30 61.62 10.40 -7.02
CA ASN E 30 60.97 9.81 -5.86
C ASN E 30 61.82 8.70 -5.24
N ASN E 31 62.66 8.03 -6.02
CA ASN E 31 63.61 7.08 -5.45
C ASN E 31 64.75 7.79 -4.76
N PHE E 32 65.21 8.92 -5.32
CA PHE E 32 66.25 9.71 -4.68
C PHE E 32 65.78 10.24 -3.32
N ASN E 33 64.67 10.98 -3.32
CA ASN E 33 64.21 11.64 -2.11
C ASN E 33 63.76 10.65 -1.03
N GLN E 34 63.29 9.46 -1.42
CA GLN E 34 62.84 8.49 -0.43
C GLN E 34 63.96 8.11 0.54
N GLU E 35 65.17 7.91 0.02
CA GLU E 35 66.31 7.58 0.86
C GLU E 35 67.09 8.82 1.29
N ALA E 36 66.96 9.94 0.57
CA ALA E 36 67.54 11.18 1.04
C ALA E 36 66.86 11.69 2.31
N GLU E 37 65.56 11.47 2.44
CA GLU E 37 64.85 11.82 3.67
C GLU E 37 65.36 10.98 4.84
N ASP E 38 65.73 9.73 4.58
CA ASP E 38 66.25 8.86 5.63
C ASP E 38 67.66 9.27 6.03
N LEU E 39 68.56 9.42 5.05
CA LEU E 39 69.95 9.72 5.35
C LEU E 39 70.18 11.14 5.84
N SER E 40 69.41 12.11 5.34
CA SER E 40 69.52 13.47 5.86
C SER E 40 69.15 13.53 7.34
N TYR E 41 68.14 12.77 7.76
CA TYR E 41 67.82 12.70 9.18
C TYR E 41 68.89 11.97 9.98
N GLN E 42 69.48 10.92 9.43
CA GLN E 42 70.58 10.25 10.11
C GLN E 42 71.75 11.18 10.33
N SER E 43 72.00 12.08 9.39
CA SER E 43 73.05 13.08 9.57
C SER E 43 72.66 14.20 10.52
N SER E 44 71.40 14.67 10.44
CA SER E 44 70.98 15.77 11.29
C SER E 44 70.85 15.36 12.75
N LEU E 45 70.47 14.10 13.02
CA LEU E 45 70.43 13.64 14.40
C LEU E 45 71.82 13.57 15.00
N ALA E 46 72.81 13.10 14.24
CA ALA E 46 74.19 13.12 14.72
C ALA E 46 74.70 14.54 14.91
N SER E 47 74.33 15.46 14.02
CA SER E 47 74.70 16.86 14.21
C SER E 47 74.08 17.45 15.48
N TRP E 48 72.81 17.14 15.74
CA TRP E 48 72.16 17.65 16.94
C TRP E 48 72.78 17.04 18.21
N ASN E 49 73.14 15.76 18.15
CA ASN E 49 73.81 15.13 19.28
C ASN E 49 75.21 15.68 19.51
N TYR E 50 75.91 16.07 18.43
CA TYR E 50 77.20 16.73 18.60
C TYR E 50 77.03 18.14 19.13
N ASN E 51 75.93 18.80 18.80
CA ASN E 51 75.67 20.14 19.32
C ASN E 51 75.22 20.14 20.78
N THR E 52 74.54 19.07 21.22
CA THR E 52 74.15 18.96 22.63
C THR E 52 75.31 18.60 23.54
N ASN E 53 76.37 17.99 23.01
CA ASN E 53 77.57 17.70 23.76
C ASN E 53 78.71 17.46 22.77
N ILE E 54 79.82 18.16 22.97
CA ILE E 54 80.95 18.10 22.05
C ILE E 54 81.93 17.08 22.62
N THR E 55 81.78 15.84 22.17
CA THR E 55 82.67 14.74 22.55
C THR E 55 83.18 14.03 21.30
N GLU E 56 84.17 13.17 21.48
CA GLU E 56 84.73 12.42 20.37
C GLU E 56 83.80 11.32 19.87
N GLU E 57 83.02 10.70 20.75
CA GLU E 57 82.11 9.64 20.33
C GLU E 57 80.98 10.19 19.45
N ASN E 58 80.53 11.41 19.72
CA ASN E 58 79.51 12.02 18.89
C ASN E 58 80.08 12.49 17.56
N ALA E 59 81.30 13.04 17.56
CA ALA E 59 81.94 13.44 16.32
C ALA E 59 82.28 12.27 15.41
N GLN E 60 82.65 11.12 15.99
CA GLN E 60 82.93 9.95 15.18
C GLN E 60 81.68 9.46 14.45
N LYS E 61 80.52 9.60 15.09
CA LYS E 61 79.26 9.23 14.45
C LYS E 61 78.77 10.30 13.47
N MET E 62 79.07 11.57 13.74
CA MET E 62 78.63 12.64 12.84
C MET E 62 79.46 12.70 11.55
N SER E 63 80.77 12.50 11.65
CA SER E 63 81.63 12.60 10.48
C SER E 63 81.30 11.51 9.45
N GLU E 64 81.15 10.26 9.91
CA GLU E 64 80.82 9.19 8.98
C GLU E 64 79.44 9.37 8.37
N ALA E 65 78.47 9.86 9.13
CA ALA E 65 77.14 10.13 8.59
C ALA E 65 77.17 11.24 7.54
N ALA E 66 77.88 12.33 7.81
CA ALA E 66 78.00 13.40 6.83
C ALA E 66 78.73 12.94 5.58
N ALA E 67 79.79 12.14 5.72
CA ALA E 67 80.48 11.61 4.57
C ALA E 67 79.61 10.67 3.75
N LYS E 68 78.83 9.81 4.42
CA LYS E 68 77.94 8.91 3.70
C LYS E 68 76.84 9.69 2.97
N TRP E 69 76.32 10.75 3.59
CA TRP E 69 75.31 11.57 2.92
C TRP E 69 75.89 12.30 1.71
N SER E 70 77.08 12.87 1.86
CA SER E 70 77.71 13.56 0.73
C SER E 70 78.07 12.59 -0.38
N ALA E 71 78.42 11.35 -0.04
CA ALA E 71 78.70 10.36 -1.08
C ALA E 71 77.43 9.90 -1.77
N PHE E 72 76.34 9.72 -1.01
CA PHE E 72 75.08 9.32 -1.61
C PHE E 72 74.51 10.40 -2.53
N TYR E 73 74.66 11.67 -2.14
CA TYR E 73 74.21 12.76 -2.99
C TYR E 73 74.90 12.73 -4.35
N GLU E 74 76.22 12.54 -4.37
CA GLU E 74 76.96 12.42 -5.62
C GLU E 74 76.65 11.14 -6.38
N GLU E 75 76.41 10.03 -5.68
CA GLU E 75 76.05 8.79 -6.37
C GLU E 75 74.69 8.91 -7.04
N GLN E 76 73.77 9.70 -6.47
CA GLN E 76 72.49 9.95 -7.10
C GLN E 76 72.53 11.06 -8.16
N SER E 77 73.47 12.00 -8.04
CA SER E 77 73.55 13.08 -9.03
C SER E 77 74.45 12.72 -10.21
N LYS E 78 75.25 11.67 -10.11
CA LYS E 78 76.14 11.31 -11.21
C LYS E 78 75.38 10.70 -12.38
N THR E 79 74.24 10.05 -12.12
CA THR E 79 73.45 9.43 -13.17
C THR E 79 72.28 10.28 -13.63
N ALA E 80 71.99 11.38 -12.94
CA ALA E 80 70.89 12.26 -13.34
C ALA E 80 71.27 13.16 -14.51
N GLN E 81 72.57 13.33 -14.78
CA GLN E 81 72.99 14.19 -15.88
C GLN E 81 72.68 13.59 -17.25
N SER E 82 72.49 12.27 -17.33
CA SER E 82 72.19 11.65 -18.62
C SER E 82 70.77 11.95 -19.07
N PHE E 83 69.88 12.26 -18.13
CA PHE E 83 68.50 12.56 -18.47
C PHE E 83 68.38 13.95 -19.07
N SER E 84 67.48 14.08 -20.05
CA SER E 84 67.25 15.35 -20.72
C SER E 84 66.33 16.24 -19.88
N LEU E 85 66.50 17.55 -20.04
CA LEU E 85 65.72 18.53 -19.28
C LEU E 85 64.78 19.35 -20.14
N GLN E 86 65.17 19.67 -21.37
CA GLN E 86 64.35 20.54 -22.21
C GLN E 86 63.11 19.85 -22.77
N GLU E 87 63.06 18.53 -22.75
CA GLU E 87 61.91 17.79 -23.27
C GLU E 87 60.86 17.50 -22.20
N ILE E 88 61.11 17.85 -20.95
CA ILE E 88 60.12 17.66 -19.89
C ILE E 88 59.06 18.74 -20.00
N GLN E 89 57.79 18.34 -19.87
CA GLN E 89 56.68 19.26 -20.05
C GLN E 89 56.08 19.75 -18.73
N THR E 90 55.93 18.88 -17.74
CA THR E 90 55.30 19.27 -16.49
C THR E 90 56.27 20.13 -15.66
N PRO E 91 55.92 21.38 -15.36
CA PRO E 91 56.86 22.22 -14.61
C PRO E 91 57.00 21.80 -13.15
N ILE E 92 56.03 21.06 -12.60
CA ILE E 92 56.10 20.67 -11.20
C ILE E 92 57.33 19.80 -10.95
N ILE E 93 57.74 18.99 -11.93
CA ILE E 93 58.98 18.23 -11.80
C ILE E 93 60.16 18.93 -12.44
N LYS E 94 59.92 19.91 -13.33
CA LYS E 94 61.01 20.70 -13.86
C LYS E 94 61.64 21.58 -12.79
N ARG E 95 60.84 22.06 -11.84
CA ARG E 95 61.38 22.84 -10.73
C ARG E 95 62.22 21.97 -9.81
N GLN E 96 61.90 20.68 -9.72
CA GLN E 96 62.65 19.77 -8.86
C GLN E 96 63.94 19.30 -9.54
N LEU E 97 63.88 18.99 -10.83
CA LEU E 97 65.03 18.42 -11.53
C LEU E 97 66.15 19.42 -11.73
N GLN E 98 65.83 20.71 -11.89
CA GLN E 98 66.89 21.70 -12.06
C GLN E 98 67.68 21.92 -10.78
N ALA E 99 67.06 21.66 -9.63
CA ALA E 99 67.75 21.83 -8.35
C ALA E 99 68.65 20.64 -8.02
N LEU E 100 68.37 19.47 -8.62
CA LEU E 100 69.15 18.28 -8.33
C LEU E 100 70.45 18.23 -9.14
N GLN E 101 70.47 18.78 -10.35
CA GLN E 101 71.65 18.74 -11.20
C GLN E 101 72.73 19.72 -10.75
N GLN E 102 72.48 20.51 -9.71
CA GLN E 102 73.48 21.45 -9.21
C GLN E 102 74.51 20.71 -8.35
N SER E 103 75.43 20.01 -9.00
CA SER E 103 76.42 19.23 -8.26
C SER E 103 77.61 20.09 -7.85
N GLY E 104 78.21 20.78 -8.81
CA GLY E 104 79.35 21.63 -8.52
C GLY E 104 80.69 20.95 -8.71
N SER E 105 81.29 20.48 -7.61
CA SER E 105 82.62 19.88 -7.65
C SER E 105 82.62 18.45 -8.16
N SER E 106 81.52 17.98 -8.75
CA SER E 106 81.45 16.62 -9.27
C SER E 106 82.00 16.52 -10.69
N ALA E 107 82.23 17.64 -11.36
CA ALA E 107 82.70 17.61 -12.74
C ALA E 107 84.20 17.37 -12.82
N LEU E 108 84.97 18.00 -11.95
CA LEU E 108 86.43 17.87 -11.97
C LEU E 108 86.85 16.62 -11.20
N SER E 109 88.17 16.41 -11.11
CA SER E 109 88.70 15.23 -10.44
C SER E 109 88.74 15.45 -8.93
N ALA E 110 89.26 14.44 -8.22
CA ALA E 110 89.38 14.49 -6.77
C ALA E 110 90.60 15.26 -6.30
N ASP E 111 91.64 15.36 -7.12
CA ASP E 111 92.82 16.13 -6.75
C ASP E 111 92.50 17.61 -6.56
N LYS E 112 91.58 18.15 -7.37
CA LYS E 112 91.15 19.53 -7.19
C LYS E 112 90.39 19.70 -5.87
N ASN E 113 89.46 18.79 -5.58
CA ASN E 113 88.69 18.89 -4.35
C ASN E 113 89.54 18.69 -3.10
N LYS E 114 90.61 17.90 -3.20
CA LYS E 114 91.49 17.70 -2.03
C LYS E 114 92.25 18.98 -1.71
N GLN E 115 92.86 19.60 -2.71
CA GLN E 115 93.64 20.82 -2.51
C GLN E 115 92.76 22.04 -2.30
N LEU E 116 91.47 21.97 -2.66
CA LEU E 116 90.56 23.05 -2.33
C LEU E 116 90.14 23.00 -0.87
N ASN E 117 90.08 21.80 -0.28
CA ASN E 117 89.67 21.67 1.11
C ASN E 117 90.84 21.79 2.07
N THR E 118 92.04 21.33 1.65
CA THR E 118 93.20 21.40 2.53
C THR E 118 93.68 22.83 2.75
N ILE E 119 93.29 23.76 1.88
CA ILE E 119 93.57 25.18 2.11
C ILE E 119 92.43 25.88 2.84
N LEU E 120 91.19 25.45 2.63
CA LEU E 120 90.07 26.01 3.38
C LEU E 120 90.18 25.67 4.86
N ASN E 121 90.52 24.43 5.18
CA ASN E 121 90.75 24.07 6.58
C ASN E 121 91.93 24.82 7.18
N THR E 122 93.02 25.00 6.41
CA THR E 122 94.17 25.73 6.91
C THR E 122 93.82 27.18 7.22
N MET E 123 93.15 27.87 6.29
CA MET E 123 92.75 29.25 6.53
C MET E 123 91.70 29.38 7.63
N SER E 124 90.81 28.38 7.80
CA SER E 124 89.87 28.43 8.90
C SER E 124 90.58 28.28 10.25
N THR E 125 91.56 27.37 10.33
CA THR E 125 92.33 27.23 11.56
C THR E 125 93.18 28.45 11.84
N ILE E 126 93.66 29.13 10.79
CA ILE E 126 94.43 30.35 10.98
C ILE E 126 93.53 31.48 11.49
N TYR E 127 92.35 31.63 10.88
CA TYR E 127 91.44 32.70 11.31
C TYR E 127 90.87 32.44 12.69
N SER E 128 90.72 31.16 13.08
CA SER E 128 90.20 30.86 14.40
C SER E 128 91.23 31.13 15.49
N THR E 129 92.52 31.00 15.16
CA THR E 129 93.60 31.21 16.12
C THR E 129 94.24 32.59 15.97
N GLY E 130 93.47 33.62 15.63
CA GLY E 130 94.01 34.95 15.45
C GLY E 130 94.47 35.59 16.74
N LYS E 131 95.78 35.71 16.91
CA LYS E 131 96.37 36.28 18.11
C LYS E 131 97.35 37.36 17.68
N VAL E 132 96.98 38.63 17.88
CA VAL E 132 97.81 39.77 17.50
C VAL E 132 97.99 40.65 18.72
N CYS E 133 99.24 40.80 19.17
CA CYS E 133 99.55 41.61 20.33
C CYS E 133 100.79 42.42 20.04
N ASN E 134 100.72 43.73 20.30
CA ASN E 134 101.83 44.65 20.07
C ASN E 134 102.31 44.60 18.62
N GLU E 140 97.02 42.58 28.10
CA GLU E 140 95.71 42.88 27.55
C GLU E 140 95.62 42.41 26.10
N CYS E 141 95.55 41.09 25.91
CA CYS E 141 95.46 40.52 24.58
C CYS E 141 94.73 39.19 24.68
N LEU E 142 93.74 38.99 23.81
CA LEU E 142 92.90 37.80 23.83
C LEU E 142 92.74 37.24 22.42
N LEU E 143 91.90 36.21 22.32
CA LEU E 143 91.67 35.50 21.07
C LEU E 143 90.71 36.27 20.17
N LEU E 144 90.06 35.53 19.26
CA LEU E 144 89.08 36.14 18.33
C LEU E 144 87.81 36.50 19.09
N GLU E 145 86.97 35.50 19.38
CA GLU E 145 85.71 35.74 20.15
C GLU E 145 86.03 36.35 21.53
N PRO E 146 86.90 35.76 22.40
CA PRO E 146 87.27 36.41 23.67
C PRO E 146 87.71 37.86 23.48
N GLY E 147 87.11 38.79 24.23
CA GLY E 147 87.50 40.21 24.17
C GLY E 147 87.60 40.77 22.76
N LEU E 148 86.69 40.39 21.87
CA LEU E 148 86.67 40.99 20.51
C LEU E 148 85.97 42.33 20.60
N ASP E 149 84.64 42.28 20.65
CA ASP E 149 83.86 43.55 20.66
C ASP E 149 83.84 44.15 22.05
N GLU E 150 84.24 43.41 23.09
CA GLU E 150 84.17 44.10 24.37
C GLU E 150 85.10 45.30 24.43
N ILE E 151 86.15 45.33 23.60
CA ILE E 151 87.02 46.51 23.53
C ILE E 151 86.51 47.47 22.47
N MET E 152 85.99 46.95 21.36
CA MET E 152 85.50 47.82 20.30
C MET E 152 84.24 48.56 20.71
N ALA E 153 83.32 47.89 21.40
CA ALA E 153 82.03 48.47 21.73
C ALA E 153 82.03 49.19 23.08
N THR E 154 82.47 48.51 24.14
CA THR E 154 82.37 49.08 25.48
C THR E 154 83.39 50.20 25.68
N SER E 155 84.64 49.95 25.36
CA SER E 155 85.68 50.96 25.53
C SER E 155 85.48 52.11 24.56
N THR E 156 85.60 53.34 25.08
CA THR E 156 85.41 54.54 24.28
C THR E 156 86.71 55.29 24.04
N ASP E 157 87.85 54.68 24.34
CA ASP E 157 89.14 55.33 24.13
C ASP E 157 89.56 55.22 22.66
N TYR E 158 90.18 56.29 22.16
CA TYR E 158 90.63 56.30 20.77
C TYR E 158 91.89 55.47 20.58
N ASN E 159 92.84 55.56 21.52
CA ASN E 159 94.06 54.78 21.43
C ASN E 159 93.83 53.29 21.68
N SER E 160 92.73 52.93 22.35
CA SER E 160 92.43 51.52 22.57
C SER E 160 91.98 50.84 21.29
N ARG E 161 91.30 51.58 20.41
CA ARG E 161 90.86 51.04 19.13
C ARG E 161 91.84 51.32 18.00
N LEU E 162 92.74 52.29 18.16
CA LEU E 162 93.76 52.55 17.16
C LEU E 162 94.54 51.29 16.82
N TRP E 163 95.04 50.59 17.84
CA TRP E 163 95.74 49.33 17.60
C TRP E 163 94.78 48.18 17.31
N ALA E 164 93.61 48.16 17.96
CA ALA E 164 92.66 47.08 17.77
C ALA E 164 92.11 47.02 16.35
N TRP E 165 92.20 48.11 15.59
CA TRP E 165 91.82 48.07 14.19
C TRP E 165 93.00 47.67 13.30
N GLU E 166 94.14 48.36 13.47
CA GLU E 166 95.28 48.15 12.59
C GLU E 166 95.89 46.76 12.74
N GLY E 167 96.18 46.32 13.98
CA GLY E 167 96.73 45.00 14.17
C GLY E 167 95.78 43.89 13.75
N TRP E 168 94.49 44.05 14.06
CA TRP E 168 93.50 43.07 13.62
C TRP E 168 93.43 42.97 12.11
N ARG E 169 93.56 44.10 11.40
CA ARG E 169 93.61 44.06 9.95
C ARG E 169 94.88 43.40 9.43
N ALA E 170 96.05 43.80 9.94
CA ALA E 170 97.33 43.37 9.39
C ALA E 170 97.71 41.95 9.79
N GLU E 171 97.10 41.39 10.84
CA GLU E 171 97.43 40.03 11.23
C GLU E 171 96.76 38.99 10.33
N VAL E 172 95.64 39.35 9.70
CA VAL E 172 94.91 38.43 8.85
C VAL E 172 94.89 38.87 7.39
N GLY E 173 95.36 40.08 7.07
CA GLY E 173 95.41 40.49 5.69
C GLY E 173 96.58 39.92 4.92
N LYS E 174 97.80 40.28 5.33
CA LYS E 174 99.00 39.87 4.62
C LYS E 174 99.28 38.38 4.74
N GLN E 175 98.72 37.71 5.75
CA GLN E 175 98.94 36.27 5.91
C GLN E 175 97.91 35.44 5.16
N LEU E 176 96.89 36.07 4.58
CA LEU E 176 95.83 35.36 3.86
C LEU E 176 95.73 35.79 2.40
N ARG E 177 96.45 36.83 1.98
CA ARG E 177 96.35 37.28 0.60
C ARG E 177 96.85 36.23 -0.39
N PRO E 178 98.02 35.62 -0.23
CA PRO E 178 98.44 34.58 -1.19
C PRO E 178 97.57 33.33 -1.12
N LEU E 179 96.87 33.09 -0.01
CA LEU E 179 96.01 31.92 0.08
C LEU E 179 94.63 32.19 -0.48
N TYR E 180 94.18 33.44 -0.45
CA TYR E 180 92.86 33.80 -0.94
C TYR E 180 92.85 34.05 -2.45
N GLU E 181 93.97 34.51 -3.02
CA GLU E 181 94.02 34.71 -4.46
C GLU E 181 93.93 33.39 -5.20
N GLU E 182 94.66 32.37 -4.76
CA GLU E 182 94.53 31.06 -5.37
C GLU E 182 93.14 30.48 -5.16
N TYR E 183 92.50 30.78 -4.02
CA TYR E 183 91.13 30.34 -3.80
C TYR E 183 90.17 30.99 -4.79
N VAL E 184 90.33 32.29 -5.05
CA VAL E 184 89.49 32.97 -6.04
C VAL E 184 89.76 32.41 -7.43
N VAL E 185 91.02 32.08 -7.73
CA VAL E 185 91.34 31.46 -9.01
C VAL E 185 90.65 30.11 -9.16
N LEU E 186 90.63 29.31 -8.09
CA LEU E 186 89.93 28.02 -8.14
C LEU E 186 88.42 28.23 -8.28
N LYS E 187 87.88 29.24 -7.61
CA LYS E 187 86.46 29.55 -7.76
C LYS E 187 86.11 29.92 -9.20
N ASN E 188 86.99 30.69 -9.86
CA ASN E 188 86.77 31.03 -11.26
C ASN E 188 86.92 29.81 -12.16
N GLU E 189 87.88 28.93 -11.85
CA GLU E 189 88.04 27.70 -12.61
C GLU E 189 86.82 26.80 -12.48
N MET E 190 86.18 26.79 -11.31
CA MET E 190 84.99 25.97 -11.11
C MET E 190 83.80 26.45 -11.96
N ALA E 191 83.86 27.68 -12.49
CA ALA E 191 82.74 28.19 -13.27
C ALA E 191 82.71 27.59 -14.67
N ARG E 192 83.86 27.24 -15.23
CA ARG E 192 83.90 26.68 -16.58
C ARG E 192 83.36 25.26 -16.62
N ALA E 193 83.47 24.51 -15.52
CA ALA E 193 82.98 23.14 -15.49
C ALA E 193 81.47 23.08 -15.59
N ASN E 194 80.76 23.96 -14.88
CA ASN E 194 79.30 24.00 -14.91
C ASN E 194 78.77 25.09 -15.85
N ASN E 195 79.61 25.61 -16.74
CA ASN E 195 79.22 26.63 -17.72
C ASN E 195 78.67 27.87 -17.02
N TYR E 196 79.53 28.51 -16.23
CA TYR E 196 79.22 29.76 -15.57
C TYR E 196 80.28 30.81 -15.89
N ASN E 197 79.91 32.07 -15.72
CA ASN E 197 80.84 33.15 -15.97
C ASN E 197 81.87 33.29 -14.84
N ASP E 198 81.41 33.21 -13.60
CA ASP E 198 82.27 33.31 -12.44
C ASP E 198 81.60 32.63 -11.26
N TYR E 199 82.26 32.64 -10.11
CA TYR E 199 81.67 32.04 -8.91
C TYR E 199 80.54 32.87 -8.35
N GLY E 200 80.59 34.20 -8.50
CA GLY E 200 79.52 35.03 -8.01
C GLY E 200 78.20 34.78 -8.69
N ASP E 201 78.24 34.40 -9.97
CA ASP E 201 77.01 34.09 -10.71
C ASP E 201 76.38 32.78 -10.25
N TYR E 202 77.15 31.93 -9.56
CA TYR E 202 76.59 30.67 -9.07
C TYR E 202 75.63 30.91 -7.91
N TRP E 203 75.97 31.83 -7.00
CA TRP E 203 75.09 32.17 -5.90
C TRP E 203 73.88 32.99 -6.35
N ARG E 204 73.98 33.70 -7.46
CA ARG E 204 72.83 34.40 -8.02
C ARG E 204 71.85 33.45 -8.70
N GLY E 205 72.27 32.23 -9.02
CA GLY E 205 71.41 31.28 -9.69
C GLY E 205 70.34 30.65 -8.82
N ASP E 206 70.42 30.83 -7.50
CA ASP E 206 69.39 30.32 -6.61
C ASP E 206 68.09 31.10 -6.71
N TYR E 207 68.16 32.38 -7.12
CA TYR E 207 66.96 33.18 -7.35
C TYR E 207 66.48 32.94 -8.78
N GLU E 208 66.16 31.68 -9.06
CA GLU E 208 65.76 31.23 -10.39
C GLU E 208 64.26 31.00 -10.43
N ALA E 209 63.65 31.39 -11.55
CA ALA E 209 62.22 31.20 -11.76
C ALA E 209 61.97 30.87 -13.22
N GLU E 210 61.23 29.80 -13.46
CA GLU E 210 60.92 29.35 -14.81
C GLU E 210 59.43 29.08 -14.92
N GLY E 211 58.92 29.09 -16.15
CA GLY E 211 57.51 28.84 -16.38
C GLY E 211 57.02 29.45 -17.67
N ALA E 212 55.93 30.22 -17.59
CA ALA E 212 55.38 30.89 -18.76
C ALA E 212 56.22 32.11 -19.12
N ASP E 213 55.72 32.90 -20.08
CA ASP E 213 56.43 34.10 -20.50
C ASP E 213 56.56 35.11 -19.37
N GLY E 214 55.57 35.17 -18.48
CA GLY E 214 55.60 36.08 -17.36
C GLY E 214 56.15 35.50 -16.07
N TYR E 215 56.64 34.26 -16.08
CA TYR E 215 57.17 33.63 -14.89
C TYR E 215 58.69 33.49 -14.90
N ASN E 216 59.34 33.66 -16.05
CA ASN E 216 60.79 33.55 -16.12
C ASN E 216 61.46 34.72 -15.42
N TYR E 217 62.71 34.50 -15.03
CA TYR E 217 63.48 35.52 -14.32
C TYR E 217 64.95 35.21 -14.48
N ASN E 218 65.71 36.12 -15.08
CA ASN E 218 67.12 35.90 -15.36
C ASN E 218 67.94 36.10 -14.09
N ARG E 219 69.04 35.34 -13.98
CA ARG E 219 69.89 35.38 -12.80
C ARG E 219 71.01 36.41 -12.89
N ASN E 220 71.24 37.00 -14.06
CA ASN E 220 72.31 37.98 -14.22
C ASN E 220 71.85 39.42 -14.03
N GLN E 221 70.55 39.69 -14.19
CA GLN E 221 70.01 41.04 -14.07
C GLN E 221 69.81 41.47 -12.63
N LEU E 222 70.24 40.67 -11.64
CA LEU E 222 70.07 41.04 -10.24
C LEU E 222 70.86 42.27 -9.85
N ILE E 223 71.98 42.55 -10.51
CA ILE E 223 72.77 43.74 -10.20
C ILE E 223 71.93 45.00 -10.43
N GLU E 224 71.17 45.02 -11.53
CA GLU E 224 70.28 46.13 -11.82
C GLU E 224 69.20 46.31 -10.76
N ASP E 225 68.58 45.23 -10.29
CA ASP E 225 67.59 45.35 -9.23
C ASP E 225 68.20 45.84 -7.94
N VAL E 226 69.39 45.34 -7.58
CA VAL E 226 70.05 45.80 -6.36
C VAL E 226 70.39 47.29 -6.47
N GLU E 227 70.84 47.73 -7.65
CA GLU E 227 71.11 49.15 -7.86
C GLU E 227 69.85 49.99 -7.78
N ARG E 228 68.74 49.53 -8.37
CA ARG E 228 67.48 50.27 -8.27
C ARG E 228 67.00 50.37 -6.83
N THR E 229 67.18 49.31 -6.04
CA THR E 229 66.79 49.36 -4.64
C THR E 229 67.69 50.30 -3.85
N PHE E 230 69.01 50.23 -4.08
CA PHE E 230 69.94 51.10 -3.36
C PHE E 230 69.80 52.57 -3.73
N ALA E 231 69.37 52.88 -4.96
CA ALA E 231 69.18 54.27 -5.34
C ALA E 231 68.08 54.93 -4.53
N GLU E 232 67.10 54.15 -4.05
CA GLU E 232 66.08 54.67 -3.16
C GLU E 232 66.42 54.46 -1.69
N ILE E 233 67.28 53.49 -1.37
CA ILE E 233 67.72 53.29 0.00
C ILE E 233 68.65 54.42 0.45
N LYS E 234 69.46 54.94 -0.47
CA LYS E 234 70.41 55.99 -0.11
C LYS E 234 69.76 57.24 0.48
N PRO E 235 68.69 57.80 -0.09
CA PRO E 235 68.08 59.00 0.53
C PRO E 235 67.58 58.77 1.94
N LEU E 236 67.28 57.52 2.32
CA LEU E 236 66.88 57.25 3.70
C LEU E 236 68.09 57.23 4.63
N TYR E 237 69.24 56.80 4.12
CA TYR E 237 70.44 56.68 4.93
C TYR E 237 71.25 57.97 5.00
N GLU E 238 71.04 58.91 4.07
CA GLU E 238 71.82 60.14 4.06
C GLU E 238 71.63 60.92 5.36
N HIS E 239 70.38 61.26 5.70
CA HIS E 239 70.12 61.99 6.93
C HIS E 239 70.46 61.19 8.18
N LEU E 240 70.27 59.87 8.14
CA LEU E 240 70.59 59.03 9.29
C LEU E 240 72.09 59.01 9.58
N HIS E 241 72.91 59.05 8.52
CA HIS E 241 74.36 59.10 8.70
C HIS E 241 74.86 60.51 8.95
N ALA E 242 74.11 61.53 8.53
CA ALA E 242 74.52 62.91 8.78
C ALA E 242 74.18 63.36 10.19
N TYR E 243 73.09 62.84 10.76
CA TYR E 243 72.70 63.25 12.11
C TYR E 243 73.60 62.64 13.18
N VAL E 244 74.06 61.40 12.98
CA VAL E 244 74.96 60.76 13.94
C VAL E 244 76.36 61.35 13.92
N ARG E 245 76.69 62.18 12.92
CA ARG E 245 77.99 62.80 12.84
C ARG E 245 78.08 64.10 13.63
N ARG E 246 76.96 64.81 13.77
CA ARG E 246 76.98 66.08 14.48
C ARG E 246 77.19 65.87 15.98
N LYS E 247 76.52 64.88 16.57
CA LYS E 247 76.57 64.66 18.01
C LYS E 247 77.82 63.93 18.47
N LEU E 248 78.51 63.21 17.57
CA LEU E 248 79.74 62.53 17.93
C LEU E 248 80.93 63.48 18.05
N MET E 249 80.74 64.77 17.77
CA MET E 249 81.82 65.74 17.91
C MET E 249 82.06 66.14 19.36
N ASP E 250 81.15 65.79 20.28
CA ASP E 250 81.32 66.10 21.69
C ASP E 250 82.35 65.20 22.37
N THR E 251 82.77 64.12 21.72
CA THR E 251 83.74 63.20 22.28
C THR E 251 85.02 63.13 21.46
N TYR E 252 84.92 63.15 20.13
CA TYR E 252 86.07 63.11 19.23
C TYR E 252 86.08 64.39 18.41
N PRO E 253 86.59 65.50 18.97
CA PRO E 253 86.58 66.75 18.20
C PRO E 253 87.58 66.77 17.06
N SER E 254 88.78 66.24 17.26
CA SER E 254 89.82 66.24 16.25
C SER E 254 89.81 64.97 15.41
N TYR E 255 88.75 64.16 15.50
CA TYR E 255 88.67 62.92 14.74
C TYR E 255 87.41 62.81 13.90
N ILE E 256 86.40 63.65 14.12
CA ILE E 256 85.17 63.64 13.35
C ILE E 256 85.22 64.76 12.35
N SER E 257 85.07 64.43 11.07
CA SER E 257 85.09 65.43 10.02
C SER E 257 83.80 66.25 10.04
N PRO E 258 83.88 67.55 9.75
CA PRO E 258 82.64 68.36 9.76
C PRO E 258 81.70 68.03 8.61
N THR E 259 82.22 67.87 7.39
CA THR E 259 81.40 67.55 6.23
C THR E 259 81.97 66.37 5.44
N GLY E 260 82.67 65.46 6.09
CA GLY E 260 83.28 64.33 5.43
C GLY E 260 82.69 63.02 5.93
N CYS E 261 83.56 62.01 6.05
CA CYS E 261 83.16 60.69 6.49
C CYS E 261 83.57 60.46 7.94
N LEU E 262 83.25 59.26 8.44
CA LEU E 262 83.59 58.86 9.80
C LEU E 262 84.63 57.74 9.78
N PRO E 263 85.41 57.60 10.85
CA PRO E 263 86.38 56.49 10.91
C PRO E 263 85.67 55.15 11.00
N ALA E 264 86.42 54.10 10.63
CA ALA E 264 85.87 52.75 10.64
C ALA E 264 85.84 52.14 12.04
N HIS E 265 86.78 52.53 12.90
CA HIS E 265 86.82 52.01 14.26
C HIS E 265 85.94 52.78 15.22
N LEU E 266 85.33 53.88 14.79
CA LEU E 266 84.39 54.63 15.61
C LEU E 266 82.94 54.25 15.34
N LEU E 267 82.69 53.03 14.86
CA LEU E 267 81.35 52.58 14.54
C LEU E 267 80.87 51.46 15.45
N GLY E 268 81.56 51.22 16.57
CA GLY E 268 81.17 50.17 17.49
C GLY E 268 81.49 48.77 17.04
N ASP E 269 82.07 48.60 15.86
CA ASP E 269 82.40 47.27 15.34
C ASP E 269 83.52 47.42 14.32
N MET E 270 84.27 46.33 14.13
CA MET E 270 85.39 46.33 13.20
C MET E 270 84.95 46.47 11.74
N TRP E 271 83.67 46.29 11.45
CA TRP E 271 83.16 46.41 10.09
C TRP E 271 82.05 47.43 9.92
N GLY E 272 81.37 47.82 11.00
CA GLY E 272 80.31 48.80 10.90
C GLY E 272 78.97 48.26 10.46
N ARG E 273 78.72 46.96 10.66
CA ARG E 273 77.46 46.36 10.27
C ARG E 273 76.50 46.19 11.44
N PHE E 274 76.98 46.28 12.67
CA PHE E 274 76.14 46.18 13.87
C PHE E 274 76.42 47.37 14.76
N TRP E 275 75.61 48.42 14.64
CA TRP E 275 75.73 49.61 15.47
C TRP E 275 74.82 49.50 16.69
N THR E 276 75.03 48.44 17.47
CA THR E 276 74.21 48.20 18.65
C THR E 276 74.67 49.04 19.83
N ASN E 277 75.99 49.11 20.05
CA ASN E 277 76.53 49.87 21.17
C ASN E 277 76.50 51.38 20.93
N LEU E 278 76.19 51.82 19.71
CA LEU E 278 76.13 53.24 19.41
C LEU E 278 74.80 53.88 19.79
N TYR E 279 73.87 53.10 20.35
CA TYR E 279 72.57 53.64 20.74
C TYR E 279 72.69 54.56 21.96
N PRO E 280 73.43 54.20 23.02
CA PRO E 280 73.65 55.16 24.11
C PRO E 280 74.41 56.41 23.66
N LEU E 281 75.22 56.32 22.61
CA LEU E 281 75.93 57.50 22.11
C LEU E 281 75.05 58.33 21.17
N THR E 282 74.08 57.70 20.51
CA THR E 282 73.18 58.39 19.59
C THR E 282 71.73 58.31 20.08
N VAL E 283 71.54 58.41 21.38
CA VAL E 283 70.19 58.36 21.95
C VAL E 283 69.47 59.67 21.66
N PRO E 284 68.23 59.64 21.14
CA PRO E 284 67.50 60.88 20.88
C PRO E 284 67.19 61.65 22.15
N PHE E 285 66.58 60.98 23.13
CA PHE E 285 66.21 61.59 24.40
C PHE E 285 66.62 60.64 25.52
N ALA E 286 67.65 61.02 26.27
CA ALA E 286 68.16 60.18 27.36
C ALA E 286 67.38 60.35 28.65
N GLN E 287 66.30 61.14 28.65
CA GLN E 287 65.52 61.37 29.86
C GLN E 287 64.56 60.22 30.17
N LYS E 288 64.38 59.28 29.23
CA LYS E 288 63.55 58.12 29.49
C LYS E 288 64.02 56.98 28.58
N PRO E 289 64.28 55.79 29.14
CA PRO E 289 64.73 54.67 28.31
C PRO E 289 63.60 54.06 27.49
N ASN E 290 63.91 52.98 26.77
CA ASN E 290 62.90 52.28 25.99
C ASN E 290 62.08 51.35 26.88
N ILE E 291 61.27 50.49 26.27
CA ILE E 291 60.46 49.56 27.05
C ILE E 291 61.36 48.55 27.75
N ASP E 292 60.92 48.11 28.92
CA ASP E 292 61.71 47.20 29.76
C ASP E 292 60.76 46.17 30.38
N VAL E 293 60.96 44.90 30.04
CA VAL E 293 60.16 43.81 30.56
C VAL E 293 61.01 42.75 31.25
N THR E 294 62.29 43.03 31.49
CA THR E 294 63.15 42.04 32.12
C THR E 294 62.83 41.88 33.60
N ASP E 295 62.51 42.99 34.28
CA ASP E 295 62.18 42.91 35.70
C ASP E 295 60.82 42.28 35.93
N ALA E 296 59.90 42.43 34.97
CA ALA E 296 58.56 41.87 35.12
C ALA E 296 58.54 40.36 34.89
N MET E 297 59.57 39.80 34.27
CA MET E 297 59.66 38.36 34.02
C MET E 297 60.25 37.59 35.19
N MET E 298 60.38 38.22 36.35
CA MET E 298 60.97 37.57 37.51
C MET E 298 60.04 37.53 38.71
N ASN E 299 59.28 38.60 38.96
CA ASN E 299 58.40 38.67 40.11
C ASN E 299 57.01 38.11 39.85
N GLN E 300 56.64 37.92 38.59
CA GLN E 300 55.32 37.40 38.26
C GLN E 300 55.28 35.87 38.19
N GLY E 301 56.43 35.20 38.28
CA GLY E 301 56.47 33.76 38.22
C GLY E 301 56.72 33.19 36.84
N TRP E 302 57.44 33.91 35.98
CA TRP E 302 57.69 33.45 34.62
C TRP E 302 58.89 32.51 34.59
N ASP E 303 58.75 31.44 33.84
CA ASP E 303 59.83 30.47 33.61
C ASP E 303 60.06 30.33 32.11
N ALA E 304 60.94 29.38 31.75
CA ALA E 304 61.28 29.19 30.35
C ALA E 304 60.17 28.48 29.59
N GLU E 305 59.30 27.74 30.30
CA GLU E 305 58.26 26.97 29.62
C GLU E 305 57.04 27.82 29.27
N ARG E 306 56.63 28.72 30.16
CA ARG E 306 55.41 29.50 29.93
C ARG E 306 55.59 30.55 28.85
N ILE E 307 56.82 30.95 28.52
CA ILE E 307 57.04 31.91 27.44
C ILE E 307 56.66 31.28 26.11
N PHE E 308 57.11 30.05 25.86
CA PHE E 308 56.74 29.34 24.65
C PHE E 308 55.25 29.04 24.57
N GLN E 309 54.60 28.80 25.72
CA GLN E 309 53.16 28.58 25.72
C GLN E 309 52.41 29.80 25.19
N GLU E 310 52.73 30.99 25.71
CA GLU E 310 52.10 32.21 25.24
C GLU E 310 52.49 32.57 23.82
N ALA E 311 53.74 32.32 23.43
CA ALA E 311 54.13 32.53 22.04
C ALA E 311 53.32 31.65 21.09
N GLU E 312 53.13 30.37 21.44
CA GLU E 312 52.35 29.48 20.59
C GLU E 312 50.87 29.84 20.60
N LYS E 313 50.34 30.30 21.74
CA LYS E 313 48.98 30.80 21.76
C LYS E 313 48.80 32.05 20.91
N PHE E 314 49.84 32.89 20.80
CA PHE E 314 49.77 34.03 19.90
C PHE E 314 49.87 33.59 18.44
N PHE E 315 50.66 32.56 18.15
CA PHE E 315 50.81 32.06 16.80
C PHE E 315 49.56 31.33 16.30
N VAL E 316 48.90 30.56 17.16
CA VAL E 316 47.71 29.82 16.75
C VAL E 316 46.53 30.76 16.59
N SER E 317 46.54 31.90 17.30
CA SER E 317 45.42 32.83 17.27
C SER E 317 45.15 33.39 15.88
N VAL E 318 46.13 33.34 14.97
CA VAL E 318 45.92 33.82 13.61
C VAL E 318 45.41 32.73 12.67
N GLY E 319 45.29 31.50 13.16
CA GLY E 319 44.82 30.41 12.32
C GLY E 319 45.91 29.43 11.92
N LEU E 320 46.83 29.14 12.85
CA LEU E 320 47.90 28.19 12.59
C LEU E 320 47.68 26.91 13.40
N PRO E 321 48.11 25.76 12.87
CA PRO E 321 47.94 24.51 13.61
C PRO E 321 48.78 24.47 14.88
N HIS E 322 48.45 23.52 15.75
CA HIS E 322 49.15 23.35 17.01
C HIS E 322 50.50 22.69 16.79
N MET E 323 51.26 22.52 17.86
CA MET E 323 52.59 21.96 17.78
C MET E 323 52.58 20.46 17.97
N THR E 324 53.73 19.84 17.70
CA THR E 324 53.89 18.41 17.91
C THR E 324 53.96 18.09 19.40
N GLN E 325 53.41 16.93 19.77
CA GLN E 325 53.47 16.49 21.16
C GLN E 325 54.91 16.32 21.63
N GLY E 326 55.81 15.87 20.74
CA GLY E 326 57.20 15.74 21.09
C GLY E 326 57.99 17.03 21.12
N PHE E 327 57.39 18.14 20.69
CA PHE E 327 58.09 19.42 20.73
C PHE E 327 58.32 19.88 22.16
N TRP E 328 57.47 19.45 23.09
CA TRP E 328 57.66 19.78 24.50
C TRP E 328 58.45 18.71 25.25
N ALA E 329 58.75 17.59 24.62
CA ALA E 329 59.48 16.49 25.25
C ALA E 329 60.94 16.41 24.83
N ASN E 330 61.23 16.62 23.54
CA ASN E 330 62.59 16.45 23.04
C ASN E 330 63.35 17.78 22.90
N SER E 331 62.66 18.91 22.84
CA SER E 331 63.33 20.19 22.70
C SER E 331 63.99 20.59 24.02
N MET E 332 65.26 20.94 23.95
CA MET E 332 66.02 21.36 25.13
C MET E 332 65.81 22.85 25.32
N LEU E 333 64.79 23.21 26.11
CA LEU E 333 64.51 24.61 26.39
C LEU E 333 65.32 25.13 27.57
N THR E 334 65.19 24.49 28.73
CA THR E 334 65.99 24.85 29.89
C THR E 334 67.38 24.25 29.78
N GLU E 335 68.38 25.00 30.22
CA GLU E 335 69.76 24.53 30.14
C GLU E 335 70.08 23.65 31.35
N PRO E 336 70.35 22.36 31.14
CA PRO E 336 70.65 21.48 32.28
C PRO E 336 72.08 21.67 32.77
N ALA E 337 72.26 21.53 34.08
CA ALA E 337 73.56 21.65 34.72
C ALA E 337 74.03 20.30 35.25
N ASP E 338 73.77 19.24 34.50
CA ASP E 338 74.13 17.88 34.90
C ASP E 338 75.34 17.36 34.13
N GLY E 339 76.11 18.24 33.50
CA GLY E 339 77.28 17.86 32.77
C GLY E 339 77.17 17.86 31.26
N ARG E 340 76.24 18.62 30.69
CA ARG E 340 76.05 18.68 29.24
C ARG E 340 76.87 19.83 28.67
N LYS E 341 77.48 19.60 27.51
CA LYS E 341 78.31 20.61 26.86
C LYS E 341 77.41 21.46 25.97
N VAL E 342 77.09 22.67 26.44
CA VAL E 342 76.14 23.55 25.77
C VAL E 342 76.90 24.50 24.85
N VAL E 343 76.46 24.60 23.60
CA VAL E 343 77.06 25.54 22.67
C VAL E 343 76.37 26.91 22.77
N CYS E 344 75.09 26.91 23.11
CA CYS E 344 74.28 28.13 23.26
C CYS E 344 74.28 28.93 21.96
N HIS E 345 73.71 28.32 20.94
CA HIS E 345 73.55 28.93 19.62
C HIS E 345 72.09 28.92 19.22
N PRO E 346 71.37 30.04 19.32
CA PRO E 346 69.94 30.03 18.99
C PRO E 346 69.67 29.89 17.50
N THR E 347 69.19 28.72 17.08
CA THR E 347 68.88 28.47 15.68
C THR E 347 67.85 27.34 15.61
N ALA E 348 66.79 27.57 14.83
CA ALA E 348 65.76 26.56 14.64
C ALA E 348 66.29 25.50 13.67
N TRP E 349 66.65 24.34 14.20
CA TRP E 349 67.21 23.26 13.41
C TRP E 349 66.07 22.44 12.79
N ASP E 350 66.10 22.28 11.47
CA ASP E 350 65.12 21.46 10.76
C ASP E 350 65.75 20.09 10.53
N LEU E 351 65.46 19.16 11.44
CA LEU E 351 66.05 17.82 11.36
C LEU E 351 65.43 16.95 10.29
N GLY E 352 64.22 17.27 9.84
CA GLY E 352 63.54 16.48 8.84
C GLY E 352 62.50 15.56 9.46
N HIS E 353 61.83 14.82 8.57
CA HIS E 353 60.77 13.87 8.93
C HIS E 353 59.62 14.54 9.70
N GLY E 354 59.46 15.85 9.56
CA GLY E 354 58.47 16.57 10.34
C GLY E 354 58.86 16.81 11.78
N ASP E 355 60.12 16.60 12.14
CA ASP E 355 60.57 16.81 13.51
C ASP E 355 60.84 18.30 13.74
N PHE E 356 60.21 18.86 14.76
CA PHE E 356 60.39 20.27 15.12
C PHE E 356 60.96 20.33 16.53
N ARG E 357 62.14 20.91 16.68
CA ARG E 357 62.78 21.06 17.98
C ARG E 357 63.61 22.34 17.97
N ILE E 358 63.95 22.82 19.16
CA ILE E 358 64.67 24.07 19.33
C ILE E 358 65.79 23.85 20.34
N LYS E 359 67.02 24.13 19.93
CA LYS E 359 68.17 24.14 20.84
C LYS E 359 68.54 25.58 21.12
N MET E 360 68.16 26.07 22.30
CA MET E 360 68.35 27.48 22.63
C MET E 360 68.59 27.63 24.12
N CYS E 361 69.52 28.52 24.47
CA CYS E 361 69.81 28.86 25.86
C CYS E 361 68.77 29.88 26.35
N THR E 362 67.60 29.35 26.69
CA THR E 362 66.45 30.19 27.04
C THR E 362 66.58 30.73 28.45
N LYS E 363 66.16 31.99 28.62
CA LYS E 363 66.07 32.63 29.92
C LYS E 363 64.86 33.57 29.90
N VAL E 364 64.76 34.42 30.91
CA VAL E 364 63.64 35.34 31.05
C VAL E 364 63.97 36.75 30.58
N THR E 365 65.04 36.90 29.80
CA THR E 365 65.44 38.22 29.33
C THR E 365 64.71 38.58 28.03
N MET E 366 64.74 39.87 27.70
CA MET E 366 64.11 40.34 26.47
C MET E 366 64.92 39.97 25.23
N ASP E 367 66.25 39.93 25.35
CA ASP E 367 67.08 39.47 24.25
C ASP E 367 66.76 38.01 23.91
N ASN E 368 66.50 37.19 24.91
CA ASN E 368 66.09 35.81 24.66
C ASN E 368 64.61 35.72 24.26
N PHE E 369 63.83 36.77 24.50
CA PHE E 369 62.45 36.80 24.04
C PHE E 369 62.37 37.11 22.55
N LEU E 370 63.21 38.02 22.08
CA LEU E 370 63.23 38.36 20.66
C LEU E 370 63.61 37.16 19.81
N THR E 371 64.68 36.45 20.18
CA THR E 371 65.06 35.26 19.43
C THR E 371 64.10 34.11 19.63
N ALA E 372 63.41 34.04 20.76
CA ALA E 372 62.38 33.01 20.96
C ALA E 372 61.19 33.25 20.05
N HIS E 373 60.82 34.51 19.82
CA HIS E 373 59.79 34.81 18.83
C HIS E 373 60.31 34.71 17.40
N HIS E 374 61.61 34.86 17.20
CA HIS E 374 62.19 34.72 15.87
C HIS E 374 62.25 33.25 15.42
N GLU E 375 62.63 32.35 16.32
CA GLU E 375 62.72 30.93 15.99
C GLU E 375 61.36 30.29 15.78
N MET E 376 60.32 30.79 16.45
CA MET E 376 58.98 30.24 16.25
C MET E 376 58.48 30.50 14.83
N GLY E 377 58.90 31.62 14.23
CA GLY E 377 58.59 31.86 12.83
C GLY E 377 59.20 30.84 11.90
N HIS E 378 60.47 30.50 12.13
CA HIS E 378 61.10 29.45 11.34
C HIS E 378 60.43 28.10 11.58
N ILE E 379 60.01 27.83 12.82
CA ILE E 379 59.33 26.57 13.12
C ILE E 379 58.01 26.47 12.36
N GLN E 380 57.19 27.52 12.43
CA GLN E 380 55.91 27.51 11.72
C GLN E 380 56.09 27.57 10.21
N TYR E 381 57.22 28.08 9.73
CA TYR E 381 57.52 28.02 8.31
C TYR E 381 57.83 26.59 7.88
N ASP E 382 58.74 25.93 8.60
CA ASP E 382 59.08 24.55 8.29
C ASP E 382 57.89 23.61 8.46
N MET E 383 56.93 23.97 9.32
CA MET E 383 55.73 23.15 9.46
C MET E 383 54.84 23.24 8.23
N ALA E 384 54.98 24.31 7.44
CA ALA E 384 54.08 24.52 6.31
C ALA E 384 54.43 23.62 5.12
N TYR E 385 55.69 23.63 4.69
CA TYR E 385 56.12 22.89 3.52
C TYR E 385 56.61 21.49 3.84
N ALA E 386 56.10 20.89 4.92
CA ALA E 386 56.46 19.51 5.26
C ALA E 386 55.73 18.48 4.39
N ARG E 387 54.74 18.90 3.61
CA ARG E 387 53.98 17.95 2.79
C ARG E 387 54.73 17.55 1.53
N GLN E 388 55.52 18.46 0.97
CA GLN E 388 56.25 18.20 -0.26
C GLN E 388 57.50 17.36 0.04
N PRO E 389 58.06 16.68 -0.97
CA PRO E 389 59.22 15.81 -0.73
C PRO E 389 60.45 16.54 -0.23
N PHE E 390 61.51 15.78 0.07
CA PHE E 390 62.72 16.36 0.66
C PHE E 390 63.37 17.36 -0.29
N LEU E 391 63.28 17.12 -1.60
CA LEU E 391 63.87 18.03 -2.56
C LEU E 391 63.21 19.41 -2.53
N LEU E 392 61.90 19.47 -2.32
CA LEU E 392 61.18 20.74 -2.23
C LEU E 392 61.02 21.21 -0.80
N ARG E 393 61.77 20.66 0.15
CA ARG E 393 61.68 21.05 1.55
C ARG E 393 62.58 22.25 1.84
N ASN E 394 62.43 23.27 1.00
CA ASN E 394 63.21 24.49 1.12
C ASN E 394 62.35 25.66 0.69
N GLY E 395 62.89 26.87 0.82
CA GLY E 395 62.19 28.05 0.38
C GLY E 395 62.33 28.29 -1.11
N ALA E 396 61.61 29.30 -1.59
CA ALA E 396 61.69 29.66 -3.00
C ALA E 396 63.05 30.21 -3.37
N ASN E 397 63.76 30.78 -2.40
CA ASN E 397 65.10 31.32 -2.63
C ASN E 397 65.83 31.37 -1.30
N GLU E 398 66.98 32.05 -1.28
CA GLU E 398 67.76 32.22 -0.06
C GLU E 398 67.26 33.37 0.80
N GLY E 399 66.24 34.12 0.36
CA GLY E 399 65.77 35.26 1.10
C GLY E 399 64.49 34.99 1.88
N PHE E 400 63.83 33.89 1.58
CA PHE E 400 62.60 33.52 2.26
C PHE E 400 62.82 32.58 3.44
N HIS E 401 64.06 32.13 3.66
CA HIS E 401 64.34 31.17 4.72
C HIS E 401 64.28 31.84 6.09
N GLU E 402 65.12 32.85 6.31
CA GLU E 402 65.21 33.51 7.60
C GLU E 402 64.55 34.89 7.61
N ALA E 403 63.51 35.09 6.80
CA ALA E 403 62.80 36.36 6.77
C ALA E 403 61.46 36.31 7.48
N VAL E 404 60.89 35.12 7.68
CA VAL E 404 59.62 35.01 8.38
C VAL E 404 59.80 35.11 9.89
N GLY E 405 61.03 35.01 10.39
CA GLY E 405 61.25 35.08 11.83
C GLY E 405 61.23 36.48 12.37
N GLU E 406 61.60 37.47 11.57
CA GLU E 406 61.67 38.85 12.04
C GLU E 406 60.32 39.54 12.09
N ILE E 407 59.39 39.18 11.20
CA ILE E 407 58.08 39.83 11.21
C ILE E 407 57.31 39.51 12.49
N MET E 408 57.44 38.29 13.01
CA MET E 408 56.79 37.93 14.26
C MET E 408 57.35 38.69 15.45
N SER E 409 58.67 38.84 15.56
CA SER E 409 59.25 39.64 16.62
C SER E 409 58.94 41.12 16.45
N LEU E 410 58.74 41.58 15.22
CA LEU E 410 58.34 42.96 15.00
C LEU E 410 56.90 43.20 15.45
N SER E 411 56.01 42.26 15.14
CA SER E 411 54.62 42.37 15.58
C SER E 411 54.50 42.19 17.09
N ALA E 412 55.40 41.42 17.70
CA ALA E 412 55.37 41.22 19.15
C ALA E 412 56.06 42.33 19.91
N ALA E 413 56.84 43.18 19.23
CA ALA E 413 57.56 44.27 19.88
C ALA E 413 56.68 45.47 20.18
N THR E 414 55.41 45.45 19.79
CA THR E 414 54.53 46.57 20.05
C THR E 414 54.18 46.63 21.53
N PRO E 415 54.03 47.84 22.10
CA PRO E 415 53.66 47.92 23.52
C PRO E 415 52.28 47.35 23.82
N LYS E 416 51.34 47.44 22.87
CA LYS E 416 50.02 46.86 23.09
C LYS E 416 50.07 45.35 23.24
N HIS E 417 50.96 44.68 22.50
CA HIS E 417 51.11 43.23 22.67
C HIS E 417 51.63 42.91 24.07
N LEU E 418 52.64 43.64 24.54
CA LEU E 418 53.16 43.41 25.89
C LEU E 418 52.12 43.71 26.96
N LYS E 419 51.27 44.70 26.73
CA LYS E 419 50.18 44.97 27.67
C LYS E 419 49.11 43.89 27.63
N SER E 420 48.89 43.28 26.46
CA SER E 420 47.95 42.17 26.36
C SER E 420 48.50 40.87 26.92
N ILE E 421 49.82 40.75 27.04
CA ILE E 421 50.41 39.56 27.65
C ILE E 421 50.01 39.46 29.11
N GLY E 422 50.16 40.56 29.85
CA GLY E 422 49.78 40.58 31.25
C GLY E 422 50.87 41.09 32.17
N LEU E 423 51.93 41.65 31.60
CA LEU E 423 53.02 42.19 32.40
C LEU E 423 52.72 43.60 32.90
N LEU E 424 52.53 44.53 31.97
CA LEU E 424 52.27 45.91 32.34
C LEU E 424 50.76 46.19 32.35
N PRO E 425 50.30 47.06 33.23
CA PRO E 425 48.87 47.40 33.26
C PRO E 425 48.44 48.11 31.98
N SER E 426 47.12 48.21 31.82
CA SER E 426 46.54 48.85 30.65
C SER E 426 46.64 50.36 30.67
N ASP E 427 47.08 50.96 31.78
CA ASP E 427 47.21 52.39 31.91
C ASP E 427 48.59 52.91 31.51
N PHE E 428 49.30 52.17 30.65
CA PHE E 428 50.62 52.59 30.21
C PHE E 428 50.50 53.76 29.24
N GLN E 429 51.32 54.79 29.45
CA GLN E 429 51.31 55.99 28.62
C GLN E 429 52.45 55.89 27.62
N GLU E 430 52.12 55.55 26.38
CA GLU E 430 53.10 55.46 25.30
C GLU E 430 53.25 56.82 24.64
N ASP E 431 54.45 57.38 24.69
CA ASP E 431 54.72 58.68 24.10
C ASP E 431 55.33 58.53 22.70
N SER E 432 55.37 59.63 21.97
CA SER E 432 55.93 59.61 20.62
C SER E 432 57.44 59.50 20.64
N GLU E 433 58.11 60.11 21.61
CA GLU E 433 59.56 60.02 21.70
C GLU E 433 60.02 58.59 21.97
N THR E 434 59.22 57.81 22.70
CA THR E 434 59.53 56.40 22.88
C THR E 434 59.56 55.67 21.54
N GLU E 435 58.53 55.85 20.72
CA GLU E 435 58.53 55.24 19.39
C GLU E 435 59.67 55.76 18.53
N ILE E 436 60.03 57.03 18.69
CA ILE E 436 61.12 57.60 17.90
C ILE E 436 62.45 56.93 18.25
N ASN E 437 62.77 56.86 19.55
CA ASN E 437 64.03 56.22 19.95
C ASN E 437 64.00 54.71 19.76
N PHE E 438 62.81 54.11 19.65
CA PHE E 438 62.74 52.69 19.29
C PHE E 438 63.04 52.49 17.82
N LEU E 439 62.39 53.26 16.94
CA LEU E 439 62.66 53.20 15.51
C LEU E 439 64.10 53.55 15.18
N LEU E 440 64.72 54.45 15.95
CA LEU E 440 66.13 54.79 15.70
C LEU E 440 67.01 53.55 15.77
N LYS E 441 66.97 52.82 16.89
CA LYS E 441 67.77 51.62 17.01
C LYS E 441 67.28 50.50 16.09
N GLN E 442 65.96 50.41 15.84
CA GLN E 442 65.47 49.39 14.93
C GLN E 442 65.98 49.60 13.52
N ALA E 443 66.21 50.85 13.12
CA ALA E 443 66.79 51.13 11.82
C ALA E 443 68.31 50.94 11.84
N LEU E 444 68.97 51.44 12.88
CA LEU E 444 70.42 51.31 12.98
C LEU E 444 70.87 49.85 13.09
N THR E 445 70.00 48.94 13.53
CA THR E 445 70.35 47.54 13.60
C THR E 445 69.89 46.73 12.39
N ILE E 446 69.12 47.34 11.48
CA ILE E 446 68.60 46.64 10.30
C ILE E 446 69.11 47.29 9.01
N VAL E 447 68.76 48.57 8.79
CA VAL E 447 69.15 49.23 7.54
C VAL E 447 70.55 49.80 7.57
N GLY E 448 71.24 49.73 8.71
CA GLY E 448 72.60 50.24 8.79
C GLY E 448 73.62 49.39 8.06
N THR E 449 73.31 48.12 7.82
CA THR E 449 74.24 47.22 7.14
C THR E 449 73.95 47.07 5.66
N LEU E 450 72.96 47.79 5.13
CA LEU E 450 72.60 47.69 3.72
C LEU E 450 73.70 48.26 2.82
N PRO E 451 74.25 49.46 3.09
CA PRO E 451 75.37 49.91 2.26
C PRO E 451 76.61 49.06 2.41
N PHE E 452 76.93 48.59 3.62
CA PHE E 452 78.06 47.71 3.81
C PHE E 452 77.90 46.41 3.02
N THR E 453 76.68 45.88 2.97
CA THR E 453 76.41 44.68 2.17
C THR E 453 76.52 44.96 0.68
N TYR E 454 75.91 46.05 0.21
CA TYR E 454 75.93 46.37 -1.21
C TYR E 454 77.35 46.63 -1.71
N MET E 455 78.18 47.29 -0.91
CA MET E 455 79.55 47.58 -1.32
C MET E 455 80.34 46.30 -1.54
N LEU E 456 80.31 45.39 -0.57
CA LEU E 456 81.04 44.13 -0.72
C LEU E 456 80.44 43.25 -1.81
N GLU E 457 79.11 43.30 -2.00
CA GLU E 457 78.52 42.50 -3.07
C GLU E 457 78.92 43.02 -4.45
N LYS E 458 78.91 44.33 -4.65
CA LYS E 458 79.38 44.88 -5.92
C LYS E 458 80.87 44.61 -6.12
N TRP E 459 81.65 44.68 -5.05
CA TRP E 459 83.07 44.36 -5.15
C TRP E 459 83.28 42.92 -5.59
N ARG E 460 82.54 41.98 -5.00
CA ARG E 460 82.66 40.57 -5.40
C ARG E 460 82.15 40.35 -6.82
N TRP E 461 81.09 41.05 -7.22
CA TRP E 461 80.59 40.93 -8.58
C TRP E 461 81.57 41.47 -9.60
N MET E 462 82.37 42.48 -9.21
CA MET E 462 83.36 43.05 -10.11
C MET E 462 84.64 42.22 -10.18
N VAL E 463 85.11 41.68 -9.05
CA VAL E 463 86.41 41.01 -9.03
C VAL E 463 86.33 39.53 -9.37
N PHE E 464 85.13 38.94 -9.38
CA PHE E 464 85.03 37.51 -9.68
C PHE E 464 84.96 37.26 -11.18
N ARG E 465 84.28 38.13 -11.93
CA ARG E 465 84.16 37.92 -13.38
C ARG E 465 85.45 38.32 -14.09
N GLY E 466 86.15 39.33 -13.58
CA GLY E 466 87.39 39.76 -14.19
C GLY E 466 87.37 41.21 -14.64
N GLU E 467 86.48 42.00 -14.04
CA GLU E 467 86.39 43.42 -14.39
C GLU E 467 87.51 44.22 -13.74
N ILE E 468 87.84 43.91 -12.50
CA ILE E 468 88.89 44.59 -11.75
C ILE E 468 90.06 43.62 -11.58
N PRO E 469 91.20 43.85 -12.23
CA PRO E 469 92.36 42.96 -12.03
C PRO E 469 92.93 43.10 -10.62
N LYS E 470 93.93 42.26 -10.35
CA LYS E 470 94.56 42.23 -9.04
C LYS E 470 95.49 43.41 -8.80
N GLU E 471 95.77 44.22 -9.82
CA GLU E 471 96.67 45.36 -9.66
C GLU E 471 95.97 46.59 -9.10
N GLN E 472 94.65 46.57 -8.98
CA GLN E 472 93.87 47.68 -8.41
C GLN E 472 92.80 47.13 -7.47
N TRP E 473 93.18 46.17 -6.63
CA TRP E 473 92.22 45.53 -5.74
C TRP E 473 91.88 46.43 -4.56
N MET E 474 92.88 46.77 -3.75
CA MET E 474 92.64 47.57 -2.55
C MET E 474 92.29 49.02 -2.86
N LYS E 475 92.83 49.59 -3.94
CA LYS E 475 92.45 50.94 -4.33
C LYS E 475 90.96 51.02 -4.66
N LYS E 476 90.46 50.11 -5.49
CA LYS E 476 89.03 50.06 -5.78
C LYS E 476 88.20 49.70 -4.55
N TRP E 477 88.70 48.82 -3.68
CA TRP E 477 88.00 48.52 -2.44
C TRP E 477 87.78 49.78 -1.59
N TRP E 478 88.84 50.55 -1.36
CA TRP E 478 88.71 51.78 -0.60
C TRP E 478 87.89 52.84 -1.32
N GLU E 479 88.00 52.93 -2.65
CA GLU E 479 87.18 53.87 -3.39
C GLU E 479 85.69 53.57 -3.22
N MET E 480 85.32 52.29 -3.36
CA MET E 480 83.93 51.88 -3.13
C MET E 480 83.50 52.05 -1.68
N LYS E 481 84.40 51.82 -0.71
CA LYS E 481 84.05 52.02 0.69
C LYS E 481 83.78 53.50 0.97
N ARG E 482 84.55 54.40 0.35
CA ARG E 482 84.33 55.82 0.54
C ARG E 482 83.09 56.31 -0.20
N GLU E 483 82.81 55.77 -1.38
CA GLU E 483 81.70 56.26 -2.18
C GLU E 483 80.35 55.72 -1.69
N ILE E 484 80.26 54.42 -1.45
CA ILE E 484 78.99 53.78 -1.13
C ILE E 484 78.66 53.97 0.34
N VAL E 485 79.53 53.45 1.22
CA VAL E 485 79.26 53.49 2.65
C VAL E 485 79.53 54.88 3.23
N GLY E 486 80.62 55.52 2.81
CA GLY E 486 80.97 56.82 3.35
C GLY E 486 81.79 56.71 4.61
N VAL E 487 82.84 55.89 4.58
CA VAL E 487 83.73 55.69 5.71
C VAL E 487 85.17 55.85 5.22
N VAL E 488 85.92 56.71 5.91
CA VAL E 488 87.31 56.99 5.54
C VAL E 488 88.22 56.29 6.53
N GLU E 489 89.34 55.78 6.02
CA GLU E 489 90.29 55.05 6.85
C GLU E 489 91.22 56.04 7.56
N PRO E 490 91.64 55.74 8.79
CA PRO E 490 92.51 56.65 9.53
C PRO E 490 93.98 56.61 9.11
N LEU E 491 94.44 55.54 8.48
CA LEU E 491 95.81 55.41 8.03
C LEU E 491 95.81 54.82 6.63
N PRO E 492 96.75 55.24 5.77
CA PRO E 492 96.75 54.73 4.40
C PRO E 492 97.20 53.27 4.34
N HIS E 493 96.48 52.49 3.54
CA HIS E 493 96.78 51.09 3.32
C HIS E 493 97.14 50.87 1.85
N ASP E 494 98.21 50.12 1.62
CA ASP E 494 98.64 49.79 0.27
C ASP E 494 97.82 48.61 -0.26
N GLU E 495 98.17 48.11 -1.44
CA GLU E 495 97.46 46.99 -2.03
C GLU E 495 98.03 45.64 -1.63
N THR E 496 99.00 45.61 -0.70
CA THR E 496 99.54 44.35 -0.22
C THR E 496 98.68 43.70 0.86
N TYR E 497 97.66 44.40 1.36
CA TYR E 497 96.80 43.86 2.38
C TYR E 497 95.63 43.11 1.76
N CYS E 498 94.89 42.38 2.60
CA CYS E 498 93.73 41.61 2.18
C CYS E 498 92.58 41.86 3.14
N ASP E 499 92.31 43.14 3.42
CA ASP E 499 91.29 43.51 4.39
C ASP E 499 89.91 42.91 4.14
N PRO E 500 89.35 42.94 2.92
CA PRO E 500 87.97 42.44 2.76
C PRO E 500 87.80 40.95 3.03
N ALA E 501 88.88 40.17 3.00
CA ALA E 501 88.79 38.74 3.27
C ALA E 501 88.85 38.42 4.77
N SER E 502 88.81 39.43 5.63
CA SER E 502 88.88 39.22 7.08
C SER E 502 87.50 38.98 7.70
N LEU E 503 86.44 38.97 6.91
CA LEU E 503 85.10 38.78 7.43
C LEU E 503 84.77 37.30 7.55
N PHE E 504 83.81 36.99 8.44
CA PHE E 504 83.43 35.60 8.67
C PHE E 504 82.80 34.98 7.43
N HIS E 505 81.96 35.74 6.72
CA HIS E 505 81.26 35.23 5.56
C HIS E 505 82.08 35.34 4.27
N VAL E 506 83.21 36.04 4.31
CA VAL E 506 84.03 36.18 3.10
C VAL E 506 85.16 35.14 3.07
N SER E 507 85.71 34.77 4.23
CA SER E 507 86.79 33.79 4.27
C SER E 507 86.32 32.43 3.77
N ASN E 508 85.29 31.88 4.40
CA ASN E 508 84.76 30.59 4.02
C ASN E 508 83.60 30.76 3.03
N ASP E 509 83.05 29.63 2.59
CA ASP E 509 81.96 29.62 1.61
C ASP E 509 80.66 29.98 2.32
N TYR E 510 80.29 31.26 2.28
CA TYR E 510 79.04 31.73 2.86
C TYR E 510 78.45 32.82 1.98
N SER E 511 77.21 32.62 1.55
CA SER E 511 76.53 33.61 0.72
C SER E 511 76.09 34.80 1.58
N PHE E 512 76.11 35.98 0.98
CA PHE E 512 75.74 37.20 1.70
C PHE E 512 74.69 38.03 0.99
N ILE E 513 74.25 37.63 -0.21
CA ILE E 513 73.18 38.35 -0.89
C ILE E 513 71.83 38.16 -0.19
N ARG E 514 71.70 37.13 0.64
CA ARG E 514 70.43 36.86 1.29
C ARG E 514 70.09 37.91 2.35
N TYR E 515 71.10 38.41 3.06
CA TYR E 515 70.85 39.41 4.09
C TYR E 515 70.40 40.75 3.53
N TYR E 516 70.76 41.06 2.29
CA TYR E 516 70.29 42.30 1.67
C TYR E 516 68.85 42.19 1.21
N THR E 517 68.43 40.98 0.82
CA THR E 517 67.06 40.78 0.35
C THR E 517 66.09 40.53 1.49
N ARG E 518 66.55 39.94 2.60
CA ARG E 518 65.66 39.65 3.72
C ARG E 518 65.16 40.92 4.39
N THR E 519 65.99 41.97 4.41
CA THR E 519 65.57 43.24 4.99
C THR E 519 64.40 43.84 4.24
N ILE E 520 64.34 43.64 2.93
CA ILE E 520 63.19 44.12 2.16
C ILE E 520 62.04 43.14 2.27
N TYR E 521 62.34 41.84 2.32
CA TYR E 521 61.30 40.82 2.40
C TYR E 521 60.48 40.95 3.68
N GLN E 522 61.14 41.20 4.81
CA GLN E 522 60.41 41.33 6.07
C GLN E 522 59.49 42.55 6.08
N PHE E 523 59.96 43.70 5.60
CA PHE E 523 59.12 44.90 5.57
C PHE E 523 58.03 44.80 4.52
N GLN E 524 58.23 43.97 3.49
CA GLN E 524 57.15 43.72 2.53
C GLN E 524 56.10 42.80 3.11
N PHE E 525 56.51 41.73 3.79
CA PHE E 525 55.56 40.79 4.36
C PHE E 525 54.77 41.43 5.49
N GLN E 526 55.42 42.27 6.30
CA GLN E 526 54.70 42.96 7.38
C GLN E 526 53.61 43.86 6.83
N GLU E 527 53.92 44.65 5.80
CA GLU E 527 52.92 45.54 5.21
C GLU E 527 51.83 44.75 4.50
N ALA E 528 52.19 43.62 3.86
CA ALA E 528 51.18 42.81 3.21
C ALA E 528 50.24 42.16 4.21
N LEU E 529 50.74 41.78 5.39
CA LEU E 529 49.87 41.23 6.41
C LEU E 529 49.06 42.30 7.12
N CYS E 530 49.58 43.52 7.19
CA CYS E 530 48.86 44.61 7.84
C CYS E 530 47.79 45.23 6.95
N GLN E 531 47.97 45.22 5.62
CA GLN E 531 46.97 45.79 4.73
C GLN E 531 45.77 44.86 4.57
N ALA E 532 46.01 43.55 4.55
CA ALA E 532 44.93 42.58 4.41
C ALA E 532 44.03 42.52 5.63
N ALA E 533 44.54 42.92 6.80
CA ALA E 533 43.75 42.91 8.02
C ALA E 533 42.91 44.17 8.19
N LYS E 534 42.97 45.10 7.23
CA LYS E 534 42.23 46.36 7.29
C LYS E 534 42.59 47.14 8.55
N TYR E 535 43.85 47.54 8.66
CA TYR E 535 44.35 48.31 9.79
C TYR E 535 44.77 49.69 9.28
N ASN E 536 44.02 50.72 9.66
CA ASN E 536 44.26 52.08 9.19
C ASN E 536 45.06 52.90 10.19
N GLY E 537 45.95 52.26 10.95
CA GLY E 537 46.77 52.97 11.91
C GLY E 537 48.21 53.08 11.47
N SER E 538 49.13 53.09 12.44
CA SER E 538 50.55 53.19 12.13
C SER E 538 51.07 51.85 11.60
N LEU E 539 51.88 51.92 10.56
CA LEU E 539 52.42 50.71 9.94
C LEU E 539 53.55 50.12 10.77
N HIS E 540 54.42 50.97 11.33
CA HIS E 540 55.54 50.49 12.13
C HIS E 540 55.11 49.86 13.45
N LYS E 541 53.88 50.09 13.88
CA LYS E 541 53.36 49.51 15.11
C LYS E 541 52.15 48.61 14.85
N CYS E 542 52.04 48.09 13.63
CA CYS E 542 50.92 47.23 13.28
C CYS E 542 51.11 45.84 13.85
N ASP E 543 50.03 45.25 14.37
CA ASP E 543 50.06 43.96 15.02
C ASP E 543 49.07 43.02 14.35
N ILE E 544 49.40 41.73 14.36
CA ILE E 544 48.56 40.71 13.74
C ILE E 544 47.89 39.90 14.85
N SER E 545 47.69 40.52 16.00
CA SER E 545 47.07 39.85 17.13
C SER E 545 45.59 39.60 16.85
N ASN E 546 45.17 38.34 16.92
CA ASN E 546 43.78 37.95 16.70
C ASN E 546 43.30 38.37 15.31
N SER E 547 44.04 37.95 14.29
CA SER E 547 43.73 38.25 12.90
C SER E 547 43.70 36.95 12.11
N THR E 548 42.49 36.42 11.88
CA THR E 548 42.34 35.18 11.13
C THR E 548 42.46 35.38 9.63
N GLU E 549 42.44 36.63 9.16
CA GLU E 549 42.55 36.88 7.72
C GLU E 549 44.00 36.73 7.25
N ALA E 550 44.95 37.27 8.01
CA ALA E 550 46.35 37.17 7.62
C ALA E 550 46.90 35.77 7.76
N GLY E 551 46.27 34.93 8.60
CA GLY E 551 46.73 33.56 8.74
C GLY E 551 46.57 32.75 7.47
N GLN E 552 45.41 32.84 6.83
CA GLN E 552 45.21 32.16 5.56
C GLN E 552 45.99 32.83 4.44
N LYS E 553 46.31 34.12 4.60
CA LYS E 553 47.15 34.80 3.63
C LYS E 553 48.61 34.36 3.72
N LEU E 554 49.04 33.93 4.91
CA LEU E 554 50.41 33.46 5.12
C LEU E 554 50.56 31.96 4.88
N LEU E 555 49.52 31.18 5.15
CA LEU E 555 49.61 29.73 4.97
C LEU E 555 49.79 29.37 3.50
N LYS E 556 49.01 29.98 2.60
CA LYS E 556 49.18 29.70 1.18
C LYS E 556 50.51 30.22 0.65
N MET E 557 51.14 31.16 1.36
CA MET E 557 52.47 31.63 0.99
C MET E 557 53.55 30.64 1.42
N LEU E 558 53.48 30.14 2.66
CA LEU E 558 54.52 29.27 3.17
C LEU E 558 54.32 27.82 2.77
N SER E 559 53.13 27.45 2.30
CA SER E 559 52.86 26.06 1.94
C SER E 559 53.55 25.64 0.66
N LEU E 560 53.76 26.56 -0.29
CA LEU E 560 54.37 26.19 -1.56
C LEU E 560 55.85 25.86 -1.38
N GLY E 561 56.55 26.65 -0.56
CA GLY E 561 57.95 26.36 -0.30
C GLY E 561 58.80 26.50 -1.55
N ASN E 562 59.45 25.41 -1.93
CA ASN E 562 60.28 25.38 -3.12
C ASN E 562 59.53 24.89 -4.36
N SER E 563 58.28 24.46 -4.21
CA SER E 563 57.51 24.00 -5.36
C SER E 563 57.21 25.14 -6.32
N GLU E 564 56.85 26.31 -5.78
CA GLU E 564 56.59 27.48 -6.60
C GLU E 564 57.71 28.51 -6.43
N PRO E 565 58.09 29.20 -7.50
CA PRO E 565 59.16 30.20 -7.39
C PRO E 565 58.72 31.43 -6.62
N TRP E 566 59.64 32.38 -6.42
CA TRP E 566 59.31 33.60 -5.69
C TRP E 566 58.35 34.49 -6.47
N THR E 567 58.31 34.36 -7.79
CA THR E 567 57.36 35.14 -8.59
C THR E 567 55.93 34.78 -8.23
N LYS E 568 55.61 33.48 -8.23
CA LYS E 568 54.29 33.04 -7.80
C LYS E 568 54.09 33.14 -6.30
N ALA E 569 55.18 33.30 -5.53
CA ALA E 569 55.05 33.43 -4.08
C ALA E 569 54.63 34.84 -3.69
N LEU E 570 55.25 35.86 -4.27
CA LEU E 570 54.93 37.24 -3.92
C LEU E 570 53.59 37.69 -4.48
N GLU E 571 53.09 37.04 -5.53
CA GLU E 571 51.80 37.41 -6.10
C GLU E 571 50.66 37.11 -5.13
N ASN E 572 50.80 36.06 -4.32
CA ASN E 572 49.80 35.79 -3.28
C ASN E 572 50.11 36.51 -1.97
N VAL E 573 51.26 37.16 -1.88
CA VAL E 573 51.58 37.94 -0.68
C VAL E 573 51.08 39.37 -0.83
N VAL E 574 51.57 40.08 -1.85
CA VAL E 574 51.20 41.48 -2.04
C VAL E 574 50.60 41.67 -3.43
N GLY E 575 50.94 40.77 -4.36
CA GLY E 575 50.44 40.87 -5.72
C GLY E 575 51.52 41.16 -6.73
N ALA E 576 52.49 41.98 -6.34
CA ALA E 576 53.59 42.34 -7.22
C ALA E 576 54.64 41.23 -7.26
N ARG E 577 55.42 41.23 -8.33
CA ARG E 577 56.45 40.21 -8.52
C ARG E 577 57.83 40.85 -8.66
N ASN E 578 58.06 41.97 -7.99
CA ASN E 578 59.32 42.69 -8.06
C ASN E 578 59.67 43.26 -6.70
N MET E 579 60.92 43.67 -6.55
CA MET E 579 61.37 44.29 -5.31
C MET E 579 60.76 45.68 -5.17
N ASP E 580 60.23 45.97 -3.98
CA ASP E 580 59.58 47.24 -3.70
C ASP E 580 60.31 47.95 -2.58
N VAL E 581 60.83 49.15 -2.87
CA VAL E 581 61.48 49.98 -1.86
C VAL E 581 60.49 50.87 -1.13
N LYS E 582 59.22 50.89 -1.55
CA LYS E 582 58.22 51.68 -0.85
C LYS E 582 58.04 51.29 0.62
N PRO E 583 57.99 50.00 1.00
CA PRO E 583 57.91 49.68 2.43
C PRO E 583 59.11 50.15 3.24
N LEU E 584 60.29 50.26 2.62
CA LEU E 584 61.47 50.71 3.35
C LEU E 584 61.27 52.11 3.90
N LEU E 585 60.61 52.98 3.14
CA LEU E 585 60.33 54.34 3.62
C LEU E 585 58.99 54.41 4.35
N ASN E 586 58.05 53.54 4.00
CA ASN E 586 56.74 53.55 4.64
C ASN E 586 56.77 52.95 6.03
N TYR E 587 57.85 52.25 6.40
CA TYR E 587 57.97 51.74 7.76
C TYR E 587 58.45 52.82 8.71
N PHE E 588 59.58 53.44 8.40
CA PHE E 588 60.17 54.51 9.22
C PHE E 588 59.66 55.88 8.80
N GLN E 589 58.35 56.07 8.83
CA GLN E 589 57.75 57.36 8.46
C GLN E 589 58.00 58.42 9.53
N PRO E 590 57.80 58.13 10.83
CA PRO E 590 58.12 59.14 11.85
C PRO E 590 59.61 59.42 11.99
N LEU E 591 60.48 58.61 11.40
CA LEU E 591 61.92 58.81 11.49
C LEU E 591 62.46 59.70 10.39
N PHE E 592 61.93 59.57 9.16
CA PHE E 592 62.41 60.39 8.05
C PHE E 592 62.12 61.86 8.28
N ASP E 593 60.87 62.18 8.64
CA ASP E 593 60.52 63.57 8.95
C ASP E 593 61.27 64.08 10.17
N TRP E 594 61.52 63.23 11.16
CA TRP E 594 62.29 63.63 12.33
C TRP E 594 63.71 64.03 11.94
N LEU E 595 64.39 63.20 11.16
CA LEU E 595 65.72 63.52 10.67
C LEU E 595 65.72 64.71 9.72
N LYS E 596 64.63 64.94 8.99
CA LYS E 596 64.57 66.11 8.12
C LYS E 596 64.42 67.38 8.93
N GLU E 597 63.58 67.37 9.97
CA GLU E 597 63.39 68.54 10.82
C GLU E 597 64.56 68.78 11.76
N GLN E 598 65.39 67.77 12.03
CA GLN E 598 66.56 67.96 12.88
C GLN E 598 67.83 68.28 12.11
N ASN E 599 67.81 68.16 10.78
CA ASN E 599 68.96 68.49 9.94
C ASN E 599 68.78 69.81 9.21
N ARG E 600 68.15 70.79 9.85
CA ARG E 600 67.94 72.09 9.21
C ARG E 600 69.23 72.89 9.17
N ASN E 601 70.20 72.57 10.03
CA ASN E 601 71.46 73.29 10.07
C ASN E 601 72.62 72.32 9.93
N SER E 602 72.53 71.40 8.98
CA SER E 602 73.56 70.41 8.74
C SER E 602 73.73 70.21 7.24
N PHE E 603 74.94 69.80 6.85
CA PHE E 603 75.27 69.57 5.46
C PHE E 603 74.99 68.12 5.10
N VAL E 604 74.13 67.90 4.12
CA VAL E 604 73.76 66.57 3.65
C VAL E 604 74.64 66.22 2.46
N GLY E 605 75.44 65.17 2.60
CA GLY E 605 76.33 64.75 1.53
C GLY E 605 77.53 64.01 2.09
N TRP E 606 78.55 63.89 1.25
CA TRP E 606 79.78 63.21 1.63
C TRP E 606 80.94 63.79 0.84
N ASN E 607 82.14 63.67 1.40
CA ASN E 607 83.37 64.15 0.79
C ASN E 607 84.35 62.99 0.64
N THR E 608 84.88 62.82 -0.57
CA THR E 608 85.84 61.76 -0.85
C THR E 608 87.28 62.27 -0.90
N GLU E 609 87.53 63.47 -0.36
CA GLU E 609 88.86 64.05 -0.38
C GLU E 609 89.44 64.12 1.03
N TRP E 610 88.57 64.25 2.03
CA TRP E 610 89.02 64.37 3.41
C TRP E 610 89.47 63.01 3.96
N SER E 611 90.59 63.02 4.68
CA SER E 611 91.14 61.83 5.28
C SER E 611 91.89 62.21 6.55
N PRO E 612 91.79 61.41 7.61
CA PRO E 612 92.53 61.74 8.84
C PRO E 612 94.03 61.67 8.68
N TYR E 613 94.54 60.90 7.73
CA TYR E 613 95.98 60.77 7.52
C TYR E 613 96.51 61.80 6.53
N ALA E 614 95.72 62.80 6.17
CA ALA E 614 96.14 63.84 5.22
C ALA E 614 96.94 64.90 6.00
N ASP E 615 98.19 64.55 6.29
CA ASP E 615 99.07 65.45 7.04
C ASP E 615 99.57 66.58 6.15
C1 NAG F . -81.06 -31.06 16.86
C2 NAG F . -80.74 -31.40 15.41
C3 NAG F . -80.05 -30.23 14.73
C4 NAG F . -80.88 -28.97 14.87
C5 NAG F . -81.20 -28.71 16.34
C6 NAG F . -82.13 -27.54 16.55
C7 NAG F . -80.26 -33.70 14.67
C8 NAG F . -81.59 -33.65 13.96
N2 NAG F . -79.91 -32.60 15.34
O3 NAG F . -79.85 -30.54 13.36
O4 NAG F . -80.16 -27.85 14.35
O5 NAG F . -81.85 -29.86 16.91
O6 NAG F . -83.45 -27.97 16.85
O7 NAG F . -79.54 -34.69 14.62
C1 NAG G . -15.28 5.91 -32.71
C2 NAG G . -14.24 6.35 -31.66
C3 NAG G . -14.91 7.15 -30.55
C4 NAG G . -15.70 8.31 -31.14
C5 NAG G . -16.67 7.80 -32.20
C6 NAG G . -17.41 8.92 -32.92
C7 NAG G . -12.31 4.84 -31.50
C8 NAG G . -11.74 3.64 -30.83
N2 NAG G . -13.55 5.20 -31.11
O3 NAG G . -13.92 7.65 -29.66
O4 NAG G . -16.43 8.98 -30.12
O5 NAG G . -15.97 7.07 -33.21
O6 NAG G . -16.51 9.72 -33.68
O7 NAG G . -11.68 5.48 -32.35
C1 NAG H . -29.92 -34.85 -32.43
C2 NAG H . -29.33 -35.90 -33.38
C3 NAG H . -30.37 -36.98 -33.68
C4 NAG H . -30.91 -37.57 -32.38
C5 NAG H . -31.43 -36.45 -31.48
C6 NAG H . -31.88 -36.96 -30.13
C7 NAG H . -27.58 -35.31 -35.00
C8 NAG H . -26.62 -36.02 -34.09
N2 NAG H . -28.86 -35.29 -34.61
O3 NAG H . -29.76 -38.01 -34.46
O4 NAG H . -31.97 -38.48 -32.67
O5 NAG H . -30.40 -35.49 -31.24
O6 NAG H . -32.85 -36.09 -29.55
O7 NAG H . -27.21 -34.79 -36.05
C1 NAG I . -89.34 -45.11 22.45
C2 NAG I . -90.12 -44.35 21.38
C3 NAG I . -90.32 -45.23 20.15
C4 NAG I . -88.99 -45.78 19.67
C5 NAG I . -88.26 -46.48 20.82
C6 NAG I . -86.87 -46.97 20.44
C7 NAG I . -91.91 -42.67 21.67
C8 NAG I . -91.06 -41.75 20.84
N2 NAG I . -91.41 -43.90 21.89
O3 NAG I . -90.94 -44.47 19.11
O4 NAG I . -89.19 -46.71 18.62
O5 NAG I . -88.10 -45.57 21.91
O6 NAG I . -86.58 -48.21 21.05
O7 NAG I . -93.00 -42.32 22.12
C1 NAG J . -58.39 -58.23 -1.65
C2 NAG J . -59.12 -59.38 -2.35
C3 NAG J . -58.41 -59.73 -3.65
C4 NAG J . -58.26 -58.50 -4.53
C5 NAG J . -57.58 -57.38 -3.75
C6 NAG J . -57.51 -56.08 -4.52
C7 NAG J . -60.30 -60.86 -0.79
C8 NAG J . -60.21 -62.09 0.07
N2 NAG J . -59.20 -60.54 -1.47
O3 NAG J . -59.16 -60.73 -4.33
O4 NAG J . -57.49 -58.81 -5.68
O5 NAG J . -58.30 -57.11 -2.55
O6 NAG J . -58.63 -55.25 -4.25
O7 NAG J . -61.33 -60.19 -0.86
C1 NAG K . -82.13 -24.57 30.61
C2 NAG K . -81.63 -24.75 32.05
C3 NAG K . -81.36 -23.39 32.69
C4 NAG K . -80.44 -22.55 31.81
C5 NAG K . -80.98 -22.46 30.40
C6 NAG K . -80.05 -21.75 29.44
C7 NAG K . -82.18 -26.39 33.78
C8 NAG K . -83.29 -27.10 34.50
N2 NAG K . -82.57 -25.51 32.84
O3 NAG K . -80.77 -23.58 33.98
O4 NAG K . -80.30 -21.25 32.35
O5 NAG K . -81.18 -23.79 29.86
O6 NAG K . -78.84 -21.38 30.08
O7 NAG K . -81.00 -26.60 34.03
C1 NAG L . -67.35 -6.62 -1.22
C2 NAG L . -68.28 -6.01 -2.28
C3 NAG L . -68.10 -4.50 -2.31
C4 NAG L . -68.27 -3.90 -0.93
C5 NAG L . -67.34 -4.61 0.07
C6 NAG L . -67.55 -4.15 1.50
C7 NAG L . -68.85 -7.48 -4.15
C8 NAG L . -68.46 -7.97 -5.51
N2 NAG L . -68.04 -6.59 -3.58
O3 NAG L . -69.05 -3.93 -3.20
O4 NAG L . -67.96 -2.51 -0.94
O5 NAG L . -67.60 -6.01 0.05
O6 NAG L . -68.67 -4.79 2.09
O7 NAG L . -69.87 -7.87 -3.60
C1 NAG M . -50.69 4.31 1.49
C2 NAG M . -50.79 3.76 2.91
C3 NAG M . -52.16 4.08 3.51
C4 NAG M . -52.43 5.58 3.41
C5 NAG M . -52.27 6.06 1.97
C6 NAG M . -52.41 7.56 1.83
C7 NAG M . -49.92 1.70 3.94
C8 NAG M . -49.76 0.22 3.79
N2 NAG M . -50.56 2.32 2.94
O3 NAG M . -52.19 3.67 4.87
O4 NAG M . -53.76 5.85 3.85
O5 NAG M . -50.96 5.72 1.49
O6 NAG M . -51.46 8.25 2.65
O7 NAG M . -49.50 2.31 4.92
C1 NAG N . -48.82 -30.82 -17.98
C2 NAG N . -47.71 -31.05 -19.01
C3 NAG N . -47.96 -32.35 -19.77
C4 NAG N . -48.15 -33.51 -18.80
C5 NAG N . -49.24 -33.18 -17.78
C6 NAG N . -49.39 -34.24 -16.72
C7 NAG N . -46.49 -29.20 -20.07
C8 NAG N . -46.56 -28.08 -21.06
N2 NAG N . -47.61 -29.93 -19.92
O3 NAG N . -46.86 -32.61 -20.64
O4 NAG N . -48.52 -34.69 -19.51
O5 NAG N . -48.91 -31.95 -17.10
O6 NAG N . -48.33 -34.17 -15.76
O7 NAG N . -45.48 -29.44 -19.42
C1 NAG O . -24.38 32.40 1.48
C2 NAG O . -25.05 32.54 2.85
C3 NAG O . -26.57 32.61 2.68
C4 NAG O . -26.95 33.71 1.70
C5 NAG O . -26.20 33.53 0.38
C6 NAG O . -26.44 34.66 -0.59
C7 NAG O . -23.67 31.49 4.59
C8 NAG O . -23.43 30.27 5.41
N2 NAG O . -24.68 31.43 3.71
O3 NAG O . -27.17 32.84 3.95
O4 NAG O . -28.35 33.68 1.46
O5 NAG O . -24.79 33.48 0.63
O6 NAG O . -26.42 35.92 0.07
O7 NAG O . -22.99 32.51 4.72
C1 NAG P . -4.86 5.80 -49.18
C2 NAG P . -6.23 6.36 -48.79
C3 NAG P . -6.16 7.04 -47.42
C4 NAG P . -5.59 6.08 -46.38
C5 NAG P . -4.24 5.53 -46.85
C6 NAG P . -3.68 4.48 -45.93
C7 NAG P . -7.86 7.13 -50.45
C8 NAG P . -8.66 5.91 -50.09
N2 NAG P . -6.71 7.29 -49.79
O3 NAG P . -7.46 7.46 -47.03
O4 NAG P . -5.42 6.75 -45.14
O5 NAG P . -4.38 4.91 -48.14
O6 NAG P . -4.11 3.18 -46.29
O7 NAG P . -8.25 7.93 -51.30
C1 NAG Q . -8.36 45.82 -8.86
C2 NAG Q . -8.90 46.95 -9.72
C3 NAG Q . -9.56 46.42 -11.00
C4 NAG Q . -10.34 45.13 -10.72
C5 NAG Q . -9.47 44.08 -10.01
C6 NAG Q . -9.17 42.88 -10.89
C7 NAG Q . -9.70 49.11 -8.86
C8 NAG Q . -8.53 49.73 -9.56
N2 NAG Q . -9.83 47.79 -8.98
O3 NAG Q . -8.56 46.18 -11.98
O4 NAG Q . -11.47 45.42 -9.92
O5 NAG Q . -8.21 44.66 -9.65
O6 NAG Q . -10.13 41.85 -10.69
O7 NAG Q . -10.51 49.78 -8.22
C1 NAG R . -51.44 -38.58 58.68
C2 NAG R . -50.16 -38.79 59.50
C3 NAG R . -49.23 -37.60 59.33
C4 NAG R . -48.97 -37.31 57.86
C5 NAG R . -50.29 -37.18 57.11
C6 NAG R . -50.11 -37.03 55.62
C7 NAG R . -49.99 -40.04 61.60
C8 NAG R . -50.41 -40.11 63.05
N2 NAG R . -50.47 -39.01 60.90
O3 NAG R . -48.00 -37.86 60.00
O4 NAG R . -48.21 -36.12 57.71
O5 NAG R . -51.09 -38.35 57.31
O6 NAG R . -49.80 -38.27 55.00
O7 NAG R . -49.25 -40.88 61.10
C1 NAG S . 6.06 17.06 23.81
C2 NAG S . 5.56 15.87 22.99
C3 NAG S . 5.73 14.57 23.79
C4 NAG S . 7.17 14.42 24.25
C5 NAG S . 7.62 15.67 25.00
C6 NAG S . 9.08 15.63 25.39
C7 NAG S . 3.77 16.28 21.36
C8 NAG S . 2.30 16.44 21.16
N2 NAG S . 4.16 16.05 22.62
O3 NAG S . 5.37 13.47 22.97
O4 NAG S . 7.30 13.28 25.09
O5 NAG S . 7.43 16.83 24.18
O6 NAG S . 9.91 15.48 24.25
O7 NAG S . 4.57 16.34 20.43
C1 NAG T . -35.82 20.24 22.11
C2 NAG T . -36.13 20.35 23.60
C3 NAG T . -37.62 20.68 23.81
C4 NAG T . -38.00 21.92 23.01
C5 NAG T . -37.62 21.73 21.54
C6 NAG T . -37.87 22.97 20.70
C7 NAG T . -36.28 17.93 24.09
C8 NAG T . -35.76 16.82 24.95
N2 NAG T . -35.76 19.14 24.33
O3 NAG T . -37.85 20.91 25.20
O4 NAG T . -39.41 22.14 23.10
O5 NAG T . -36.21 21.44 21.44
O6 NAG T . -36.93 24.00 21.01
O7 NAG T . -37.13 17.74 23.23
C1 NAG U . -66.93 -44.82 62.28
C2 NAG U . -66.22 -44.32 63.55
C3 NAG U . -66.11 -42.79 63.53
C4 NAG U . -67.40 -42.14 63.02
C5 NAG U . -67.83 -42.72 61.68
C6 NAG U . -67.79 -41.72 60.55
C7 NAG U . -66.25 -45.29 65.81
C8 NAG U . -64.76 -45.38 65.69
N2 NAG U . -66.90 -44.77 64.74
O3 NAG U . -65.01 -42.39 62.72
O4 NAG U . -68.45 -42.33 63.96
O5 NAG U . -66.95 -43.79 61.31
O6 NAG U . -68.92 -41.83 59.71
O7 NAG U . -66.85 -45.66 66.81
C1 NAG V . -69.59 -14.13 34.70
C2 NAG V . -71.04 -13.84 35.06
C3 NAG V . -71.42 -12.44 34.62
C4 NAG V . -70.44 -11.41 35.17
C5 NAG V . -69.01 -11.81 34.80
C6 NAG V . -67.97 -10.91 35.43
C7 NAG V . -72.39 -15.89 35.13
C8 NAG V . -73.30 -16.80 34.37
N2 NAG V . -71.93 -14.83 34.47
O3 NAG V . -72.74 -12.14 35.06
O4 NAG V . -70.72 -10.12 34.64
O5 NAG V . -68.73 -13.14 35.27
O6 NAG V . -67.34 -11.52 36.54
O7 NAG V . -72.06 -16.12 36.29
C1 NAG W . -45.36 -53.78 59.01
C2 NAG W . -44.95 -55.25 59.08
C3 NAG W . -44.42 -55.60 60.47
C4 NAG W . -43.32 -54.63 60.87
C5 NAG W . -43.80 -53.19 60.74
C6 NAG W . -42.71 -52.17 61.02
C7 NAG W . -46.17 -56.68 57.50
C8 NAG W . -47.38 -57.56 57.31
N2 NAG W . -46.05 -56.12 58.71
O3 NAG W . -43.93 -56.93 60.47
O4 NAG W . -42.94 -54.86 62.22
O5 NAG W . -44.26 -52.95 59.40
O6 NAG W . -41.91 -51.95 59.85
O7 NAG W . -45.35 -56.49 56.61
C1 NAG X . -23.05 -19.22 61.01
C2 NAG X . -22.46 -17.79 60.86
C3 NAG X . -21.12 -17.66 61.58
C4 NAG X . -21.23 -18.14 63.02
C5 NAG X . -21.81 -19.56 63.06
C6 NAG X . -22.04 -20.07 64.46
C7 NAG X . -21.65 -17.82 58.46
C8 NAG X . -20.76 -19.01 58.74
N2 NAG X . -22.39 -17.34 59.47
O3 NAG X . -20.70 -16.30 61.56
O4 NAG X . -19.94 -18.16 63.63
O5 NAG X . -23.09 -19.56 62.40
O6 NAG X . -23.24 -19.56 65.01
O7 NAG X . -21.70 -17.33 57.34
C1 NAG Y . -6.63 -21.79 47.44
C2 NAG Y . -7.08 -23.23 47.24
C3 NAG Y . -7.14 -23.96 48.59
C4 NAG Y . -5.81 -23.84 49.30
C5 NAG Y . -5.41 -22.37 49.42
C6 NAG Y . -4.03 -22.18 50.02
C7 NAG Y . -8.56 -23.84 45.36
C8 NAG Y . -7.35 -24.42 44.71
N2 NAG Y . -8.38 -23.29 46.58
O3 NAG Y . -7.45 -25.34 48.37
O4 NAG Y . -5.90 -24.41 50.61
O5 NAG Y . -5.37 -21.77 48.12
O6 NAG Y . -3.04 -22.92 49.31
O7 NAG Y . -9.67 -23.88 44.83
C1 NAG Z . -38.67 0.02 38.74
C2 NAG Z . -38.97 0.34 37.28
C3 NAG Z . -40.35 1.00 37.16
C4 NAG Z . -41.42 0.14 37.82
C5 NAG Z . -41.01 -0.19 39.26
C6 NAG Z . -41.96 -1.15 39.95
C7 NAG Z . -37.06 0.77 35.81
C8 NAG Z . -36.07 1.80 35.32
N2 NAG Z . -37.95 1.20 36.71
O3 NAG Z . -40.67 1.19 35.78
O4 NAG Z . -42.66 0.81 37.83
O5 NAG Z . -39.71 -0.80 39.28
O6 NAG Z . -41.85 -2.45 39.41
O7 NAG Z . -37.04 -0.39 35.41
C1 NAG AA . 28.65 -20.91 32.80
C2 NAG AA . 28.38 -22.40 33.02
C3 NAG AA . 27.98 -22.64 34.48
C4 NAG AA . 29.01 -22.06 35.43
C5 NAG AA . 29.26 -20.58 35.10
C6 NAG AA . 30.37 -19.97 35.92
C7 NAG AA . 27.65 -23.56 31.00
C8 NAG AA . 26.47 -23.99 30.17
N2 NAG AA . 27.36 -22.89 32.12
O3 NAG AA . 27.84 -24.04 34.70
O4 NAG AA . 28.56 -22.17 36.77
O5 NAG AA . 29.64 -20.45 33.73
O6 NAG AA . 31.44 -20.89 36.11
O7 NAG AA . 28.80 -23.79 30.64
C1 NAG BA . 10.27 38.15 16.19
C2 NAG BA . 11.75 38.01 15.83
C3 NAG BA . 11.95 38.20 14.33
C4 NAG BA . 11.04 37.27 13.55
C5 NAG BA . 9.59 37.44 14.00
C6 NAG BA . 8.66 36.45 13.35
C7 NAG BA . 13.51 38.59 17.44
C8 NAG BA . 14.25 39.70 18.13
N2 NAG BA . 12.55 38.96 16.58
O3 NAG BA . 13.31 37.96 14.00
O4 NAG BA . 11.14 37.55 12.16
O5 NAG BA . 9.50 37.23 15.41
O6 NAG BA . 9.27 35.80 12.24
O7 NAG BA . 13.77 37.41 17.65
C1 NAG CA . 44.09 -5.41 24.82
C2 NAG CA . 43.76 -6.75 24.17
C3 NAG CA . 44.11 -7.90 25.12
C4 NAG CA . 45.55 -7.79 25.58
C5 NAG CA . 45.81 -6.40 26.17
C6 NAG CA . 47.26 -6.18 26.54
C7 NAG CA . 41.32 -6.72 24.61
C8 NAG CA . 39.96 -6.82 23.97
N2 NAG CA . 42.36 -6.82 23.77
O3 NAG CA . 43.90 -9.14 24.45
O4 NAG CA . 45.82 -8.77 26.57
O5 NAG CA . 45.47 -5.39 25.21
O6 NAG CA . 47.70 -7.12 27.50
O7 NAG CA . 41.46 -6.57 25.81
C1 NAG DA . -24.38 -70.28 -1.22
C2 NAG DA . -24.37 -71.72 -1.74
C3 NAG DA . -24.02 -71.75 -3.22
C4 NAG DA . -24.96 -70.83 -4.01
C5 NAG DA . -24.94 -69.42 -3.40
C6 NAG DA . -25.93 -68.49 -4.04
C7 NAG DA . -23.82 -73.36 0.00
C8 NAG DA . -22.72 -74.12 0.67
N2 NAG DA . -23.43 -72.54 -0.98
O3 NAG DA . -24.13 -73.07 -3.71
O4 NAG DA . -24.54 -70.75 -5.36
O5 NAG DA . -25.29 -69.50 -2.00
O6 NAG DA . -27.27 -68.85 -3.73
O7 NAG DA . -24.99 -73.47 0.34
C1 NAG EA . 1.13 -30.64 -38.86
C2 NAG EA . 0.74 -30.19 -40.28
C3 NAG EA . -0.71 -30.59 -40.57
C4 NAG EA . -0.92 -32.08 -40.31
C5 NAG EA . -0.45 -32.44 -38.90
C6 NAG EA . -0.53 -33.91 -38.61
C7 NAG EA . 1.77 -28.23 -41.34
C8 NAG EA . 2.53 -29.20 -42.19
N2 NAG EA . 0.93 -28.76 -40.45
O3 NAG EA . -1.02 -30.28 -41.92
O4 NAG EA . -2.30 -32.40 -40.45
O5 NAG EA . 0.91 -32.05 -38.72
O6 NAG EA . 0.01 -34.68 -39.68
O7 NAG EA . 1.90 -27.02 -41.46
C1 NAG FA . 23.14 -29.44 -1.95
C2 NAG FA . 22.65 -29.69 -0.52
C3 NAG FA . 21.66 -28.60 -0.10
C4 NAG FA . 22.27 -27.22 -0.30
C5 NAG FA . 22.75 -27.05 -1.74
C6 NAG FA . 23.46 -25.75 -1.98
C7 NAG FA . 22.30 -31.85 0.60
C8 NAG FA . 23.27 -31.38 1.64
N2 NAG FA . 22.05 -31.00 -0.40
O3 NAG FA . 21.31 -28.79 1.26
O4 NAG FA . 21.31 -26.22 -0.01
O5 NAG FA . 23.69 -28.10 -2.06
O6 NAG FA . 22.66 -24.65 -1.59
O7 NAG FA . 21.77 -32.95 0.66
C1 NAG GA . -6.28 -57.20 25.59
C2 NAG GA . -4.80 -57.46 25.83
C3 NAG GA . -4.59 -58.11 27.19
C4 NAG GA . -5.25 -57.27 28.30
C5 NAG GA . -6.70 -57.02 27.95
C6 NAG GA . -7.39 -56.09 28.93
C7 NAG GA . -3.49 -57.81 23.79
C8 NAG GA . -2.99 -58.81 22.79
N2 NAG GA . -4.24 -58.30 24.78
O3 NAG GA . -3.20 -58.24 27.45
O4 NAG GA . -5.16 -57.96 29.53
O5 NAG GA . -6.82 -56.40 26.67
O6 NAG GA . -6.68 -54.88 29.08
O7 NAG GA . -3.20 -56.61 23.71
C1 NAG HA . -48.66 -74.70 21.32
C2 NAG HA . -47.93 -75.99 21.65
C3 NAG HA . -48.36 -77.10 20.70
C4 NAG HA . -48.12 -76.71 19.25
C5 NAG HA . -48.59 -75.30 18.90
C6 NAG HA . -50.06 -75.23 18.50
C7 NAG HA . -45.67 -76.18 22.59
C8 NAG HA . -44.22 -75.91 22.37
N2 NAG HA . -46.49 -75.81 21.60
O3 NAG HA . -49.74 -77.39 20.90
O4 NAG HA . -46.73 -76.82 18.96
O5 NAG HA . -48.38 -74.33 19.94
O6 NAG HA . -50.90 -75.96 19.37
O7 NAG HA . -46.08 -76.70 23.61
C1 NAG IA . -77.43 -74.31 20.30
C2 NAG IA . -77.53 -75.38 19.21
C3 NAG IA . -78.55 -74.98 18.16
C4 NAG IA . -79.89 -74.66 18.80
C5 NAG IA . -79.71 -73.62 19.91
C6 NAG IA . -80.98 -73.35 20.67
C7 NAG IA . -75.44 -76.65 18.93
C8 NAG IA . -74.13 -76.74 18.20
N2 NAG IA . -76.22 -75.61 18.61
O3 NAG IA . -78.70 -76.04 17.22
O4 NAG IA . -80.80 -74.16 17.83
O5 NAG IA . -78.74 -74.07 20.86
O6 NAG IA . -80.97 -74.01 21.94
O7 NAG IA . -75.77 -77.47 19.79
C1 NAG JA . -60.30 -79.23 31.17
C2 NAG JA . -60.56 -78.90 32.65
C3 NAG JA . -59.49 -79.50 33.57
C4 NAG JA . -59.29 -80.99 33.27
C5 NAG JA . -59.04 -81.20 31.78
C6 NAG JA . -58.93 -82.65 31.40
C7 NAG JA . -59.93 -76.46 32.74
C8 NAG JA . -58.54 -76.76 32.21
N2 NAG JA . -60.78 -77.49 32.91
O3 NAG JA . -59.86 -79.32 34.92
O4 NAG JA . -58.20 -81.50 34.02
O5 NAG JA . -60.12 -80.65 31.02
O6 NAG JA . -60.07 -83.10 30.69
O7 NAG JA . -60.26 -75.30 33.01
C1 NAG KA . 40.89 -23.59 -0.96
C2 NAG KA . 40.50 -22.69 -2.14
C3 NAG KA . 39.07 -22.18 -1.95
C4 NAG KA . 38.11 -23.35 -1.73
C5 NAG KA . 38.61 -24.23 -0.59
C6 NAG KA . 37.77 -25.48 -0.40
C7 NAG KA . 42.29 -21.48 -3.28
C8 NAG KA . 43.18 -20.26 -3.26
N2 NAG KA . 41.43 -21.58 -2.27
O3 NAG KA . 38.68 -21.45 -3.10
O4 NAG KA . 36.82 -22.87 -1.42
O5 NAG KA . 39.95 -24.67 -0.85
O6 NAG KA . 36.71 -25.26 0.52
O7 NAG KA . 42.37 -22.33 -4.17
C1 NAG LA . -61.49 -71.64 10.56
C2 NAG LA . -62.66 -70.64 10.61
C3 NAG LA . -63.17 -70.38 9.20
C4 NAG LA . -62.05 -69.96 8.28
C5 NAG LA . -60.91 -70.98 8.33
C6 NAG LA . -59.70 -70.56 7.53
C7 NAG LA . -64.45 -70.29 12.24
C8 NAG LA . -65.52 -70.94 13.07
N2 NAG LA . -63.72 -71.11 11.48
O3 NAG LA . -64.17 -69.35 9.24
O4 NAG LA . -62.52 -69.85 6.93
O5 NAG LA . -60.46 -71.14 9.69
O6 NAG LA . -58.84 -69.72 8.28
O7 NAG LA . -64.28 -69.08 12.25
C1 NAG MA . -31.42 -56.20 51.05
C2 NAG MA . -31.54 -57.06 52.32
C3 NAG MA . -30.32 -56.85 53.22
C4 NAG MA . -29.04 -57.10 52.44
C5 NAG MA . -29.01 -56.25 51.17
C6 NAG MA . -27.83 -56.53 50.29
C7 NAG MA . -33.89 -57.46 52.91
C8 NAG MA . -35.06 -57.01 53.72
N2 NAG MA . -32.77 -56.75 53.04
O3 NAG MA . -30.40 -57.74 54.33
O4 NAG MA . -27.91 -56.77 53.24
O5 NAG MA . -30.18 -56.51 50.38
O6 NAG MA . -28.01 -57.73 49.54
O7 NAG MA . -33.96 -58.43 52.15
C1 NAG NA . 12.28 -42.51 34.92
C2 NAG NA . 12.61 -43.97 35.18
C3 NAG NA . 12.82 -44.20 36.68
C4 NAG NA . 13.85 -43.23 37.23
C5 NAG NA . 13.47 -41.79 36.88
C6 NAG NA . 14.51 -40.79 37.30
C7 NAG NA . 11.72 -45.59 33.56
C8 NAG NA . 10.56 -46.43 33.17
N2 NAG NA . 11.57 -44.85 34.67
O3 NAG NA . 13.25 -45.55 36.90
O4 NAG NA . 13.93 -43.36 38.65
O5 NAG NA . 13.31 -41.67 35.47
O6 NAG NA . 15.83 -41.29 37.11
O7 NAG NA . 12.76 -45.57 32.90
ZN ZN OA . 21.14 56.72 -51.89
C1 NAG PA . 1.17 35.26 -55.04
C2 NAG PA . 1.02 34.52 -56.37
C3 NAG PA . 0.22 35.36 -57.35
C4 NAG PA . -1.11 35.78 -56.73
C5 NAG PA . -0.88 36.48 -55.39
C6 NAG PA . -2.15 36.81 -54.66
C7 NAG PA . 2.54 33.09 -57.66
C8 NAG PA . 3.93 32.90 -58.16
N2 NAG PA . 2.32 34.18 -56.93
O3 NAG PA . -0.02 34.62 -58.55
O4 NAG PA . -1.79 36.68 -57.60
O5 NAG PA . -0.12 35.61 -54.53
O6 NAG PA . -2.70 35.66 -54.03
O7 NAG PA . 1.63 32.29 -57.92
C1 NAG QA . 9.50 68.49 -31.65
C2 NAG QA . 10.01 68.40 -30.22
C3 NAG QA . 9.38 67.21 -29.51
C4 NAG QA . 7.88 67.42 -29.42
C5 NAG QA . 7.29 67.64 -30.81
C6 NAG QA . 6.53 68.93 -30.94
C7 NAG QA . 12.23 69.10 -29.44
C8 NAG QA . 11.53 70.13 -28.62
N2 NAG QA . 11.46 68.30 -30.19
O3 NAG QA . 9.95 67.09 -28.21
O4 NAG QA . 7.27 66.29 -28.81
O5 NAG QA . 8.30 67.63 -31.83
O6 NAG QA . 6.92 69.87 -29.95
O7 NAG QA . 13.46 69.00 -29.43
ZN ZN RA . 64.83 39.29 7.36
C1 NAG SA . 43.42 38.63 21.52
C2 NAG SA . 44.65 39.42 21.98
C3 NAG SA . 44.29 40.88 22.19
C4 NAG SA . 43.15 41.04 23.19
C5 NAG SA . 41.96 40.13 22.86
C6 NAG SA . 41.06 40.68 21.77
C7 NAG SA . 46.46 38.39 23.29
C8 NAG SA . 46.87 37.84 24.61
N2 NAG SA . 45.20 38.84 23.20
O3 NAG SA . 43.95 41.48 20.95
O4 NAG SA . 43.62 40.73 24.50
O5 NAG SA . 42.34 38.80 22.49
O6 NAG SA . 40.03 41.51 22.30
O7 NAG SA . 47.23 38.43 22.32
C1 NAG TA . 77.01 11.16 22.22
C2 NAG TA . 76.36 9.79 22.01
C3 NAG TA . 75.72 9.30 23.31
C4 NAG TA . 76.74 9.33 24.44
C5 NAG TA . 77.38 10.70 24.55
C6 NAG TA . 78.49 10.77 25.58
C7 NAG TA . 75.48 9.11 19.82
C8 NAG TA . 74.38 9.28 18.82
N2 NAG TA . 75.37 9.83 20.94
O3 NAG TA . 75.22 7.99 23.12
O4 NAG TA . 76.11 9.00 25.67
O5 NAG TA . 77.96 11.08 23.29
O6 NAG TA . 79.40 9.69 25.41
O7 NAG TA . 76.43 8.36 19.62
#